data_5EAI
#
_entry.id   5EAI
#
_cell.length_a   95.600
_cell.length_b   210.770
_cell.length_c   228.080
_cell.angle_alpha   90.00
_cell.angle_beta   90.00
_cell.angle_gamma   90.00
#
_symmetry.space_group_name_H-M   'P 21 21 21'
#
loop_
_entity.id
_entity.type
_entity.pdbx_description
1 polymer 'NAD(P)H dehydrogenase [quinone] 1'
2 non-polymer 'FLAVIN-ADENINE DINUCLEOTIDE'
3 non-polymer (2~{R},3~{R})-2-[(2~{S},3~{S})-3-bromanyl-1,4-bis(oxidanylidene)-2,3-dihydronaphthalen-2-yl]-3-oxidanyl-2,3-dihydronaphthalene-1,4-dione
4 water water
#
_entity_poly.entity_id   1
_entity_poly.type   'polypeptide(L)'
_entity_poly.pdbx_seq_one_letter_code
;GPHMVGRRALIVLAHSERTSFNYAMKEAAAAALKKKGWEVVESDLYAMNFNPIISRKDITGKLKDPANFQYPAESVLAYK
EGHLSPDIVAEQKKLEAADLVIFQFPLQWFGVPAILKGWFERVFIGEFAYTYAAMYDKGPFRSKKAVLSITTGGSGSMYS
LQGIHGDMNVILWPIQSGILHFCGFQVLEPQLTYSIGHTPADARIQILEGWKKRLENIWDETPLYFAPSSLFDLNFQAGF
LMKKEVQDEEKNKKFGLSVGHHLGKSIPTDNQIKARK
;
_entity_poly.pdbx_strand_id   A,B,C,D,E,F,G,H,I,J,K,L,M,N
#
loop_
_chem_comp.id
_chem_comp.type
_chem_comp.name
_chem_comp.formula
E6A non-polymer (2~{R},3~{R})-2-[(2~{S},3~{S})-3-bromanyl-1,4-bis(oxidanylidene)-2,3-dihydronaphthalen-2-yl]-3-oxidanyl-2,3-dihydronaphthalene-1,4-dione 'C20 H13 Br O5'
FAD non-polymer 'FLAVIN-ADENINE DINUCLEOTIDE' 'C27 H33 N9 O15 P2'
#
# COMPACT_ATOMS: atom_id res chain seq x y z
N ARG A 7 39.85 31.74 -50.52
CA ARG A 7 39.90 33.01 -49.76
C ARG A 7 39.11 32.94 -48.38
N ARG A 8 37.82 32.47 -48.37
CA ARG A 8 36.93 32.38 -47.18
C ARG A 8 36.86 30.95 -46.58
N ALA A 9 36.93 30.81 -45.23
CA ALA A 9 36.84 29.51 -44.55
C ALA A 9 35.85 29.57 -43.39
N LEU A 10 35.14 28.47 -43.12
CA LEU A 10 34.15 28.36 -42.05
C LEU A 10 34.56 27.24 -41.10
N ILE A 11 34.70 27.56 -39.81
CA ILE A 11 35.02 26.56 -38.81
C ILE A 11 33.77 26.25 -37.98
N VAL A 12 33.25 25.01 -38.10
CA VAL A 12 32.08 24.56 -37.33
C VAL A 12 32.63 23.75 -36.12
N LEU A 13 32.40 24.27 -34.88
CA LEU A 13 32.90 23.64 -33.67
C LEU A 13 31.81 23.05 -32.78
N ALA A 14 31.91 21.73 -32.48
CA ALA A 14 30.97 20.98 -31.65
C ALA A 14 31.56 20.59 -30.26
N HIS A 15 31.90 21.61 -29.44
CA HIS A 15 32.39 21.43 -28.08
C HIS A 15 31.84 22.50 -27.13
N SER A 16 31.47 22.09 -25.89
CA SER A 16 30.90 22.96 -24.86
C SER A 16 31.90 23.87 -24.16
N GLU A 17 33.07 23.31 -23.80
CA GLU A 17 34.16 23.92 -23.01
C GLU A 17 35.22 24.71 -23.81
N ARG A 18 35.49 25.93 -23.33
CA ARG A 18 36.50 26.79 -23.93
C ARG A 18 37.89 26.28 -23.51
N THR A 19 37.91 25.53 -22.39
CA THR A 19 39.07 24.88 -21.76
C THR A 19 39.52 23.59 -22.48
N SER A 20 38.76 23.11 -23.48
CA SER A 20 39.01 21.88 -24.24
C SER A 20 40.07 22.00 -25.29
N PHE A 21 40.62 20.84 -25.72
CA PHE A 21 41.60 20.80 -26.77
C PHE A 21 40.93 21.10 -28.10
N ASN A 22 39.64 20.72 -28.23
CA ASN A 22 38.84 21.01 -29.41
C ASN A 22 38.71 22.52 -29.63
N TYR A 23 38.51 23.30 -28.54
CA TYR A 23 38.44 24.75 -28.63
C TYR A 23 39.80 25.29 -29.07
N ALA A 24 40.90 24.71 -28.54
CA ALA A 24 42.28 25.08 -28.85
C ALA A 24 42.58 24.87 -30.31
N MET A 25 42.11 23.76 -30.87
CA MET A 25 42.27 23.37 -32.27
C MET A 25 41.49 24.31 -33.19
N LYS A 26 40.36 24.86 -32.70
CA LYS A 26 39.54 25.79 -33.45
C LYS A 26 40.31 27.10 -33.55
N GLU A 27 40.79 27.61 -32.41
CA GLU A 27 41.58 28.83 -32.31
C GLU A 27 42.87 28.74 -33.12
N ALA A 28 43.52 27.56 -33.13
CA ALA A 28 44.75 27.28 -33.86
C ALA A 28 44.51 27.46 -35.35
N ALA A 29 43.41 26.84 -35.84
CA ALA A 29 42.97 26.87 -37.24
C ALA A 29 42.63 28.31 -37.67
N ALA A 30 41.79 29.00 -36.87
CA ALA A 30 41.34 30.36 -37.12
C ALA A 30 42.54 31.29 -37.27
N ALA A 31 43.48 31.25 -36.31
CA ALA A 31 44.70 32.08 -36.30
C ALA A 31 45.63 31.75 -37.48
N ALA A 32 45.85 30.44 -37.76
CA ALA A 32 46.69 29.96 -38.86
C ALA A 32 46.19 30.48 -40.20
N LEU A 33 44.88 30.28 -40.45
CA LEU A 33 44.21 30.69 -41.69
C LEU A 33 44.23 32.20 -41.85
N LYS A 34 43.82 32.94 -40.79
CA LYS A 34 43.83 34.41 -40.80
C LYS A 34 45.22 34.92 -41.18
N LYS A 35 46.30 34.30 -40.62
CA LYS A 35 47.72 34.63 -40.88
C LYS A 35 48.06 34.44 -42.34
N LYS A 36 47.52 33.37 -42.99
CA LYS A 36 47.74 33.08 -44.41
C LYS A 36 46.75 33.87 -45.36
N GLY A 37 46.14 34.93 -44.82
CA GLY A 37 45.23 35.83 -45.53
C GLY A 37 43.78 35.43 -45.69
N TRP A 38 43.34 34.38 -44.99
CA TRP A 38 41.96 33.91 -45.08
C TRP A 38 41.00 34.80 -44.28
N GLU A 39 39.74 34.77 -44.70
CA GLU A 39 38.64 35.44 -44.03
C GLU A 39 37.95 34.27 -43.29
N VAL A 40 38.08 34.26 -41.95
CA VAL A 40 37.58 33.15 -41.13
C VAL A 40 36.28 33.49 -40.41
N VAL A 41 35.29 32.59 -40.53
CA VAL A 41 33.97 32.71 -39.90
C VAL A 41 33.77 31.45 -39.06
N GLU A 42 33.24 31.61 -37.86
CA GLU A 42 33.00 30.50 -36.95
C GLU A 42 31.52 30.12 -36.80
N SER A 43 31.30 28.90 -36.29
CA SER A 43 30.02 28.36 -35.91
C SER A 43 30.25 27.49 -34.68
N ASP A 44 30.45 28.17 -33.50
CA ASP A 44 30.62 27.50 -32.22
C ASP A 44 29.21 27.14 -31.76
N LEU A 45 28.73 25.96 -32.21
CA LEU A 45 27.37 25.46 -32.01
C LEU A 45 26.90 25.56 -30.58
N TYR A 46 27.73 25.19 -29.59
CA TYR A 46 27.34 25.30 -28.19
C TYR A 46 27.18 26.77 -27.76
N ALA A 47 28.15 27.65 -28.10
CA ALA A 47 28.16 29.10 -27.81
C ALA A 47 26.98 29.80 -28.46
N MET A 48 26.62 29.35 -29.66
CA MET A 48 25.51 29.86 -30.44
C MET A 48 24.19 29.41 -29.86
N ASN A 49 24.25 28.44 -28.94
CA ASN A 49 23.10 27.79 -28.29
C ASN A 49 22.17 27.26 -29.35
N PHE A 50 22.81 26.69 -30.39
CA PHE A 50 22.20 26.15 -31.59
C PHE A 50 21.13 25.12 -31.29
N ASN A 51 19.98 25.24 -31.97
CA ASN A 51 18.93 24.26 -31.83
C ASN A 51 19.21 23.10 -32.81
N PRO A 52 19.55 21.87 -32.33
CA PRO A 52 19.84 20.79 -33.28
C PRO A 52 18.62 19.97 -33.73
N ILE A 53 17.42 20.30 -33.23
CA ILE A 53 16.28 19.47 -33.56
C ILE A 53 15.40 20.05 -34.66
N ILE A 54 15.32 19.28 -35.76
CA ILE A 54 14.44 19.55 -36.91
C ILE A 54 13.01 19.50 -36.37
N SER A 55 12.21 20.54 -36.68
CA SER A 55 10.83 20.70 -36.21
C SER A 55 10.07 21.51 -37.24
N ARG A 56 8.73 21.60 -37.05
CA ARG A 56 7.90 22.40 -37.94
C ARG A 56 8.16 23.87 -37.73
N LYS A 57 8.89 24.19 -36.63
CA LYS A 57 9.28 25.55 -36.25
C LYS A 57 10.37 26.06 -37.18
N ASP A 58 10.97 25.18 -38.01
CA ASP A 58 12.04 25.57 -38.96
C ASP A 58 11.43 26.23 -40.21
N ILE A 59 10.11 26.12 -40.37
CA ILE A 59 9.37 26.74 -41.48
C ILE A 59 8.58 27.84 -40.83
N THR A 60 8.94 29.09 -41.16
CA THR A 60 8.41 30.30 -40.53
C THR A 60 6.86 30.40 -40.67
N GLY A 61 6.30 30.57 -41.86
CA GLY A 61 4.85 30.72 -42.02
C GLY A 61 4.02 29.45 -41.95
N LYS A 62 2.87 29.47 -42.65
CA LYS A 62 1.91 28.39 -42.79
C LYS A 62 2.60 27.19 -43.51
N LEU A 63 2.36 25.98 -43.02
CA LEU A 63 2.89 24.74 -43.62
C LEU A 63 2.03 24.38 -44.84
N LYS A 64 2.58 23.61 -45.78
CA LYS A 64 1.84 23.20 -46.99
C LYS A 64 0.77 22.18 -46.60
N ASP A 65 1.13 21.16 -45.81
CA ASP A 65 0.22 20.11 -45.34
C ASP A 65 0.46 19.96 -43.83
N PRO A 66 -0.22 20.76 -42.98
CA PRO A 66 0.02 20.65 -41.53
C PRO A 66 -0.53 19.36 -40.93
N ALA A 67 -1.54 18.75 -41.63
CA ALA A 67 -2.19 17.48 -41.28
C ALA A 67 -1.22 16.31 -41.40
N ASN A 68 -0.36 16.31 -42.44
CA ASN A 68 0.66 15.30 -42.68
C ASN A 68 2.01 16.00 -42.95
N PHE A 69 2.65 16.46 -41.86
CA PHE A 69 3.91 17.19 -41.98
C PHE A 69 5.03 16.29 -42.40
N GLN A 70 5.72 16.63 -43.49
CA GLN A 70 6.88 15.88 -43.99
C GLN A 70 8.04 16.86 -44.15
N TYR A 71 9.03 16.73 -43.25
CA TYR A 71 10.14 17.68 -43.18
C TYR A 71 10.87 17.95 -44.50
N PRO A 72 11.33 16.94 -45.29
CA PRO A 72 12.03 17.27 -46.55
C PRO A 72 11.21 18.18 -47.46
N ALA A 73 9.95 17.80 -47.79
CA ALA A 73 9.05 18.57 -48.63
C ALA A 73 8.85 20.01 -48.17
N GLU A 74 8.50 20.19 -46.88
CA GLU A 74 8.23 21.50 -46.24
C GLU A 74 9.46 22.38 -46.14
N SER A 75 10.64 21.78 -45.83
CA SER A 75 11.86 22.54 -45.65
C SER A 75 12.35 23.14 -46.96
N VAL A 76 12.19 22.38 -48.08
CA VAL A 76 12.56 22.79 -49.45
C VAL A 76 11.70 23.97 -49.84
N LEU A 77 10.38 23.83 -49.66
CA LEU A 77 9.42 24.87 -49.94
C LEU A 77 9.77 26.12 -49.18
N ALA A 78 10.15 25.98 -47.90
CA ALA A 78 10.51 27.10 -47.06
C ALA A 78 11.79 27.82 -47.54
N TYR A 79 12.76 27.05 -48.09
CA TYR A 79 14.02 27.58 -48.64
C TYR A 79 13.68 28.39 -49.90
N LYS A 80 12.95 27.74 -50.84
CA LYS A 80 12.51 28.29 -52.13
C LYS A 80 11.65 29.56 -51.96
N GLU A 81 10.70 29.56 -50.99
CA GLU A 81 9.83 30.71 -50.73
C GLU A 81 10.43 31.77 -49.78
N GLY A 82 11.60 31.48 -49.23
CA GLY A 82 12.31 32.38 -48.32
C GLY A 82 11.80 32.43 -46.89
N HIS A 83 11.08 31.39 -46.46
CA HIS A 83 10.46 31.21 -45.15
C HIS A 83 11.18 30.19 -44.19
N LEU A 84 12.52 30.07 -44.30
CA LEU A 84 13.19 29.20 -43.35
C LEU A 84 13.43 29.97 -42.06
N SER A 85 13.64 29.27 -40.96
CA SER A 85 13.93 29.88 -39.67
C SER A 85 15.25 30.70 -39.80
N PRO A 86 15.27 31.94 -39.26
CA PRO A 86 16.46 32.80 -39.42
C PRO A 86 17.79 32.21 -39.03
N ASP A 87 17.82 31.35 -38.00
CA ASP A 87 19.06 30.70 -37.54
C ASP A 87 19.62 29.79 -38.63
N ILE A 88 18.75 29.00 -39.29
CA ILE A 88 19.10 28.11 -40.40
C ILE A 88 19.67 28.96 -41.53
N VAL A 89 18.94 30.01 -41.94
CA VAL A 89 19.32 30.92 -43.00
C VAL A 89 20.73 31.49 -42.79
N ALA A 90 21.04 31.93 -41.55
CA ALA A 90 22.35 32.49 -41.18
C ALA A 90 23.47 31.53 -41.47
N GLU A 91 23.30 30.25 -41.10
CA GLU A 91 24.25 29.14 -41.32
C GLU A 91 24.40 28.83 -42.79
N GLN A 92 23.27 28.88 -43.52
CA GLN A 92 23.23 28.63 -44.96
C GLN A 92 24.03 29.71 -45.72
N LYS A 93 23.90 30.98 -45.26
CA LYS A 93 24.62 32.12 -45.83
C LYS A 93 26.13 31.99 -45.56
N LYS A 94 26.50 31.41 -44.39
CA LYS A 94 27.88 31.16 -44.00
C LYS A 94 28.52 30.14 -44.97
N LEU A 95 27.80 29.03 -45.26
CA LEU A 95 28.23 27.96 -46.16
C LEU A 95 28.39 28.49 -47.58
N GLU A 96 27.37 29.20 -48.11
CA GLU A 96 27.40 29.78 -49.45
C GLU A 96 28.71 30.56 -49.65
N ALA A 97 29.12 31.33 -48.64
CA ALA A 97 30.31 32.18 -48.65
C ALA A 97 31.65 31.44 -48.57
N ALA A 98 31.71 30.41 -47.72
CA ALA A 98 32.92 29.63 -47.48
C ALA A 98 33.40 28.79 -48.65
N ASP A 99 34.75 28.74 -48.82
CA ASP A 99 35.45 27.92 -49.81
C ASP A 99 35.89 26.64 -49.09
N LEU A 100 36.40 26.81 -47.85
CA LEU A 100 36.84 25.71 -47.01
C LEU A 100 35.93 25.60 -45.81
N VAL A 101 35.54 24.36 -45.44
CA VAL A 101 34.70 24.12 -44.25
C VAL A 101 35.38 23.11 -43.34
N ILE A 102 35.76 23.57 -42.13
CA ILE A 102 36.42 22.71 -41.14
C ILE A 102 35.45 22.28 -40.07
N PHE A 103 35.39 20.98 -39.80
CA PHE A 103 34.51 20.47 -38.75
C PHE A 103 35.35 19.99 -37.58
N GLN A 104 35.48 20.84 -36.55
CA GLN A 104 36.26 20.53 -35.36
C GLN A 104 35.36 19.96 -34.30
N PHE A 105 35.58 18.69 -33.92
CA PHE A 105 34.73 18.01 -32.92
C PHE A 105 35.38 16.80 -32.27
N PRO A 106 34.99 16.46 -31.01
CA PRO A 106 35.46 15.19 -30.44
C PRO A 106 34.62 14.01 -31.01
N LEU A 107 35.25 12.83 -31.22
CA LEU A 107 34.49 11.66 -31.70
C LEU A 107 33.57 11.25 -30.55
N GLN A 108 32.27 11.11 -30.84
CA GLN A 108 31.31 10.73 -29.84
C GLN A 108 30.46 9.64 -30.36
N TRP A 109 30.49 8.49 -29.70
CA TRP A 109 29.74 7.30 -30.10
C TRP A 109 29.93 6.92 -31.61
N PHE A 110 31.22 6.91 -32.01
CA PHE A 110 31.72 6.55 -33.33
C PHE A 110 31.16 7.43 -34.45
N GLY A 111 30.89 8.68 -34.10
CA GLY A 111 30.39 9.68 -35.04
C GLY A 111 30.48 11.11 -34.53
N VAL A 112 29.75 12.01 -35.22
CA VAL A 112 29.67 13.42 -34.89
C VAL A 112 28.81 13.63 -33.62
N PRO A 113 29.14 14.59 -32.72
CA PRO A 113 28.24 14.85 -31.60
C PRO A 113 26.83 15.25 -32.09
N ALA A 114 25.76 14.87 -31.33
CA ALA A 114 24.37 15.19 -31.66
C ALA A 114 24.14 16.63 -32.10
N ILE A 115 24.83 17.60 -31.47
CA ILE A 115 24.66 19.02 -31.85
C ILE A 115 25.09 19.30 -33.33
N LEU A 116 26.16 18.59 -33.81
CA LEU A 116 26.67 18.71 -35.19
C LEU A 116 25.74 17.97 -36.11
N LYS A 117 25.26 16.78 -35.68
CA LYS A 117 24.34 16.00 -36.48
C LYS A 117 23.10 16.82 -36.76
N GLY A 118 22.58 17.49 -35.72
CA GLY A 118 21.42 18.38 -35.79
C GLY A 118 21.64 19.57 -36.72
N TRP A 119 22.88 20.10 -36.74
CA TRP A 119 23.29 21.20 -37.61
C TRP A 119 23.16 20.75 -39.07
N PHE A 120 23.62 19.54 -39.40
CA PHE A 120 23.54 18.99 -40.74
C PHE A 120 22.10 18.82 -41.15
N GLU A 121 21.28 18.22 -40.25
CA GLU A 121 19.87 17.95 -40.52
C GLU A 121 19.06 19.21 -40.81
N ARG A 122 19.23 20.24 -39.95
CA ARG A 122 18.56 21.53 -40.06
C ARG A 122 19.12 22.49 -41.12
N VAL A 123 20.45 22.46 -41.40
CA VAL A 123 21.10 23.40 -42.34
C VAL A 123 21.19 22.85 -43.76
N PHE A 124 21.58 21.56 -43.93
CA PHE A 124 21.69 20.91 -45.25
C PHE A 124 20.29 20.52 -45.75
N ILE A 125 19.55 21.54 -46.22
CA ILE A 125 18.16 21.43 -46.70
C ILE A 125 18.17 21.12 -48.19
N GLY A 126 17.10 20.47 -48.66
CA GLY A 126 16.91 20.15 -50.08
C GLY A 126 17.04 21.41 -50.93
N GLU A 127 17.57 21.26 -52.16
CA GLU A 127 17.87 22.33 -53.15
C GLU A 127 19.08 23.12 -52.73
N PHE A 128 19.12 23.56 -51.46
CA PHE A 128 20.27 24.33 -51.03
C PHE A 128 21.57 23.53 -51.08
N ALA A 129 21.54 22.39 -50.40
CA ALA A 129 22.65 21.53 -50.13
C ALA A 129 22.74 20.34 -51.02
N TYR A 130 21.59 19.81 -51.48
CA TYR A 130 21.57 18.62 -52.33
C TYR A 130 20.45 18.63 -53.34
N THR A 131 20.60 17.82 -54.40
CA THR A 131 19.60 17.59 -55.45
C THR A 131 19.80 16.14 -55.93
N TYR A 132 18.77 15.33 -55.82
CA TYR A 132 18.57 13.93 -56.24
C TYR A 132 19.12 13.75 -57.70
N ALA A 133 19.04 14.84 -58.53
CA ALA A 133 19.65 14.93 -59.86
C ALA A 133 21.17 15.20 -59.62
N ALA A 134 21.52 16.38 -59.06
CA ALA A 134 22.88 16.84 -58.70
C ALA A 134 23.46 16.12 -57.43
N MET A 135 23.47 14.79 -57.41
CA MET A 135 23.92 14.01 -56.27
C MET A 135 25.45 13.93 -56.30
N TYR A 136 26.09 13.80 -55.10
CA TYR A 136 27.53 13.53 -54.90
C TYR A 136 28.46 14.50 -55.68
N ASP A 137 29.31 14.05 -56.63
CA ASP A 137 30.23 14.96 -57.36
C ASP A 137 29.52 16.07 -58.13
N LYS A 138 28.22 15.93 -58.35
CA LYS A 138 27.42 16.92 -59.07
C LYS A 138 26.71 17.91 -58.12
N GLY A 139 26.71 17.57 -56.84
CA GLY A 139 26.11 18.35 -55.75
C GLY A 139 26.49 19.83 -55.64
N PRO A 140 25.62 20.63 -54.94
CA PRO A 140 25.84 22.10 -54.79
C PRO A 140 27.20 22.61 -54.30
N PHE A 141 27.88 21.89 -53.42
CA PHE A 141 29.15 22.33 -52.85
C PHE A 141 30.39 21.81 -53.62
N ARG A 142 30.20 21.53 -54.94
CA ARG A 142 31.23 20.98 -55.80
C ARG A 142 32.45 21.89 -55.89
N SER A 143 32.26 23.19 -55.63
CA SER A 143 33.35 24.17 -55.67
C SER A 143 33.96 24.45 -54.31
N LYS A 144 33.50 23.71 -53.29
CA LYS A 144 33.99 23.81 -51.91
C LYS A 144 34.80 22.56 -51.50
N LYS A 145 35.58 22.70 -50.41
CA LYS A 145 36.38 21.61 -49.85
C LYS A 145 36.07 21.51 -48.35
N ALA A 146 35.87 20.27 -47.84
CA ALA A 146 35.58 20.04 -46.41
C ALA A 146 36.63 19.16 -45.74
N VAL A 147 36.87 19.38 -44.42
CA VAL A 147 37.81 18.59 -43.60
C VAL A 147 37.19 18.26 -42.27
N LEU A 148 37.48 17.06 -41.77
CA LEU A 148 37.05 16.66 -40.43
C LEU A 148 38.26 16.70 -39.50
N SER A 149 38.24 17.51 -38.44
CA SER A 149 39.34 17.49 -37.48
C SER A 149 38.76 16.85 -36.22
N ILE A 150 39.11 15.59 -36.00
CA ILE A 150 38.57 14.77 -34.93
C ILE A 150 39.58 14.52 -33.80
N THR A 151 39.08 14.39 -32.57
CA THR A 151 39.85 14.04 -31.38
C THR A 151 39.17 12.83 -30.78
N THR A 152 39.92 11.80 -30.43
CA THR A 152 39.32 10.60 -29.86
C THR A 152 39.90 10.33 -28.50
N GLY A 153 39.20 9.52 -27.73
CA GLY A 153 39.70 9.09 -26.43
C GLY A 153 40.60 7.87 -26.61
N GLY A 154 40.21 6.99 -27.53
CA GLY A 154 40.94 5.76 -27.84
C GLY A 154 42.16 6.00 -28.70
N SER A 155 43.16 5.14 -28.55
CA SER A 155 44.42 5.19 -29.30
C SER A 155 44.24 4.74 -30.74
N GLY A 156 45.17 5.15 -31.58
CA GLY A 156 45.12 4.79 -32.99
C GLY A 156 45.08 3.29 -33.27
N SER A 157 45.82 2.50 -32.47
CA SER A 157 45.89 1.05 -32.62
C SER A 157 44.53 0.37 -32.45
N MET A 158 43.63 0.99 -31.66
CA MET A 158 42.28 0.49 -31.42
C MET A 158 41.43 0.61 -32.66
N TYR A 159 41.77 1.63 -33.49
CA TYR A 159 41.10 1.97 -34.74
C TYR A 159 41.82 1.46 -35.99
N SER A 160 42.92 0.69 -35.77
CA SER A 160 43.68 0.02 -36.85
C SER A 160 42.86 -1.19 -37.32
N LEU A 161 43.22 -1.81 -38.44
CA LEU A 161 42.47 -2.97 -38.95
C LEU A 161 42.31 -4.12 -37.96
N GLN A 162 43.28 -4.26 -37.01
CA GLN A 162 43.35 -5.32 -35.98
C GLN A 162 42.97 -4.89 -34.54
N GLY A 163 42.59 -3.61 -34.36
CA GLY A 163 42.15 -3.05 -33.07
C GLY A 163 40.73 -3.45 -32.75
N ILE A 164 40.32 -3.43 -31.45
CA ILE A 164 38.94 -3.85 -31.04
C ILE A 164 37.82 -3.05 -31.70
N HIS A 165 38.03 -1.74 -31.92
CA HIS A 165 36.99 -0.91 -32.53
C HIS A 165 36.86 -1.14 -34.02
N GLY A 166 37.90 -1.69 -34.61
CA GLY A 166 37.91 -1.94 -36.03
C GLY A 166 38.33 -0.72 -36.82
N ASP A 167 38.35 -0.84 -38.16
CA ASP A 167 38.78 0.19 -39.10
C ASP A 167 38.09 1.53 -38.91
N MET A 168 38.91 2.58 -38.72
CA MET A 168 38.48 3.97 -38.59
C MET A 168 37.86 4.43 -39.93
N ASN A 169 38.35 3.90 -41.06
CA ASN A 169 37.84 4.21 -42.39
C ASN A 169 36.35 3.88 -42.50
N VAL A 170 35.90 2.80 -41.81
CA VAL A 170 34.50 2.37 -41.79
C VAL A 170 33.65 3.40 -41.03
N ILE A 171 34.16 3.89 -39.87
CA ILE A 171 33.52 4.90 -39.03
C ILE A 171 33.31 6.22 -39.81
N LEU A 172 34.34 6.66 -40.56
CA LEU A 172 34.37 7.92 -41.30
C LEU A 172 33.46 7.95 -42.52
N TRP A 173 33.32 6.80 -43.22
CA TRP A 173 32.52 6.66 -44.44
C TRP A 173 31.12 7.37 -44.38
N PRO A 174 30.21 7.07 -43.39
CA PRO A 174 28.90 7.73 -43.39
C PRO A 174 28.93 9.26 -43.29
N ILE A 175 29.99 9.85 -42.69
CA ILE A 175 30.12 11.29 -42.58
C ILE A 175 30.72 11.88 -43.86
N GLN A 176 31.86 11.34 -44.28
CA GLN A 176 32.62 11.84 -45.42
C GLN A 176 31.92 11.60 -46.76
N SER A 177 31.37 10.38 -46.99
CA SER A 177 30.66 10.13 -48.24
C SER A 177 29.20 10.57 -48.12
N GLY A 178 28.51 10.07 -47.11
CA GLY A 178 27.10 10.28 -46.87
C GLY A 178 26.65 11.69 -46.62
N ILE A 179 27.42 12.47 -45.86
CA ILE A 179 27.00 13.84 -45.59
C ILE A 179 27.73 14.84 -46.51
N LEU A 180 29.08 14.88 -46.43
CA LEU A 180 29.90 15.84 -47.16
C LEU A 180 29.93 15.63 -48.67
N HIS A 181 30.46 14.47 -49.15
CA HIS A 181 30.56 14.20 -50.58
C HIS A 181 29.20 14.20 -51.27
N PHE A 182 28.16 13.72 -50.59
CA PHE A 182 26.79 13.71 -51.09
C PHE A 182 26.30 15.08 -51.59
N CYS A 183 26.73 16.16 -50.91
CA CYS A 183 26.34 17.56 -51.16
C CYS A 183 27.22 18.30 -52.14
N GLY A 184 28.21 17.60 -52.68
CA GLY A 184 29.17 18.16 -53.64
C GLY A 184 30.61 18.32 -53.18
N PHE A 185 30.84 18.43 -51.85
CA PHE A 185 32.15 18.66 -51.25
C PHE A 185 33.23 17.73 -51.70
N GLN A 186 34.43 18.29 -51.88
CA GLN A 186 35.64 17.54 -52.12
C GLN A 186 36.12 17.30 -50.69
N VAL A 187 36.17 16.04 -50.25
CA VAL A 187 36.56 15.72 -48.88
C VAL A 187 38.08 15.55 -48.80
N LEU A 188 38.73 16.40 -48.01
CA LEU A 188 40.17 16.35 -47.78
C LEU A 188 40.49 15.34 -46.64
N GLU A 189 41.75 14.90 -46.55
CA GLU A 189 42.20 13.94 -45.55
C GLU A 189 41.78 14.40 -44.16
N PRO A 190 41.15 13.52 -43.34
CA PRO A 190 40.77 13.97 -41.99
C PRO A 190 41.97 14.19 -41.07
N GLN A 191 41.88 15.17 -40.17
CA GLN A 191 42.91 15.43 -39.16
C GLN A 191 42.53 14.64 -37.93
N LEU A 192 43.09 13.45 -37.81
CA LEU A 192 42.81 12.52 -36.73
C LEU A 192 43.80 12.62 -35.56
N THR A 193 43.35 13.19 -34.43
CA THR A 193 44.14 13.36 -33.20
C THR A 193 43.71 12.28 -32.17
N TYR A 194 44.37 11.09 -32.20
CA TYR A 194 44.01 10.00 -31.29
C TYR A 194 44.45 10.19 -29.81
N SER A 195 43.74 9.51 -28.90
CA SER A 195 43.98 9.49 -27.46
C SER A 195 44.55 10.80 -26.88
N ILE A 196 43.80 11.92 -27.09
CA ILE A 196 44.19 13.26 -26.66
C ILE A 196 44.27 13.40 -25.12
N GLY A 197 43.52 12.59 -24.40
CA GLY A 197 43.59 12.59 -22.94
C GLY A 197 44.89 12.05 -22.36
N HIS A 198 45.60 11.20 -23.15
CA HIS A 198 46.86 10.56 -22.75
C HIS A 198 48.12 11.36 -23.18
N THR A 199 47.91 12.36 -24.04
CA THR A 199 48.94 13.23 -24.60
C THR A 199 49.47 14.22 -23.58
N PRO A 200 50.82 14.26 -23.35
CA PRO A 200 51.38 15.27 -22.42
C PRO A 200 51.35 16.66 -23.05
N ALA A 201 51.42 17.72 -22.20
CA ALA A 201 51.33 19.13 -22.57
C ALA A 201 52.17 19.55 -23.79
N ASP A 202 53.47 19.21 -23.81
CA ASP A 202 54.38 19.54 -24.89
C ASP A 202 53.99 18.88 -26.20
N ALA A 203 53.49 17.63 -26.15
CA ALA A 203 53.02 16.92 -27.34
C ALA A 203 51.74 17.56 -27.89
N ARG A 204 50.86 18.07 -26.99
CA ARG A 204 49.61 18.75 -27.35
C ARG A 204 49.92 20.04 -28.12
N ILE A 205 50.93 20.80 -27.62
CA ILE A 205 51.44 22.03 -28.18
C ILE A 205 52.02 21.80 -29.62
N GLN A 206 52.55 20.59 -29.86
CA GLN A 206 53.09 20.15 -31.14
C GLN A 206 51.94 19.86 -32.09
N ILE A 207 50.90 19.11 -31.61
CA ILE A 207 49.70 18.74 -32.40
C ILE A 207 49.13 20.00 -33.03
N LEU A 208 49.01 21.06 -32.20
CA LEU A 208 48.50 22.35 -32.62
C LEU A 208 49.39 22.99 -33.70
N GLU A 209 50.72 22.94 -33.50
CA GLU A 209 51.67 23.49 -34.49
C GLU A 209 51.60 22.77 -35.84
N GLY A 210 51.35 21.46 -35.78
CA GLY A 210 51.22 20.61 -36.94
C GLY A 210 49.98 20.90 -37.75
N TRP A 211 48.87 21.10 -37.05
CA TRP A 211 47.57 21.45 -37.62
C TRP A 211 47.68 22.83 -38.30
N LYS A 212 48.34 23.81 -37.63
CA LYS A 212 48.58 25.14 -38.16
C LYS A 212 49.44 25.08 -39.44
N LYS A 213 50.57 24.29 -39.45
CA LYS A 213 51.44 24.13 -40.62
C LYS A 213 50.71 23.42 -41.79
N ARG A 214 49.73 22.52 -41.48
CA ARG A 214 48.98 21.81 -42.51
C ARG A 214 48.11 22.79 -43.27
N LEU A 215 47.41 23.66 -42.49
CA LEU A 215 46.47 24.68 -42.97
C LEU A 215 47.14 25.76 -43.83
N GLU A 216 48.48 25.84 -43.79
CA GLU A 216 49.24 26.78 -44.61
C GLU A 216 49.06 26.46 -46.11
N ASN A 217 48.86 25.17 -46.45
CA ASN A 217 48.67 24.73 -47.83
C ASN A 217 47.55 23.70 -47.95
N ILE A 218 46.51 23.81 -47.11
CA ILE A 218 45.36 22.89 -47.07
C ILE A 218 44.59 22.87 -48.42
N TRP A 219 44.44 24.04 -49.07
CA TRP A 219 43.71 24.16 -50.33
C TRP A 219 44.37 23.42 -51.49
N ASP A 220 45.71 23.34 -51.49
CA ASP A 220 46.45 22.68 -52.58
C ASP A 220 46.50 21.16 -52.48
N GLU A 221 45.96 20.58 -51.38
CA GLU A 221 45.94 19.14 -51.13
C GLU A 221 45.04 18.37 -52.10
N THR A 222 45.36 17.08 -52.29
CA THR A 222 44.57 16.17 -53.12
C THR A 222 43.44 15.56 -52.26
N PRO A 223 42.16 15.60 -52.72
CA PRO A 223 41.08 15.06 -51.90
C PRO A 223 40.99 13.54 -51.89
N LEU A 224 40.15 12.98 -50.98
CA LEU A 224 39.95 11.54 -50.82
C LEU A 224 39.20 11.00 -52.05
N TYR A 225 39.40 9.69 -52.36
CA TYR A 225 38.71 9.08 -53.50
C TYR A 225 37.34 8.53 -53.17
N PHE A 226 36.34 8.97 -53.95
CA PHE A 226 34.97 8.48 -53.94
C PHE A 226 34.65 8.08 -55.39
N ALA A 227 33.88 7.02 -55.56
CA ALA A 227 33.50 6.57 -56.90
C ALA A 227 32.72 7.70 -57.63
N PRO A 228 33.20 8.15 -58.81
CA PRO A 228 32.49 9.22 -59.54
C PRO A 228 31.08 8.80 -59.94
N SER A 229 30.14 9.78 -59.93
CA SER A 229 28.75 9.54 -60.29
C SER A 229 28.61 9.00 -61.71
N SER A 230 29.58 9.33 -62.57
CA SER A 230 29.67 8.87 -63.95
C SER A 230 29.73 7.33 -64.08
N LEU A 231 30.05 6.60 -62.99
CA LEU A 231 30.12 5.13 -62.97
C LEU A 231 28.75 4.49 -62.75
N PHE A 232 27.72 5.30 -62.46
CA PHE A 232 26.37 4.85 -62.15
C PHE A 232 25.31 5.42 -63.09
N ASP A 233 24.25 4.62 -63.37
CA ASP A 233 23.08 5.00 -64.18
C ASP A 233 22.14 5.64 -63.19
N LEU A 234 22.20 6.97 -63.12
CA LEU A 234 21.48 7.77 -62.15
C LEU A 234 20.01 8.07 -62.49
N ASN A 235 19.10 7.15 -62.11
CA ASN A 235 17.64 7.27 -62.31
C ASN A 235 16.96 6.12 -61.61
N PHE A 236 15.66 6.27 -61.26
CA PHE A 236 14.88 5.23 -60.56
C PHE A 236 14.76 3.92 -61.38
N GLN A 237 14.51 3.99 -62.71
CA GLN A 237 14.39 2.82 -63.61
C GLN A 237 15.58 1.82 -63.54
N ALA A 238 16.80 2.33 -63.23
CA ALA A 238 18.06 1.57 -63.14
C ALA A 238 18.44 1.22 -61.69
N GLY A 239 17.75 1.84 -60.75
CA GLY A 239 17.97 1.64 -59.31
C GLY A 239 19.21 2.31 -58.76
N PHE A 240 19.74 3.31 -59.51
CA PHE A 240 20.96 4.07 -59.20
C PHE A 240 22.16 3.14 -59.02
N LEU A 241 22.22 2.11 -59.86
CA LEU A 241 23.27 1.12 -59.81
C LEU A 241 24.41 1.42 -60.77
N MET A 242 25.56 0.82 -60.47
CA MET A 242 26.77 0.93 -61.28
C MET A 242 26.47 0.46 -62.72
N LYS A 243 26.97 1.21 -63.72
CA LYS A 243 26.78 0.91 -65.15
C LYS A 243 27.29 -0.50 -65.45
N LYS A 244 26.51 -1.31 -66.19
CA LYS A 244 26.88 -2.69 -66.53
C LYS A 244 28.28 -2.82 -67.12
N GLU A 245 28.74 -1.79 -67.86
CA GLU A 245 30.08 -1.70 -68.47
C GLU A 245 31.13 -1.57 -67.35
N VAL A 246 30.87 -0.69 -66.34
CA VAL A 246 31.75 -0.46 -65.17
C VAL A 246 31.84 -1.75 -64.37
N GLN A 247 30.68 -2.40 -64.13
CA GLN A 247 30.55 -3.66 -63.42
C GLN A 247 31.48 -4.72 -64.03
N ASP A 248 31.48 -4.83 -65.38
CA ASP A 248 32.34 -5.76 -66.13
C ASP A 248 33.82 -5.43 -65.99
N GLU A 249 34.18 -4.12 -66.12
CA GLU A 249 35.55 -3.61 -66.05
C GLU A 249 36.17 -3.91 -64.72
N GLU A 250 35.35 -3.84 -63.65
CA GLU A 250 35.74 -4.05 -62.25
C GLU A 250 35.85 -5.53 -61.83
N LYS A 251 35.20 -6.44 -62.59
CA LYS A 251 35.23 -7.90 -62.33
C LYS A 251 36.68 -8.44 -62.20
N ASN A 252 37.59 -8.03 -63.11
CA ASN A 252 38.99 -8.42 -63.19
C ASN A 252 39.92 -7.61 -62.26
N LYS A 253 39.37 -6.64 -61.46
CA LYS A 253 40.16 -5.78 -60.58
C LYS A 253 40.25 -6.37 -59.19
N LYS A 254 41.43 -6.32 -58.59
CA LYS A 254 41.79 -6.90 -57.29
C LYS A 254 41.06 -6.24 -56.09
N PHE A 255 40.93 -4.91 -56.09
CA PHE A 255 40.33 -4.12 -55.01
C PHE A 255 39.04 -3.43 -55.35
N GLY A 256 38.24 -3.17 -54.31
CA GLY A 256 37.03 -2.39 -54.42
C GLY A 256 37.36 -0.95 -54.76
N LEU A 257 36.34 -0.10 -54.94
CA LEU A 257 36.55 1.30 -55.27
C LEU A 257 36.74 2.18 -54.04
N SER A 258 35.87 2.01 -53.02
CA SER A 258 35.85 2.77 -51.77
C SER A 258 35.37 1.89 -50.63
N VAL A 259 35.18 2.47 -49.43
CA VAL A 259 34.70 1.75 -48.24
C VAL A 259 33.28 1.19 -48.50
N GLY A 260 32.39 2.02 -49.06
CA GLY A 260 31.02 1.62 -49.41
C GLY A 260 30.97 0.81 -50.69
N HIS A 261 31.80 1.19 -51.64
CA HIS A 261 31.85 0.46 -52.90
C HIS A 261 32.98 -0.52 -52.88
N HIS A 262 33.03 -1.28 -51.79
CA HIS A 262 34.07 -2.28 -51.59
C HIS A 262 33.86 -3.45 -52.53
N LEU A 263 32.60 -3.63 -53.02
CA LEU A 263 32.23 -4.67 -53.96
C LEU A 263 32.63 -6.07 -53.47
N GLY A 264 32.60 -6.30 -52.17
CA GLY A 264 32.98 -7.59 -51.61
C GLY A 264 34.39 -8.09 -51.94
N LYS A 265 35.23 -7.15 -52.45
CA LYS A 265 36.69 -7.22 -52.75
C LYS A 265 37.34 -6.49 -51.56
N SER A 266 38.68 -6.40 -51.52
CA SER A 266 39.39 -5.69 -50.46
C SER A 266 39.07 -4.17 -50.52
N ILE A 267 38.98 -3.53 -49.33
CA ILE A 267 38.78 -2.07 -49.31
C ILE A 267 40.16 -1.45 -49.52
N PRO A 268 40.34 -0.62 -50.59
CA PRO A 268 41.65 0.04 -50.79
C PRO A 268 42.09 0.74 -49.50
N THR A 269 43.33 0.42 -49.08
CA THR A 269 43.91 0.89 -47.83
C THR A 269 43.73 2.39 -47.60
N ASP A 270 43.22 2.75 -46.39
CA ASP A 270 42.96 4.11 -45.92
C ASP A 270 42.21 4.92 -46.97
N ASN A 271 41.13 4.35 -47.53
CA ASN A 271 40.32 5.01 -48.55
C ASN A 271 39.79 6.37 -48.08
N GLN A 272 39.33 6.40 -46.81
CA GLN A 272 38.74 7.54 -46.11
C GLN A 272 39.73 8.33 -45.23
N ILE A 273 41.01 7.90 -45.18
CA ILE A 273 41.99 8.59 -44.33
C ILE A 273 43.08 9.28 -45.15
N LYS A 274 43.42 8.67 -46.30
CA LYS A 274 44.52 9.09 -47.19
C LYS A 274 44.13 9.21 -48.68
N ALA A 275 44.87 10.09 -49.38
CA ALA A 275 44.60 10.41 -50.78
C ALA A 275 45.42 9.50 -51.75
N ARG A 276 45.80 10.01 -52.99
CA ARG A 276 46.53 9.32 -54.07
C ARG A 276 45.81 8.05 -54.55
N ARG B 7 10.77 -10.75 -20.64
CA ARG B 7 9.37 -10.33 -20.53
C ARG B 7 9.16 -8.80 -20.68
N ARG B 8 10.22 -7.97 -20.48
CA ARG B 8 10.11 -6.51 -20.59
C ARG B 8 10.78 -5.98 -21.87
N ALA B 9 10.13 -5.02 -22.55
CA ALA B 9 10.66 -4.41 -23.78
C ALA B 9 10.56 -2.88 -23.76
N LEU B 10 11.53 -2.20 -24.40
CA LEU B 10 11.58 -0.76 -24.50
C LEU B 10 11.61 -0.33 -25.96
N ILE B 11 10.66 0.52 -26.36
CA ILE B 11 10.65 1.05 -27.73
C ILE B 11 11.07 2.52 -27.70
N VAL B 12 12.24 2.80 -28.30
CA VAL B 12 12.76 4.17 -28.38
C VAL B 12 12.39 4.71 -29.78
N LEU B 13 11.52 5.74 -29.85
CA LEU B 13 11.05 6.29 -31.12
C LEU B 13 11.56 7.73 -31.39
N ALA B 14 12.25 7.88 -32.54
CA ALA B 14 12.79 9.16 -32.99
C ALA B 14 12.04 9.73 -34.24
N HIS B 15 10.74 10.04 -34.04
CA HIS B 15 9.92 10.70 -35.06
C HIS B 15 8.98 11.73 -34.40
N SER B 16 8.78 12.88 -35.09
CA SER B 16 7.91 13.95 -34.57
C SER B 16 6.41 13.68 -34.74
N GLU B 17 6.01 13.17 -35.92
CA GLU B 17 4.63 12.97 -36.37
C GLU B 17 3.97 11.61 -36.03
N ARG B 18 2.74 11.68 -35.48
CA ARG B 18 1.93 10.51 -35.19
C ARG B 18 1.40 9.91 -36.50
N THR B 19 1.30 10.77 -37.55
CA THR B 19 0.86 10.47 -38.94
C THR B 19 1.89 9.67 -39.78
N SER B 20 3.12 9.51 -39.25
CA SER B 20 4.22 8.85 -39.91
C SER B 20 4.13 7.32 -39.88
N PHE B 21 4.86 6.67 -40.82
CA PHE B 21 4.93 5.22 -40.86
C PHE B 21 5.78 4.75 -39.68
N ASN B 22 6.74 5.60 -39.24
CA ASN B 22 7.57 5.30 -38.06
C ASN B 22 6.72 5.18 -36.82
N TYR B 23 5.71 6.05 -36.66
CA TYR B 23 4.80 5.98 -35.52
C TYR B 23 3.95 4.71 -35.62
N ALA B 24 3.52 4.36 -36.84
CA ALA B 24 2.74 3.15 -37.13
C ALA B 24 3.51 1.91 -36.73
N MET B 25 4.80 1.88 -37.08
CA MET B 25 5.72 0.79 -36.78
C MET B 25 5.95 0.63 -35.29
N LYS B 26 5.90 1.75 -34.53
CA LYS B 26 6.08 1.77 -33.07
C LYS B 26 4.86 1.12 -32.46
N GLU B 27 3.66 1.60 -32.86
CA GLU B 27 2.37 1.07 -32.41
C GLU B 27 2.19 -0.40 -32.75
N ALA B 28 2.66 -0.81 -33.95
CA ALA B 28 2.62 -2.19 -34.44
C ALA B 28 3.40 -3.09 -33.51
N ALA B 29 4.64 -2.69 -33.19
CA ALA B 29 5.57 -3.38 -32.29
C ALA B 29 5.00 -3.49 -30.89
N ALA B 30 4.55 -2.36 -30.33
CA ALA B 30 3.97 -2.28 -28.99
C ALA B 30 2.81 -3.24 -28.84
N ALA B 31 1.87 -3.22 -29.80
CA ALA B 31 0.68 -4.08 -29.83
C ALA B 31 1.02 -5.56 -29.97
N ALA B 32 1.92 -5.88 -30.91
CA ALA B 32 2.39 -7.22 -31.19
C ALA B 32 3.00 -7.85 -29.94
N LEU B 33 3.95 -7.12 -29.31
CA LEU B 33 4.66 -7.58 -28.12
C LEU B 33 3.72 -7.75 -26.94
N LYS B 34 2.87 -6.73 -26.66
CA LYS B 34 1.88 -6.77 -25.59
C LYS B 34 1.01 -8.02 -25.74
N LYS B 35 0.57 -8.33 -27.00
CA LYS B 35 -0.25 -9.50 -27.34
C LYS B 35 0.46 -10.81 -26.96
N LYS B 36 1.82 -10.87 -27.19
CA LYS B 36 2.64 -12.04 -26.87
C LYS B 36 3.12 -12.07 -25.39
N GLY B 37 2.42 -11.31 -24.52
CA GLY B 37 2.67 -11.24 -23.08
C GLY B 37 3.80 -10.35 -22.57
N TRP B 38 4.33 -9.47 -23.44
CA TRP B 38 5.41 -8.56 -23.04
C TRP B 38 4.90 -7.35 -22.28
N GLU B 39 5.77 -6.77 -21.45
CA GLU B 39 5.51 -5.52 -20.73
C GLU B 39 6.28 -4.49 -21.60
N VAL B 40 5.55 -3.63 -22.32
CA VAL B 40 6.11 -2.65 -23.25
C VAL B 40 6.16 -1.21 -22.68
N VAL B 41 7.35 -0.59 -22.72
CA VAL B 41 7.58 0.78 -22.24
C VAL B 41 8.10 1.60 -23.43
N GLU B 42 7.64 2.85 -23.56
CA GLU B 42 8.06 3.71 -24.68
C GLU B 42 9.01 4.84 -24.27
N SER B 43 9.71 5.39 -25.28
CA SER B 43 10.55 6.56 -25.17
C SER B 43 10.41 7.32 -26.47
N ASP B 44 9.24 8.04 -26.61
CA ASP B 44 8.94 8.85 -27.80
C ASP B 44 9.68 10.17 -27.55
N LEU B 45 10.96 10.20 -27.99
CA LEU B 45 11.87 11.30 -27.73
C LEU B 45 11.30 12.68 -28.07
N TYR B 46 10.60 12.82 -29.21
CA TYR B 46 9.96 14.07 -29.59
C TYR B 46 8.84 14.45 -28.61
N ALA B 47 7.96 13.49 -28.29
CA ALA B 47 6.84 13.67 -27.36
C ALA B 47 7.32 14.01 -25.96
N MET B 48 8.46 13.43 -25.58
CA MET B 48 9.10 13.62 -24.30
C MET B 48 9.76 14.98 -24.24
N ASN B 49 9.92 15.63 -25.42
CA ASN B 49 10.62 16.91 -25.60
C ASN B 49 12.02 16.78 -24.99
N PHE B 50 12.63 15.60 -25.26
CA PHE B 50 13.93 15.18 -24.76
C PHE B 50 15.06 16.15 -25.10
N ASN B 51 15.94 16.44 -24.11
CA ASN B 51 17.10 17.31 -24.33
C ASN B 51 18.24 16.45 -24.87
N PRO B 52 18.65 16.60 -26.15
CA PRO B 52 19.71 15.71 -26.69
C PRO B 52 21.14 16.22 -26.51
N ILE B 53 21.32 17.37 -25.87
CA ILE B 53 22.66 17.94 -25.76
C ILE B 53 23.31 17.71 -24.39
N ILE B 54 24.45 16.98 -24.42
CA ILE B 54 25.32 16.74 -23.28
C ILE B 54 25.87 18.11 -22.84
N SER B 55 25.78 18.41 -21.52
CA SER B 55 26.20 19.67 -20.90
C SER B 55 26.56 19.43 -19.42
N ARG B 56 27.12 20.46 -18.74
CA ARG B 56 27.43 20.35 -17.31
C ARG B 56 26.14 20.36 -16.51
N LYS B 57 25.02 20.69 -17.17
CA LYS B 57 23.69 20.72 -16.57
C LYS B 57 23.19 19.28 -16.36
N ASP B 58 23.92 18.28 -16.90
CA ASP B 58 23.58 16.85 -16.70
C ASP B 58 24.03 16.35 -15.29
N ILE B 59 24.82 17.18 -14.57
CA ILE B 59 25.38 16.91 -13.25
C ILE B 59 24.81 17.95 -12.26
N THR B 60 23.95 17.44 -11.36
CA THR B 60 23.22 18.22 -10.37
C THR B 60 24.07 18.56 -9.13
N GLY B 61 25.10 17.74 -8.82
CA GLY B 61 26.01 17.99 -7.70
C GLY B 61 27.17 18.90 -8.01
N LYS B 62 28.15 18.94 -7.09
CA LYS B 62 29.37 19.74 -7.23
C LYS B 62 30.30 19.03 -8.20
N LEU B 63 30.81 19.73 -9.23
CA LEU B 63 31.74 19.16 -10.21
C LEU B 63 33.11 18.87 -9.59
N LYS B 64 33.86 17.86 -10.11
CA LYS B 64 35.18 17.55 -9.56
C LYS B 64 36.20 18.63 -9.93
N ASP B 65 36.21 19.04 -11.21
CA ASP B 65 37.08 20.11 -11.71
C ASP B 65 36.21 21.06 -12.54
N PRO B 66 35.57 22.06 -11.93
CA PRO B 66 34.70 22.97 -12.70
C PRO B 66 35.48 23.91 -13.63
N ALA B 67 36.78 24.11 -13.32
CA ALA B 67 37.72 24.95 -14.07
C ALA B 67 38.04 24.28 -15.43
N ASN B 68 38.20 22.95 -15.44
CA ASN B 68 38.47 22.17 -16.64
C ASN B 68 37.47 20.99 -16.69
N PHE B 69 36.23 21.30 -17.12
CA PHE B 69 35.16 20.30 -17.17
C PHE B 69 35.40 19.27 -18.26
N GLN B 70 35.38 17.97 -17.91
CA GLN B 70 35.54 16.85 -18.86
C GLN B 70 34.34 15.92 -18.71
N TYR B 71 33.41 15.94 -19.68
CA TYR B 71 32.14 15.22 -19.61
C TYR B 71 32.26 13.73 -19.23
N PRO B 72 33.11 12.89 -19.89
CA PRO B 72 33.16 11.46 -19.50
C PRO B 72 33.46 11.25 -18.01
N ALA B 73 34.55 11.85 -17.49
CA ALA B 73 34.97 11.78 -16.10
C ALA B 73 33.88 12.22 -15.11
N GLU B 74 33.29 13.41 -15.33
CA GLU B 74 32.27 14.00 -14.48
C GLU B 74 30.95 13.25 -14.51
N SER B 75 30.55 12.73 -15.71
CA SER B 75 29.27 12.02 -15.87
C SER B 75 29.28 10.69 -15.11
N VAL B 76 30.43 9.97 -15.13
CA VAL B 76 30.67 8.70 -14.44
C VAL B 76 30.54 8.95 -12.93
N LEU B 77 31.26 9.98 -12.44
CA LEU B 77 31.24 10.40 -11.05
C LEU B 77 29.81 10.73 -10.59
N ALA B 78 29.02 11.41 -11.46
CA ALA B 78 27.63 11.78 -11.16
C ALA B 78 26.74 10.56 -11.08
N TYR B 79 27.00 9.53 -11.92
CA TYR B 79 26.26 8.27 -11.91
C TYR B 79 26.54 7.54 -10.57
N LYS B 80 27.84 7.32 -10.26
CA LYS B 80 28.37 6.67 -9.06
C LYS B 80 27.90 7.35 -7.77
N GLU B 81 27.97 8.68 -7.73
CA GLU B 81 27.58 9.49 -6.55
C GLU B 81 26.07 9.80 -6.48
N GLY B 82 25.33 9.39 -7.49
CA GLY B 82 23.88 9.56 -7.56
C GLY B 82 23.35 10.96 -7.78
N HIS B 83 24.10 11.81 -8.49
CA HIS B 83 23.63 13.17 -8.80
C HIS B 83 23.61 13.44 -10.34
N LEU B 84 23.09 12.47 -11.12
CA LEU B 84 22.87 12.70 -12.54
C LEU B 84 21.51 13.37 -12.67
N SER B 85 21.28 14.05 -13.79
CA SER B 85 20.05 14.74 -14.14
C SER B 85 18.87 13.73 -14.07
N PRO B 86 17.74 14.09 -13.37
CA PRO B 86 16.61 13.15 -13.27
C PRO B 86 16.08 12.58 -14.59
N ASP B 87 16.12 13.37 -15.70
CA ASP B 87 15.65 12.90 -17.00
C ASP B 87 16.51 11.76 -17.52
N ILE B 88 17.86 11.87 -17.34
CA ILE B 88 18.84 10.84 -17.72
C ILE B 88 18.54 9.58 -16.90
N VAL B 89 18.41 9.76 -15.56
CA VAL B 89 18.13 8.68 -14.61
C VAL B 89 16.88 7.90 -15.00
N ALA B 90 15.80 8.59 -15.38
CA ALA B 90 14.53 7.98 -15.78
C ALA B 90 14.73 6.99 -16.95
N GLU B 91 15.50 7.42 -17.97
CA GLU B 91 15.83 6.64 -19.15
C GLU B 91 16.71 5.46 -18.80
N GLN B 92 17.66 5.68 -17.88
CA GLN B 92 18.59 4.66 -17.40
C GLN B 92 17.82 3.55 -16.67
N LYS B 93 16.81 3.93 -15.88
CA LYS B 93 15.96 2.99 -15.14
C LYS B 93 15.10 2.17 -16.11
N LYS B 94 14.70 2.78 -17.26
CA LYS B 94 13.92 2.12 -18.31
C LYS B 94 14.78 1.02 -18.97
N LEU B 95 16.05 1.34 -19.27
CA LEU B 95 17.00 0.43 -19.88
C LEU B 95 17.28 -0.73 -18.96
N GLU B 96 17.60 -0.44 -17.67
CA GLU B 96 17.91 -1.44 -16.64
C GLU B 96 16.82 -2.53 -16.64
N ALA B 97 15.55 -2.10 -16.74
CA ALA B 97 14.37 -2.95 -16.73
C ALA B 97 14.13 -3.77 -18.00
N ALA B 98 14.38 -3.18 -19.18
CA ALA B 98 14.16 -3.81 -20.48
C ALA B 98 15.10 -4.98 -20.81
N ASP B 99 14.53 -6.02 -21.46
CA ASP B 99 15.24 -7.22 -21.96
C ASP B 99 15.50 -6.99 -23.44
N LEU B 100 14.47 -6.47 -24.13
CA LEU B 100 14.53 -6.15 -25.55
C LEU B 100 14.45 -4.65 -25.73
N VAL B 101 15.32 -4.08 -26.61
CA VAL B 101 15.30 -2.66 -26.90
C VAL B 101 15.15 -2.45 -28.41
N ILE B 102 14.02 -1.82 -28.83
CA ILE B 102 13.72 -1.54 -30.24
C ILE B 102 13.98 -0.06 -30.52
N PHE B 103 14.75 0.22 -31.55
CA PHE B 103 15.02 1.59 -31.94
C PHE B 103 14.31 1.87 -33.25
N GLN B 104 13.14 2.50 -33.16
CA GLN B 104 12.33 2.85 -34.32
C GLN B 104 12.65 4.26 -34.75
N PHE B 105 13.21 4.41 -35.97
CA PHE B 105 13.58 5.74 -36.48
C PHE B 105 13.73 5.81 -38.02
N PRO B 106 13.51 6.99 -38.65
CA PRO B 106 13.85 7.12 -40.07
C PRO B 106 15.38 7.37 -40.21
N LEU B 107 16.00 6.82 -41.28
CA LEU B 107 17.41 7.05 -41.53
C LEU B 107 17.55 8.51 -41.89
N GLN B 108 18.43 9.21 -41.20
CA GLN B 108 18.65 10.63 -41.44
C GLN B 108 20.11 10.90 -41.57
N TRP B 109 20.51 11.38 -42.76
CA TRP B 109 21.90 11.68 -43.09
C TRP B 109 22.85 10.47 -42.77
N PHE B 110 22.43 9.29 -43.22
CA PHE B 110 23.12 8.00 -43.11
C PHE B 110 23.38 7.56 -41.67
N GLY B 111 22.48 7.96 -40.79
CA GLY B 111 22.57 7.59 -39.38
C GLY B 111 21.29 7.85 -38.61
N VAL B 112 21.42 7.83 -37.28
CA VAL B 112 20.30 8.04 -36.38
C VAL B 112 19.92 9.53 -36.34
N PRO B 113 18.63 9.92 -36.20
CA PRO B 113 18.30 11.35 -36.05
C PRO B 113 19.02 11.97 -34.84
N ALA B 114 19.39 13.26 -34.92
CA ALA B 114 20.11 13.98 -33.84
C ALA B 114 19.52 13.75 -32.45
N ILE B 115 18.17 13.72 -32.33
CA ILE B 115 17.52 13.50 -31.04
C ILE B 115 17.89 12.11 -30.42
N LEU B 116 18.04 11.04 -31.27
CA LEU B 116 18.41 9.69 -30.83
C LEU B 116 19.87 9.67 -30.49
N LYS B 117 20.69 10.34 -31.32
CA LYS B 117 22.13 10.42 -31.09
C LYS B 117 22.37 11.02 -29.71
N GLY B 118 21.66 12.11 -29.41
CA GLY B 118 21.73 12.81 -28.13
C GLY B 118 21.29 11.98 -26.95
N TRP B 119 20.31 11.09 -27.21
CA TRP B 119 19.80 10.16 -26.21
C TRP B 119 20.90 9.20 -25.82
N PHE B 120 21.63 8.66 -26.81
CA PHE B 120 22.76 7.75 -26.57
C PHE B 120 23.85 8.43 -25.78
N GLU B 121 24.23 9.65 -26.22
CA GLU B 121 25.30 10.43 -25.59
C GLU B 121 25.03 10.73 -24.11
N ARG B 122 23.79 11.22 -23.81
CA ARG B 122 23.35 11.58 -22.46
C ARG B 122 22.93 10.40 -21.55
N VAL B 123 22.39 9.30 -22.13
CA VAL B 123 21.89 8.16 -21.34
C VAL B 123 22.95 7.06 -21.16
N PHE B 124 23.71 6.72 -22.23
CA PHE B 124 24.75 5.69 -22.16
C PHE B 124 26.00 6.29 -21.53
N ILE B 125 25.95 6.45 -20.18
CA ILE B 125 27.00 7.05 -19.35
C ILE B 125 27.97 5.96 -18.91
N GLY B 126 29.23 6.31 -18.71
CA GLY B 126 30.24 5.35 -18.26
C GLY B 126 29.82 4.67 -16.97
N GLU B 127 30.29 3.44 -16.76
CA GLU B 127 30.00 2.59 -15.59
C GLU B 127 28.53 2.06 -15.63
N PHE B 128 27.57 2.84 -16.18
CA PHE B 128 26.20 2.37 -16.34
C PHE B 128 26.10 1.47 -17.59
N ALA B 129 26.48 2.04 -18.78
CA ALA B 129 26.36 1.41 -20.09
C ALA B 129 27.61 0.66 -20.59
N TYR B 130 28.79 0.96 -20.04
CA TYR B 130 30.03 0.32 -20.45
C TYR B 130 31.12 0.64 -19.45
N THR B 131 32.21 -0.12 -19.45
CA THR B 131 33.41 0.19 -18.65
C THR B 131 34.60 -0.08 -19.59
N TYR B 132 35.85 0.10 -19.09
CA TYR B 132 37.05 -0.16 -19.89
C TYR B 132 37.22 -1.67 -20.05
N ALA B 133 36.96 -2.43 -18.97
CA ALA B 133 37.00 -3.88 -18.94
C ALA B 133 35.70 -4.49 -19.55
N ALA B 134 34.52 -3.90 -19.25
CA ALA B 134 33.23 -4.38 -19.74
C ALA B 134 32.84 -3.71 -21.06
N MET B 135 33.64 -3.99 -22.11
CA MET B 135 33.32 -3.48 -23.44
C MET B 135 33.09 -4.64 -24.40
N TYR B 136 32.09 -4.45 -25.29
CA TYR B 136 31.58 -5.39 -26.29
C TYR B 136 30.93 -6.61 -25.54
N ASP B 137 30.98 -7.86 -26.09
CA ASP B 137 30.50 -9.08 -25.40
C ASP B 137 31.22 -9.10 -24.04
N LYS B 138 30.45 -9.27 -22.98
CA LYS B 138 30.97 -9.11 -21.61
C LYS B 138 31.10 -7.57 -21.40
N GLY B 139 29.91 -6.94 -21.42
CA GLY B 139 29.60 -5.51 -21.25
C GLY B 139 28.30 -5.41 -20.47
N PRO B 140 27.86 -4.24 -19.95
CA PRO B 140 26.69 -4.25 -19.07
C PRO B 140 25.37 -4.80 -19.63
N PHE B 141 25.11 -4.57 -20.91
CA PHE B 141 23.87 -5.01 -21.51
C PHE B 141 23.96 -6.37 -22.19
N ARG B 142 24.99 -7.20 -21.84
CA ARG B 142 25.22 -8.53 -22.42
C ARG B 142 23.98 -9.43 -22.30
N SER B 143 23.15 -9.20 -21.28
CA SER B 143 21.94 -9.95 -21.03
C SER B 143 20.71 -9.41 -21.76
N LYS B 144 20.90 -8.33 -22.54
CA LYS B 144 19.85 -7.67 -23.32
C LYS B 144 20.06 -7.87 -24.83
N LYS B 145 18.99 -7.66 -25.61
CA LYS B 145 19.03 -7.78 -27.07
C LYS B 145 18.47 -6.48 -27.67
N ALA B 146 19.15 -5.93 -28.70
CA ALA B 146 18.73 -4.70 -29.36
C ALA B 146 18.43 -4.91 -30.85
N VAL B 147 17.50 -4.11 -31.41
CA VAL B 147 17.12 -4.14 -32.83
C VAL B 147 17.00 -2.74 -33.34
N LEU B 148 17.37 -2.54 -34.61
CA LEU B 148 17.19 -1.25 -35.28
C LEU B 148 16.07 -1.43 -36.31
N SER B 149 14.99 -0.67 -36.19
CA SER B 149 13.93 -0.71 -37.20
C SER B 149 14.02 0.64 -37.92
N ILE B 150 14.61 0.61 -39.12
CA ILE B 150 14.91 1.78 -39.92
C ILE B 150 14.00 1.90 -41.15
N THR B 151 13.68 3.14 -41.53
CA THR B 151 12.90 3.46 -42.72
C THR B 151 13.78 4.43 -43.51
N THR B 152 13.92 4.21 -44.80
CA THR B 152 14.73 5.10 -45.63
C THR B 152 13.91 5.70 -46.75
N GLY B 153 14.41 6.79 -47.29
CA GLY B 153 13.80 7.45 -48.44
C GLY B 153 14.24 6.79 -49.72
N GLY B 154 15.52 6.39 -49.76
CA GLY B 154 16.16 5.74 -50.88
C GLY B 154 15.82 4.27 -50.97
N SER B 155 15.84 3.73 -52.17
CA SER B 155 15.54 2.33 -52.46
C SER B 155 16.68 1.42 -52.01
N GLY B 156 16.36 0.15 -51.81
CA GLY B 156 17.34 -0.85 -51.41
C GLY B 156 18.51 -1.00 -52.35
N SER B 157 18.26 -0.86 -53.68
CA SER B 157 19.30 -0.99 -54.70
C SER B 157 20.36 0.06 -54.56
N MET B 158 20.01 1.23 -54.02
CA MET B 158 20.96 2.32 -53.79
C MET B 158 21.94 1.98 -52.70
N TYR B 159 21.50 1.12 -51.76
CA TYR B 159 22.26 0.64 -50.60
C TYR B 159 22.84 -0.77 -50.79
N SER B 160 22.68 -1.35 -52.00
CA SER B 160 23.28 -2.63 -52.37
C SER B 160 24.77 -2.38 -52.66
N LEU B 161 25.59 -3.44 -52.82
CA LEU B 161 27.04 -3.27 -53.10
C LEU B 161 27.36 -2.41 -54.33
N GLN B 162 26.42 -2.35 -55.32
CA GLN B 162 26.51 -1.66 -56.61
C GLN B 162 25.75 -0.32 -56.70
N GLY B 163 25.00 0.05 -55.64
CA GLY B 163 24.24 1.32 -55.57
C GLY B 163 25.10 2.53 -55.26
N ILE B 164 24.64 3.76 -55.59
CA ILE B 164 25.40 5.02 -55.36
C ILE B 164 25.80 5.26 -53.92
N HIS B 165 24.92 4.93 -52.96
CA HIS B 165 25.24 5.16 -51.54
C HIS B 165 26.23 4.18 -50.96
N GLY B 166 26.36 3.03 -51.66
CA GLY B 166 27.23 1.92 -51.28
C GLY B 166 26.59 1.05 -50.23
N ASP B 167 27.32 0.05 -49.77
CA ASP B 167 26.87 -0.92 -48.80
C ASP B 167 26.23 -0.34 -47.54
N MET B 168 24.99 -0.79 -47.27
CA MET B 168 24.19 -0.43 -46.08
C MET B 168 24.88 -0.99 -44.84
N ASN B 169 25.59 -2.14 -44.99
CA ASN B 169 26.31 -2.79 -43.91
C ASN B 169 27.34 -1.84 -43.32
N VAL B 170 27.97 -1.00 -44.18
CA VAL B 170 28.97 0.00 -43.76
C VAL B 170 28.31 1.10 -42.91
N ILE B 171 27.13 1.59 -43.35
CA ILE B 171 26.32 2.60 -42.66
C ILE B 171 25.92 2.14 -41.24
N LEU B 172 25.47 0.89 -41.12
CA LEU B 172 24.99 0.28 -39.87
C LEU B 172 26.07 0.03 -38.82
N TRP B 173 27.28 -0.33 -39.26
CA TRP B 173 28.42 -0.70 -38.42
C TRP B 173 28.64 0.26 -37.22
N PRO B 174 28.80 1.60 -37.40
CA PRO B 174 29.05 2.47 -36.24
C PRO B 174 27.93 2.49 -35.19
N ILE B 175 26.66 2.18 -35.57
CA ILE B 175 25.55 2.16 -34.63
C ILE B 175 25.50 0.81 -33.95
N GLN B 176 25.47 -0.27 -34.74
CA GLN B 176 25.32 -1.63 -34.26
C GLN B 176 26.53 -2.13 -33.50
N SER B 177 27.74 -1.88 -34.01
CA SER B 177 28.91 -2.30 -33.27
C SER B 177 29.25 -1.24 -32.23
N GLY B 178 29.59 -0.04 -32.71
CA GLY B 178 30.04 1.09 -31.91
C GLY B 178 29.19 1.55 -30.74
N ILE B 179 27.86 1.58 -30.89
CA ILE B 179 26.99 2.01 -29.81
C ILE B 179 26.41 0.81 -29.07
N LEU B 180 25.64 -0.06 -29.77
CA LEU B 180 24.94 -1.18 -29.16
C LEU B 180 25.85 -2.33 -28.67
N HIS B 181 26.59 -3.01 -29.58
CA HIS B 181 27.46 -4.11 -29.19
C HIS B 181 28.53 -3.68 -28.20
N PHE B 182 29.05 -2.44 -28.32
CA PHE B 182 30.05 -1.90 -27.41
C PHE B 182 29.58 -1.97 -25.93
N CYS B 183 28.25 -1.83 -25.72
CA CYS B 183 27.65 -1.85 -24.40
C CYS B 183 27.16 -3.24 -23.94
N GLY B 184 27.44 -4.26 -24.75
CA GLY B 184 27.10 -5.63 -24.39
C GLY B 184 25.89 -6.20 -25.11
N PHE B 185 25.08 -5.32 -25.70
CA PHE B 185 23.90 -5.75 -26.43
C PHE B 185 24.22 -6.80 -27.46
N GLN B 186 23.33 -7.80 -27.58
CA GLN B 186 23.37 -8.78 -28.65
C GLN B 186 22.53 -8.06 -29.71
N VAL B 187 23.14 -7.74 -30.86
CA VAL B 187 22.45 -7.01 -31.91
C VAL B 187 21.76 -7.99 -32.85
N LEU B 188 20.43 -7.89 -32.94
CA LEU B 188 19.61 -8.73 -33.81
C LEU B 188 19.55 -8.11 -35.21
N GLU B 189 19.15 -8.91 -36.22
CA GLU B 189 19.06 -8.48 -37.62
C GLU B 189 18.24 -7.19 -37.72
N PRO B 190 18.75 -6.12 -38.40
CA PRO B 190 17.95 -4.88 -38.46
C PRO B 190 16.70 -5.04 -39.33
N GLN B 191 15.62 -4.33 -38.97
CA GLN B 191 14.40 -4.33 -39.76
C GLN B 191 14.51 -3.12 -40.69
N LEU B 192 14.96 -3.38 -41.92
CA LEU B 192 15.19 -2.36 -42.93
C LEU B 192 14.00 -2.23 -43.88
N THR B 193 13.31 -1.10 -43.79
CA THR B 193 12.14 -0.76 -44.61
C THR B 193 12.56 0.35 -45.62
N TYR B 194 13.02 -0.04 -46.83
CA TYR B 194 13.49 0.90 -47.86
C TYR B 194 12.38 1.66 -48.59
N SER B 195 12.72 2.84 -49.15
CA SER B 195 11.87 3.75 -49.96
C SER B 195 10.40 3.72 -49.56
N ILE B 196 10.11 3.99 -48.27
CA ILE B 196 8.77 3.88 -47.69
C ILE B 196 7.77 4.86 -48.30
N GLY B 197 8.27 5.98 -48.81
CA GLY B 197 7.43 6.98 -49.46
C GLY B 197 6.83 6.51 -50.78
N HIS B 198 7.51 5.56 -51.45
CA HIS B 198 7.13 4.99 -52.75
C HIS B 198 6.31 3.70 -52.67
N THR B 199 6.26 3.09 -51.49
CA THR B 199 5.52 1.87 -51.19
C THR B 199 4.02 2.11 -51.25
N PRO B 200 3.27 1.28 -52.03
CA PRO B 200 1.80 1.45 -52.08
C PRO B 200 1.15 0.99 -50.78
N ALA B 201 -0.06 1.50 -50.50
CA ALA B 201 -0.82 1.24 -49.29
C ALA B 201 -0.88 -0.22 -48.84
N ASP B 202 -1.24 -1.16 -49.75
CA ASP B 202 -1.35 -2.59 -49.44
C ASP B 202 -0.02 -3.17 -48.99
N ALA B 203 1.08 -2.72 -49.63
CA ALA B 203 2.43 -3.18 -49.31
C ALA B 203 2.86 -2.67 -47.95
N ARG B 204 2.44 -1.43 -47.58
CA ARG B 204 2.73 -0.81 -46.28
C ARG B 204 2.07 -1.61 -45.15
N ILE B 205 0.85 -2.13 -45.41
CA ILE B 205 0.09 -2.98 -44.50
C ILE B 205 0.87 -4.29 -44.29
N GLN B 206 1.33 -4.91 -45.39
CA GLN B 206 2.13 -6.13 -45.36
C GLN B 206 3.43 -5.98 -44.55
N ILE B 207 4.09 -4.79 -44.62
CA ILE B 207 5.31 -4.43 -43.87
C ILE B 207 5.01 -4.49 -42.37
N LEU B 208 3.92 -3.84 -41.95
CA LEU B 208 3.50 -3.79 -40.55
C LEU B 208 3.15 -5.17 -40.03
N GLU B 209 2.42 -5.97 -40.83
CA GLU B 209 2.03 -7.32 -40.44
C GLU B 209 3.23 -8.24 -40.28
N GLY B 210 4.22 -8.05 -41.16
CA GLY B 210 5.48 -8.80 -41.16
C GLY B 210 6.33 -8.50 -39.94
N TRP B 211 6.42 -7.22 -39.57
CA TRP B 211 7.14 -6.72 -38.39
C TRP B 211 6.49 -7.32 -37.13
N LYS B 212 5.14 -7.32 -37.07
CA LYS B 212 4.37 -7.90 -35.97
C LYS B 212 4.65 -9.41 -35.84
N LYS B 213 4.63 -10.17 -36.98
CA LYS B 213 4.89 -11.63 -37.02
C LYS B 213 6.34 -11.97 -36.64
N ARG B 214 7.30 -11.04 -36.91
CA ARG B 214 8.71 -11.23 -36.58
C ARG B 214 8.88 -11.17 -35.07
N LEU B 215 8.23 -10.17 -34.45
CA LEU B 215 8.25 -9.90 -33.01
C LEU B 215 7.62 -11.02 -32.17
N GLU B 216 6.87 -11.92 -32.82
CA GLU B 216 6.26 -13.06 -32.16
C GLU B 216 7.32 -14.02 -31.63
N ASN B 217 8.49 -14.10 -32.30
CA ASN B 217 9.60 -14.98 -31.92
C ASN B 217 10.95 -14.27 -32.07
N ILE B 218 10.97 -12.94 -31.78
CA ILE B 218 12.17 -12.09 -31.89
C ILE B 218 13.26 -12.54 -30.91
N TRP B 219 12.87 -12.94 -29.69
CA TRP B 219 13.80 -13.37 -28.65
C TRP B 219 14.58 -14.62 -28.99
N ASP B 220 13.98 -15.54 -29.78
CA ASP B 220 14.60 -16.81 -30.15
C ASP B 220 15.59 -16.72 -31.35
N GLU B 221 15.67 -15.54 -31.99
CA GLU B 221 16.54 -15.26 -33.13
C GLU B 221 18.02 -15.31 -32.79
N THR B 222 18.86 -15.64 -33.82
CA THR B 222 20.30 -15.65 -33.73
C THR B 222 20.81 -14.21 -33.93
N PRO B 223 21.70 -13.66 -33.06
CA PRO B 223 22.18 -12.29 -33.29
C PRO B 223 23.28 -12.18 -34.34
N LEU B 224 23.55 -10.96 -34.81
CA LEU B 224 24.59 -10.66 -35.82
C LEU B 224 25.97 -11.00 -35.27
N TYR B 225 26.91 -11.34 -36.16
CA TYR B 225 28.25 -11.68 -35.72
C TYR B 225 29.17 -10.48 -35.58
N PHE B 226 29.79 -10.39 -34.40
CA PHE B 226 30.81 -9.44 -34.03
C PHE B 226 31.97 -10.28 -33.48
N ALA B 227 33.22 -9.87 -33.80
CA ALA B 227 34.40 -10.55 -33.34
C ALA B 227 34.43 -10.57 -31.79
N PRO B 228 34.46 -11.76 -31.13
CA PRO B 228 34.50 -11.78 -29.66
C PRO B 228 35.75 -11.10 -29.10
N SER B 229 35.62 -10.42 -27.95
CA SER B 229 36.73 -9.70 -27.29
C SER B 229 37.88 -10.65 -26.96
N SER B 230 37.56 -11.96 -26.79
CA SER B 230 38.51 -13.03 -26.52
C SER B 230 39.57 -13.17 -27.63
N LEU B 231 39.32 -12.59 -28.83
CA LEU B 231 40.25 -12.62 -29.97
C LEU B 231 41.33 -11.53 -29.88
N PHE B 232 41.19 -10.60 -28.92
CA PHE B 232 42.09 -9.47 -28.75
C PHE B 232 42.77 -9.40 -27.36
N ASP B 233 44.06 -8.92 -27.33
CA ASP B 233 44.87 -8.69 -26.13
C ASP B 233 44.50 -7.28 -25.71
N LEU B 234 43.49 -7.18 -24.82
CA LEU B 234 42.92 -5.93 -24.37
C LEU B 234 43.74 -5.25 -23.29
N ASN B 235 44.94 -4.81 -23.66
CA ASN B 235 45.86 -4.12 -22.76
C ASN B 235 46.72 -3.13 -23.53
N PHE B 236 47.13 -2.05 -22.86
CA PHE B 236 47.96 -0.99 -23.42
C PHE B 236 49.24 -1.55 -24.03
N GLN B 237 50.05 -2.38 -23.30
CA GLN B 237 51.28 -2.96 -23.87
C GLN B 237 51.12 -3.41 -25.34
N ALA B 238 50.02 -4.19 -25.63
CA ALA B 238 49.63 -4.84 -26.90
C ALA B 238 48.85 -3.97 -27.89
N GLY B 239 48.39 -2.81 -27.46
CA GLY B 239 47.67 -1.85 -28.29
C GLY B 239 46.25 -2.25 -28.63
N PHE B 240 45.65 -3.18 -27.85
CA PHE B 240 44.27 -3.66 -28.05
C PHE B 240 44.03 -4.37 -29.39
N LEU B 241 45.10 -4.97 -29.89
CA LEU B 241 45.08 -5.65 -31.16
C LEU B 241 44.72 -7.11 -31.03
N MET B 242 44.36 -7.73 -32.15
CA MET B 242 44.07 -9.16 -32.20
C MET B 242 45.29 -9.95 -31.72
N LYS B 243 45.01 -11.06 -31.05
CA LYS B 243 46.01 -11.98 -30.54
C LYS B 243 46.81 -12.57 -31.71
N LYS B 244 48.16 -12.72 -31.57
CA LYS B 244 49.11 -13.28 -32.57
C LYS B 244 48.60 -14.56 -33.22
N GLU B 245 48.07 -15.49 -32.40
CA GLU B 245 47.49 -16.76 -32.83
C GLU B 245 46.24 -16.55 -33.68
N VAL B 246 45.38 -15.56 -33.33
CA VAL B 246 44.18 -15.25 -34.11
C VAL B 246 44.65 -14.66 -35.47
N GLN B 247 45.69 -13.76 -35.47
CA GLN B 247 46.29 -13.08 -36.62
C GLN B 247 46.74 -14.12 -37.65
N ASP B 248 47.43 -15.14 -37.14
CA ASP B 248 47.98 -16.25 -37.90
C ASP B 248 46.89 -17.17 -38.46
N GLU B 249 45.89 -17.53 -37.63
CA GLU B 249 44.77 -18.42 -38.01
C GLU B 249 43.94 -17.84 -39.14
N GLU B 250 43.79 -16.52 -39.10
CA GLU B 250 43.00 -15.76 -40.05
C GLU B 250 43.81 -15.28 -41.28
N LYS B 251 45.10 -15.70 -41.41
CA LYS B 251 45.96 -15.36 -42.56
C LYS B 251 45.49 -16.08 -43.83
N ASN B 252 45.16 -17.38 -43.75
CA ASN B 252 44.71 -18.20 -44.88
C ASN B 252 43.18 -18.10 -45.18
N LYS B 253 42.43 -17.26 -44.43
CA LYS B 253 40.98 -17.08 -44.59
C LYS B 253 40.68 -15.94 -45.56
N LYS B 254 39.88 -16.21 -46.62
CA LYS B 254 39.47 -15.31 -47.72
C LYS B 254 38.80 -14.06 -47.26
N PHE B 255 37.96 -14.18 -46.23
CA PHE B 255 37.17 -13.08 -45.70
C PHE B 255 37.62 -12.59 -44.35
N GLY B 256 37.22 -11.37 -44.06
CA GLY B 256 37.45 -10.77 -42.76
C GLY B 256 36.42 -11.29 -41.79
N LEU B 257 36.46 -10.78 -40.56
CA LEU B 257 35.55 -11.21 -39.50
C LEU B 257 34.21 -10.47 -39.53
N SER B 258 34.26 -9.14 -39.69
CA SER B 258 33.09 -8.25 -39.68
C SER B 258 33.35 -7.06 -40.60
N VAL B 259 32.43 -6.07 -40.63
CA VAL B 259 32.58 -4.86 -41.45
C VAL B 259 33.82 -4.10 -40.98
N GLY B 260 33.96 -3.89 -39.67
CA GLY B 260 35.08 -3.18 -39.07
C GLY B 260 36.33 -4.00 -38.95
N HIS B 261 36.17 -5.34 -38.84
CA HIS B 261 37.29 -6.27 -38.79
C HIS B 261 37.41 -6.98 -40.10
N HIS B 262 37.39 -6.21 -41.20
CA HIS B 262 37.51 -6.74 -42.57
C HIS B 262 38.96 -7.22 -42.83
N LEU B 263 39.91 -6.73 -42.01
CA LEU B 263 41.32 -7.07 -42.05
C LEU B 263 41.97 -6.88 -43.44
N GLY B 264 41.39 -6.00 -44.26
CA GLY B 264 41.90 -5.70 -45.60
C GLY B 264 41.54 -6.78 -46.61
N LYS B 265 40.72 -7.72 -46.18
CA LYS B 265 40.19 -8.82 -46.97
C LYS B 265 38.71 -8.47 -47.30
N SER B 266 37.98 -9.42 -47.89
CA SER B 266 36.56 -9.24 -48.24
C SER B 266 35.68 -9.16 -47.00
N ILE B 267 34.65 -8.26 -46.99
CA ILE B 267 33.71 -8.22 -45.87
C ILE B 267 32.71 -9.37 -46.03
N PRO B 268 32.54 -10.26 -45.01
CA PRO B 268 31.52 -11.32 -45.12
C PRO B 268 30.17 -10.69 -45.43
N THR B 269 29.54 -11.18 -46.51
CA THR B 269 28.26 -10.74 -47.05
C THR B 269 27.21 -10.50 -45.95
N ASP B 270 26.58 -9.30 -45.98
CA ASP B 270 25.55 -8.89 -45.04
C ASP B 270 25.91 -9.16 -43.58
N ASN B 271 27.15 -8.79 -43.18
CA ASN B 271 27.63 -9.02 -41.81
C ASN B 271 26.75 -8.32 -40.76
N GLN B 272 26.38 -7.07 -41.09
CA GLN B 272 25.56 -6.16 -40.31
C GLN B 272 24.05 -6.22 -40.69
N ILE B 273 23.60 -7.15 -41.56
CA ILE B 273 22.18 -7.24 -41.97
C ILE B 273 21.57 -8.64 -41.67
N LYS B 274 22.41 -9.69 -41.76
CA LYS B 274 22.02 -11.08 -41.58
C LYS B 274 22.94 -11.88 -40.66
N ALA B 275 22.43 -13.05 -40.24
CA ALA B 275 23.16 -14.01 -39.39
C ALA B 275 23.49 -15.33 -40.10
N ARG B 276 22.68 -15.72 -41.11
CA ARG B 276 22.82 -16.96 -41.91
C ARG B 276 22.66 -18.23 -41.07
N VAL C 5 5.74 -57.61 30.05
CA VAL C 5 4.69 -57.15 29.14
C VAL C 5 4.45 -55.65 29.34
N GLY C 6 4.57 -54.89 28.25
CA GLY C 6 4.37 -53.44 28.22
C GLY C 6 2.94 -52.96 28.51
N ARG C 7 2.81 -51.96 29.40
CA ARG C 7 1.51 -51.44 29.82
C ARG C 7 1.29 -49.96 29.47
N ARG C 8 2.38 -49.13 29.44
CA ARG C 8 2.35 -47.68 29.24
C ARG C 8 3.06 -47.23 27.98
N ALA C 9 2.51 -46.22 27.28
CA ALA C 9 3.07 -45.68 26.05
C ALA C 9 3.06 -44.14 26.00
N LEU C 10 4.08 -43.55 25.30
CA LEU C 10 4.21 -42.12 25.12
C LEU C 10 4.28 -41.77 23.65
N ILE C 11 3.38 -40.89 23.19
CA ILE C 11 3.41 -40.44 21.80
C ILE C 11 3.90 -39.00 21.76
N VAL C 12 5.09 -38.80 21.19
CA VAL C 12 5.67 -37.46 21.01
C VAL C 12 5.38 -37.02 19.55
N LEU C 13 4.60 -35.93 19.40
CA LEU C 13 4.21 -35.45 18.08
C LEU C 13 4.79 -34.07 17.74
N ALA C 14 5.51 -34.01 16.60
CA ALA C 14 6.11 -32.79 16.09
C ALA C 14 5.41 -32.24 14.81
N HIS C 15 4.16 -31.83 14.97
CA HIS C 15 3.39 -31.18 13.88
C HIS C 15 2.48 -30.07 14.45
N SER C 16 2.37 -28.93 13.71
CA SER C 16 1.57 -27.77 14.11
C SER C 16 0.08 -27.94 13.89
N GLU C 17 -0.30 -28.47 12.73
CA GLU C 17 -1.68 -28.60 12.26
C GLU C 17 -2.43 -29.89 12.66
N ARG C 18 -3.66 -29.70 13.21
CA ARG C 18 -4.53 -30.83 13.58
C ARG C 18 -5.09 -31.48 12.28
N THR C 19 -5.14 -30.68 11.19
CA THR C 19 -5.59 -31.02 9.85
C THR C 19 -4.59 -31.92 9.08
N SER C 20 -3.39 -32.16 9.65
CA SER C 20 -2.28 -32.91 9.03
C SER C 20 -2.45 -34.40 9.13
N PHE C 21 -1.74 -35.14 8.24
CA PHE C 21 -1.76 -36.59 8.27
C PHE C 21 -0.98 -37.07 9.52
N ASN C 22 0.04 -36.28 9.93
CA ASN C 22 0.82 -36.58 11.14
C ASN C 22 -0.07 -36.58 12.38
N TYR C 23 -1.02 -35.63 12.47
CA TYR C 23 -1.96 -35.57 13.58
C TYR C 23 -2.87 -36.79 13.55
N ALA C 24 -3.30 -37.19 12.34
CA ALA C 24 -4.16 -38.36 12.07
C ALA C 24 -3.47 -39.64 12.55
N MET C 25 -2.16 -39.76 12.26
CA MET C 25 -1.34 -40.89 12.64
C MET C 25 -1.15 -40.98 14.13
N LYS C 26 -1.14 -39.81 14.82
CA LYS C 26 -1.00 -39.74 16.28
C LYS C 26 -2.29 -40.30 16.90
N GLU C 27 -3.44 -39.76 16.46
CA GLU C 27 -4.75 -40.16 16.91
C GLU C 27 -4.99 -41.65 16.66
N ALA C 28 -4.53 -42.17 15.50
CA ALA C 28 -4.64 -43.56 15.08
C ALA C 28 -3.94 -44.44 16.10
N ALA C 29 -2.67 -44.08 16.42
CA ALA C 29 -1.81 -44.78 17.38
C ALA C 29 -2.41 -44.78 18.78
N ALA C 30 -2.83 -43.59 19.27
CA ALA C 30 -3.43 -43.40 20.59
C ALA C 30 -4.65 -44.29 20.76
N ALA C 31 -5.55 -44.27 19.76
CA ALA C 31 -6.78 -45.05 19.74
C ALA C 31 -6.51 -46.56 19.70
N ALA C 32 -5.59 -46.98 18.80
CA ALA C 32 -5.22 -48.37 18.62
C ALA C 32 -4.67 -48.99 19.90
N LEU C 33 -3.70 -48.28 20.53
CA LEU C 33 -3.04 -48.70 21.76
C LEU C 33 -4.03 -48.76 22.93
N LYS C 34 -4.83 -47.68 23.13
CA LYS C 34 -5.85 -47.61 24.17
C LYS C 34 -6.80 -48.81 24.09
N LYS C 35 -7.21 -49.17 22.83
CA LYS C 35 -8.09 -50.31 22.51
C LYS C 35 -7.45 -51.63 22.96
N LYS C 36 -6.11 -51.76 22.79
CA LYS C 36 -5.39 -52.96 23.17
C LYS C 36 -4.96 -52.95 24.67
N GLY C 37 -5.62 -52.11 25.47
CA GLY C 37 -5.38 -51.99 26.91
C GLY C 37 -4.18 -51.18 27.38
N TRP C 38 -3.56 -50.37 26.50
CA TRP C 38 -2.43 -49.51 26.87
C TRP C 38 -2.90 -48.22 27.57
N GLU C 39 -1.98 -47.64 28.36
CA GLU C 39 -2.14 -46.37 29.04
C GLU C 39 -1.35 -45.41 28.16
N VAL C 40 -2.06 -44.55 27.40
CA VAL C 40 -1.44 -43.63 26.42
C VAL C 40 -1.33 -42.20 26.95
N VAL C 41 -0.11 -41.61 26.84
CA VAL C 41 0.23 -40.24 27.24
C VAL C 41 0.82 -39.54 26.04
N GLU C 42 0.41 -38.29 25.80
CA GLU C 42 0.90 -37.52 24.65
C GLU C 42 1.90 -36.43 25.02
N SER C 43 2.62 -35.95 24.00
CA SER C 43 3.53 -34.82 24.05
C SER C 43 3.44 -34.14 22.68
N ASP C 44 2.33 -33.40 22.46
CA ASP C 44 2.10 -32.66 21.21
C ASP C 44 2.91 -31.37 21.41
N LEU C 45 4.20 -31.42 21.02
CA LEU C 45 5.18 -30.36 21.23
C LEU C 45 4.69 -28.99 20.81
N TYR C 46 4.03 -28.88 19.63
CA TYR C 46 3.47 -27.61 19.17
C TYR C 46 2.34 -27.11 20.07
N ALA C 47 1.38 -27.99 20.42
CA ALA C 47 0.21 -27.70 21.27
C ALA C 47 0.66 -27.33 22.67
N MET C 48 1.76 -27.96 23.13
CA MET C 48 2.37 -27.75 24.44
C MET C 48 3.12 -26.43 24.46
N ASN C 49 3.37 -25.85 23.27
CA ASN C 49 4.14 -24.64 23.07
C ASN C 49 5.50 -24.82 23.74
N PHE C 50 6.05 -26.04 23.53
CA PHE C 50 7.32 -26.51 24.07
C PHE C 50 8.48 -25.61 23.70
N ASN C 51 9.37 -25.33 24.68
CA ASN C 51 10.57 -24.54 24.42
C ASN C 51 11.67 -25.46 23.94
N PRO C 52 12.11 -25.40 22.66
CA PRO C 52 13.14 -26.35 22.19
C PRO C 52 14.59 -25.87 22.38
N ILE C 53 14.78 -24.67 22.98
CA ILE C 53 16.14 -24.15 23.08
C ILE C 53 16.78 -24.36 24.45
N ILE C 54 17.88 -25.16 24.45
CA ILE C 54 18.72 -25.38 25.64
C ILE C 54 19.32 -24.00 26.04
N SER C 55 19.23 -23.64 27.34
CA SER C 55 19.72 -22.38 27.90
C SER C 55 20.06 -22.59 29.36
N ARG C 56 20.69 -21.57 30.00
CA ARG C 56 20.98 -21.66 31.43
C ARG C 56 19.69 -21.54 32.23
N LYS C 57 18.58 -21.14 31.56
CA LYS C 57 17.24 -21.02 32.13
C LYS C 57 16.66 -22.42 32.44
N ASP C 58 17.30 -23.51 31.94
CA ASP C 58 16.88 -24.89 32.19
C ASP C 58 17.30 -25.35 33.62
N ILE C 59 18.10 -24.50 34.34
CA ILE C 59 18.63 -24.75 35.68
C ILE C 59 18.12 -23.65 36.61
N THR C 60 17.20 -24.03 37.52
CA THR C 60 16.51 -23.21 38.54
C THR C 60 17.43 -22.77 39.70
N GLY C 61 18.35 -23.63 40.10
CA GLY C 61 19.28 -23.37 41.19
C GLY C 61 20.51 -22.57 40.79
N LYS C 62 21.45 -22.43 41.75
CA LYS C 62 22.70 -21.72 41.55
C LYS C 62 23.65 -22.61 40.73
N LEU C 63 24.21 -22.06 39.65
CA LEU C 63 25.13 -22.73 38.74
C LEU C 63 26.46 -23.01 39.43
N LYS C 64 27.17 -24.08 39.01
CA LYS C 64 28.47 -24.40 39.63
C LYS C 64 29.53 -23.38 39.18
N ASP C 65 29.61 -23.09 37.86
CA ASP C 65 30.52 -22.10 37.32
C ASP C 65 29.71 -21.18 36.41
N PRO C 66 29.11 -20.10 36.96
CA PRO C 66 28.30 -19.20 36.12
C PRO C 66 29.14 -18.37 35.15
N ALA C 67 30.43 -18.16 35.50
CA ALA C 67 31.40 -17.42 34.69
C ALA C 67 31.70 -18.17 33.40
N ASN C 68 31.87 -19.51 33.51
CA ASN C 68 32.10 -20.42 32.38
C ASN C 68 31.00 -21.52 32.40
N PHE C 69 29.83 -21.20 31.83
CA PHE C 69 28.72 -22.14 31.81
C PHE C 69 28.95 -23.20 30.78
N GLN C 70 28.82 -24.49 31.19
CA GLN C 70 28.91 -25.66 30.29
C GLN C 70 27.66 -26.50 30.51
N TYR C 71 26.75 -26.49 29.53
CA TYR C 71 25.43 -27.13 29.60
C TYR C 71 25.46 -28.57 30.06
N PRO C 72 26.27 -29.52 29.46
CA PRO C 72 26.25 -30.91 29.95
C PRO C 72 26.49 -31.05 31.46
N ALA C 73 27.62 -30.50 31.95
CA ALA C 73 28.02 -30.51 33.36
C ALA C 73 26.94 -29.97 34.30
N GLU C 74 26.40 -28.77 33.98
CA GLU C 74 25.40 -28.06 34.80
C GLU C 74 24.03 -28.74 34.78
N SER C 75 23.63 -29.30 33.60
CA SER C 75 22.33 -29.98 33.44
C SER C 75 22.27 -31.26 34.29
N VAL C 76 23.37 -32.00 34.39
CA VAL C 76 23.50 -33.20 35.21
C VAL C 76 23.33 -32.86 36.70
N LEU C 77 24.02 -31.78 37.18
CA LEU C 77 23.93 -31.24 38.55
C LEU C 77 22.50 -30.88 38.89
N ALA C 78 21.85 -30.15 37.95
CA ALA C 78 20.46 -29.76 38.08
C ALA C 78 19.58 -31.01 38.28
N TYR C 79 19.78 -32.07 37.47
CA TYR C 79 18.99 -33.31 37.54
C TYR C 79 19.16 -33.98 38.91
N LYS C 80 20.43 -34.22 39.28
CA LYS C 80 20.85 -34.87 40.52
C LYS C 80 20.36 -34.12 41.74
N GLU C 81 20.52 -32.79 41.76
CA GLU C 81 20.13 -31.94 42.89
C GLU C 81 18.65 -31.50 42.87
N GLY C 82 17.93 -31.91 41.85
CA GLY C 82 16.51 -31.65 41.71
C GLY C 82 16.08 -30.24 41.37
N HIS C 83 16.94 -29.47 40.68
CA HIS C 83 16.59 -28.09 40.27
C HIS C 83 16.64 -27.91 38.73
N LEU C 84 16.07 -28.88 37.98
CA LEU C 84 15.92 -28.73 36.52
C LEU C 84 14.60 -27.98 36.31
N SER C 85 14.45 -27.30 35.16
CA SER C 85 13.24 -26.56 34.83
C SER C 85 12.01 -27.51 34.90
N PRO C 86 10.91 -27.11 35.56
CA PRO C 86 9.75 -28.01 35.70
C PRO C 86 9.17 -28.58 34.41
N ASP C 87 9.29 -27.84 33.27
CA ASP C 87 8.80 -28.32 31.98
C ASP C 87 9.57 -29.56 31.52
N ILE C 88 10.93 -29.51 31.69
CA ILE C 88 11.86 -30.62 31.40
C ILE C 88 11.48 -31.81 32.30
N VAL C 89 11.36 -31.55 33.62
CA VAL C 89 11.00 -32.56 34.62
C VAL C 89 9.71 -33.30 34.26
N ALA C 90 8.68 -32.58 33.80
CA ALA C 90 7.40 -33.17 33.42
C ALA C 90 7.57 -34.21 32.31
N GLU C 91 8.38 -33.89 31.30
CA GLU C 91 8.68 -34.75 30.16
C GLU C 91 9.52 -35.94 30.59
N GLN C 92 10.46 -35.70 31.54
CA GLN C 92 11.32 -36.74 32.10
C GLN C 92 10.48 -37.77 32.86
N LYS C 93 9.47 -37.31 33.61
CA LYS C 93 8.55 -38.16 34.36
C LYS C 93 7.70 -39.02 33.42
N LYS C 94 7.34 -38.45 32.25
CA LYS C 94 6.57 -39.11 31.21
C LYS C 94 7.36 -40.28 30.64
N LEU C 95 8.67 -40.05 30.34
CA LEU C 95 9.61 -41.04 29.80
C LEU C 95 9.83 -42.16 30.77
N GLU C 96 10.13 -41.81 32.04
CA GLU C 96 10.39 -42.77 33.13
C GLU C 96 9.25 -43.80 33.14
N ALA C 97 7.98 -43.32 32.99
CA ALA C 97 6.76 -44.14 33.03
C ALA C 97 6.53 -45.01 31.81
N ALA C 98 6.80 -44.47 30.59
CA ALA C 98 6.58 -45.10 29.29
C ALA C 98 7.42 -46.35 29.04
N ASP C 99 6.78 -47.39 28.47
CA ASP C 99 7.43 -48.64 28.09
C ASP C 99 7.73 -48.55 26.59
N LEU C 100 6.77 -48.00 25.85
CA LEU C 100 6.88 -47.75 24.41
C LEU C 100 6.89 -46.24 24.17
N VAL C 101 7.80 -45.77 23.29
CA VAL C 101 7.85 -44.34 22.91
C VAL C 101 7.72 -44.20 21.40
N ILE C 102 6.64 -43.53 20.93
CA ILE C 102 6.38 -43.30 19.50
C ILE C 102 6.73 -41.89 19.13
N PHE C 103 7.53 -41.70 18.08
CA PHE C 103 7.89 -40.37 17.61
C PHE C 103 7.23 -40.13 16.27
N GLN C 104 6.09 -39.42 16.30
CA GLN C 104 5.35 -39.11 15.10
C GLN C 104 5.76 -37.75 14.58
N PHE C 105 6.35 -37.71 13.38
CA PHE C 105 6.80 -36.46 12.80
C PHE C 105 6.98 -36.49 11.25
N PRO C 106 6.82 -35.33 10.55
CA PRO C 106 7.20 -35.29 9.13
C PRO C 106 8.74 -35.18 8.99
N LEU C 107 9.34 -35.81 7.95
CA LEU C 107 10.79 -35.72 7.74
C LEU C 107 11.02 -34.28 7.31
N GLN C 108 11.96 -33.59 7.98
CA GLN C 108 12.27 -32.21 7.67
C GLN C 108 13.74 -32.02 7.57
N TRP C 109 14.20 -31.62 6.39
CA TRP C 109 15.62 -31.42 6.07
C TRP C 109 16.47 -32.64 6.47
N PHE C 110 15.98 -33.83 6.04
CA PHE C 110 16.60 -35.15 6.21
C PHE C 110 16.82 -35.56 7.70
N GLY C 111 15.92 -35.08 8.56
CA GLY C 111 15.93 -35.36 9.99
C GLY C 111 14.65 -34.98 10.70
N VAL C 112 14.74 -34.95 12.04
CA VAL C 112 13.60 -34.60 12.91
C VAL C 112 13.34 -33.09 12.84
N PRO C 113 12.06 -32.62 12.94
CA PRO C 113 11.83 -31.17 12.99
C PRO C 113 12.56 -30.54 14.20
N ALA C 114 13.02 -29.29 14.06
CA ALA C 114 13.70 -28.52 15.12
C ALA C 114 13.07 -28.64 16.49
N ILE C 115 11.71 -28.58 16.58
CA ILE C 115 11.03 -28.69 17.88
C ILE C 115 11.31 -30.04 18.58
N LEU C 116 11.46 -31.17 17.79
CA LEU C 116 11.73 -32.51 18.32
C LEU C 116 13.16 -32.59 18.70
N LYS C 117 14.05 -31.98 17.87
CA LYS C 117 15.48 -31.98 18.14
C LYS C 117 15.71 -31.32 19.48
N GLY C 118 15.04 -30.19 19.70
CA GLY C 118 15.10 -29.41 20.94
C GLY C 118 14.61 -30.17 22.14
N TRP C 119 13.59 -31.01 21.93
CA TRP C 119 13.00 -31.87 22.97
C TRP C 119 14.06 -32.87 23.44
N PHE C 120 14.79 -33.46 22.50
CA PHE C 120 15.86 -34.41 22.83
C PHE C 120 16.97 -33.72 23.61
N GLU C 121 17.40 -32.54 23.12
CA GLU C 121 18.49 -31.77 23.73
C GLU C 121 18.19 -31.40 25.19
N ARG C 122 17.03 -30.81 25.43
CA ARG C 122 16.56 -30.38 26.73
C ARG C 122 16.07 -31.49 27.69
N VAL C 123 15.48 -32.60 27.18
CA VAL C 123 14.90 -33.66 28.01
C VAL C 123 15.89 -34.81 28.26
N PHE C 124 16.66 -35.25 27.24
CA PHE C 124 17.65 -36.34 27.36
C PHE C 124 18.93 -35.80 27.99
N ILE C 125 18.86 -35.56 29.34
CA ILE C 125 19.90 -34.97 30.18
C ILE C 125 20.80 -36.06 30.73
N GLY C 126 22.07 -35.73 30.96
CA GLY C 126 23.06 -36.66 31.47
C GLY C 126 22.65 -37.26 32.78
N GLU C 127 22.82 -38.57 32.93
CA GLU C 127 22.47 -39.41 34.09
C GLU C 127 21.01 -39.89 34.03
N PHE C 128 20.12 -39.02 33.58
CA PHE C 128 18.75 -39.42 33.41
C PHE C 128 18.66 -40.31 32.18
N ALA C 129 19.01 -39.73 31.01
CA ALA C 129 18.88 -40.38 29.72
C ALA C 129 20.00 -41.28 29.33
N TYR C 130 21.24 -40.93 29.73
CA TYR C 130 22.48 -41.67 29.38
C TYR C 130 23.63 -41.41 30.38
N THR C 131 24.59 -42.35 30.44
CA THR C 131 25.84 -42.22 31.21
C THR C 131 26.92 -42.54 30.24
N TYR C 132 28.06 -41.95 30.47
CA TYR C 132 29.22 -42.18 29.62
C TYR C 132 29.75 -43.61 29.93
N ALA C 133 29.53 -44.03 31.20
CA ALA C 133 29.88 -45.33 31.77
C ALA C 133 29.10 -46.44 31.14
N ALA C 134 27.82 -46.19 30.80
CA ALA C 134 26.98 -47.19 30.16
C ALA C 134 26.24 -46.59 28.99
N MET C 135 26.91 -46.56 27.83
CA MET C 135 26.27 -46.04 26.64
C MET C 135 25.65 -47.23 25.92
N TYR C 136 24.77 -46.87 24.97
CA TYR C 136 24.10 -47.71 24.00
C TYR C 136 23.30 -48.85 24.69
N ASP C 137 23.54 -50.11 24.34
CA ASP C 137 22.77 -51.20 24.95
C ASP C 137 22.91 -51.31 26.53
N LYS C 138 23.78 -50.50 27.14
CA LYS C 138 23.92 -50.48 28.60
C LYS C 138 23.17 -49.28 29.22
N GLY C 139 22.60 -48.44 28.37
CA GLY C 139 21.89 -47.20 28.70
C GLY C 139 20.59 -47.30 29.49
N PRO C 140 20.23 -46.18 30.18
CA PRO C 140 19.04 -46.15 31.05
C PRO C 140 17.71 -46.66 30.50
N PHE C 141 17.47 -46.46 29.20
CA PHE C 141 16.20 -46.86 28.60
C PHE C 141 16.23 -48.26 28.00
N ARG C 142 17.22 -49.12 28.42
CA ARG C 142 17.38 -50.49 27.91
C ARG C 142 16.11 -51.33 28.08
N SER C 143 15.28 -50.98 29.06
CA SER C 143 14.04 -51.67 29.34
C SER C 143 12.86 -51.14 28.54
N LYS C 144 13.11 -50.11 27.73
CA LYS C 144 12.09 -49.45 26.87
C LYS C 144 12.30 -49.74 25.38
N LYS C 145 11.28 -49.49 24.57
CA LYS C 145 11.31 -49.66 23.11
C LYS C 145 10.85 -48.36 22.43
N ALA C 146 11.57 -47.94 21.39
CA ALA C 146 11.23 -46.70 20.64
C ALA C 146 10.95 -46.95 19.16
N VAL C 147 10.06 -46.14 18.55
CA VAL C 147 9.69 -46.22 17.12
C VAL C 147 9.66 -44.86 16.52
N LEU C 148 10.07 -44.76 15.25
CA LEU C 148 9.97 -43.53 14.49
C LEU C 148 8.85 -43.70 13.47
N SER C 149 7.82 -42.87 13.52
CA SER C 149 6.78 -42.93 12.47
C SER C 149 6.96 -41.65 11.66
N ILE C 150 7.54 -41.80 10.46
CA ILE C 150 7.91 -40.69 9.59
C ILE C 150 7.02 -40.60 8.36
N THR C 151 6.78 -39.36 7.91
CA THR C 151 6.05 -39.06 6.67
C THR C 151 6.99 -38.21 5.83
N THR C 152 7.06 -38.50 4.53
CA THR C 152 7.97 -37.77 3.65
C THR C 152 7.24 -37.17 2.47
N GLY C 153 7.82 -36.13 1.89
CA GLY C 153 7.27 -35.54 0.68
C GLY C 153 7.74 -36.28 -0.55
N GLY C 154 8.98 -36.76 -0.46
CA GLY C 154 9.70 -37.51 -1.48
C GLY C 154 9.31 -38.96 -1.47
N SER C 155 9.24 -39.56 -2.68
CA SER C 155 8.87 -40.96 -2.89
C SER C 155 9.94 -41.88 -2.40
N GLY C 156 9.56 -43.12 -2.14
CA GLY C 156 10.45 -44.18 -1.68
C GLY C 156 11.64 -44.42 -2.59
N SER C 157 11.41 -44.36 -3.92
CA SER C 157 12.44 -44.60 -4.92
C SER C 157 13.57 -43.59 -4.83
N MET C 158 13.27 -42.35 -4.34
CA MET C 158 14.27 -41.29 -4.18
C MET C 158 15.22 -41.61 -3.07
N TYR C 159 14.72 -42.39 -2.09
CA TYR C 159 15.45 -42.83 -0.90
C TYR C 159 15.98 -44.25 -0.99
N SER C 160 15.83 -44.89 -2.18
CA SER C 160 16.37 -46.22 -2.48
C SER C 160 17.86 -46.05 -2.74
N LEU C 161 18.61 -47.17 -2.85
CA LEU C 161 20.07 -47.10 -3.07
C LEU C 161 20.50 -46.30 -4.29
N GLN C 162 19.62 -46.25 -5.34
CA GLN C 162 19.81 -45.58 -6.65
C GLN C 162 19.06 -44.23 -6.84
N GLY C 163 18.27 -43.81 -5.83
CA GLY C 163 17.54 -42.54 -5.84
C GLY C 163 18.46 -41.36 -5.56
N ILE C 164 18.07 -40.13 -5.98
CA ILE C 164 18.92 -38.92 -5.80
C ILE C 164 19.29 -38.63 -4.37
N HIS C 165 18.37 -38.86 -3.41
CA HIS C 165 18.64 -38.55 -2.02
C HIS C 165 19.57 -39.55 -1.37
N GLY C 166 19.66 -40.72 -1.98
CA GLY C 166 20.48 -41.81 -1.48
C GLY C 166 19.79 -42.60 -0.40
N ASP C 167 20.46 -43.62 0.12
CA ASP C 167 19.93 -44.52 1.12
C ASP C 167 19.29 -43.83 2.33
N MET C 168 18.01 -44.20 2.60
CA MET C 168 17.23 -43.76 3.74
C MET C 168 17.87 -44.30 5.02
N ASN C 169 18.49 -45.49 4.96
CA ASN C 169 19.18 -46.11 6.10
C ASN C 169 20.26 -45.19 6.64
N VAL C 170 20.97 -44.47 5.75
CA VAL C 170 22.00 -43.48 6.14
C VAL C 170 21.37 -42.30 6.91
N ILE C 171 20.23 -41.76 6.41
CA ILE C 171 19.47 -40.66 7.02
C ILE C 171 19.00 -41.00 8.47
N LEU C 172 18.44 -42.22 8.65
CA LEU C 172 17.93 -42.74 9.92
C LEU C 172 18.99 -43.00 11.00
N TRP C 173 20.18 -43.48 10.60
CA TRP C 173 21.29 -43.81 11.51
C TRP C 173 21.54 -42.78 12.67
N PRO C 174 21.76 -41.45 12.40
CA PRO C 174 22.03 -40.53 13.51
C PRO C 174 20.90 -40.39 14.53
N ILE C 175 19.64 -40.68 14.14
CA ILE C 175 18.49 -40.60 15.05
C ILE C 175 18.38 -41.90 15.83
N GLN C 176 18.31 -43.01 15.11
CA GLN C 176 18.08 -44.34 15.66
C GLN C 176 19.24 -44.86 16.52
N SER C 177 20.49 -44.77 16.02
CA SER C 177 21.63 -45.15 16.85
C SER C 177 22.04 -43.97 17.79
N GLY C 178 22.33 -42.81 17.21
CA GLY C 178 22.84 -41.65 17.93
C GLY C 178 22.00 -41.12 19.07
N ILE C 179 20.67 -41.03 18.88
CA ILE C 179 19.79 -40.49 19.91
C ILE C 179 19.13 -41.61 20.71
N LEU C 180 18.30 -42.45 20.05
CA LEU C 180 17.54 -43.51 20.71
C LEU C 180 18.40 -44.68 21.30
N HIS C 181 19.16 -45.43 20.44
CA HIS C 181 19.97 -46.55 20.93
C HIS C 181 21.02 -46.12 21.92
N PHE C 182 21.59 -44.93 21.74
CA PHE C 182 22.59 -44.39 22.63
C PHE C 182 22.16 -44.37 24.10
N CYS C 183 20.88 -44.05 24.36
CA CYS C 183 20.28 -43.94 25.71
C CYS C 183 19.80 -45.27 26.30
N GLY C 184 19.83 -46.34 25.48
CA GLY C 184 19.44 -47.69 25.88
C GLY C 184 18.30 -48.31 25.11
N PHE C 185 17.48 -47.47 24.48
CA PHE C 185 16.31 -47.90 23.71
C PHE C 185 16.58 -49.03 22.74
N GLN C 186 15.63 -49.98 22.68
CA GLN C 186 15.61 -51.00 21.66
C GLN C 186 14.84 -50.30 20.55
N VAL C 187 15.49 -50.08 19.39
CA VAL C 187 14.84 -49.34 18.31
C VAL C 187 14.13 -50.32 17.40
N LEU C 188 12.80 -50.15 17.28
CA LEU C 188 11.96 -50.96 16.43
C LEU C 188 11.95 -50.40 14.99
N GLU C 189 11.55 -51.25 14.01
CA GLU C 189 11.50 -50.88 12.58
C GLU C 189 10.76 -49.57 12.41
N PRO C 190 11.33 -48.57 11.72
CA PRO C 190 10.59 -47.31 11.54
C PRO C 190 9.35 -47.47 10.64
N GLN C 191 8.28 -46.70 10.93
CA GLN C 191 7.08 -46.71 10.11
C GLN C 191 7.26 -45.59 9.11
N LEU C 192 7.72 -45.94 7.91
CA LEU C 192 8.05 -44.99 6.85
C LEU C 192 6.93 -44.82 5.88
N THR C 193 6.28 -43.67 5.94
CA THR C 193 5.20 -43.54 4.97
C THR C 193 5.66 -42.44 3.96
N TYR C 194 6.04 -42.87 2.74
CA TYR C 194 6.58 -42.00 1.69
C TYR C 194 5.53 -41.24 0.88
N SER C 195 5.95 -40.12 0.23
CA SER C 195 5.19 -39.21 -0.65
C SER C 195 3.70 -39.17 -0.32
N ILE C 196 3.42 -38.74 0.93
CA ILE C 196 2.08 -38.69 1.50
C ILE C 196 1.17 -37.69 0.72
N GLY C 197 1.75 -36.67 0.10
CA GLY C 197 1.01 -35.72 -0.72
C GLY C 197 0.46 -36.25 -2.04
N HIS C 198 1.02 -37.38 -2.53
CA HIS C 198 0.62 -38.06 -3.76
C HIS C 198 -0.36 -39.19 -3.54
N THR C 199 -0.51 -39.59 -2.28
CA THR C 199 -1.38 -40.67 -1.85
C THR C 199 -2.86 -40.27 -1.93
N PRO C 200 -3.70 -41.07 -2.63
CA PRO C 200 -5.13 -40.75 -2.67
C PRO C 200 -5.79 -41.03 -1.31
N ALA C 201 -6.95 -40.40 -1.06
CA ALA C 201 -7.69 -40.49 0.21
C ALA C 201 -7.89 -41.92 0.76
N ASP C 202 -8.33 -42.87 -0.09
CA ASP C 202 -8.55 -44.26 0.32
C ASP C 202 -7.29 -44.93 0.77
N ALA C 203 -6.17 -44.66 0.08
CA ALA C 203 -4.87 -45.22 0.42
C ALA C 203 -4.37 -44.67 1.72
N ARG C 204 -4.65 -43.37 2.03
CA ARG C 204 -4.29 -42.71 3.29
C ARG C 204 -5.02 -43.40 4.48
N ILE C 205 -6.29 -43.81 4.25
CA ILE C 205 -7.09 -44.55 5.22
C ILE C 205 -6.43 -45.91 5.46
N GLN C 206 -6.04 -46.63 4.37
CA GLN C 206 -5.36 -47.91 4.47
C GLN C 206 -4.05 -47.83 5.28
N ILE C 207 -3.29 -46.70 5.15
CA ILE C 207 -2.02 -46.44 5.87
C ILE C 207 -2.30 -46.38 7.38
N LEU C 208 -3.34 -45.62 7.77
CA LEU C 208 -3.75 -45.47 9.16
C LEU C 208 -4.19 -46.81 9.77
N GLU C 209 -4.98 -47.58 9.00
CA GLU C 209 -5.45 -48.89 9.45
C GLU C 209 -4.28 -49.88 9.65
N GLY C 210 -3.29 -49.80 8.77
CA GLY C 210 -2.09 -50.63 8.83
C GLY C 210 -1.22 -50.34 10.02
N TRP C 211 -1.07 -49.04 10.35
CA TRP C 211 -0.33 -48.53 11.51
C TRP C 211 -1.02 -49.03 12.79
N LYS C 212 -2.36 -48.96 12.83
CA LYS C 212 -3.18 -49.45 13.94
C LYS C 212 -3.01 -50.98 14.13
N LYS C 213 -3.08 -51.77 13.04
CA LYS C 213 -2.89 -53.23 13.08
C LYS C 213 -1.44 -53.62 13.52
N ARG C 214 -0.43 -52.76 13.20
CA ARG C 214 0.96 -53.02 13.59
C ARG C 214 1.10 -52.91 15.10
N LEU C 215 0.52 -51.82 15.64
CA LEU C 215 0.52 -51.48 17.06
C LEU C 215 -0.20 -52.51 17.95
N GLU C 216 -1.00 -53.40 17.33
CA GLU C 216 -1.69 -54.47 18.05
C GLU C 216 -0.68 -55.45 18.69
N ASN C 217 0.51 -55.63 18.05
CA ASN C 217 1.55 -56.54 18.54
C ASN C 217 2.94 -55.91 18.36
N ILE C 218 3.04 -54.58 18.54
CA ILE C 218 4.28 -53.81 18.41
C ILE C 218 5.35 -54.26 19.43
N TRP C 219 4.93 -54.58 20.67
CA TRP C 219 5.84 -54.97 21.73
C TRP C 219 6.56 -56.29 21.46
N ASP C 220 5.92 -57.22 20.73
CA ASP C 220 6.47 -58.53 20.41
C ASP C 220 7.46 -58.53 19.23
N GLU C 221 7.65 -57.37 18.57
CA GLU C 221 8.54 -57.24 17.43
C GLU C 221 10.01 -57.36 17.82
N THR C 222 10.85 -57.83 16.86
CA THR C 222 12.31 -57.91 17.05
C THR C 222 12.91 -56.55 16.66
N PRO C 223 13.80 -55.98 17.50
CA PRO C 223 14.33 -54.64 17.18
C PRO C 223 15.43 -54.64 16.11
N LEU C 224 15.80 -53.45 15.62
CA LEU C 224 16.86 -53.28 14.62
C LEU C 224 18.22 -53.67 15.22
N TYR C 225 19.16 -54.13 14.36
CA TYR C 225 20.48 -54.51 14.83
C TYR C 225 21.45 -53.34 14.94
N PHE C 226 22.07 -53.22 16.13
CA PHE C 226 23.15 -52.29 16.44
C PHE C 226 24.26 -53.15 17.04
N ALA C 227 25.53 -52.81 16.73
CA ALA C 227 26.68 -53.55 17.24
C ALA C 227 26.69 -53.50 18.77
N PRO C 228 26.65 -54.64 19.47
CA PRO C 228 26.65 -54.60 20.96
C PRO C 228 27.92 -53.96 21.53
N SER C 229 27.76 -53.20 22.64
CA SER C 229 28.87 -52.49 23.30
C SER C 229 29.99 -53.46 23.72
N SER C 230 29.63 -54.73 23.94
CA SER C 230 30.55 -55.80 24.29
C SER C 230 31.63 -56.04 23.21
N LEU C 231 31.42 -55.54 21.97
CA LEU C 231 32.38 -55.70 20.86
C LEU C 231 33.48 -54.64 20.91
N PHE C 232 33.38 -53.65 21.84
CA PHE C 232 34.31 -52.54 21.96
C PHE C 232 34.97 -52.46 23.34
N ASP C 233 36.25 -52.00 23.39
CA ASP C 233 37.02 -51.75 24.61
C ASP C 233 36.65 -50.33 25.02
N LEU C 234 35.63 -50.23 25.88
CA LEU C 234 35.03 -48.99 26.29
C LEU C 234 35.81 -48.25 27.36
N ASN C 235 36.91 -47.64 26.95
CA ASN C 235 37.76 -46.83 27.81
C ASN C 235 38.65 -45.91 26.97
N PHE C 236 39.04 -44.74 27.54
CA PHE C 236 39.92 -43.77 26.91
C PHE C 236 41.22 -44.41 26.43
N GLN C 237 41.94 -45.20 27.28
CA GLN C 237 43.19 -45.87 26.91
C GLN C 237 43.12 -46.64 25.56
N ALA C 238 41.96 -47.22 25.20
CA ALA C 238 41.75 -48.00 23.96
C ALA C 238 41.11 -47.18 22.80
N GLY C 239 40.64 -45.98 23.13
CA GLY C 239 40.04 -45.05 22.18
C GLY C 239 38.63 -45.42 21.76
N PHE C 240 37.95 -46.24 22.59
CA PHE C 240 36.59 -46.73 22.35
C PHE C 240 36.48 -47.47 21.02
N LEU C 241 37.50 -48.24 20.73
CA LEU C 241 37.56 -48.99 19.49
C LEU C 241 37.14 -50.43 19.67
N MET C 242 36.75 -51.05 18.56
CA MET C 242 36.35 -52.44 18.47
C MET C 242 37.50 -53.33 18.96
N LYS C 243 37.17 -54.35 19.77
CA LYS C 243 38.15 -55.29 20.33
C LYS C 243 38.94 -55.95 19.20
N LYS C 244 40.27 -56.01 19.31
CA LYS C 244 41.17 -56.59 18.29
C LYS C 244 40.75 -57.98 17.83
N GLU C 245 40.15 -58.78 18.74
CA GLU C 245 39.62 -60.12 18.47
C GLU C 245 38.40 -60.00 17.54
N VAL C 246 37.46 -59.04 17.83
CA VAL C 246 36.26 -58.77 17.04
C VAL C 246 36.68 -58.33 15.63
N GLN C 247 37.64 -57.40 15.56
CA GLN C 247 38.21 -56.88 14.33
C GLN C 247 38.68 -58.05 13.44
N ASP C 248 39.44 -59.01 14.01
CA ASP C 248 39.95 -60.20 13.29
C ASP C 248 38.84 -61.09 12.78
N GLU C 249 37.84 -61.34 13.64
CA GLU C 249 36.67 -62.17 13.36
C GLU C 249 35.92 -61.65 12.13
N GLU C 250 35.70 -60.34 12.11
CA GLU C 250 34.98 -59.63 11.06
C GLU C 250 35.74 -59.47 9.72
N LYS C 251 37.07 -59.73 9.73
CA LYS C 251 37.92 -59.58 8.55
C LYS C 251 37.40 -60.36 7.36
N ASN C 252 36.82 -61.55 7.57
CA ASN C 252 36.34 -62.40 6.46
C ASN C 252 34.84 -62.24 6.11
N LYS C 253 34.06 -61.40 6.80
CA LYS C 253 32.61 -61.19 6.52
C LYS C 253 32.41 -60.12 5.42
N LYS C 254 31.73 -60.42 4.28
CA LYS C 254 31.48 -59.48 3.15
C LYS C 254 30.93 -58.16 3.58
N PHE C 255 30.08 -58.18 4.62
CA PHE C 255 29.37 -57.00 5.11
C PHE C 255 29.85 -56.50 6.42
N GLY C 256 29.58 -55.23 6.63
CA GLY C 256 29.84 -54.57 7.91
C GLY C 256 28.77 -54.94 8.92
N LEU C 257 28.84 -54.37 10.14
CA LEU C 257 27.89 -54.68 11.19
C LEU C 257 26.60 -53.87 11.14
N SER C 258 26.74 -52.53 11.02
CA SER C 258 25.66 -51.56 11.01
C SER C 258 25.97 -50.50 9.94
N VAL C 259 25.10 -49.48 9.76
CA VAL C 259 25.31 -48.37 8.84
C VAL C 259 26.60 -47.63 9.27
N GLY C 260 26.73 -47.35 10.56
CA GLY C 260 27.88 -46.66 11.12
C GLY C 260 29.10 -47.52 11.26
N HIS C 261 28.89 -48.83 11.48
CA HIS C 261 29.98 -49.82 11.59
C HIS C 261 30.03 -50.64 10.32
N HIS C 262 30.05 -49.93 9.18
CA HIS C 262 30.14 -50.54 7.86
C HIS C 262 31.54 -51.12 7.63
N LEU C 263 32.53 -50.65 8.42
CA LEU C 263 33.91 -51.13 8.41
C LEU C 263 34.57 -51.05 7.03
N GLY C 264 34.09 -50.13 6.21
CA GLY C 264 34.60 -49.94 4.85
C GLY C 264 34.18 -51.01 3.89
N LYS C 265 33.29 -51.92 4.35
CA LYS C 265 32.69 -53.04 3.64
C LYS C 265 31.26 -52.61 3.28
N SER C 266 30.45 -53.52 2.72
CA SER C 266 29.06 -53.25 2.33
C SER C 266 28.15 -53.06 3.55
N ILE C 267 27.21 -52.09 3.49
CA ILE C 267 26.27 -51.91 4.60
C ILE C 267 25.20 -53.03 4.51
N PRO C 268 25.00 -53.82 5.60
CA PRO C 268 23.97 -54.87 5.53
C PRO C 268 22.64 -54.25 5.14
N THR C 269 22.01 -54.82 4.09
CA THR C 269 20.77 -54.31 3.51
C THR C 269 19.72 -53.95 4.58
N ASP C 270 19.14 -52.73 4.47
CA ASP C 270 18.10 -52.21 5.38
C ASP C 270 18.42 -52.42 6.84
N ASN C 271 19.65 -52.10 7.23
CA ASN C 271 20.10 -52.25 8.62
C ASN C 271 19.22 -51.47 9.58
N GLN C 272 18.89 -50.22 9.18
CA GLN C 272 18.08 -49.25 9.94
C GLN C 272 16.58 -49.27 9.60
N ILE C 273 16.14 -50.11 8.66
CA ILE C 273 14.73 -50.16 8.25
C ILE C 273 14.07 -51.50 8.62
N LYS C 274 14.83 -52.59 8.60
CA LYS C 274 14.36 -53.95 8.85
C LYS C 274 15.22 -54.75 9.91
N ALA C 275 14.61 -55.78 10.57
CA ALA C 275 15.21 -56.50 11.70
C ALA C 275 16.03 -57.83 11.44
N ARG C 276 15.41 -59.09 11.42
CA ARG C 276 16.09 -60.43 11.35
C ARG C 276 17.53 -60.40 10.86
N ARG D 7 34.47 -12.68 -2.07
CA ARG D 7 34.55 -11.40 -1.36
C ARG D 7 33.68 -11.32 -0.07
N ARG D 8 32.43 -11.84 -0.11
CA ARG D 8 31.50 -11.80 1.03
C ARG D 8 31.33 -13.14 1.72
N ALA D 9 31.31 -13.13 3.06
CA ALA D 9 31.16 -14.34 3.86
C ALA D 9 30.11 -14.18 4.98
N LEU D 10 29.45 -15.31 5.34
CA LEU D 10 28.45 -15.34 6.40
C LEU D 10 28.82 -16.40 7.42
N ILE D 11 28.93 -16.01 8.69
CA ILE D 11 29.20 -16.96 9.77
C ILE D 11 27.94 -17.16 10.59
N VAL D 12 27.38 -18.40 10.54
CA VAL D 12 26.16 -18.78 11.28
C VAL D 12 26.62 -19.53 12.53
N LEU D 13 26.42 -18.93 13.76
CA LEU D 13 26.86 -19.51 15.05
C LEU D 13 25.72 -19.98 15.96
N ALA D 14 25.78 -21.27 16.33
CA ALA D 14 24.80 -21.89 17.21
C ALA D 14 25.31 -22.22 18.63
N HIS D 15 25.68 -21.17 19.40
CA HIS D 15 26.14 -21.30 20.79
C HIS D 15 25.64 -20.13 21.65
N SER D 16 25.27 -20.42 22.91
CA SER D 16 24.76 -19.41 23.84
C SER D 16 25.83 -18.55 24.49
N GLU D 17 26.96 -19.17 24.89
CA GLU D 17 28.04 -18.57 25.66
C GLU D 17 29.17 -17.93 24.87
N ARG D 18 29.54 -16.66 25.22
CA ARG D 18 30.66 -15.96 24.60
C ARG D 18 31.99 -16.61 25.07
N THR D 19 31.95 -17.24 26.27
CA THR D 19 33.02 -17.95 26.97
C THR D 19 33.40 -19.32 26.34
N SER D 20 32.61 -19.76 25.33
CA SER D 20 32.76 -21.06 24.66
C SER D 20 33.86 -21.08 23.62
N PHE D 21 34.36 -22.29 23.27
CA PHE D 21 35.35 -22.44 22.22
C PHE D 21 34.71 -22.17 20.88
N ASN D 22 33.40 -22.48 20.75
CA ASN D 22 32.62 -22.20 19.54
C ASN D 22 32.58 -20.70 19.25
N TYR D 23 32.42 -19.85 20.30
CA TYR D 23 32.42 -18.41 20.12
C TYR D 23 33.79 -17.94 19.69
N ALA D 24 34.85 -18.54 20.29
CA ALA D 24 36.27 -18.27 19.99
C ALA D 24 36.58 -18.54 18.52
N MET D 25 36.07 -19.68 18.01
CA MET D 25 36.21 -20.14 16.64
C MET D 25 35.51 -19.21 15.66
N LYS D 26 34.39 -18.59 16.10
CA LYS D 26 33.61 -17.66 15.28
C LYS D 26 34.44 -16.40 15.13
N GLU D 27 34.91 -15.83 16.25
CA GLU D 27 35.75 -14.64 16.29
C GLU D 27 37.04 -14.83 15.49
N ALA D 28 37.65 -16.02 15.60
CA ALA D 28 38.87 -16.42 14.88
C ALA D 28 38.63 -16.31 13.38
N ALA D 29 37.53 -16.94 12.89
CA ALA D 29 37.10 -16.95 11.49
C ALA D 29 36.84 -15.54 10.98
N ALA D 30 36.01 -14.77 11.73
CA ALA D 30 35.63 -13.42 11.39
C ALA D 30 36.86 -12.53 11.20
N ALA D 31 37.80 -12.59 12.16
CA ALA D 31 39.06 -11.85 12.16
C ALA D 31 39.97 -12.24 10.99
N ALA D 32 40.15 -13.57 10.80
CA ALA D 32 40.98 -14.14 9.75
C ALA D 32 40.52 -13.68 8.36
N LEU D 33 39.20 -13.83 8.11
CA LEU D 33 38.59 -13.47 6.84
C LEU D 33 38.66 -11.97 6.59
N LYS D 34 38.28 -11.15 7.59
CA LYS D 34 38.34 -9.69 7.51
C LYS D 34 39.76 -9.24 7.12
N LYS D 35 40.79 -9.86 7.75
CA LYS D 35 42.21 -9.59 7.50
C LYS D 35 42.57 -9.88 6.04
N LYS D 36 42.01 -10.98 5.46
CA LYS D 36 42.24 -11.35 4.06
C LYS D 36 41.31 -10.60 3.06
N GLY D 37 40.74 -9.48 3.51
CA GLY D 37 39.88 -8.60 2.71
C GLY D 37 38.42 -8.99 2.51
N TRP D 38 37.92 -9.97 3.29
CA TRP D 38 36.54 -10.39 3.18
C TRP D 38 35.60 -9.42 3.90
N GLU D 39 34.35 -9.40 3.45
CA GLU D 39 33.27 -8.65 4.05
C GLU D 39 32.53 -9.74 4.85
N VAL D 40 32.66 -9.71 6.19
CA VAL D 40 32.09 -10.72 7.09
C VAL D 40 30.79 -10.26 7.78
N VAL D 41 29.75 -11.09 7.68
CA VAL D 41 28.44 -10.84 8.29
C VAL D 41 28.15 -12.05 9.19
N GLU D 42 27.62 -11.78 10.39
CA GLU D 42 27.31 -12.84 11.36
C GLU D 42 25.82 -13.17 11.50
N SER D 43 25.54 -14.34 12.08
CA SER D 43 24.20 -14.81 12.44
C SER D 43 24.35 -15.62 13.73
N ASP D 44 24.53 -14.89 14.87
CA ASP D 44 24.66 -15.51 16.20
C ASP D 44 23.23 -15.76 16.63
N LEU D 45 22.71 -16.94 16.29
CA LEU D 45 21.32 -17.34 16.47
C LEU D 45 20.79 -17.08 17.89
N TYR D 46 21.59 -17.41 18.91
CA TYR D 46 21.21 -17.18 20.32
C TYR D 46 21.06 -15.67 20.61
N ALA D 47 22.09 -14.87 20.21
CA ALA D 47 22.17 -13.42 20.38
C ALA D 47 21.06 -12.70 19.63
N MET D 48 20.71 -13.21 18.47
CA MET D 48 19.65 -12.72 17.61
C MET D 48 18.28 -13.03 18.20
N ASN D 49 18.21 -13.93 19.23
CA ASN D 49 16.97 -14.39 19.87
C ASN D 49 16.08 -15.02 18.75
N PHE D 50 16.76 -15.80 17.90
CA PHE D 50 16.16 -16.43 16.73
C PHE D 50 15.04 -17.42 17.10
N ASN D 51 13.92 -17.36 16.38
CA ASN D 51 12.82 -18.30 16.55
C ASN D 51 13.08 -19.47 15.62
N PRO D 52 13.38 -20.67 16.16
CA PRO D 52 13.68 -21.81 15.27
C PRO D 52 12.45 -22.65 14.84
N ILE D 53 11.24 -22.25 15.25
CA ILE D 53 10.09 -23.06 14.93
C ILE D 53 9.28 -22.54 13.75
N ILE D 54 9.23 -23.38 12.67
CA ILE D 54 8.39 -23.14 11.49
C ILE D 54 6.93 -23.14 11.97
N SER D 55 6.15 -22.12 11.57
CA SER D 55 4.74 -21.90 11.95
C SER D 55 4.04 -21.06 10.89
N ARG D 56 2.73 -20.89 11.01
CA ARG D 56 1.99 -20.03 10.07
C ARG D 56 2.31 -18.55 10.34
N LYS D 57 2.99 -18.28 11.49
CA LYS D 57 3.47 -16.95 11.93
C LYS D 57 4.63 -16.51 11.03
N ASP D 58 5.17 -17.41 10.18
CA ASP D 58 6.27 -17.09 9.24
C ASP D 58 5.71 -16.37 7.97
N ILE D 59 4.36 -16.33 7.82
CA ILE D 59 3.63 -15.72 6.71
C ILE D 59 2.80 -14.53 7.21
N THR D 60 3.22 -13.32 6.74
CA THR D 60 2.69 -11.96 7.00
C THR D 60 1.33 -11.69 6.34
N GLY D 61 1.13 -12.23 5.14
CA GLY D 61 -0.11 -12.01 4.42
C GLY D 61 -1.20 -13.03 4.70
N LYS D 62 -2.25 -13.00 3.87
CA LYS D 62 -3.37 -13.93 3.92
C LYS D 62 -2.90 -15.25 3.33
N LEU D 63 -3.15 -16.36 4.06
CA LEU D 63 -2.79 -17.73 3.63
C LEU D 63 -3.69 -18.16 2.50
N LYS D 64 -3.20 -19.07 1.64
CA LYS D 64 -3.99 -19.51 0.51
C LYS D 64 -5.12 -20.46 0.95
N ASP D 65 -4.83 -21.37 1.88
CA ASP D 65 -5.81 -22.29 2.46
C ASP D 65 -5.59 -22.28 3.97
N PRO D 66 -6.21 -21.35 4.72
CA PRO D 66 -6.00 -21.30 6.18
C PRO D 66 -6.64 -22.48 6.93
N ALA D 67 -7.69 -23.06 6.32
CA ALA D 67 -8.41 -24.21 6.84
C ALA D 67 -7.53 -25.47 6.85
N ASN D 68 -6.65 -25.64 5.85
CA ASN D 68 -5.75 -26.81 5.75
C ASN D 68 -4.35 -26.35 5.29
N PHE D 69 -3.67 -25.70 6.27
CA PHE D 69 -2.37 -25.07 6.11
C PHE D 69 -1.33 -26.09 5.81
N GLN D 70 -0.57 -25.88 4.71
CA GLN D 70 0.54 -26.75 4.30
C GLN D 70 1.79 -25.90 4.16
N TYR D 71 2.74 -25.97 5.15
CA TYR D 71 3.95 -25.12 5.22
C TYR D 71 4.74 -25.00 3.93
N PRO D 72 5.14 -26.11 3.24
CA PRO D 72 5.91 -25.94 1.99
C PRO D 72 5.21 -25.02 0.97
N ALA D 73 3.96 -25.35 0.57
CA ALA D 73 3.18 -24.58 -0.39
C ALA D 73 3.05 -23.11 -0.04
N GLU D 74 2.65 -22.81 1.23
CA GLU D 74 2.41 -21.46 1.75
C GLU D 74 3.68 -20.64 1.91
N SER D 75 4.80 -21.29 2.32
CA SER D 75 6.07 -20.60 2.50
C SER D 75 6.65 -20.10 1.16
N VAL D 76 6.52 -20.94 0.10
CA VAL D 76 6.98 -20.64 -1.26
C VAL D 76 6.21 -19.43 -1.78
N LEU D 77 4.88 -19.50 -1.64
CA LEU D 77 3.97 -18.45 -2.08
C LEU D 77 4.28 -17.13 -1.37
N ALA D 78 4.62 -17.20 -0.07
CA ALA D 78 5.02 -16.06 0.75
C ALA D 78 6.29 -15.44 0.17
N TYR D 79 7.29 -16.27 -0.11
CA TYR D 79 8.54 -15.81 -0.68
C TYR D 79 8.29 -15.06 -1.99
N LYS D 80 7.60 -15.74 -2.94
CA LYS D 80 7.25 -15.24 -4.26
C LYS D 80 6.48 -13.91 -4.21
N GLU D 81 5.46 -13.82 -3.33
CA GLU D 81 4.60 -12.66 -3.19
C GLU D 81 5.16 -11.58 -2.25
N GLY D 82 6.29 -11.87 -1.61
CA GLY D 82 6.97 -10.94 -0.70
C GLY D 82 6.36 -10.75 0.68
N HIS D 83 5.71 -11.81 1.23
CA HIS D 83 5.05 -11.82 2.54
C HIS D 83 5.68 -12.80 3.55
N LEU D 84 7.02 -12.85 3.65
CA LEU D 84 7.67 -13.70 4.66
C LEU D 84 7.95 -12.86 5.88
N SER D 85 8.05 -13.50 7.06
CA SER D 85 8.37 -12.85 8.35
C SER D 85 9.71 -12.07 8.22
N PRO D 86 9.79 -10.81 8.74
CA PRO D 86 11.02 -10.00 8.57
C PRO D 86 12.32 -10.66 8.95
N ASP D 87 12.32 -11.47 10.02
CA ASP D 87 13.51 -12.17 10.49
C ASP D 87 14.02 -13.15 9.46
N ILE D 88 13.10 -13.91 8.80
CA ILE D 88 13.41 -14.86 7.72
C ILE D 88 14.04 -14.08 6.55
N VAL D 89 13.37 -13.01 6.13
CA VAL D 89 13.81 -12.15 5.03
C VAL D 89 15.25 -11.65 5.22
N ALA D 90 15.56 -11.17 6.44
CA ALA D 90 16.86 -10.63 6.79
C ALA D 90 17.95 -11.66 6.55
N GLU D 91 17.71 -12.93 6.99
CA GLU D 91 18.62 -14.07 6.84
C GLU D 91 18.78 -14.46 5.39
N GLN D 92 17.68 -14.39 4.62
CA GLN D 92 17.66 -14.71 3.19
C GLN D 92 18.50 -13.71 2.42
N LYS D 93 18.42 -12.43 2.82
CA LYS D 93 19.20 -11.35 2.21
C LYS D 93 20.70 -11.51 2.49
N LYS D 94 21.03 -12.05 3.70
CA LYS D 94 22.39 -12.34 4.12
C LYS D 94 22.99 -13.43 3.24
N LEU D 95 22.22 -14.52 2.99
CA LEU D 95 22.62 -15.66 2.16
C LEU D 95 22.82 -15.24 0.72
N GLU D 96 21.85 -14.49 0.14
CA GLU D 96 21.91 -13.98 -1.25
C GLU D 96 23.26 -13.30 -1.48
N ALA D 97 23.68 -12.49 -0.49
CA ALA D 97 24.92 -11.73 -0.53
C ALA D 97 26.21 -12.53 -0.38
N ALA D 98 26.22 -13.52 0.52
CA ALA D 98 27.38 -14.36 0.85
C ALA D 98 27.86 -15.28 -0.26
N ASP D 99 29.20 -15.39 -0.41
CA ASP D 99 29.89 -16.31 -1.33
C ASP D 99 30.27 -17.54 -0.52
N LEU D 100 30.76 -17.32 0.71
CA LEU D 100 31.15 -18.38 1.64
C LEU D 100 30.20 -18.38 2.83
N VAL D 101 29.75 -19.57 3.25
CA VAL D 101 28.90 -19.72 4.43
C VAL D 101 29.53 -20.69 5.43
N ILE D 102 29.89 -20.20 6.63
CA ILE D 102 30.51 -21.01 7.69
C ILE D 102 29.49 -21.32 8.76
N PHE D 103 29.35 -22.60 9.11
CA PHE D 103 28.43 -23.02 10.17
C PHE D 103 29.22 -23.46 11.38
N GLN D 104 29.40 -22.56 12.35
CA GLN D 104 30.13 -22.83 13.57
C GLN D 104 29.15 -23.30 14.65
N PHE D 105 29.31 -24.56 15.10
CA PHE D 105 28.44 -25.13 16.11
C PHE D 105 29.03 -26.35 16.86
N PRO D 106 28.70 -26.57 18.15
CA PRO D 106 29.08 -27.86 18.77
C PRO D 106 28.13 -28.95 18.24
N LEU D 107 28.63 -30.21 18.12
CA LEU D 107 27.83 -31.38 17.73
C LEU D 107 26.88 -31.67 18.90
N GLN D 108 25.59 -31.74 18.60
CA GLN D 108 24.59 -32.01 19.61
C GLN D 108 23.68 -33.10 19.13
N TRP D 109 23.69 -34.23 19.86
CA TRP D 109 22.92 -35.41 19.56
C TRP D 109 23.11 -35.87 18.09
N PHE D 110 24.38 -35.95 17.68
CA PHE D 110 24.85 -36.40 16.36
C PHE D 110 24.34 -35.54 15.17
N GLY D 111 24.12 -34.27 15.46
CA GLY D 111 23.69 -33.31 14.46
C GLY D 111 23.85 -31.86 14.88
N VAL D 112 23.21 -30.97 14.11
CA VAL D 112 23.24 -29.53 14.36
C VAL D 112 22.37 -29.20 15.59
N PRO D 113 22.71 -28.18 16.44
CA PRO D 113 21.80 -27.83 17.55
C PRO D 113 20.42 -27.40 17.00
N ALA D 114 19.33 -27.73 17.73
CA ALA D 114 17.95 -27.42 17.36
C ALA D 114 17.77 -26.01 16.81
N ILE D 115 18.46 -24.99 17.42
CA ILE D 115 18.36 -23.61 16.94
C ILE D 115 18.85 -23.48 15.46
N LEU D 116 19.90 -24.24 15.05
CA LEU D 116 20.43 -24.19 13.68
C LEU D 116 19.51 -24.96 12.76
N LYS D 117 18.98 -26.09 13.26
CA LYS D 117 18.06 -26.91 12.48
C LYS D 117 16.87 -26.08 12.10
N GLY D 118 16.35 -25.32 13.08
CA GLY D 118 15.23 -24.40 12.92
C GLY D 118 15.52 -23.29 11.93
N TRP D 119 16.77 -22.83 11.90
CA TRP D 119 17.22 -21.78 10.99
C TRP D 119 17.13 -22.29 9.55
N PHE D 120 17.57 -23.53 9.30
CA PHE D 120 17.50 -24.15 8.00
C PHE D 120 16.06 -24.30 7.55
N GLU D 121 15.20 -24.83 8.42
CA GLU D 121 13.79 -25.08 8.15
C GLU D 121 13.05 -23.80 7.74
N ARG D 122 13.21 -22.73 8.55
CA ARG D 122 12.59 -21.40 8.36
C ARG D 122 13.21 -20.52 7.26
N VAL D 123 14.56 -20.61 7.03
CA VAL D 123 15.29 -19.74 6.07
C VAL D 123 15.40 -20.38 4.70
N PHE D 124 15.73 -21.68 4.62
CA PHE D 124 15.87 -22.39 3.34
C PHE D 124 14.48 -22.76 2.82
N ILE D 125 13.78 -21.73 2.28
CA ILE D 125 12.39 -21.79 1.79
C ILE D 125 12.37 -22.25 0.35
N GLY D 126 11.27 -22.94 0.04
CA GLY D 126 10.88 -23.56 -1.22
C GLY D 126 11.31 -23.04 -2.59
N GLU D 127 11.42 -21.72 -2.81
CA GLU D 127 11.86 -21.37 -4.16
C GLU D 127 13.18 -20.65 -4.14
N PHE D 128 13.48 -20.09 -2.98
CA PHE D 128 14.68 -19.33 -2.64
C PHE D 128 15.92 -20.22 -2.60
N ALA D 129 15.89 -21.30 -1.77
CA ALA D 129 17.00 -22.22 -1.51
C ALA D 129 17.04 -23.48 -2.35
N TYR D 130 15.91 -23.93 -2.88
CA TYR D 130 15.86 -25.13 -3.72
C TYR D 130 14.67 -25.11 -4.66
N THR D 131 14.65 -26.02 -5.60
CA THR D 131 13.55 -26.25 -6.53
C THR D 131 13.71 -27.71 -6.90
N TYR D 132 12.59 -28.42 -7.11
CA TYR D 132 12.69 -29.81 -7.50
C TYR D 132 13.28 -29.90 -8.94
N ALA D 133 13.20 -28.79 -9.71
CA ALA D 133 13.80 -28.71 -11.02
C ALA D 133 15.34 -28.61 -10.90
N ALA D 134 15.84 -27.61 -10.15
CA ALA D 134 17.26 -27.37 -9.89
C ALA D 134 17.65 -27.89 -8.49
N MET D 135 17.88 -29.21 -8.44
CA MET D 135 18.22 -29.97 -7.24
C MET D 135 19.70 -30.28 -7.23
N TYR D 136 20.27 -30.26 -6.03
CA TYR D 136 21.63 -30.61 -5.78
C TYR D 136 22.59 -29.71 -6.59
N ASP D 137 23.48 -30.24 -7.49
CA ASP D 137 24.46 -29.41 -8.22
C ASP D 137 23.85 -28.32 -9.10
N LYS D 138 22.56 -28.44 -9.39
CA LYS D 138 21.85 -27.45 -10.19
C LYS D 138 21.11 -26.40 -9.33
N GLY D 139 21.24 -26.55 -8.01
CA GLY D 139 20.60 -25.72 -7.00
C GLY D 139 20.90 -24.23 -7.00
N PRO D 140 20.03 -23.42 -6.35
CA PRO D 140 20.26 -21.97 -6.30
C PRO D 140 21.61 -21.48 -5.76
N PHE D 141 22.21 -22.21 -4.82
CA PHE D 141 23.47 -21.78 -4.21
C PHE D 141 24.71 -22.38 -4.89
N ARG D 142 24.59 -22.81 -6.19
CA ARG D 142 25.70 -23.43 -6.98
C ARG D 142 26.95 -22.51 -7.10
N SER D 143 26.69 -21.19 -6.96
CA SER D 143 27.72 -20.16 -7.02
C SER D 143 28.37 -19.92 -5.65
N LYS D 144 27.88 -20.61 -4.60
CA LYS D 144 28.36 -20.46 -3.22
C LYS D 144 29.09 -21.70 -2.72
N LYS D 145 29.85 -21.54 -1.62
CA LYS D 145 30.60 -22.62 -0.96
C LYS D 145 30.26 -22.62 0.52
N ALA D 146 29.98 -23.81 1.10
CA ALA D 146 29.66 -23.95 2.53
C ALA D 146 30.66 -24.84 3.29
N VAL D 147 30.87 -24.56 4.60
CA VAL D 147 31.74 -25.31 5.51
C VAL D 147 31.07 -25.54 6.84
N LEU D 148 31.32 -26.71 7.45
CA LEU D 148 30.82 -27.03 8.78
C LEU D 148 32.01 -27.02 9.71
N SER D 149 32.01 -26.14 10.73
CA SER D 149 33.09 -26.16 11.72
C SER D 149 32.46 -26.70 13.00
N ILE D 150 32.74 -27.97 13.29
CA ILE D 150 32.13 -28.71 14.40
C ILE D 150 33.11 -28.93 15.56
N THR D 151 32.56 -28.98 16.79
CA THR D 151 33.30 -29.28 18.01
C THR D 151 32.54 -30.39 18.67
N THR D 152 33.23 -31.45 19.09
CA THR D 152 32.57 -32.59 19.73
C THR D 152 33.12 -32.83 21.11
N GLY D 153 32.34 -33.53 21.92
CA GLY D 153 32.75 -33.96 23.25
C GLY D 153 33.58 -35.22 23.15
N GLY D 154 33.18 -36.12 22.25
CA GLY D 154 33.86 -37.39 22.01
C GLY D 154 35.12 -37.27 21.18
N SER D 155 36.07 -38.19 21.41
CA SER D 155 37.34 -38.24 20.69
C SER D 155 37.16 -38.72 19.25
N GLY D 156 38.13 -38.42 18.40
CA GLY D 156 38.10 -38.82 17.00
C GLY D 156 38.03 -40.31 16.78
N SER D 157 38.70 -41.11 17.65
CA SER D 157 38.71 -42.56 17.55
C SER D 157 37.32 -43.15 17.72
N MET D 158 36.45 -42.48 18.48
CA MET D 158 35.07 -42.91 18.71
C MET D 158 34.26 -42.80 17.47
N TYR D 159 34.65 -41.84 16.59
CA TYR D 159 34.03 -41.54 15.30
C TYR D 159 34.78 -42.14 14.09
N SER D 160 35.83 -42.95 14.36
CA SER D 160 36.58 -43.71 13.33
C SER D 160 35.71 -44.89 12.91
N LEU D 161 36.08 -45.62 11.84
CA LEU D 161 35.31 -46.78 11.37
C LEU D 161 35.04 -47.87 12.43
N GLN D 162 35.94 -47.99 13.43
CA GLN D 162 35.93 -48.97 14.52
C GLN D 162 35.50 -48.42 15.90
N GLY D 163 35.26 -47.10 16.02
CA GLY D 163 34.81 -46.49 17.27
C GLY D 163 33.34 -46.78 17.57
N ILE D 164 32.90 -46.70 18.87
CA ILE D 164 31.50 -47.00 19.30
C ILE D 164 30.43 -46.21 18.54
N HIS D 165 30.69 -44.92 18.27
CA HIS D 165 29.70 -44.08 17.58
C HIS D 165 29.60 -44.41 16.07
N GLY D 166 30.66 -45.05 15.55
CA GLY D 166 30.74 -45.39 14.14
C GLY D 166 31.18 -44.21 13.30
N ASP D 167 31.15 -44.39 11.99
CA ASP D 167 31.62 -43.41 11.02
C ASP D 167 31.03 -42.01 11.09
N MET D 168 31.92 -41.04 11.32
CA MET D 168 31.59 -39.62 11.32
C MET D 168 31.04 -39.22 9.93
N ASN D 169 31.54 -39.86 8.85
CA ASN D 169 31.08 -39.62 7.49
C ASN D 169 29.58 -39.86 7.37
N VAL D 170 29.06 -40.90 8.10
CA VAL D 170 27.64 -41.24 8.09
C VAL D 170 26.83 -40.11 8.78
N ILE D 171 27.34 -39.59 9.91
CA ILE D 171 26.74 -38.50 10.70
C ILE D 171 26.58 -37.23 9.85
N LEU D 172 27.65 -36.86 9.13
CA LEU D 172 27.73 -35.67 8.31
C LEU D 172 26.84 -35.66 7.06
N TRP D 173 26.67 -36.84 6.42
CA TRP D 173 25.90 -37.02 5.18
C TRP D 173 24.53 -36.27 5.16
N PRO D 174 23.60 -36.46 6.13
CA PRO D 174 22.31 -35.75 6.03
C PRO D 174 22.39 -34.23 6.08
N ILE D 175 23.46 -33.64 6.68
CA ILE D 175 23.65 -32.20 6.73
C ILE D 175 24.32 -31.72 5.45
N GLN D 176 25.47 -32.32 5.09
CA GLN D 176 26.27 -31.92 3.94
C GLN D 176 25.62 -32.22 2.58
N SER D 177 25.02 -33.43 2.40
CA SER D 177 24.32 -33.76 1.15
C SER D 177 22.89 -33.27 1.15
N GLY D 178 22.16 -33.62 2.22
CA GLY D 178 20.74 -33.34 2.39
C GLY D 178 20.34 -31.88 2.54
N ILE D 179 21.11 -31.09 3.32
CA ILE D 179 20.76 -29.68 3.52
C ILE D 179 21.57 -28.80 2.57
N LEU D 180 22.91 -28.82 2.65
CA LEU D 180 23.79 -27.94 1.90
C LEU D 180 23.86 -28.24 0.40
N HIS D 181 24.36 -29.43 0.02
CA HIS D 181 24.49 -29.78 -1.39
C HIS D 181 23.14 -29.77 -2.13
N PHE D 182 22.07 -30.19 -1.44
CA PHE D 182 20.73 -30.18 -2.02
C PHE D 182 20.32 -28.82 -2.60
N CYS D 183 20.74 -27.74 -1.91
CA CYS D 183 20.48 -26.34 -2.22
C CYS D 183 21.47 -25.74 -3.23
N GLY D 184 22.43 -26.55 -3.70
CA GLY D 184 23.41 -26.11 -4.68
C GLY D 184 24.83 -25.90 -4.21
N PHE D 185 25.00 -25.65 -2.91
CA PHE D 185 26.29 -25.42 -2.29
C PHE D 185 27.34 -26.43 -2.68
N GLN D 186 28.56 -25.94 -2.87
CA GLN D 186 29.73 -26.79 -3.04
C GLN D 186 30.16 -26.95 -1.58
N VAL D 187 30.14 -28.21 -1.07
CA VAL D 187 30.48 -28.43 0.33
C VAL D 187 31.97 -28.69 0.45
N LEU D 188 32.65 -27.85 1.23
CA LEU D 188 34.08 -27.96 1.50
C LEU D 188 34.31 -28.91 2.69
N GLU D 189 35.55 -29.40 2.83
CA GLU D 189 35.94 -30.31 3.89
C GLU D 189 35.51 -29.76 5.26
N PRO D 190 34.84 -30.54 6.11
CA PRO D 190 34.44 -30.00 7.42
C PRO D 190 35.64 -29.79 8.36
N GLN D 191 35.55 -28.76 9.21
CA GLN D 191 36.59 -28.51 10.21
C GLN D 191 36.12 -29.20 11.49
N LEU D 192 36.62 -30.41 11.70
CA LEU D 192 36.26 -31.26 12.81
C LEU D 192 37.24 -31.16 13.98
N THR D 193 36.78 -30.56 15.09
CA THR D 193 37.58 -30.33 16.31
C THR D 193 37.06 -31.29 17.40
N TYR D 194 37.68 -32.50 17.47
CA TYR D 194 37.26 -33.53 18.42
C TYR D 194 37.68 -33.30 19.85
N SER D 195 36.93 -33.91 20.81
CA SER D 195 37.10 -33.87 22.28
C SER D 195 37.76 -32.57 22.76
N ILE D 196 37.09 -31.43 22.49
CA ILE D 196 37.58 -30.09 22.80
C ILE D 196 37.71 -29.88 24.32
N GLY D 197 36.90 -30.57 25.11
CA GLY D 197 36.97 -30.50 26.57
C GLY D 197 38.24 -31.07 27.17
N HIS D 198 38.89 -32.02 26.45
CA HIS D 198 40.10 -32.71 26.89
C HIS D 198 41.41 -32.11 26.34
N THR D 199 41.28 -31.18 25.40
CA THR D 199 42.38 -30.46 24.76
C THR D 199 42.99 -29.43 25.74
N PRO D 200 44.32 -29.47 25.96
CA PRO D 200 44.95 -28.47 26.86
C PRO D 200 44.97 -27.09 26.20
N ALA D 201 45.07 -26.02 27.04
CA ALA D 201 45.04 -24.62 26.62
C ALA D 201 45.93 -24.28 25.43
N ASP D 202 47.19 -24.76 25.48
CA ASP D 202 48.24 -24.58 24.46
C ASP D 202 47.84 -25.16 23.08
N ALA D 203 47.12 -26.29 23.09
CA ALA D 203 46.64 -27.00 21.91
C ALA D 203 45.40 -26.30 21.34
N ARG D 204 44.55 -25.74 22.22
CA ARG D 204 43.35 -25.00 21.82
C ARG D 204 43.73 -23.74 20.99
N ILE D 205 44.87 -23.06 21.39
CA ILE D 205 45.44 -21.88 20.70
C ILE D 205 45.91 -22.33 19.30
N GLN D 206 46.54 -23.55 19.17
CA GLN D 206 47.00 -24.13 17.90
C GLN D 206 45.83 -24.42 16.95
N ILE D 207 44.67 -24.90 17.49
CA ILE D 207 43.41 -25.21 16.76
C ILE D 207 42.89 -23.92 16.09
N LEU D 208 42.81 -22.83 16.88
CA LEU D 208 42.35 -21.54 16.41
C LEU D 208 43.24 -20.99 15.32
N GLU D 209 44.58 -21.08 15.51
CA GLU D 209 45.55 -20.60 14.55
C GLU D 209 45.47 -21.36 13.24
N GLY D 210 45.24 -22.66 13.32
CA GLY D 210 45.10 -23.55 12.18
C GLY D 210 43.87 -23.26 11.36
N TRP D 211 42.73 -22.99 12.04
CA TRP D 211 41.45 -22.62 11.45
C TRP D 211 41.63 -21.29 10.69
N LYS D 212 42.31 -20.30 11.31
CA LYS D 212 42.60 -19.00 10.73
C LYS D 212 43.46 -19.16 9.45
N LYS D 213 44.56 -19.99 9.52
CA LYS D 213 45.46 -20.25 8.37
C LYS D 213 44.75 -20.98 7.23
N ARG D 214 43.72 -21.81 7.55
CA ARG D 214 42.92 -22.54 6.55
C ARG D 214 42.09 -21.57 5.73
N LEU D 215 41.43 -20.64 6.45
CA LEU D 215 40.56 -19.63 5.91
C LEU D 215 41.28 -18.63 5.01
N GLU D 216 42.64 -18.62 5.06
CA GLU D 216 43.44 -17.73 4.22
C GLU D 216 43.30 -18.09 2.74
N ASN D 217 43.09 -19.40 2.45
CA ASN D 217 42.93 -19.90 1.07
C ASN D 217 41.79 -20.93 0.98
N ILE D 218 40.71 -20.70 1.77
CA ILE D 218 39.53 -21.58 1.83
C ILE D 218 38.81 -21.66 0.47
N TRP D 219 38.73 -20.53 -0.24
CA TRP D 219 38.05 -20.46 -1.53
C TRP D 219 38.70 -21.32 -2.63
N ASP D 220 40.03 -21.48 -2.57
CA ASP D 220 40.81 -22.24 -3.56
C ASP D 220 40.82 -23.77 -3.33
N GLU D 221 40.15 -24.24 -2.26
CA GLU D 221 40.07 -25.66 -1.91
C GLU D 221 39.18 -26.46 -2.85
N THR D 222 39.43 -27.78 -2.98
CA THR D 222 38.57 -28.66 -3.79
C THR D 222 37.39 -29.15 -2.91
N PRO D 223 36.13 -29.09 -3.40
CA PRO D 223 34.99 -29.51 -2.56
C PRO D 223 34.83 -31.01 -2.49
N LEU D 224 33.99 -31.50 -1.54
CA LEU D 224 33.73 -32.92 -1.29
C LEU D 224 33.01 -33.51 -2.49
N TYR D 225 33.19 -34.82 -2.75
CA TYR D 225 32.50 -35.45 -3.88
C TYR D 225 31.06 -35.90 -3.54
N PHE D 226 30.12 -35.47 -4.38
CA PHE D 226 28.71 -35.89 -4.36
C PHE D 226 28.41 -36.33 -5.77
N ALA D 227 27.57 -37.36 -5.92
CA ALA D 227 27.21 -37.89 -7.23
C ALA D 227 26.54 -36.79 -8.05
N PRO D 228 27.08 -36.44 -9.24
CA PRO D 228 26.48 -35.38 -10.05
C PRO D 228 25.06 -35.74 -10.48
N SER D 229 24.17 -34.73 -10.49
CA SER D 229 22.77 -34.88 -10.87
C SER D 229 22.63 -35.48 -12.28
N SER D 230 23.66 -35.27 -13.12
CA SER D 230 23.77 -35.81 -14.47
C SER D 230 23.70 -37.33 -14.52
N LEU D 231 23.92 -38.01 -13.38
CA LEU D 231 23.89 -39.48 -13.26
C LEU D 231 22.47 -40.01 -13.04
N PHE D 232 21.49 -39.11 -12.80
CA PHE D 232 20.11 -39.46 -12.51
C PHE D 232 19.11 -38.85 -13.50
N ASP D 233 18.00 -39.58 -13.78
CA ASP D 233 16.88 -39.12 -14.62
C ASP D 233 15.95 -38.40 -13.66
N LEU D 234 16.15 -37.08 -13.53
CA LEU D 234 15.41 -36.24 -12.57
C LEU D 234 14.04 -35.83 -13.04
N ASN D 235 13.13 -36.81 -13.07
CA ASN D 235 11.75 -36.62 -13.47
C ASN D 235 10.90 -37.69 -12.83
N PHE D 236 9.62 -37.35 -12.64
CA PHE D 236 8.60 -38.25 -12.10
C PHE D 236 8.53 -39.60 -12.86
N GLN D 237 8.48 -39.59 -14.22
CA GLN D 237 8.42 -40.85 -14.98
C GLN D 237 9.48 -41.87 -14.53
N ALA D 238 10.72 -41.39 -14.35
CA ALA D 238 11.84 -42.25 -14.01
C ALA D 238 12.02 -42.58 -12.52
N GLY D 239 11.23 -41.91 -11.67
CA GLY D 239 11.29 -42.12 -10.23
C GLY D 239 12.53 -41.56 -9.58
N PHE D 240 13.19 -40.58 -10.24
CA PHE D 240 14.39 -39.89 -9.77
C PHE D 240 15.54 -40.84 -9.50
N LEU D 241 15.65 -41.86 -10.33
CA LEU D 241 16.66 -42.89 -10.18
C LEU D 241 17.88 -42.66 -11.05
N MET D 242 18.97 -43.35 -10.71
CA MET D 242 20.21 -43.36 -11.45
C MET D 242 19.93 -43.88 -12.87
N LYS D 243 20.51 -43.21 -13.90
CA LYS D 243 20.37 -43.58 -15.30
C LYS D 243 20.82 -45.03 -15.50
N LYS D 244 20.03 -45.84 -16.22
CA LYS D 244 20.32 -47.26 -16.49
C LYS D 244 21.74 -47.50 -17.03
N GLU D 245 22.28 -46.52 -17.79
CA GLU D 245 23.65 -46.52 -18.36
C GLU D 245 24.66 -46.40 -17.23
N VAL D 246 24.41 -45.47 -16.26
CA VAL D 246 25.27 -45.23 -15.09
C VAL D 246 25.29 -46.49 -14.23
N GLN D 247 24.11 -47.06 -13.98
CA GLN D 247 23.93 -48.29 -13.22
C GLN D 247 24.82 -49.40 -13.78
N ASP D 248 24.83 -49.59 -15.13
CA ASP D 248 25.68 -50.57 -15.82
C ASP D 248 27.18 -50.30 -15.66
N GLU D 249 27.59 -49.01 -15.81
CA GLU D 249 28.98 -48.55 -15.72
C GLU D 249 29.59 -48.87 -14.38
N GLU D 250 28.76 -48.76 -13.29
CA GLU D 250 29.11 -48.98 -11.89
C GLU D 250 29.17 -50.47 -11.51
N LYS D 251 28.44 -51.33 -12.26
CA LYS D 251 28.39 -52.77 -11.99
C LYS D 251 29.76 -53.40 -11.75
N ASN D 252 30.77 -53.03 -12.56
CA ASN D 252 32.12 -53.55 -12.41
C ASN D 252 33.00 -52.74 -11.45
N LYS D 253 32.46 -51.68 -10.82
CA LYS D 253 33.22 -50.79 -9.94
C LYS D 253 33.09 -51.25 -8.50
N LYS D 254 34.20 -51.45 -7.76
CA LYS D 254 34.26 -51.93 -6.35
C LYS D 254 33.58 -51.01 -5.34
N PHE D 255 33.72 -49.69 -5.53
CA PHE D 255 33.15 -48.78 -4.57
C PHE D 255 31.83 -48.20 -4.95
N GLY D 256 31.26 -47.52 -3.96
CA GLY D 256 30.06 -46.74 -4.10
C GLY D 256 30.52 -45.39 -4.57
N LEU D 257 29.57 -44.52 -4.84
CA LEU D 257 29.89 -43.17 -5.27
C LEU D 257 30.09 -42.25 -4.07
N SER D 258 29.20 -42.33 -3.06
CA SER D 258 29.25 -41.48 -1.85
C SER D 258 28.71 -42.28 -0.67
N VAL D 259 28.54 -41.62 0.50
CA VAL D 259 28.00 -42.27 1.71
C VAL D 259 26.56 -42.75 1.43
N GLY D 260 25.72 -41.87 0.87
CA GLY D 260 24.34 -42.15 0.51
C GLY D 260 24.20 -43.00 -0.73
N HIS D 261 25.14 -42.86 -1.68
CA HIS D 261 25.14 -43.65 -2.91
C HIS D 261 26.19 -44.70 -2.85
N HIS D 262 26.20 -45.45 -1.73
CA HIS D 262 27.16 -46.53 -1.49
C HIS D 262 26.83 -47.73 -2.41
N LEU D 263 25.57 -47.77 -2.92
CA LEU D 263 25.04 -48.79 -3.83
C LEU D 263 25.21 -50.24 -3.31
N GLY D 264 25.36 -50.39 -1.98
CA GLY D 264 25.55 -51.69 -1.37
C GLY D 264 26.95 -52.19 -1.52
N LYS D 265 27.84 -51.35 -2.08
CA LYS D 265 29.28 -51.58 -2.30
C LYS D 265 30.03 -50.84 -1.18
N SER D 266 31.36 -50.65 -1.31
CA SER D 266 32.16 -50.04 -0.26
C SER D 266 32.20 -48.55 -0.32
N ILE D 267 31.93 -47.86 0.81
CA ILE D 267 31.89 -46.39 0.79
C ILE D 267 33.32 -45.84 0.55
N PRO D 268 33.53 -45.01 -0.49
CA PRO D 268 34.85 -44.41 -0.67
C PRO D 268 35.27 -43.70 0.63
N THR D 269 36.48 -44.02 1.10
CA THR D 269 37.07 -43.53 2.33
C THR D 269 36.96 -42.02 2.47
N ASP D 270 36.45 -41.57 3.67
CA ASP D 270 36.26 -40.16 4.04
C ASP D 270 35.58 -39.35 2.96
N ASN D 271 34.47 -39.92 2.42
CA ASN D 271 33.71 -39.27 1.35
C ASN D 271 33.22 -37.86 1.77
N GLN D 272 32.72 -37.75 3.02
CA GLN D 272 32.20 -36.53 3.66
C GLN D 272 33.21 -35.80 4.53
N ILE D 273 34.47 -36.24 4.56
CA ILE D 273 35.45 -35.56 5.40
C ILE D 273 36.61 -34.97 4.57
N LYS D 274 36.96 -35.65 3.46
CA LYS D 274 38.10 -35.29 2.62
C LYS D 274 37.75 -35.19 1.14
N ALA D 275 38.42 -34.17 0.59
CA ALA D 275 38.43 -33.59 -0.74
C ALA D 275 38.45 -34.56 -1.90
N ARG D 276 39.65 -34.76 -2.52
CA ARG D 276 39.90 -35.44 -3.78
C ARG D 276 39.22 -36.81 -3.92
N LYS D 277 38.18 -36.84 -4.81
CA LYS D 277 37.31 -37.95 -5.28
C LYS D 277 36.46 -37.52 -6.54
N GLY E 6 8.29 22.20 5.10
CA GLY E 6 8.74 22.04 3.71
C GLY E 6 10.21 21.67 3.48
N ARG E 7 10.51 20.79 2.47
CA ARG E 7 11.87 20.33 2.17
C ARG E 7 12.23 20.40 0.68
N ARG E 8 11.26 20.11 -0.24
CA ARG E 8 11.44 20.13 -1.71
C ARG E 8 10.97 21.48 -2.31
N ALA E 9 11.80 22.09 -3.18
CA ALA E 9 11.46 23.35 -3.85
C ALA E 9 11.65 23.25 -5.37
N LEU E 10 10.75 23.96 -6.12
CA LEU E 10 10.80 24.01 -7.59
C LEU E 10 10.96 25.45 -8.07
N ILE E 11 12.03 25.72 -8.84
CA ILE E 11 12.22 27.04 -9.41
C ILE E 11 11.88 26.98 -10.90
N VAL E 12 10.82 27.72 -11.31
CA VAL E 12 10.42 27.81 -12.71
C VAL E 12 10.97 29.14 -13.26
N LEU E 13 11.92 29.07 -14.21
CA LEU E 13 12.53 30.26 -14.78
C LEU E 13 12.15 30.53 -16.24
N ALA E 14 11.60 31.73 -16.50
CA ALA E 14 11.19 32.21 -17.83
C ALA E 14 12.10 33.30 -18.41
N HIS E 15 13.39 32.93 -18.67
CA HIS E 15 14.36 33.83 -19.31
C HIS E 15 15.29 33.06 -20.23
N SER E 16 15.62 33.67 -21.40
CA SER E 16 16.50 33.06 -22.43
C SER E 16 17.97 33.09 -22.11
N GLU E 17 18.44 34.24 -21.59
CA GLU E 17 19.84 34.55 -21.32
C GLU E 17 20.36 34.16 -19.93
N ARG E 18 21.48 33.44 -19.90
CA ARG E 18 22.12 33.07 -18.63
C ARG E 18 22.80 34.33 -18.04
N THR E 19 23.09 35.30 -18.92
CA THR E 19 23.70 36.61 -18.62
C THR E 19 22.72 37.62 -17.93
N SER E 20 21.44 37.23 -17.80
CA SER E 20 20.37 38.05 -17.24
C SER E 20 20.36 38.09 -15.73
N PHE E 21 19.73 39.13 -15.16
CA PHE E 21 19.57 39.24 -13.72
C PHE E 21 18.56 38.19 -13.22
N ASN E 22 17.54 37.83 -14.00
CA ASN E 22 16.59 36.79 -13.65
C ASN E 22 17.34 35.42 -13.44
N TYR E 23 18.34 35.13 -14.36
CA TYR E 23 19.12 33.91 -14.23
C TYR E 23 19.92 33.96 -12.92
N ALA E 24 20.45 35.14 -12.58
CA ALA E 24 21.20 35.40 -11.35
C ALA E 24 20.34 35.16 -10.13
N MET E 25 19.08 35.63 -10.18
CA MET E 25 18.08 35.49 -9.14
C MET E 25 17.69 34.04 -8.96
N LYS E 26 17.69 33.25 -10.05
CA LYS E 26 17.38 31.83 -9.99
C LYS E 26 18.51 31.12 -9.23
N GLU E 27 19.77 31.37 -9.65
CA GLU E 27 20.96 30.81 -9.03
C GLU E 27 21.08 31.20 -7.56
N ALA E 28 20.72 32.45 -7.22
CA ALA E 28 20.74 33.00 -5.86
C ALA E 28 19.81 32.19 -4.98
N ALA E 29 18.57 31.96 -5.47
CA ALA E 29 17.50 31.20 -4.82
C ALA E 29 17.90 29.75 -4.61
N ALA E 30 18.35 29.08 -5.71
CA ALA E 30 18.78 27.70 -5.70
C ALA E 30 19.87 27.47 -4.63
N ALA E 31 20.90 28.34 -4.61
CA ALA E 31 22.02 28.30 -3.66
C ALA E 31 21.55 28.53 -2.21
N ALA E 32 20.75 29.58 -1.99
CA ALA E 32 20.22 29.94 -0.68
C ALA E 32 19.42 28.79 -0.05
N LEU E 33 18.47 28.23 -0.83
CA LEU E 33 17.61 27.13 -0.42
C LEU E 33 18.41 25.87 -0.14
N LYS E 34 19.30 25.47 -1.07
CA LYS E 34 20.17 24.30 -0.89
C LYS E 34 20.94 24.40 0.45
N LYS E 35 21.43 25.62 0.82
CA LYS E 35 22.14 25.88 2.08
C LYS E 35 21.26 25.52 3.23
N LYS E 36 20.07 26.16 3.30
CA LYS E 36 19.12 25.92 4.38
C LYS E 36 18.46 24.48 4.31
N GLY E 37 19.13 23.52 3.63
CA GLY E 37 18.74 22.10 3.54
C GLY E 37 17.64 21.67 2.61
N TRP E 38 17.26 22.53 1.65
CA TRP E 38 16.21 22.22 0.68
C TRP E 38 16.73 21.34 -0.46
N GLU E 39 15.78 20.67 -1.12
CA GLU E 39 15.93 19.85 -2.32
C GLU E 39 15.38 20.72 -3.44
N VAL E 40 16.27 21.23 -4.29
CA VAL E 40 15.86 22.15 -5.35
C VAL E 40 15.88 21.48 -6.71
N VAL E 41 14.81 21.71 -7.44
CA VAL E 41 14.60 21.21 -8.80
C VAL E 41 14.23 22.41 -9.66
N GLU E 42 14.82 22.49 -10.86
CA GLU E 42 14.58 23.59 -11.77
C GLU E 42 13.64 23.26 -12.93
N SER E 43 13.14 24.30 -13.58
CA SER E 43 12.39 24.24 -14.81
C SER E 43 12.76 25.50 -15.58
N ASP E 44 13.98 25.46 -16.21
CA ASP E 44 14.44 26.59 -17.01
C ASP E 44 13.78 26.40 -18.38
N LEU E 45 12.56 26.96 -18.53
CA LEU E 45 11.71 26.78 -19.69
C LEU E 45 12.41 26.99 -21.00
N TYR E 46 13.26 28.03 -21.13
CA TYR E 46 14.00 28.28 -22.38
C TYR E 46 15.03 27.21 -22.63
N ALA E 47 15.80 26.81 -21.57
CA ALA E 47 16.86 25.77 -21.63
C ALA E 47 16.27 24.42 -21.98
N MET E 48 15.06 24.18 -21.47
CA MET E 48 14.31 22.97 -21.67
C MET E 48 13.77 22.92 -23.09
N ASN E 49 13.76 24.09 -23.78
CA ASN E 49 13.19 24.28 -25.11
C ASN E 49 11.72 23.86 -25.06
N PHE E 50 11.07 24.20 -23.94
CA PHE E 50 9.71 23.85 -23.59
C PHE E 50 8.70 24.24 -24.66
N ASN E 51 7.73 23.35 -24.95
CA ASN E 51 6.67 23.67 -25.89
C ASN E 51 5.53 24.40 -25.16
N PRO E 52 5.30 25.70 -25.39
CA PRO E 52 4.24 26.40 -24.63
C PRO E 52 2.86 26.35 -25.28
N ILE E 53 2.72 25.65 -26.43
CA ILE E 53 1.45 25.65 -27.12
C ILE E 53 0.60 24.40 -26.86
N ILE E 54 -0.58 24.60 -26.22
CA ILE E 54 -1.59 23.58 -26.00
C ILE E 54 -2.08 23.13 -27.40
N SER E 55 -2.15 21.82 -27.64
CA SER E 55 -2.53 21.19 -28.90
C SER E 55 -3.10 19.81 -28.64
N ARG E 56 -3.69 19.15 -29.66
CA ARG E 56 -4.19 17.79 -29.49
C ARG E 56 -3.03 16.81 -29.34
N LYS E 57 -1.82 17.28 -29.64
CA LYS E 57 -0.59 16.51 -29.53
C LYS E 57 -0.23 16.31 -28.05
N ASP E 58 -0.95 16.99 -27.11
CA ASP E 58 -0.72 16.86 -25.68
C ASP E 58 -1.39 15.59 -25.14
N ILE E 59 -2.16 14.89 -26.01
CA ILE E 59 -2.89 13.65 -25.72
C ILE E 59 -2.36 12.52 -26.63
N THR E 60 -1.63 11.58 -26.02
CA THR E 60 -0.96 10.47 -26.69
C THR E 60 -1.91 9.31 -27.00
N GLY E 61 -3.03 9.24 -26.28
CA GLY E 61 -4.04 8.20 -26.45
C GLY E 61 -5.14 8.62 -27.40
N LYS E 62 -6.13 7.71 -27.62
CA LYS E 62 -7.25 7.95 -28.51
C LYS E 62 -8.13 9.04 -27.92
N LEU E 63 -8.44 10.09 -28.70
CA LEU E 63 -9.30 11.20 -28.25
C LEU E 63 -10.75 10.71 -28.08
N LYS E 64 -11.50 11.33 -27.16
CA LYS E 64 -12.88 10.91 -26.95
C LYS E 64 -13.79 11.37 -28.09
N ASP E 65 -13.63 12.64 -28.54
CA ASP E 65 -14.35 13.22 -29.68
C ASP E 65 -13.32 13.88 -30.62
N PRO E 66 -12.68 13.12 -31.54
CA PRO E 66 -11.67 13.73 -32.41
C PRO E 66 -12.24 14.68 -33.45
N ALA E 67 -13.53 14.48 -33.78
CA ALA E 67 -14.28 15.28 -34.73
C ALA E 67 -14.47 16.71 -34.21
N ASN E 68 -14.81 16.86 -32.92
CA ASN E 68 -15.03 18.15 -32.28
C ASN E 68 -14.19 18.24 -30.98
N PHE E 69 -12.86 18.40 -31.15
CA PHE E 69 -11.89 18.42 -30.06
C PHE E 69 -12.09 19.62 -29.11
N GLN E 70 -12.17 19.34 -27.80
CA GLN E 70 -12.31 20.35 -26.75
C GLN E 70 -11.20 20.09 -25.74
N TYR E 71 -10.16 20.96 -25.73
CA TYR E 71 -8.96 20.78 -24.91
C TYR E 71 -9.23 20.48 -23.43
N PRO E 72 -10.07 21.28 -22.68
CA PRO E 72 -10.29 20.95 -21.28
C PRO E 72 -10.78 19.52 -21.04
N ALA E 73 -11.89 19.12 -21.68
CA ALA E 73 -12.47 17.78 -21.56
C ALA E 73 -11.48 16.65 -21.84
N GLU E 74 -10.77 16.75 -22.98
CA GLU E 74 -9.80 15.77 -23.45
C GLU E 74 -8.56 15.69 -22.56
N SER E 75 -8.05 16.85 -22.10
CA SER E 75 -6.86 16.91 -21.26
C SER E 75 -7.06 16.23 -19.88
N VAL E 76 -8.27 16.35 -19.28
CA VAL E 76 -8.60 15.74 -17.97
C VAL E 76 -8.67 14.24 -18.17
N LEU E 77 -9.37 13.82 -19.22
CA LEU E 77 -9.48 12.41 -19.55
C LEU E 77 -8.08 11.82 -19.75
N ALA E 78 -7.16 12.59 -20.35
CA ALA E 78 -5.81 12.15 -20.61
C ALA E 78 -5.02 12.04 -19.35
N TYR E 79 -5.27 12.93 -18.40
CA TYR E 79 -4.59 12.88 -17.12
C TYR E 79 -5.07 11.62 -16.36
N LYS E 80 -6.42 11.48 -16.23
CA LYS E 80 -7.09 10.39 -15.53
C LYS E 80 -6.70 9.02 -16.10
N GLU E 81 -6.65 8.87 -17.45
CA GLU E 81 -6.34 7.61 -18.14
C GLU E 81 -4.84 7.38 -18.35
N GLY E 82 -4.04 8.35 -17.93
CA GLY E 82 -2.58 8.28 -17.99
C GLY E 82 -1.93 8.42 -19.35
N HIS E 83 -2.58 9.11 -20.30
CA HIS E 83 -1.99 9.30 -21.62
C HIS E 83 -1.78 10.80 -21.98
N LEU E 84 -1.26 11.59 -21.01
CA LEU E 84 -0.86 12.98 -21.29
C LEU E 84 0.58 12.90 -21.89
N SER E 85 0.98 13.91 -22.67
CA SER E 85 2.30 13.99 -23.26
C SER E 85 3.37 13.89 -22.14
N PRO E 86 4.41 13.02 -22.34
CA PRO E 86 5.46 12.84 -21.29
C PRO E 86 6.13 14.10 -20.77
N ASP E 87 6.31 15.14 -21.61
CA ASP E 87 6.91 16.38 -21.16
C ASP E 87 6.04 17.07 -20.09
N ILE E 88 4.70 17.09 -20.32
CA ILE E 88 3.70 17.65 -19.39
C ILE E 88 3.82 16.86 -18.09
N VAL E 89 3.77 15.51 -18.19
CA VAL E 89 3.82 14.61 -17.04
C VAL E 89 5.05 14.86 -16.16
N ALA E 90 6.21 15.10 -16.79
CA ALA E 90 7.46 15.35 -16.07
C ALA E 90 7.32 16.57 -15.16
N GLU E 91 6.73 17.67 -15.70
CA GLU E 91 6.50 18.94 -15.00
C GLU E 91 5.49 18.75 -13.90
N GLN E 92 4.45 17.93 -14.18
CA GLN E 92 3.40 17.59 -13.24
C GLN E 92 4.00 16.88 -12.03
N LYS E 93 4.89 15.92 -12.27
CA LYS E 93 5.55 15.14 -11.23
C LYS E 93 6.46 16.03 -10.38
N LYS E 94 7.03 17.10 -10.99
CA LYS E 94 7.88 18.09 -10.32
C LYS E 94 7.07 18.88 -9.33
N LEU E 95 5.84 19.31 -9.73
CA LEU E 95 4.89 20.06 -8.91
C LEU E 95 4.42 19.23 -7.72
N GLU E 96 3.97 18.01 -7.98
CA GLU E 96 3.51 17.07 -6.97
C GLU E 96 4.56 16.94 -5.87
N ALA E 97 5.84 16.89 -6.24
CA ALA E 97 6.95 16.75 -5.30
C ALA E 97 7.32 18.01 -4.50
N ALA E 98 7.21 19.18 -5.13
CA ALA E 98 7.57 20.48 -4.54
C ALA E 98 6.60 20.97 -3.45
N ASP E 99 7.16 21.64 -2.44
CA ASP E 99 6.45 22.24 -1.32
C ASP E 99 6.36 23.67 -1.66
N LEU E 100 7.50 24.24 -2.08
CA LEU E 100 7.61 25.64 -2.45
C LEU E 100 7.82 25.73 -3.96
N VAL E 101 7.10 26.67 -4.61
CA VAL E 101 7.23 26.88 -6.05
C VAL E 101 7.58 28.35 -6.32
N ILE E 102 8.79 28.61 -6.87
CA ILE E 102 9.25 29.96 -7.18
C ILE E 102 9.12 30.22 -8.67
N PHE E 103 8.46 31.31 -9.03
CA PHE E 103 8.35 31.70 -10.44
C PHE E 103 9.21 32.91 -10.70
N GLN E 104 10.42 32.67 -11.19
CA GLN E 104 11.35 33.76 -11.47
C GLN E 104 11.25 34.14 -12.96
N PHE E 105 10.77 35.40 -13.25
CA PHE E 105 10.56 35.89 -14.60
C PHE E 105 10.57 37.43 -14.75
N PRO E 106 10.96 37.99 -15.93
CA PRO E 106 10.80 39.45 -16.14
C PRO E 106 9.32 39.78 -16.48
N LEU E 107 8.81 40.93 -16.00
CA LEU E 107 7.44 41.35 -16.32
C LEU E 107 7.42 41.69 -17.82
N GLN E 108 6.50 41.04 -18.55
CA GLN E 108 6.39 41.26 -19.98
C GLN E 108 4.96 41.53 -20.36
N TRP E 109 4.72 42.75 -20.88
CA TRP E 109 3.42 43.23 -21.27
C TRP E 109 2.39 43.06 -20.13
N PHE E 110 2.77 43.49 -18.93
CA PHE E 110 1.98 43.50 -17.69
C PHE E 110 1.52 42.09 -17.25
N GLY E 111 2.34 41.09 -17.58
CA GLY E 111 2.08 39.71 -17.20
C GLY E 111 3.28 38.82 -17.30
N VAL E 112 3.02 37.51 -17.25
CA VAL E 112 4.06 36.47 -17.37
C VAL E 112 4.54 36.33 -18.84
N PRO E 113 5.83 36.04 -19.12
CA PRO E 113 6.24 35.82 -20.52
C PRO E 113 5.45 34.64 -21.13
N ALA E 114 5.15 34.70 -22.45
CA ALA E 114 4.40 33.67 -23.19
C ALA E 114 4.83 32.25 -22.86
N ILE E 115 6.15 32.01 -22.70
CA ILE E 115 6.62 30.66 -22.41
C ILE E 115 6.08 30.14 -21.04
N LEU E 116 5.94 31.06 -20.01
CA LEU E 116 5.43 30.71 -18.68
C LEU E 116 3.94 30.52 -18.75
N LYS E 117 3.26 31.41 -19.52
CA LYS E 117 1.83 31.32 -19.71
C LYS E 117 1.50 29.95 -20.30
N GLY E 118 2.26 29.55 -21.31
CA GLY E 118 2.12 28.26 -21.97
C GLY E 118 2.36 27.06 -21.06
N TRP E 119 3.30 27.21 -20.10
CA TRP E 119 3.63 26.19 -19.13
C TRP E 119 2.41 25.97 -18.23
N PHE E 120 1.75 27.06 -17.78
CA PHE E 120 0.55 26.98 -16.94
C PHE E 120 -0.59 26.27 -17.70
N GLU E 121 -0.81 26.68 -18.99
CA GLU E 121 -1.89 26.16 -19.80
C GLU E 121 -1.74 24.65 -20.02
N ARG E 122 -0.55 24.19 -20.41
CA ARG E 122 -0.23 22.79 -20.67
C ARG E 122 -0.02 21.91 -19.42
N VAL E 123 0.51 22.46 -18.30
CA VAL E 123 0.83 21.70 -17.08
C VAL E 123 -0.34 21.69 -16.07
N PHE E 124 -1.00 22.85 -15.85
CA PHE E 124 -2.12 22.96 -14.91
C PHE E 124 -3.40 22.42 -15.56
N ILE E 125 -3.50 21.07 -15.60
CA ILE E 125 -4.55 20.26 -16.23
C ILE E 125 -5.71 20.00 -15.30
N GLY E 126 -6.94 20.11 -15.82
CA GLY E 126 -8.13 19.87 -15.01
C GLY E 126 -8.00 18.58 -14.22
N GLU E 127 -8.37 18.61 -12.93
CA GLU E 127 -8.33 17.53 -11.93
C GLU E 127 -6.94 17.43 -11.29
N PHE E 128 -5.89 17.56 -12.07
CA PHE E 128 -4.58 17.53 -11.46
C PHE E 128 -4.31 18.79 -10.64
N ALA E 129 -4.82 19.95 -11.12
CA ALA E 129 -4.52 21.25 -10.55
C ALA E 129 -5.75 22.04 -10.12
N TYR E 130 -6.91 21.76 -10.68
CA TYR E 130 -8.13 22.40 -10.24
C TYR E 130 -9.29 21.49 -10.42
N THR E 131 -10.43 21.94 -9.94
CA THR E 131 -11.71 21.27 -10.05
C THR E 131 -12.66 22.30 -9.54
N TYR E 132 -13.87 22.37 -10.11
CA TYR E 132 -14.85 23.33 -9.62
C TYR E 132 -15.39 22.79 -8.26
N ALA E 133 -15.16 21.48 -7.95
CA ALA E 133 -15.52 20.87 -6.67
C ALA E 133 -14.59 21.37 -5.54
N ALA E 134 -13.29 21.42 -5.80
CA ALA E 134 -12.30 21.97 -4.86
C ALA E 134 -11.65 23.16 -5.60
N MET E 135 -12.38 24.27 -5.52
CA MET E 135 -12.15 25.55 -6.18
C MET E 135 -10.84 26.25 -5.80
N TYR E 136 -10.90 27.31 -4.98
CA TYR E 136 -9.73 28.13 -4.70
C TYR E 136 -8.92 27.63 -3.57
N ASP E 137 -9.21 28.02 -2.30
CA ASP E 137 -8.45 27.58 -1.12
C ASP E 137 -8.66 26.08 -0.74
N LYS E 138 -9.43 25.33 -1.58
CA LYS E 138 -9.69 23.91 -1.40
C LYS E 138 -8.91 23.03 -2.43
N GLY E 139 -8.33 23.71 -3.43
CA GLY E 139 -7.58 23.15 -4.56
C GLY E 139 -6.45 22.19 -4.28
N PRO E 140 -6.10 21.39 -5.31
CA PRO E 140 -5.02 20.37 -5.18
C PRO E 140 -3.67 20.78 -4.56
N PHE E 141 -3.27 22.03 -4.72
CA PHE E 141 -2.00 22.47 -4.19
C PHE E 141 -2.08 23.20 -2.83
N ARG E 142 -3.20 23.05 -2.11
CA ARG E 142 -3.47 23.72 -0.81
C ARG E 142 -2.35 23.57 0.23
N SER E 143 -1.60 22.44 0.14
CA SER E 143 -0.51 22.12 1.03
C SER E 143 0.82 22.72 0.59
N LYS E 144 0.82 23.46 -0.55
CA LYS E 144 1.99 24.09 -1.16
C LYS E 144 1.93 25.60 -1.04
N LYS E 145 3.09 26.25 -1.23
CA LYS E 145 3.23 27.70 -1.19
C LYS E 145 3.91 28.16 -2.47
N ALA E 146 3.40 29.24 -3.10
CA ALA E 146 3.99 29.81 -4.32
C ALA E 146 4.44 31.26 -4.13
N VAL E 147 5.48 31.67 -4.86
CA VAL E 147 6.02 33.04 -4.88
C VAL E 147 6.30 33.48 -6.29
N LEU E 148 6.05 34.79 -6.57
CA LEU E 148 6.40 35.38 -7.86
C LEU E 148 7.60 36.28 -7.65
N SER E 149 8.72 36.00 -8.31
CA SER E 149 9.88 36.88 -8.24
C SER E 149 9.94 37.56 -9.61
N ILE E 150 9.53 38.83 -9.66
CA ILE E 150 9.41 39.62 -10.88
C ILE E 150 10.48 40.71 -10.95
N THR E 151 10.91 41.03 -12.18
CA THR E 151 11.83 42.11 -12.49
C THR E 151 11.13 42.94 -13.54
N THR E 152 11.13 44.26 -13.40
CA THR E 152 10.47 45.14 -14.35
C THR E 152 11.46 46.16 -14.92
N GLY E 153 11.09 46.77 -16.05
CA GLY E 153 11.83 47.85 -16.68
C GLY E 153 11.48 49.18 -16.03
N GLY E 154 10.19 49.34 -15.71
CA GLY E 154 9.64 50.53 -15.09
C GLY E 154 9.92 50.60 -13.61
N SER E 155 10.02 51.83 -13.08
CA SER E 155 10.27 52.09 -11.67
C SER E 155 9.01 51.83 -10.86
N GLY E 156 9.21 51.63 -9.55
CA GLY E 156 8.12 51.39 -8.61
C GLY E 156 7.03 52.45 -8.60
N SER E 157 7.43 53.73 -8.71
CA SER E 157 6.50 54.86 -8.69
C SER E 157 5.51 54.82 -9.86
N MET E 158 5.91 54.22 -10.98
CA MET E 158 5.05 54.08 -12.15
C MET E 158 3.90 53.10 -11.86
N TYR E 159 4.18 52.14 -10.94
CA TYR E 159 3.25 51.10 -10.51
C TYR E 159 2.56 51.39 -9.18
N SER E 160 2.81 52.59 -8.64
CA SER E 160 2.15 53.07 -7.41
C SER E 160 0.73 53.48 -7.79
N LEU E 161 -0.14 53.75 -6.81
CA LEU E 161 -1.54 54.15 -7.10
C LEU E 161 -1.70 55.35 -8.04
N GLN E 162 -0.68 56.25 -8.07
CA GLN E 162 -0.64 57.49 -8.86
C GLN E 162 0.24 57.46 -10.11
N GLY E 163 0.95 56.34 -10.34
CA GLY E 163 1.84 56.17 -11.49
C GLY E 163 1.06 55.91 -12.77
N ILE E 164 1.70 56.15 -13.96
CA ILE E 164 1.02 55.98 -15.28
C ILE E 164 0.46 54.60 -15.50
N HIS E 165 1.20 53.55 -15.10
CA HIS E 165 0.77 52.16 -15.31
C HIS E 165 -0.36 51.75 -14.36
N GLY E 166 -0.50 52.50 -13.26
CA GLY E 166 -1.51 52.21 -12.25
C GLY E 166 -1.07 51.13 -11.30
N ASP E 167 -1.95 50.77 -10.36
CA ASP E 167 -1.68 49.82 -9.31
C ASP E 167 -1.11 48.48 -9.78
N MET E 168 0.06 48.11 -9.21
CA MET E 168 0.76 46.85 -9.45
C MET E 168 -0.10 45.71 -8.89
N ASN E 169 -0.85 45.99 -7.79
CA ASN E 169 -1.76 45.01 -7.18
C ASN E 169 -2.79 44.48 -8.20
N VAL E 170 -3.27 45.35 -9.13
CA VAL E 170 -4.21 45.02 -10.19
C VAL E 170 -3.53 44.07 -11.18
N ILE E 171 -2.28 44.35 -11.59
CA ILE E 171 -1.48 43.55 -12.53
C ILE E 171 -1.24 42.13 -12.00
N LEU E 172 -0.90 42.01 -10.70
CA LEU E 172 -0.63 40.74 -10.01
C LEU E 172 -1.85 39.83 -9.80
N TRP E 173 -3.03 40.42 -9.52
CA TRP E 173 -4.29 39.73 -9.25
C TRP E 173 -4.57 38.54 -10.20
N PRO E 174 -4.59 38.69 -11.57
CA PRO E 174 -4.91 37.53 -12.42
C PRO E 174 -3.93 36.35 -12.31
N ILE E 175 -2.66 36.61 -11.91
CA ILE E 175 -1.66 35.57 -11.76
C ILE E 175 -1.80 34.91 -10.38
N GLN E 176 -1.76 35.75 -9.32
CA GLN E 176 -1.77 35.31 -7.93
C GLN E 176 -3.10 34.68 -7.52
N SER E 177 -4.26 35.34 -7.81
CA SER E 177 -5.55 34.71 -7.51
C SER E 177 -5.96 33.70 -8.57
N GLY E 178 -6.02 34.16 -9.82
CA GLY E 178 -6.50 33.40 -10.98
C GLY E 178 -5.77 32.12 -11.33
N ILE E 179 -4.43 32.14 -11.28
CA ILE E 179 -3.66 30.95 -11.61
C ILE E 179 -3.26 30.18 -10.33
N LEU E 180 -2.47 30.81 -9.46
CA LEU E 180 -1.92 30.19 -8.26
C LEU E 180 -2.94 29.85 -7.19
N HIS E 181 -3.62 30.86 -6.59
CA HIS E 181 -4.61 30.61 -5.55
C HIS E 181 -5.74 29.70 -6.02
N PHE E 182 -6.21 29.88 -7.27
CA PHE E 182 -7.27 29.04 -7.83
C PHE E 182 -6.95 27.55 -7.80
N CYS E 183 -5.65 27.16 -7.78
CA CYS E 183 -5.21 25.76 -7.73
C CYS E 183 -4.86 25.29 -6.30
N GLY E 184 -5.16 26.15 -5.29
CA GLY E 184 -4.96 25.86 -3.86
C GLY E 184 -3.75 26.48 -3.19
N PHE E 185 -2.76 26.90 -3.97
CA PHE E 185 -1.55 27.54 -3.49
C PHE E 185 -1.82 28.65 -2.50
N GLN E 186 -1.00 28.70 -1.45
CA GLN E 186 -0.96 29.81 -0.52
C GLN E 186 0.04 30.75 -1.22
N VAL E 187 -0.39 31.95 -1.60
CA VAL E 187 0.48 32.87 -2.33
C VAL E 187 1.19 33.78 -1.35
N LEU E 188 2.52 33.71 -1.36
CA LEU E 188 3.39 34.53 -0.52
C LEU E 188 3.65 35.88 -1.22
N GLU E 189 4.08 36.90 -0.42
CA GLU E 189 4.35 38.24 -0.90
C GLU E 189 5.26 38.18 -2.13
N PRO E 190 4.93 38.86 -3.25
CA PRO E 190 5.81 38.77 -4.41
C PRO E 190 7.14 39.48 -4.19
N GLN E 191 8.22 38.97 -4.79
CA GLN E 191 9.53 39.62 -4.73
C GLN E 191 9.61 40.51 -5.96
N LEU E 192 9.27 41.78 -5.77
CA LEU E 192 9.21 42.77 -6.84
C LEU E 192 10.51 43.57 -6.91
N THR E 193 11.31 43.35 -7.98
CA THR E 193 12.56 44.04 -8.22
C THR E 193 12.33 45.02 -9.44
N TYR E 194 12.00 46.30 -9.11
CA TYR E 194 11.70 47.32 -10.12
C TYR E 194 12.93 47.89 -10.79
N SER E 195 12.71 48.47 -12.01
CA SER E 195 13.70 49.12 -12.89
C SER E 195 15.13 48.56 -12.72
N ILE E 196 15.27 47.25 -13.00
CA ILE E 196 16.53 46.52 -12.82
C ILE E 196 17.64 47.01 -13.80
N GLY E 197 17.24 47.54 -14.94
CA GLY E 197 18.17 48.07 -15.92
C GLY E 197 18.87 49.33 -15.46
N HIS E 198 18.26 50.06 -14.50
CA HIS E 198 18.76 51.32 -13.93
C HIS E 198 19.64 51.17 -12.70
N THR E 199 19.56 49.97 -12.09
CA THR E 199 20.28 49.61 -10.90
C THR E 199 21.79 49.45 -11.15
N PRO E 200 22.66 50.15 -10.39
CA PRO E 200 24.11 49.95 -10.55
C PRO E 200 24.54 48.60 -9.97
N ALA E 201 25.71 48.09 -10.40
CA ALA E 201 26.24 46.77 -10.03
C ALA E 201 26.20 46.44 -8.54
N ASP E 202 26.63 47.38 -7.74
CA ASP E 202 26.67 47.26 -6.30
C ASP E 202 25.29 46.99 -5.70
N ALA E 203 24.30 47.76 -6.16
CA ALA E 203 22.93 47.67 -5.69
C ALA E 203 22.26 46.36 -6.17
N ARG E 204 22.73 45.81 -7.32
CA ARG E 204 22.23 44.53 -7.86
C ARG E 204 22.68 43.38 -6.93
N ILE E 205 23.89 43.52 -6.32
CA ILE E 205 24.43 42.54 -5.38
C ILE E 205 23.57 42.53 -4.12
N GLN E 206 23.21 43.71 -3.63
CA GLN E 206 22.33 43.87 -2.47
C GLN E 206 20.95 43.20 -2.66
N ILE E 207 20.39 43.29 -3.90
CA ILE E 207 19.09 42.71 -4.29
C ILE E 207 19.16 41.18 -4.13
N LEU E 208 20.19 40.56 -4.74
CA LEU E 208 20.44 39.12 -4.66
C LEU E 208 20.64 38.65 -3.22
N GLU E 209 21.45 39.38 -2.42
CA GLU E 209 21.66 39.04 -1.00
C GLU E 209 20.35 39.09 -0.16
N GLY E 210 19.48 40.05 -0.45
CA GLY E 210 18.20 40.19 0.25
C GLY E 210 17.25 39.08 -0.06
N TRP E 211 17.22 38.67 -1.34
CA TRP E 211 16.41 37.55 -1.86
C TRP E 211 16.85 36.28 -1.15
N LYS E 212 18.18 36.08 -1.02
CA LYS E 212 18.79 34.94 -0.32
C LYS E 212 18.39 34.93 1.15
N LYS E 213 18.49 36.09 1.85
CA LYS E 213 18.12 36.21 3.29
C LYS E 213 16.61 35.98 3.53
N ARG E 214 15.76 36.32 2.52
CA ARG E 214 14.32 36.14 2.61
C ARG E 214 14.01 34.65 2.61
N LEU E 215 14.66 33.92 1.66
CA LEU E 215 14.49 32.50 1.42
C LEU E 215 14.93 31.64 2.59
N GLU E 216 15.69 32.23 3.54
CA GLU E 216 16.16 31.52 4.73
C GLU E 216 14.98 31.11 5.60
N ASN E 217 13.91 31.94 5.61
CA ASN E 217 12.70 31.70 6.42
C ASN E 217 11.42 32.00 5.63
N ILE E 218 11.45 31.69 4.32
CA ILE E 218 10.32 31.90 3.38
C ILE E 218 9.09 31.07 3.79
N TRP E 219 9.29 29.83 4.24
CA TRP E 219 8.23 28.93 4.64
C TRP E 219 7.42 29.42 5.84
N ASP E 220 8.06 30.16 6.77
CA ASP E 220 7.42 30.66 8.00
C ASP E 220 6.64 31.96 7.81
N GLU E 221 6.66 32.52 6.59
CA GLU E 221 5.94 33.76 6.24
C GLU E 221 4.41 33.59 6.23
N THR E 222 3.71 34.71 6.46
CA THR E 222 2.25 34.76 6.37
C THR E 222 1.85 35.04 4.89
N PRO E 223 0.92 34.24 4.30
CA PRO E 223 0.55 34.47 2.89
C PRO E 223 -0.42 35.63 2.68
N LEU E 224 -0.58 36.06 1.39
CA LEU E 224 -1.46 37.17 0.99
C LEU E 224 -2.91 36.80 1.25
N TYR E 225 -3.78 37.81 1.55
CA TYR E 225 -5.21 37.55 1.80
C TYR E 225 -6.02 37.46 0.55
N PHE E 226 -6.77 36.36 0.46
CA PHE E 226 -7.77 36.11 -0.57
C PHE E 226 -9.04 35.81 0.23
N ALA E 227 -10.19 36.08 -0.39
CA ALA E 227 -11.47 35.83 0.26
C ALA E 227 -11.66 34.32 0.38
N PRO E 228 -11.86 33.79 1.60
CA PRO E 228 -12.01 32.33 1.73
C PRO E 228 -13.23 31.83 0.97
N SER E 229 -13.13 30.66 0.33
CA SER E 229 -14.25 30.11 -0.44
C SER E 229 -15.49 29.86 0.45
N SER E 230 -15.26 29.76 1.80
CA SER E 230 -16.32 29.64 2.81
C SER E 230 -17.29 30.86 2.77
N LEU E 231 -16.91 31.99 2.13
CA LEU E 231 -17.73 33.19 1.97
C LEU E 231 -18.67 33.09 0.77
N PHE E 232 -18.53 32.03 -0.05
CA PHE E 232 -19.32 31.81 -1.26
C PHE E 232 -20.08 30.49 -1.25
N ASP E 233 -21.29 30.49 -1.86
CA ASP E 233 -22.11 29.28 -2.04
C ASP E 233 -21.58 28.70 -3.37
N LEU E 234 -20.54 27.84 -3.31
CA LEU E 234 -19.89 27.40 -4.56
C LEU E 234 -20.55 26.21 -5.19
N ASN E 235 -21.82 26.37 -5.51
CA ASN E 235 -22.62 25.36 -6.18
C ASN E 235 -23.38 26.03 -7.33
N PHE E 236 -23.75 25.24 -8.35
CA PHE E 236 -24.51 25.74 -9.50
C PHE E 236 -25.76 26.45 -9.03
N GLN E 237 -26.54 25.78 -8.15
CA GLN E 237 -27.78 26.30 -7.56
C GLN E 237 -27.68 27.84 -7.35
N ALA E 238 -26.73 28.31 -6.49
CA ALA E 238 -26.52 29.72 -6.08
C ALA E 238 -25.73 30.67 -7.07
N GLY E 239 -25.31 30.15 -8.20
CA GLY E 239 -24.62 30.96 -9.21
C GLY E 239 -23.20 31.34 -8.87
N PHE E 240 -22.57 30.55 -7.95
CA PHE E 240 -21.21 30.73 -7.48
C PHE E 240 -20.96 32.16 -6.97
N LEU E 241 -21.87 32.64 -6.10
CA LEU E 241 -21.79 34.00 -5.55
C LEU E 241 -21.57 34.00 -4.05
N MET E 242 -21.19 35.16 -3.53
CA MET E 242 -20.98 35.41 -2.11
C MET E 242 -22.27 35.14 -1.34
N LYS E 243 -22.18 34.44 -0.20
CA LYS E 243 -23.32 34.06 0.65
C LYS E 243 -24.10 35.32 1.02
N LYS E 244 -25.45 35.27 0.91
CA LYS E 244 -26.30 36.42 1.23
C LYS E 244 -26.03 37.01 2.65
N GLU E 245 -25.60 36.15 3.59
CA GLU E 245 -25.24 36.49 4.96
C GLU E 245 -23.97 37.31 4.94
N VAL E 246 -22.99 36.89 4.11
CA VAL E 246 -21.70 37.60 3.95
C VAL E 246 -21.98 39.00 3.39
N GLN E 247 -22.71 39.02 2.25
CA GLN E 247 -23.12 40.21 1.55
C GLN E 247 -23.66 41.20 2.55
N ASP E 248 -24.53 40.73 3.47
CA ASP E 248 -25.17 41.50 4.55
C ASP E 248 -24.23 42.04 5.62
N GLU E 249 -23.20 41.26 5.98
CA GLU E 249 -22.18 41.60 6.98
C GLU E 249 -21.18 42.62 6.42
N GLU E 250 -20.92 42.53 5.12
CA GLU E 250 -19.98 43.40 4.41
C GLU E 250 -20.57 44.77 4.02
N LYS E 251 -21.92 44.91 4.04
CA LYS E 251 -22.63 46.13 3.65
C LYS E 251 -22.12 47.37 4.36
N ASN E 252 -21.88 47.30 5.69
CA ASN E 252 -21.42 48.44 6.50
C ASN E 252 -19.88 48.61 6.54
N LYS E 253 -19.13 47.76 5.81
CA LYS E 253 -17.67 47.78 5.78
C LYS E 253 -17.16 48.74 4.68
N LYS E 254 -16.19 49.64 5.01
CA LYS E 254 -15.60 50.67 4.14
C LYS E 254 -14.83 50.08 2.97
N PHE E 255 -14.12 48.99 3.23
CA PHE E 255 -13.30 48.34 2.21
C PHE E 255 -13.85 47.02 1.71
N GLY E 256 -13.37 46.66 0.54
CA GLY E 256 -13.65 45.37 -0.07
C GLY E 256 -12.72 44.32 0.53
N LEU E 257 -12.84 43.09 0.05
CA LEU E 257 -12.09 41.96 0.57
C LEU E 257 -10.71 41.81 -0.06
N SER E 258 -10.62 41.90 -1.39
CA SER E 258 -9.39 41.76 -2.16
C SER E 258 -9.47 42.66 -3.39
N VAL E 259 -8.48 42.53 -4.31
CA VAL E 259 -8.45 43.32 -5.55
C VAL E 259 -9.68 42.96 -6.41
N GLY E 260 -9.93 41.67 -6.60
CA GLY E 260 -11.06 41.16 -7.37
C GLY E 260 -12.38 41.21 -6.63
N HIS E 261 -12.33 41.13 -5.28
CA HIS E 261 -13.54 41.22 -4.49
C HIS E 261 -13.58 42.57 -3.80
N HIS E 262 -13.36 43.63 -4.58
CA HIS E 262 -13.38 45.01 -4.11
C HIS E 262 -14.81 45.44 -3.76
N LEU E 263 -15.81 44.72 -4.31
CA LEU E 263 -17.24 44.92 -4.09
C LEU E 263 -17.70 46.34 -4.38
N GLY E 264 -16.98 47.06 -5.24
CA GLY E 264 -17.28 48.45 -5.61
C GLY E 264 -16.90 49.44 -4.52
N LYS E 265 -16.24 48.92 -3.48
CA LYS E 265 -15.73 49.70 -2.37
C LYS E 265 -14.22 49.85 -2.58
N SER E 266 -13.51 50.41 -1.60
CA SER E 266 -12.06 50.62 -1.68
C SER E 266 -11.29 49.30 -1.60
N ILE E 267 -10.20 49.17 -2.38
CA ILE E 267 -9.39 47.95 -2.32
C ILE E 267 -8.46 48.09 -1.08
N PRO E 268 -8.46 47.09 -0.16
CA PRO E 268 -7.52 47.13 0.96
C PRO E 268 -6.07 47.25 0.42
N THR E 269 -5.35 48.26 0.92
CA THR E 269 -3.99 48.60 0.54
C THR E 269 -3.05 47.38 0.41
N ASP E 270 -2.31 47.31 -0.72
CA ASP E 270 -1.35 46.27 -1.07
C ASP E 270 -1.88 44.88 -0.79
N ASN E 271 -3.13 44.62 -1.24
CA ASN E 271 -3.77 43.32 -1.03
C ASN E 271 -2.93 42.16 -1.60
N GLN E 272 -2.38 42.38 -2.80
CA GLN E 272 -1.57 41.44 -3.58
C GLN E 272 -0.05 41.60 -3.42
N ILE E 273 0.41 42.59 -2.63
CA ILE E 273 1.84 42.84 -2.46
C ILE E 273 2.32 42.54 -1.03
N LYS E 274 1.44 42.78 -0.05
CA LYS E 274 1.75 42.62 1.35
C LYS E 274 0.74 41.78 2.13
N ALA E 275 1.27 40.99 3.06
CA ALA E 275 0.49 40.18 3.97
C ALA E 275 0.20 41.13 5.16
N ARG E 276 -0.76 40.82 6.06
CA ARG E 276 -1.10 41.60 7.27
C ARG E 276 -2.18 40.85 8.00
N GLY F 6 -13.08 54.34 -41.19
CA GLY F 6 -12.28 53.12 -41.29
C GLY F 6 -12.71 52.23 -42.43
N ARG F 7 -11.72 51.61 -43.10
CA ARG F 7 -11.93 50.71 -44.22
C ARG F 7 -11.24 49.32 -44.06
N ARG F 8 -10.00 49.25 -43.51
CA ARG F 8 -9.24 47.99 -43.33
C ARG F 8 -9.34 47.41 -41.90
N ALA F 9 -9.51 46.09 -41.76
CA ALA F 9 -9.60 45.40 -40.47
C ALA F 9 -8.70 44.16 -40.38
N LEU F 10 -8.19 43.86 -39.17
CA LEU F 10 -7.35 42.70 -38.90
C LEU F 10 -7.96 41.83 -37.81
N ILE F 11 -8.17 40.55 -38.11
CA ILE F 11 -8.71 39.62 -37.10
C ILE F 11 -7.60 38.69 -36.67
N VAL F 12 -7.21 38.78 -35.41
CA VAL F 12 -6.17 37.90 -34.84
C VAL F 12 -6.90 36.81 -34.04
N LEU F 13 -6.74 35.54 -34.45
CA LEU F 13 -7.42 34.40 -33.82
C LEU F 13 -6.49 33.40 -33.14
N ALA F 14 -6.73 33.18 -31.84
CA ALA F 14 -5.95 32.26 -30.99
C ALA F 14 -6.72 30.98 -30.61
N HIS F 15 -7.06 30.16 -31.61
CA HIS F 15 -7.72 28.87 -31.40
C HIS F 15 -7.21 27.81 -32.41
N SER F 16 -7.05 26.55 -31.95
CA SER F 16 -6.53 25.45 -32.78
C SER F 16 -7.55 24.84 -33.72
N GLU F 17 -8.80 24.64 -33.23
CA GLU F 17 -9.90 23.96 -33.92
C GLU F 17 -10.80 24.81 -34.80
N ARG F 18 -11.03 24.37 -36.05
CA ARG F 18 -11.93 25.05 -36.96
C ARG F 18 -13.41 24.80 -36.52
N THR F 19 -13.60 23.69 -35.79
CA THR F 19 -14.87 23.22 -35.21
C THR F 19 -15.33 24.04 -33.96
N SER F 20 -14.48 24.96 -33.48
CA SER F 20 -14.72 25.78 -32.29
C SER F 20 -15.67 26.93 -32.51
N PHE F 21 -16.27 27.45 -31.42
CA PHE F 21 -17.12 28.63 -31.49
C PHE F 21 -16.25 29.85 -31.77
N ASN F 22 -14.97 29.84 -31.29
CA ASN F 22 -14.03 30.92 -31.57
C ASN F 22 -13.78 31.06 -33.06
N TYR F 23 -13.63 29.92 -33.77
CA TYR F 23 -13.44 29.95 -35.23
C TYR F 23 -14.70 30.51 -35.91
N ALA F 24 -15.91 30.13 -35.41
CA ALA F 24 -17.22 30.57 -35.87
C ALA F 24 -17.34 32.08 -35.74
N MET F 25 -16.90 32.62 -34.60
CA MET F 25 -16.93 34.04 -34.29
C MET F 25 -15.98 34.83 -35.20
N LYS F 26 -14.86 34.20 -35.62
CA LYS F 26 -13.88 34.82 -36.51
C LYS F 26 -14.53 34.96 -37.88
N GLU F 27 -15.09 33.83 -38.39
CA GLU F 27 -15.79 33.77 -39.68
C GLU F 27 -16.98 34.71 -39.73
N ALA F 28 -17.72 34.82 -38.61
CA ALA F 28 -18.87 35.72 -38.45
C ALA F 28 -18.43 37.18 -38.65
N ALA F 29 -17.36 37.59 -37.94
CA ALA F 29 -16.75 38.92 -38.00
C ALA F 29 -16.25 39.24 -39.41
N ALA F 30 -15.44 38.32 -39.98
CA ALA F 30 -14.86 38.45 -41.32
C ALA F 30 -15.96 38.70 -42.37
N ALA F 31 -17.03 37.87 -42.34
CA ALA F 31 -18.16 37.95 -43.25
C ALA F 31 -18.96 39.25 -43.07
N ALA F 32 -19.26 39.60 -41.80
CA ALA F 32 -20.02 40.80 -41.44
C ALA F 32 -19.32 42.06 -41.97
N LEU F 33 -18.00 42.17 -41.67
CA LEU F 33 -17.16 43.30 -42.06
C LEU F 33 -17.04 43.41 -43.56
N LYS F 34 -16.70 42.28 -44.24
CA LYS F 34 -16.58 42.22 -45.70
C LYS F 34 -17.88 42.72 -46.35
N LYS F 35 -19.04 42.28 -45.82
CA LYS F 35 -20.38 42.69 -46.30
C LYS F 35 -20.59 44.21 -46.17
N LYS F 36 -20.09 44.83 -45.08
CA LYS F 36 -20.20 46.27 -44.85
C LYS F 36 -19.06 47.07 -45.54
N GLY F 37 -18.41 46.46 -46.54
CA GLY F 37 -17.36 47.07 -47.37
C GLY F 37 -15.94 47.11 -46.82
N TRP F 38 -15.66 46.36 -45.75
CA TRP F 38 -14.32 46.33 -45.16
C TRP F 38 -13.37 45.41 -45.94
N GLU F 39 -12.07 45.69 -45.85
CA GLU F 39 -11.00 44.88 -46.40
C GLU F 39 -10.49 44.13 -45.13
N VAL F 40 -10.80 42.82 -45.05
CA VAL F 40 -10.49 41.98 -43.89
C VAL F 40 -9.24 41.09 -44.11
N VAL F 41 -8.30 41.17 -43.18
CA VAL F 41 -7.04 40.40 -43.16
C VAL F 41 -7.01 39.56 -41.85
N GLU F 42 -6.64 38.30 -41.96
CA GLU F 42 -6.61 37.42 -40.80
C GLU F 42 -5.19 37.12 -40.30
N SER F 43 -5.12 36.64 -39.06
CA SER F 43 -3.92 36.15 -38.41
C SER F 43 -4.36 34.99 -37.51
N ASP F 44 -4.63 33.83 -38.15
CA ASP F 44 -5.02 32.60 -37.44
C ASP F 44 -3.70 32.00 -36.94
N LEU F 45 -3.26 32.41 -35.73
CA LEU F 45 -1.97 32.09 -35.15
C LEU F 45 -1.64 30.62 -35.20
N TYR F 46 -2.60 29.74 -34.88
CA TYR F 46 -2.38 28.29 -34.94
C TYR F 46 -2.12 27.83 -36.38
N ALA F 47 -2.99 28.26 -37.33
CA ALA F 47 -2.94 27.93 -38.76
C ALA F 47 -1.67 28.45 -39.41
N MET F 48 -1.20 29.62 -38.94
CA MET F 48 0.01 30.30 -39.38
C MET F 48 1.23 29.58 -38.88
N ASN F 49 1.04 28.67 -37.86
CA ASN F 49 2.13 27.91 -37.24
C ASN F 49 3.09 28.95 -36.63
N PHE F 50 2.48 29.97 -36.02
CA PHE F 50 3.15 31.11 -35.41
C PHE F 50 4.09 30.71 -34.26
N ASN F 51 5.31 31.26 -34.26
CA ASN F 51 6.26 31.05 -33.19
C ASN F 51 6.00 32.14 -32.11
N PRO F 52 5.51 31.77 -30.91
CA PRO F 52 5.21 32.81 -29.90
C PRO F 52 6.39 33.14 -28.97
N ILE F 53 7.55 32.49 -29.18
CA ILE F 53 8.66 32.71 -28.27
C ILE F 53 9.69 33.70 -28.77
N ILE F 54 9.80 34.84 -28.02
CA ILE F 54 10.79 35.88 -28.25
C ILE F 54 12.15 35.22 -28.05
N SER F 55 13.07 35.42 -29.01
CA SER F 55 14.43 34.86 -29.00
C SER F 55 15.38 35.76 -29.78
N ARG F 56 16.70 35.48 -29.73
CA ARG F 56 17.64 36.26 -30.51
C ARG F 56 17.48 35.89 -32.00
N LYS F 57 16.70 34.81 -32.31
CA LYS F 57 16.39 34.36 -33.68
C LYS F 57 15.44 35.39 -34.36
N ASP F 58 14.84 36.32 -33.58
CA ASP F 58 13.94 37.34 -34.12
C ASP F 58 14.72 38.47 -34.81
N ILE F 59 16.07 38.47 -34.66
CA ILE F 59 16.99 39.45 -35.22
C ILE F 59 17.94 38.74 -36.22
N THR F 60 17.73 39.02 -37.51
CA THR F 60 18.45 38.45 -38.67
C THR F 60 19.83 39.12 -38.90
N GLY F 61 20.08 40.25 -38.26
CA GLY F 61 21.35 40.96 -38.39
C GLY F 61 22.28 40.75 -37.22
N LYS F 62 23.42 41.44 -37.25
CA LYS F 62 24.44 41.41 -36.21
C LYS F 62 23.91 42.11 -34.95
N LEU F 63 23.97 41.43 -33.78
CA LEU F 63 23.48 42.00 -32.51
C LEU F 63 24.41 43.11 -32.04
N LYS F 64 23.88 44.09 -31.30
CA LYS F 64 24.69 45.18 -30.79
C LYS F 64 25.62 44.74 -29.67
N ASP F 65 25.07 43.98 -28.70
CA ASP F 65 25.82 43.39 -27.59
C ASP F 65 25.44 41.90 -27.50
N PRO F 66 26.14 41.01 -28.26
CA PRO F 66 25.80 39.58 -28.23
C PRO F 66 26.17 38.90 -26.92
N ALA F 67 27.13 39.49 -26.18
CA ALA F 67 27.62 39.05 -24.87
C ALA F 67 26.50 39.17 -23.80
N ASN F 68 25.83 40.31 -23.74
CA ASN F 68 24.69 40.47 -22.88
C ASN F 68 23.54 40.94 -23.78
N PHE F 69 22.78 39.94 -24.28
CA PHE F 69 21.65 40.19 -25.14
C PHE F 69 20.47 40.71 -24.30
N GLN F 70 19.90 41.84 -24.73
CA GLN F 70 18.74 42.46 -24.09
C GLN F 70 17.69 42.66 -25.17
N TYR F 71 16.63 41.84 -25.13
CA TYR F 71 15.61 41.82 -26.17
C TYR F 71 15.01 43.19 -26.52
N PRO F 72 14.54 44.03 -25.56
CA PRO F 72 13.95 45.32 -25.96
C PRO F 72 14.89 46.16 -26.82
N ALA F 73 16.13 46.45 -26.33
CA ALA F 73 17.14 47.22 -27.03
C ALA F 73 17.45 46.73 -28.43
N GLU F 74 17.72 45.41 -28.56
CA GLU F 74 18.07 44.73 -29.81
C GLU F 74 16.93 44.66 -30.80
N SER F 75 15.69 44.41 -30.32
CA SER F 75 14.51 44.31 -31.18
C SER F 75 14.19 45.67 -31.86
N VAL F 76 14.35 46.78 -31.12
CA VAL F 76 14.12 48.15 -31.59
C VAL F 76 15.14 48.43 -32.68
N LEU F 77 16.41 48.14 -32.39
CA LEU F 77 17.49 48.32 -33.36
C LEU F 77 17.24 47.50 -34.64
N ALA F 78 16.69 46.28 -34.51
CA ALA F 78 16.37 45.41 -35.63
C ALA F 78 15.25 45.98 -36.46
N TYR F 79 14.26 46.60 -35.81
CA TYR F 79 13.14 47.25 -36.48
C TYR F 79 13.65 48.46 -37.28
N LYS F 80 14.39 49.37 -36.61
CA LYS F 80 14.99 50.57 -37.15
C LYS F 80 15.89 50.27 -38.36
N GLU F 81 16.79 49.25 -38.21
CA GLU F 81 17.79 48.85 -39.22
C GLU F 81 17.23 47.88 -40.26
N GLY F 82 15.99 47.44 -40.07
CA GLY F 82 15.27 46.56 -40.99
C GLY F 82 15.71 45.11 -41.04
N HIS F 83 16.21 44.58 -39.92
CA HIS F 83 16.60 43.18 -39.91
C HIS F 83 15.81 42.38 -38.85
N LEU F 84 14.49 42.55 -38.83
CA LEU F 84 13.63 41.77 -37.96
C LEU F 84 13.24 40.50 -38.75
N SER F 85 12.90 39.42 -38.03
CA SER F 85 12.46 38.14 -38.62
C SER F 85 11.27 38.40 -39.58
N PRO F 86 11.27 37.79 -40.79
CA PRO F 86 10.19 38.04 -41.77
C PRO F 86 8.76 37.84 -41.29
N ASP F 87 8.54 36.86 -40.39
CA ASP F 87 7.20 36.59 -39.83
C ASP F 87 6.72 37.75 -39.03
N ILE F 88 7.61 38.36 -38.21
CA ILE F 88 7.34 39.54 -37.38
C ILE F 88 6.95 40.68 -38.31
N VAL F 89 7.81 40.94 -39.32
CA VAL F 89 7.60 42.01 -40.30
C VAL F 89 6.24 41.93 -40.98
N ALA F 90 5.83 40.71 -41.40
CA ALA F 90 4.55 40.46 -42.06
C ALA F 90 3.38 40.92 -41.20
N GLU F 91 3.43 40.58 -39.88
CA GLU F 91 2.42 40.92 -38.89
C GLU F 91 2.41 42.41 -38.63
N GLN F 92 3.60 43.03 -38.60
CA GLN F 92 3.76 44.45 -38.38
C GLN F 92 3.15 45.26 -39.53
N LYS F 93 3.34 44.75 -40.78
CA LYS F 93 2.78 45.37 -41.99
C LYS F 93 1.25 45.27 -42.00
N LYS F 94 0.71 44.17 -41.43
CA LYS F 94 -0.73 43.92 -41.27
C LYS F 94 -1.32 44.96 -40.34
N LEU F 95 -0.67 45.21 -39.19
CA LEU F 95 -1.09 46.19 -38.18
C LEU F 95 -1.07 47.61 -38.73
N GLU F 96 0.06 47.98 -39.37
CA GLU F 96 0.25 49.30 -39.97
C GLU F 96 -0.95 49.63 -40.88
N ALA F 97 -1.40 48.63 -41.66
CA ALA F 97 -2.53 48.75 -42.60
C ALA F 97 -3.91 48.85 -41.98
N ALA F 98 -4.16 48.06 -40.92
CA ALA F 98 -5.45 47.95 -40.26
C ALA F 98 -5.89 49.19 -39.50
N ASP F 99 -7.20 49.49 -39.57
CA ASP F 99 -7.86 50.59 -38.84
C ASP F 99 -8.49 49.98 -37.60
N LEU F 100 -9.13 48.81 -37.78
CA LEU F 100 -9.76 48.05 -36.71
C LEU F 100 -8.95 46.72 -36.48
N VAL F 101 -8.65 46.36 -35.21
CA VAL F 101 -7.93 45.13 -34.84
C VAL F 101 -8.79 44.30 -33.84
N ILE F 102 -9.35 43.14 -34.30
CA ILE F 102 -10.19 42.27 -33.48
C ILE F 102 -9.37 41.11 -32.93
N PHE F 103 -9.45 40.89 -31.62
CA PHE F 103 -8.73 39.79 -31.00
C PHE F 103 -9.73 38.75 -30.56
N GLN F 104 -9.90 37.69 -31.39
CA GLN F 104 -10.82 36.58 -31.12
C GLN F 104 -10.08 35.48 -30.42
N PHE F 105 -10.44 35.20 -29.17
CA PHE F 105 -9.76 34.15 -28.41
C PHE F 105 -10.57 33.62 -27.21
N PRO F 106 -10.37 32.33 -26.80
CA PRO F 106 -10.97 31.86 -25.55
C PRO F 106 -10.15 32.39 -24.34
N LEU F 107 -10.82 32.71 -23.21
CA LEU F 107 -10.11 33.14 -22.00
C LEU F 107 -9.37 31.90 -21.49
N GLN F 108 -8.08 32.04 -21.29
CA GLN F 108 -7.26 30.95 -20.79
C GLN F 108 -6.42 31.43 -19.63
N TRP F 109 -6.67 30.82 -18.46
CA TRP F 109 -6.00 31.15 -17.21
C TRP F 109 -5.94 32.64 -16.94
N PHE F 110 -7.14 33.23 -17.01
CA PHE F 110 -7.44 34.60 -16.64
C PHE F 110 -6.76 35.61 -17.55
N GLY F 111 -6.58 35.21 -18.81
CA GLY F 111 -5.95 36.06 -19.81
C GLY F 111 -5.95 35.53 -21.22
N VAL F 112 -5.07 36.12 -22.06
CA VAL F 112 -4.92 35.72 -23.46
C VAL F 112 -4.17 34.36 -23.56
N PRO F 113 -4.50 33.47 -24.53
CA PRO F 113 -3.72 32.23 -24.67
C PRO F 113 -2.24 32.55 -24.95
N ALA F 114 -1.31 31.68 -24.48
CA ALA F 114 0.15 31.86 -24.70
C ALA F 114 0.52 32.26 -26.13
N ILE F 115 -0.14 31.66 -27.13
CA ILE F 115 0.16 31.97 -28.53
C ILE F 115 -0.12 33.46 -28.86
N LEU F 116 -1.17 34.07 -28.27
CA LEU F 116 -1.51 35.50 -28.47
C LEU F 116 -0.56 36.37 -27.68
N LYS F 117 -0.24 35.95 -26.43
CA LYS F 117 0.70 36.66 -25.59
C LYS F 117 2.03 36.77 -26.33
N GLY F 118 2.49 35.67 -26.92
CA GLY F 118 3.71 35.60 -27.70
C GLY F 118 3.70 36.47 -28.94
N TRP F 119 2.50 36.62 -29.55
CA TRP F 119 2.29 37.46 -30.73
C TRP F 119 2.52 38.91 -30.34
N PHE F 120 1.99 39.32 -29.19
CA PHE F 120 2.19 40.68 -28.68
C PHE F 120 3.67 40.97 -28.38
N GLU F 121 4.33 40.03 -27.71
CA GLU F 121 5.72 40.16 -27.33
C GLU F 121 6.63 40.29 -28.55
N ARG F 122 6.47 39.42 -29.54
CA ARG F 122 7.26 39.40 -30.77
C ARG F 122 6.89 40.48 -31.81
N VAL F 123 5.60 40.91 -31.91
CA VAL F 123 5.12 41.85 -32.94
C VAL F 123 5.12 43.28 -32.44
N PHE F 124 4.64 43.55 -31.21
CA PHE F 124 4.63 44.90 -30.62
C PHE F 124 6.03 45.27 -30.14
N ILE F 125 6.92 45.60 -31.11
CA ILE F 125 8.33 45.94 -30.89
C ILE F 125 8.49 47.41 -30.59
N GLY F 126 9.47 47.75 -29.77
CA GLY F 126 9.72 49.14 -29.39
C GLY F 126 9.95 50.01 -30.62
N GLU F 127 9.43 51.28 -30.60
CA GLU F 127 9.43 52.28 -31.71
C GLU F 127 8.24 52.04 -32.67
N PHE F 128 8.06 50.77 -33.15
CA PHE F 128 6.95 50.42 -34.02
C PHE F 128 5.63 50.60 -33.28
N ALA F 129 5.46 49.91 -32.11
CA ALA F 129 4.23 49.89 -31.33
C ALA F 129 4.15 50.90 -30.17
N TYR F 130 5.30 51.31 -29.58
CA TYR F 130 5.35 52.26 -28.44
C TYR F 130 6.68 53.05 -28.45
N THR F 131 6.70 54.35 -28.05
CA THR F 131 7.94 55.17 -28.10
C THR F 131 8.41 55.70 -26.72
N TYR F 132 7.76 55.26 -25.62
CA TYR F 132 8.13 55.67 -24.24
C TYR F 132 8.26 57.17 -24.13
N ALA F 133 7.51 57.86 -24.99
CA ALA F 133 7.34 59.29 -25.18
C ALA F 133 5.91 59.22 -25.64
N ALA F 134 5.67 58.54 -26.80
CA ALA F 134 4.35 58.22 -27.39
C ALA F 134 3.87 56.91 -26.70
N MET F 135 3.39 57.13 -25.47
CA MET F 135 2.95 56.14 -24.51
C MET F 135 1.52 56.45 -24.25
N TYR F 136 0.71 55.40 -24.26
CA TYR F 136 -0.72 55.44 -24.03
C TYR F 136 -1.45 56.30 -25.10
N ASP F 137 -2.22 57.35 -24.73
CA ASP F 137 -2.95 58.21 -25.69
C ASP F 137 -2.06 58.90 -26.75
N LYS F 138 -0.75 58.94 -26.51
CA LYS F 138 0.22 59.54 -27.42
C LYS F 138 0.84 58.47 -28.36
N GLY F 139 0.54 57.19 -28.09
CA GLY F 139 1.05 56.03 -28.81
C GLY F 139 0.87 55.94 -30.32
N PRO F 140 1.68 55.09 -30.99
CA PRO F 140 1.59 54.94 -32.46
C PRO F 140 0.23 54.54 -33.04
N PHE F 141 -0.54 53.72 -32.32
CA PHE F 141 -1.82 53.23 -32.83
C PHE F 141 -3.02 54.09 -32.41
N ARG F 142 -2.76 55.37 -32.01
CA ARG F 142 -3.80 56.32 -31.60
C ARG F 142 -4.92 56.49 -32.65
N SER F 143 -4.57 56.29 -33.95
CA SER F 143 -5.48 56.38 -35.08
C SER F 143 -6.23 55.08 -35.36
N LYS F 144 -5.96 54.03 -34.56
CA LYS F 144 -6.58 52.71 -34.68
C LYS F 144 -7.51 52.41 -33.51
N LYS F 145 -8.39 51.42 -33.68
CA LYS F 145 -9.32 50.97 -32.66
C LYS F 145 -9.18 49.45 -32.50
N ALA F 146 -9.09 48.94 -31.26
CA ALA F 146 -8.98 47.51 -31.02
C ALA F 146 -10.11 47.00 -30.13
N VAL F 147 -10.55 45.74 -30.33
CA VAL F 147 -11.62 45.04 -29.58
C VAL F 147 -11.15 43.69 -29.12
N LEU F 148 -11.62 43.25 -27.94
CA LEU F 148 -11.35 41.90 -27.44
C LEU F 148 -12.67 41.09 -27.52
N SER F 149 -12.66 39.94 -28.23
CA SER F 149 -13.83 39.09 -28.32
C SER F 149 -13.46 37.83 -27.63
N ILE F 150 -13.94 37.73 -26.40
CA ILE F 150 -13.59 36.64 -25.50
C ILE F 150 -14.73 35.66 -25.31
N THR F 151 -14.37 34.39 -25.10
CA THR F 151 -15.30 33.30 -24.78
C THR F 151 -14.76 32.67 -23.51
N THR F 152 -15.62 32.44 -22.53
CA THR F 152 -15.14 31.84 -21.29
C THR F 152 -15.87 30.54 -21.01
N GLY F 153 -15.23 29.69 -20.21
CA GLY F 153 -15.80 28.45 -19.72
C GLY F 153 -16.74 28.82 -18.57
N GLY F 154 -16.27 29.76 -17.71
CA GLY F 154 -16.99 30.26 -16.53
C GLY F 154 -18.16 31.17 -16.84
N SER F 155 -19.27 31.12 -16.02
CA SER F 155 -20.49 31.94 -16.19
C SER F 155 -20.25 33.38 -15.80
N GLY F 156 -21.06 34.29 -16.31
CA GLY F 156 -20.94 35.71 -16.00
C GLY F 156 -21.01 36.05 -14.52
N SER F 157 -21.87 35.32 -13.76
CA SER F 157 -22.02 35.54 -12.32
C SER F 157 -20.76 35.29 -11.54
N MET F 158 -19.90 34.39 -12.03
CA MET F 158 -18.62 34.05 -11.40
C MET F 158 -17.65 35.22 -11.51
N TYR F 159 -17.83 36.03 -12.59
CA TYR F 159 -17.02 37.22 -12.91
C TYR F 159 -17.66 38.54 -12.51
N SER F 160 -18.84 38.46 -11.82
CA SER F 160 -19.54 39.63 -11.28
C SER F 160 -18.78 40.07 -10.00
N LEU F 161 -19.08 41.25 -9.43
CA LEU F 161 -18.39 41.73 -8.22
C LEU F 161 -18.47 40.76 -7.02
N GLN F 162 -19.54 39.90 -6.96
CA GLN F 162 -19.79 38.93 -5.90
C GLN F 162 -19.45 37.45 -6.27
N GLY F 163 -18.98 37.19 -7.49
CA GLY F 163 -18.62 35.85 -7.96
C GLY F 163 -17.28 35.41 -7.41
N ILE F 164 -16.95 34.07 -7.39
CA ILE F 164 -15.66 33.55 -6.86
C ILE F 164 -14.46 34.13 -7.52
N HIS F 165 -14.54 34.29 -8.88
CA HIS F 165 -13.40 34.78 -9.66
C HIS F 165 -13.16 36.27 -9.45
N GLY F 166 -14.19 36.96 -8.99
CA GLY F 166 -14.10 38.39 -8.77
C GLY F 166 -14.30 39.16 -10.07
N ASP F 167 -14.23 40.48 -10.00
CA ASP F 167 -14.47 41.38 -11.11
C ASP F 167 -13.68 41.07 -12.39
N MET F 168 -14.44 40.93 -13.49
CA MET F 168 -13.92 40.72 -14.84
C MET F 168 -13.14 41.97 -15.28
N ASN F 169 -13.56 43.15 -14.83
CA ASN F 169 -12.89 44.42 -15.13
C ASN F 169 -11.42 44.38 -14.69
N VAL F 170 -11.12 43.72 -13.55
CA VAL F 170 -9.76 43.56 -13.03
C VAL F 170 -8.93 42.66 -13.99
N ILE F 171 -9.52 41.54 -14.49
CA ILE F 171 -8.91 40.59 -15.42
C ILE F 171 -8.54 41.27 -16.73
N LEU F 172 -9.47 42.07 -17.29
CA LEU F 172 -9.31 42.80 -18.56
C LEU F 172 -8.26 43.92 -18.56
N TRP F 173 -8.14 44.66 -17.43
CA TRP F 173 -7.24 45.80 -17.26
C TRP F 173 -5.83 45.57 -17.84
N PRO F 174 -5.06 44.51 -17.45
CA PRO F 174 -3.69 44.36 -18.00
C PRO F 174 -3.59 44.19 -19.52
N ILE F 175 -4.65 43.69 -20.17
CA ILE F 175 -4.68 43.52 -21.64
C ILE F 175 -5.11 44.83 -22.30
N GLN F 176 -6.26 45.38 -21.88
CA GLN F 176 -6.86 46.57 -22.47
C GLN F 176 -6.05 47.83 -22.23
N SER F 177 -5.59 48.08 -20.98
CA SER F 177 -4.74 49.25 -20.68
C SER F 177 -3.26 48.97 -21.01
N GLY F 178 -2.75 47.90 -20.43
CA GLY F 178 -1.36 47.52 -20.52
C GLY F 178 -0.81 47.19 -21.89
N ILE F 179 -1.58 46.46 -22.70
CA ILE F 179 -1.08 46.08 -24.03
C ILE F 179 -1.63 47.04 -25.11
N LEU F 180 -2.97 47.10 -25.26
CA LEU F 180 -3.65 47.86 -26.30
C LEU F 180 -3.55 49.38 -26.11
N HIS F 181 -4.13 49.93 -25.01
CA HIS F 181 -4.10 51.37 -24.81
C HIS F 181 -2.66 51.93 -24.73
N PHE F 182 -1.75 51.19 -24.11
CA PHE F 182 -0.34 51.57 -24.00
C PHE F 182 0.29 51.96 -25.36
N CYS F 183 -0.09 51.22 -26.42
CA CYS F 183 0.38 51.38 -27.79
C CYS F 183 -0.40 52.42 -28.63
N GLY F 184 -1.37 53.10 -27.99
CA GLY F 184 -2.14 54.15 -28.64
C GLY F 184 -3.59 53.81 -28.95
N PHE F 185 -3.89 52.51 -29.09
CA PHE F 185 -5.23 52.00 -29.41
C PHE F 185 -6.33 52.62 -28.58
N GLN F 186 -7.44 52.92 -29.24
CA GLN F 186 -8.69 53.31 -28.58
C GLN F 186 -9.31 51.93 -28.35
N VAL F 187 -9.52 51.56 -27.08
CA VAL F 187 -10.06 50.24 -26.76
C VAL F 187 -11.60 50.33 -26.69
N LEU F 188 -12.28 49.59 -27.55
CA LEU F 188 -13.72 49.50 -27.61
C LEU F 188 -14.21 48.47 -26.60
N GLU F 189 -15.52 48.54 -26.26
CA GLU F 189 -16.15 47.63 -25.28
C GLU F 189 -15.88 46.19 -25.65
N PRO F 190 -15.38 45.34 -24.73
CA PRO F 190 -15.11 43.94 -25.11
C PRO F 190 -16.39 43.15 -25.39
N GLN F 191 -16.31 42.19 -26.33
CA GLN F 191 -17.43 41.31 -26.64
C GLN F 191 -17.23 40.06 -25.79
N LEU F 192 -17.89 40.04 -24.63
CA LEU F 192 -17.75 38.96 -23.65
C LEU F 192 -18.85 37.91 -23.79
N THR F 193 -18.48 36.70 -24.25
CA THR F 193 -19.39 35.56 -24.45
C THR F 193 -19.13 34.53 -23.32
N TYR F 194 -19.86 34.64 -22.18
CA TYR F 194 -19.67 33.75 -21.04
C TYR F 194 -20.23 32.34 -21.24
N SER F 195 -19.70 31.38 -20.44
CA SER F 195 -20.05 29.95 -20.37
C SER F 195 -20.64 29.41 -21.69
N ILE F 196 -19.86 29.53 -22.76
CA ILE F 196 -20.24 29.09 -24.10
C ILE F 196 -20.58 27.59 -24.12
N GLY F 197 -20.02 26.88 -23.14
CA GLY F 197 -20.26 25.45 -22.93
C GLY F 197 -21.68 25.11 -22.53
N HIS F 198 -22.36 26.03 -21.85
CA HIS F 198 -23.73 25.83 -21.37
C HIS F 198 -24.81 26.38 -22.29
N THR F 199 -24.41 27.17 -23.28
CA THR F 199 -25.29 27.79 -24.24
C THR F 199 -25.88 26.80 -25.23
N PRO F 200 -27.24 26.76 -25.36
CA PRO F 200 -27.87 25.87 -26.38
C PRO F 200 -27.63 26.41 -27.80
N ALA F 201 -27.64 25.55 -28.84
CA ALA F 201 -27.37 25.93 -30.24
C ALA F 201 -28.13 27.19 -30.73
N ASP F 202 -29.41 27.30 -30.35
CA ASP F 202 -30.33 28.39 -30.66
C ASP F 202 -29.77 29.73 -30.14
N ALA F 203 -29.21 29.73 -28.94
CA ALA F 203 -28.61 30.92 -28.36
C ALA F 203 -27.24 31.20 -28.96
N ARG F 204 -26.48 30.15 -29.33
CA ARG F 204 -25.16 30.29 -29.96
C ARG F 204 -25.27 31.00 -31.31
N ILE F 205 -26.35 30.70 -32.12
CA ILE F 205 -26.59 31.38 -33.41
C ILE F 205 -26.97 32.84 -33.13
N GLN F 206 -27.80 33.11 -32.07
CA GLN F 206 -28.16 34.47 -31.67
C GLN F 206 -26.93 35.31 -31.28
N ILE F 207 -25.90 34.68 -30.62
CA ILE F 207 -24.64 35.29 -30.20
C ILE F 207 -23.88 35.77 -31.45
N LEU F 208 -23.74 34.89 -32.44
CA LEU F 208 -23.04 35.17 -33.70
C LEU F 208 -23.74 36.28 -34.48
N GLU F 209 -25.08 36.24 -34.53
CA GLU F 209 -25.85 37.26 -35.24
C GLU F 209 -25.72 38.62 -34.59
N GLY F 210 -25.64 38.63 -33.26
CA GLY F 210 -25.49 39.83 -32.46
C GLY F 210 -24.16 40.50 -32.66
N TRP F 211 -23.09 39.67 -32.73
CA TRP F 211 -21.70 40.08 -32.98
C TRP F 211 -21.62 40.70 -34.38
N LYS F 212 -22.27 40.08 -35.38
CA LYS F 212 -22.33 40.58 -36.76
C LYS F 212 -23.05 41.95 -36.80
N LYS F 213 -24.22 42.10 -36.11
CA LYS F 213 -24.98 43.36 -36.07
C LYS F 213 -24.21 44.50 -35.33
N ARG F 214 -23.33 44.12 -34.37
CA ARG F 214 -22.50 45.08 -33.63
C ARG F 214 -21.46 45.67 -34.55
N LEU F 215 -20.81 44.80 -35.33
CA LEU F 215 -19.75 45.12 -36.29
C LEU F 215 -20.23 45.99 -37.44
N GLU F 216 -21.56 46.10 -37.62
CA GLU F 216 -22.13 46.94 -38.66
C GLU F 216 -21.82 48.41 -38.41
N ASN F 217 -21.72 48.81 -37.12
CA ASN F 217 -21.45 50.20 -36.69
C ASN F 217 -20.45 50.26 -35.54
N ILE F 218 -19.49 49.33 -35.56
CA ILE F 218 -18.42 49.22 -34.56
C ILE F 218 -17.54 50.47 -34.54
N TRP F 219 -17.23 51.06 -35.72
CA TRP F 219 -16.37 52.22 -35.85
C TRP F 219 -16.93 53.45 -35.18
N ASP F 220 -18.26 53.61 -35.15
CA ASP F 220 -18.94 54.78 -34.58
C ASP F 220 -19.08 54.76 -33.05
N GLU F 221 -18.72 53.62 -32.41
CA GLU F 221 -18.81 53.40 -30.96
C GLU F 221 -17.89 54.29 -30.16
N THR F 222 -18.29 54.58 -28.91
CA THR F 222 -17.48 55.34 -27.96
C THR F 222 -16.52 54.36 -27.24
N PRO F 223 -15.20 54.68 -27.18
CA PRO F 223 -14.26 53.75 -26.53
C PRO F 223 -14.27 53.82 -25.01
N LEU F 224 -13.63 52.83 -24.34
CA LEU F 224 -13.51 52.73 -22.89
C LEU F 224 -12.66 53.87 -22.33
N TYR F 225 -12.91 54.28 -21.07
CA TYR F 225 -12.15 55.38 -20.49
C TYR F 225 -10.90 54.93 -19.81
N PHE F 226 -9.78 55.60 -20.16
CA PHE F 226 -8.44 55.47 -19.58
C PHE F 226 -8.00 56.87 -19.22
N ALA F 227 -7.32 57.04 -18.08
CA ALA F 227 -6.87 58.37 -17.66
C ALA F 227 -5.93 58.97 -18.73
N PRO F 228 -6.15 60.15 -19.33
CA PRO F 228 -5.17 60.63 -20.35
C PRO F 228 -3.80 60.91 -19.73
N SER F 229 -2.72 60.68 -20.49
CA SER F 229 -1.33 60.85 -20.04
C SER F 229 -1.11 62.27 -19.52
N SER F 230 -2.00 63.19 -19.92
CA SER F 230 -1.98 64.59 -19.53
C SER F 230 -2.14 64.85 -18.02
N LEU F 231 -2.64 63.89 -17.23
CA LEU F 231 -2.81 64.09 -15.78
C LEU F 231 -1.57 63.71 -15.00
N PHE F 232 -0.50 63.33 -15.73
CA PHE F 232 0.75 62.83 -15.21
C PHE F 232 1.96 63.63 -15.64
N ASP F 233 2.88 63.87 -14.67
CA ASP F 233 4.18 64.50 -14.91
C ASP F 233 5.03 63.32 -15.38
N LEU F 234 5.22 63.19 -16.69
CA LEU F 234 5.94 62.08 -17.29
C LEU F 234 7.44 62.34 -17.41
N ASN F 235 8.12 62.31 -16.26
CA ASN F 235 9.55 62.54 -16.18
C ASN F 235 10.11 61.85 -14.94
N PHE F 236 11.37 61.38 -15.04
CA PHE F 236 12.10 60.69 -13.98
C PHE F 236 12.01 61.41 -12.63
N GLN F 237 12.43 62.70 -12.56
CA GLN F 237 12.41 63.46 -11.31
C GLN F 237 11.00 63.51 -10.69
N ALA F 238 9.94 63.41 -11.50
CA ALA F 238 8.56 63.44 -11.01
C ALA F 238 7.98 62.07 -10.71
N GLY F 239 8.71 61.02 -11.08
CA GLY F 239 8.34 59.63 -10.84
C GLY F 239 7.17 59.07 -11.64
N PHE F 240 6.72 59.79 -12.68
CA PHE F 240 5.58 59.41 -13.54
C PHE F 240 4.30 59.35 -12.72
N LEU F 241 4.22 60.30 -11.76
CA LEU F 241 3.09 60.44 -10.83
C LEU F 241 2.10 61.43 -11.30
N MET F 242 0.89 61.25 -10.83
CA MET F 242 -0.23 62.12 -11.10
C MET F 242 0.11 63.54 -10.61
N LYS F 243 -0.12 64.56 -11.46
CA LYS F 243 0.16 65.97 -11.13
C LYS F 243 -0.47 66.34 -9.78
N LYS F 244 0.25 67.08 -8.91
CA LYS F 244 -0.22 67.45 -7.56
C LYS F 244 -1.61 68.11 -7.57
N GLU F 245 -1.95 68.78 -8.70
CA GLU F 245 -3.24 69.43 -8.92
C GLU F 245 -4.33 68.35 -9.12
N VAL F 246 -4.03 67.34 -9.92
CA VAL F 246 -4.96 66.25 -10.21
C VAL F 246 -5.29 65.53 -8.90
N GLN F 247 -4.21 65.18 -8.15
CA GLN F 247 -4.25 64.52 -6.86
C GLN F 247 -5.19 65.24 -5.90
N ASP F 248 -5.15 66.57 -5.88
CA ASP F 248 -6.02 67.42 -5.05
C ASP F 248 -7.48 67.45 -5.50
N GLU F 249 -7.78 67.72 -6.80
CA GLU F 249 -9.15 67.76 -7.31
C GLU F 249 -9.82 66.38 -7.15
N GLU F 250 -9.05 65.27 -7.26
CA GLU F 250 -9.54 63.88 -7.11
C GLU F 250 -10.00 63.54 -5.70
N LYS F 251 -9.34 64.13 -4.70
CA LYS F 251 -9.66 63.97 -3.27
C LYS F 251 -11.18 64.11 -2.94
N ASN F 252 -11.88 65.04 -3.63
CA ASN F 252 -13.30 65.35 -3.49
C ASN F 252 -14.23 64.47 -4.33
N LYS F 253 -13.68 63.69 -5.27
CA LYS F 253 -14.53 62.84 -6.11
C LYS F 253 -14.58 61.48 -5.45
N LYS F 254 -15.77 60.87 -5.47
CA LYS F 254 -16.16 59.58 -4.87
C LYS F 254 -15.43 58.35 -5.45
N PHE F 255 -15.25 58.37 -6.77
CA PHE F 255 -14.67 57.27 -7.50
C PHE F 255 -13.30 57.55 -8.03
N GLY F 256 -12.59 56.47 -8.34
CA GLY F 256 -11.29 56.58 -8.98
C GLY F 256 -11.50 56.85 -10.46
N LEU F 257 -10.39 56.93 -11.20
CA LEU F 257 -10.45 57.21 -12.63
C LEU F 257 -10.71 55.97 -13.48
N SER F 258 -9.99 54.87 -13.18
CA SER F 258 -10.06 53.61 -13.90
C SER F 258 -9.79 52.44 -12.95
N VAL F 259 -9.70 51.20 -13.48
CA VAL F 259 -9.40 50.02 -12.66
C VAL F 259 -8.01 50.17 -12.00
N GLY F 260 -7.00 50.53 -12.80
CA GLY F 260 -5.64 50.74 -12.32
C GLY F 260 -5.45 52.05 -11.58
N HIS F 261 -6.24 53.07 -11.92
CA HIS F 261 -6.19 54.38 -11.24
C HIS F 261 -7.38 54.53 -10.34
N HIS F 262 -7.63 53.49 -9.53
CA HIS F 262 -8.74 53.47 -8.58
C HIS F 262 -8.48 54.45 -7.42
N LEU F 263 -7.20 54.80 -7.22
CA LEU F 263 -6.72 55.75 -6.21
C LEU F 263 -7.17 55.40 -4.78
N GLY F 264 -7.41 54.13 -4.52
CA GLY F 264 -7.86 53.67 -3.21
C GLY F 264 -9.30 53.97 -2.92
N LYS F 265 -10.01 54.53 -3.92
CA LYS F 265 -11.43 54.89 -3.91
C LYS F 265 -12.15 53.77 -4.66
N SER F 266 -13.47 53.95 -4.91
CA SER F 266 -14.30 52.99 -5.63
C SER F 266 -13.91 52.92 -7.12
N ILE F 267 -13.87 51.70 -7.72
CA ILE F 267 -13.58 51.60 -9.16
C ILE F 267 -14.89 52.01 -9.91
N PRO F 268 -14.84 52.98 -10.86
CA PRO F 268 -16.06 53.32 -11.61
C PRO F 268 -16.60 52.04 -12.27
N THR F 269 -17.88 51.73 -12.01
CA THR F 269 -18.56 50.54 -12.47
C THR F 269 -18.28 50.22 -13.93
N ASP F 270 -17.90 48.94 -14.24
CA ASP F 270 -17.61 48.45 -15.58
C ASP F 270 -16.72 49.40 -16.37
N ASN F 271 -15.62 49.87 -15.75
CA ASN F 271 -14.67 50.80 -16.39
C ASN F 271 -14.08 50.19 -17.67
N GLN F 272 -13.74 48.88 -17.61
CA GLN F 272 -13.15 48.08 -18.69
C GLN F 272 -14.18 47.30 -19.53
N ILE F 273 -15.48 47.36 -19.19
CA ILE F 273 -16.49 46.61 -19.92
C ILE F 273 -17.46 47.53 -20.71
N LYS F 274 -17.73 48.74 -20.17
CA LYS F 274 -18.66 49.71 -20.73
C LYS F 274 -18.10 51.14 -20.86
N ALA F 275 -18.60 51.94 -21.84
CA ALA F 275 -18.11 53.30 -22.10
C ALA F 275 -18.97 54.44 -21.47
N ARG F 276 -20.30 54.16 -21.30
CA ARG F 276 -21.38 55.03 -20.81
C ARG F 276 -20.94 56.31 -20.11
N VAL G 5 27.32 8.27 73.97
CA VAL G 5 25.93 8.35 74.42
C VAL G 5 25.34 9.75 74.24
N GLY G 6 24.11 9.79 73.75
CA GLY G 6 23.33 11.01 73.48
C GLY G 6 21.97 11.10 74.17
N ARG G 7 21.56 12.33 74.61
CA ARG G 7 20.25 12.52 75.25
C ARG G 7 19.45 13.71 74.69
N ARG G 8 20.12 14.79 74.23
CA ARG G 8 19.46 15.98 73.65
C ARG G 8 19.45 15.97 72.14
N ALA G 9 18.31 16.35 71.52
CA ALA G 9 18.13 16.41 70.06
C ALA G 9 17.48 17.72 69.60
N LEU G 10 17.90 18.21 68.41
CA LEU G 10 17.35 19.41 67.79
C LEU G 10 16.78 19.10 66.39
N ILE G 11 15.50 19.46 66.17
CA ILE G 11 14.84 19.25 64.87
C ILE G 11 14.56 20.59 64.21
N VAL G 12 15.32 20.90 63.15
CA VAL G 12 15.16 22.12 62.33
C VAL G 12 14.22 21.70 61.19
N LEU G 13 13.06 22.34 61.11
CA LEU G 13 12.08 22.06 60.06
C LEU G 13 11.88 23.24 59.10
N ALA G 14 12.06 22.99 57.80
CA ALA G 14 11.91 23.99 56.74
C ALA G 14 10.67 23.75 55.86
N HIS G 15 9.48 23.86 56.47
CA HIS G 15 8.18 23.76 55.79
C HIS G 15 7.13 24.72 56.41
N SER G 16 6.31 25.35 55.56
CA SER G 16 5.30 26.33 56.00
C SER G 16 4.05 25.71 56.60
N GLU G 17 3.54 24.63 55.98
CA GLU G 17 2.28 23.94 56.28
C GLU G 17 2.34 22.83 57.31
N ARG G 18 1.41 22.87 58.30
CA ARG G 18 1.26 21.82 59.30
C ARG G 18 0.67 20.55 58.65
N THR G 19 -0.08 20.76 57.54
CA THR G 19 -0.76 19.77 56.71
C THR G 19 0.18 18.93 55.82
N SER G 20 1.47 19.31 55.78
CA SER G 20 2.51 18.68 54.94
C SER G 20 3.03 17.37 55.51
N PHE G 21 3.64 16.54 54.64
CA PHE G 21 4.26 15.30 55.07
C PHE G 21 5.54 15.62 55.86
N ASN G 22 6.22 16.73 55.48
CA ASN G 22 7.38 17.21 56.21
C ASN G 22 7.04 17.50 57.68
N TYR G 23 5.88 18.16 57.94
CA TYR G 23 5.45 18.44 59.31
C TYR G 23 5.16 17.13 60.03
N ALA G 24 4.53 16.16 59.29
CA ALA G 24 4.20 14.81 59.76
C ALA G 24 5.47 14.11 60.26
N MET G 25 6.55 14.18 59.44
CA MET G 25 7.87 13.59 59.68
C MET G 25 8.57 14.20 60.89
N LYS G 26 8.33 15.51 61.12
CA LYS G 26 8.89 16.23 62.25
C LYS G 26 8.24 15.69 63.52
N GLU G 27 6.89 15.66 63.54
CA GLU G 27 6.10 15.16 64.66
C GLU G 27 6.42 13.70 64.98
N ALA G 28 6.63 12.88 63.92
CA ALA G 28 6.98 11.47 64.03
C ALA G 28 8.31 11.32 64.79
N ALA G 29 9.33 12.11 64.37
CA ALA G 29 10.67 12.14 64.95
C ALA G 29 10.62 12.58 66.41
N ALA G 30 9.96 13.74 66.67
CA ALA G 30 9.81 14.34 67.99
C ALA G 30 9.21 13.34 68.98
N ALA G 31 8.09 12.69 68.59
CA ALA G 31 7.38 11.68 69.38
C ALA G 31 8.24 10.43 69.65
N ALA G 32 8.89 9.89 68.57
CA ALA G 32 9.75 8.71 68.62
C ALA G 32 10.90 8.90 69.61
N LEU G 33 11.63 10.04 69.46
CA LEU G 33 12.78 10.41 70.28
C LEU G 33 12.38 10.62 71.72
N LYS G 34 11.33 11.44 71.97
CA LYS G 34 10.78 11.69 73.32
C LYS G 34 10.48 10.36 74.03
N LYS G 35 9.85 9.40 73.31
CA LYS G 35 9.50 8.06 73.79
C LYS G 35 10.76 7.29 74.25
N LYS G 36 11.87 7.41 73.48
CA LYS G 36 13.15 6.75 73.78
C LYS G 36 14.01 7.55 74.78
N GLY G 37 13.38 8.47 75.53
CA GLY G 37 14.00 9.28 76.58
C GLY G 37 14.79 10.51 76.19
N TRP G 38 14.68 10.95 74.93
CA TRP G 38 15.37 12.14 74.44
C TRP G 38 14.69 13.43 74.88
N GLU G 39 15.48 14.51 74.97
CA GLU G 39 15.03 15.86 75.24
C GLU G 39 15.02 16.49 73.82
N VAL G 40 13.81 16.71 73.27
CA VAL G 40 13.61 17.21 71.89
C VAL G 40 13.26 18.72 71.84
N VAL G 41 14.06 19.47 71.06
CA VAL G 41 13.89 20.92 70.85
C VAL G 41 13.71 21.14 69.37
N GLU G 42 12.76 21.99 69.01
CA GLU G 42 12.51 22.22 67.59
C GLU G 42 12.92 23.66 67.13
N SER G 43 13.12 23.82 65.81
CA SER G 43 13.45 25.08 65.13
C SER G 43 12.62 25.12 63.85
N ASP G 44 11.26 25.22 64.01
CA ASP G 44 10.29 25.31 62.89
C ASP G 44 10.47 26.73 62.33
N LEU G 45 11.45 26.87 61.41
CA LEU G 45 11.89 28.12 60.81
C LEU G 45 10.74 29.00 60.38
N TYR G 46 9.76 28.42 59.66
CA TYR G 46 8.58 29.16 59.22
C TYR G 46 7.73 29.71 60.39
N ALA G 47 7.44 28.84 61.38
CA ALA G 47 6.66 29.15 62.58
C ALA G 47 7.36 30.18 63.42
N MET G 48 8.70 30.11 63.47
CA MET G 48 9.57 31.02 64.19
C MET G 48 9.64 32.37 63.49
N ASN G 49 9.19 32.42 62.22
CA ASN G 49 9.26 33.58 61.33
C ASN G 49 10.74 34.03 61.26
N PHE G 50 11.64 33.02 61.15
CA PHE G 50 13.08 33.17 61.11
C PHE G 50 13.55 34.06 59.96
N ASN G 51 14.52 34.96 60.23
CA ASN G 51 15.13 35.82 59.22
C ASN G 51 16.31 35.07 58.59
N PRO G 52 16.22 34.65 57.31
CA PRO G 52 17.34 33.90 56.71
C PRO G 52 18.42 34.77 56.04
N ILE G 53 18.31 36.12 56.11
CA ILE G 53 19.28 36.93 55.41
C ILE G 53 20.35 37.52 56.32
N ILE G 54 21.61 37.14 56.05
CA ILE G 54 22.83 37.66 56.70
C ILE G 54 22.91 39.15 56.37
N SER G 55 23.12 40.01 57.38
CA SER G 55 23.18 41.48 57.25
C SER G 55 24.01 42.06 58.39
N ARG G 56 24.30 43.36 58.31
CA ARG G 56 25.04 44.01 59.40
C ARG G 56 24.14 44.17 60.65
N LYS G 57 22.81 43.90 60.48
CA LYS G 57 21.80 43.89 61.55
C LYS G 57 22.04 42.68 62.48
N ASP G 58 22.91 41.71 62.06
CA ASP G 58 23.21 40.54 62.87
C ASP G 58 24.23 40.88 64.00
N ILE G 59 24.81 42.09 63.93
CA ILE G 59 25.79 42.60 64.88
C ILE G 59 25.20 43.80 65.61
N THR G 60 24.90 43.56 66.91
CA THR G 60 24.25 44.41 67.92
C THR G 60 25.21 45.44 68.55
N GLY G 61 26.32 45.71 67.88
CA GLY G 61 27.30 46.65 68.39
C GLY G 61 28.12 47.41 67.36
N LYS G 62 29.20 48.03 67.86
CA LYS G 62 30.10 48.80 67.03
C LYS G 62 30.89 47.88 66.12
N LEU G 63 30.73 48.05 64.78
CA LEU G 63 31.46 47.27 63.77
C LEU G 63 32.95 47.65 63.80
N LYS G 64 33.83 46.71 63.39
CA LYS G 64 35.26 46.99 63.37
C LYS G 64 35.61 47.98 62.24
N ASP G 65 35.09 47.72 61.03
CA ASP G 65 35.28 48.57 59.85
C ASP G 65 33.89 48.77 59.21
N PRO G 66 33.14 49.80 59.66
CA PRO G 66 31.80 50.01 59.10
C PRO G 66 31.82 50.49 57.66
N ALA G 67 32.94 51.14 57.28
CA ALA G 67 33.19 51.68 55.94
C ALA G 67 33.36 50.56 54.90
N ASN G 68 33.99 49.44 55.29
CA ASN G 68 34.17 48.27 54.43
C ASN G 68 33.73 47.03 55.25
N PHE G 69 32.40 46.81 55.31
CA PHE G 69 31.84 45.71 56.09
C PHE G 69 32.11 44.37 55.43
N GLN G 70 32.71 43.44 56.20
CA GLN G 70 33.04 42.08 55.77
C GLN G 70 32.40 41.10 56.77
N TYR G 71 31.27 40.45 56.37
CA TYR G 71 30.49 39.58 57.25
C TYR G 71 31.29 38.51 58.01
N PRO G 72 32.16 37.67 57.37
CA PRO G 72 32.87 36.66 58.17
C PRO G 72 33.64 37.27 59.35
N ALA G 73 34.52 38.26 59.08
CA ALA G 73 35.34 38.94 60.10
C ALA G 73 34.50 39.55 61.23
N GLU G 74 33.47 40.31 60.89
CA GLU G 74 32.59 41.00 61.83
C GLU G 74 31.71 40.07 62.66
N SER G 75 31.23 38.96 62.04
CA SER G 75 30.37 37.98 62.72
C SER G 75 31.12 37.23 63.82
N VAL G 76 32.39 36.87 63.55
CA VAL G 76 33.30 36.17 64.47
C VAL G 76 33.53 37.10 65.69
N LEU G 77 33.91 38.34 65.41
CA LEU G 77 34.15 39.33 66.42
C LEU G 77 32.90 39.53 67.28
N ALA G 78 31.69 39.52 66.66
CA ALA G 78 30.42 39.70 67.38
C ALA G 78 30.12 38.53 68.29
N TYR G 79 30.49 37.31 67.85
CA TYR G 79 30.34 36.09 68.66
C TYR G 79 31.25 36.17 69.89
N LYS G 80 32.56 36.39 69.65
CA LYS G 80 33.63 36.50 70.64
C LYS G 80 33.34 37.61 71.66
N GLU G 81 32.90 38.80 71.21
CA GLU G 81 32.61 39.96 72.06
C GLU G 81 31.19 39.97 72.65
N GLY G 82 30.38 38.97 72.28
CA GLY G 82 29.03 38.76 72.79
C GLY G 82 27.96 39.74 72.35
N HIS G 83 28.11 40.34 71.13
CA HIS G 83 27.10 41.26 70.59
C HIS G 83 26.49 40.73 69.28
N LEU G 84 26.14 39.43 69.22
CA LEU G 84 25.45 38.86 68.06
C LEU G 84 23.95 39.10 68.28
N SER G 85 23.15 39.14 67.19
CA SER G 85 21.69 39.30 67.23
C SER G 85 21.06 38.19 68.13
N PRO G 86 20.15 38.56 69.05
CA PRO G 86 19.57 37.57 69.98
C PRO G 86 18.94 36.33 69.35
N ASP G 87 18.35 36.46 68.16
CA ASP G 87 17.75 35.33 67.45
C ASP G 87 18.80 34.30 67.08
N ILE G 88 19.99 34.77 66.58
CA ILE G 88 21.15 33.94 66.23
C ILE G 88 21.60 33.22 67.48
N VAL G 89 21.82 33.99 68.57
CA VAL G 89 22.27 33.45 69.85
C VAL G 89 21.38 32.31 70.37
N ALA G 90 20.04 32.48 70.28
CA ALA G 90 19.06 31.49 70.71
C ALA G 90 19.28 30.14 70.02
N GLU G 91 19.48 30.18 68.67
CA GLU G 91 19.74 29.04 67.81
C GLU G 91 21.08 28.41 68.13
N GLN G 92 22.10 29.25 68.42
CA GLN G 92 23.44 28.81 68.74
C GLN G 92 23.43 28.03 70.07
N LYS G 93 22.63 28.51 71.04
CA LYS G 93 22.47 27.87 72.35
C LYS G 93 21.76 26.51 72.19
N LYS G 94 20.84 26.40 71.21
CA LYS G 94 20.11 25.16 70.88
C LYS G 94 21.11 24.10 70.34
N LEU G 95 22.00 24.51 69.41
CA LEU G 95 23.03 23.66 68.81
C LEU G 95 24.02 23.19 69.86
N GLU G 96 24.56 24.12 70.68
CA GLU G 96 25.52 23.80 71.75
C GLU G 96 24.99 22.63 72.58
N ALA G 97 23.68 22.67 72.91
CA ALA G 97 22.98 21.70 73.73
C ALA G 97 22.73 20.35 73.09
N ALA G 98 22.37 20.35 71.80
CA ALA G 98 22.03 19.15 71.04
C ALA G 98 23.19 18.19 70.77
N ASP G 99 22.88 16.87 70.84
CA ASP G 99 23.81 15.77 70.54
C ASP G 99 23.48 15.35 69.12
N LEU G 100 22.17 15.24 68.82
CA LEU G 100 21.67 14.88 67.50
C LEU G 100 20.97 16.09 66.87
N VAL G 101 21.25 16.35 65.59
CA VAL G 101 20.60 17.43 64.84
C VAL G 101 19.90 16.84 63.58
N ILE G 102 18.56 16.94 63.54
CA ILE G 102 17.75 16.44 62.41
C ILE G 102 17.31 17.60 61.54
N PHE G 103 17.58 17.50 60.23
CA PHE G 103 17.15 18.54 59.30
C PHE G 103 16.03 18.00 58.43
N GLN G 104 14.78 18.32 58.82
CA GLN G 104 13.59 17.89 58.10
C GLN G 104 13.19 18.96 57.09
N PHE G 105 13.27 18.62 55.78
CA PHE G 105 12.94 19.58 54.73
C PHE G 105 12.59 18.93 53.38
N PRO G 106 11.75 19.60 52.54
CA PRO G 106 11.56 19.10 51.17
C PRO G 106 12.76 19.52 50.29
N LEU G 107 13.17 18.68 49.33
CA LEU G 107 14.26 19.06 48.42
C LEU G 107 13.72 20.18 47.55
N GLN G 108 14.44 21.29 47.49
CA GLN G 108 14.03 22.45 46.69
C GLN G 108 15.19 22.92 45.85
N TRP G 109 15.01 22.86 44.54
CA TRP G 109 16.01 23.21 43.53
C TRP G 109 17.40 22.54 43.82
N PHE G 110 17.35 21.20 44.07
CA PHE G 110 18.52 20.33 44.26
C PHE G 110 19.35 20.73 45.50
N GLY G 111 18.63 21.23 46.50
CA GLY G 111 19.24 21.62 47.74
C GLY G 111 18.26 21.91 48.84
N VAL G 112 18.79 22.57 49.90
CA VAL G 112 18.00 22.95 51.06
C VAL G 112 17.12 24.14 50.74
N PRO G 113 15.86 24.27 51.29
CA PRO G 113 15.08 25.48 51.04
C PRO G 113 15.85 26.73 51.52
N ALA G 114 15.65 27.88 50.84
CA ALA G 114 16.32 29.14 51.18
C ALA G 114 16.27 29.48 52.68
N ILE G 115 15.14 29.18 53.37
CA ILE G 115 15.02 29.48 54.80
C ILE G 115 16.05 28.68 55.65
N LEU G 116 16.35 27.38 55.31
CA LEU G 116 17.38 26.56 56.00
C LEU G 116 18.80 26.96 55.58
N LYS G 117 18.97 27.40 54.29
CA LYS G 117 20.25 27.90 53.81
C LYS G 117 20.63 29.14 54.62
N GLY G 118 19.69 30.04 54.80
CA GLY G 118 19.85 31.26 55.58
C GLY G 118 20.14 31.01 57.05
N TRP G 119 19.54 29.95 57.60
CA TRP G 119 19.75 29.53 58.98
C TRP G 119 21.22 29.13 59.14
N PHE G 120 21.76 28.35 58.18
CA PHE G 120 23.17 27.95 58.22
C PHE G 120 24.10 29.14 58.16
N GLU G 121 23.83 30.05 57.23
CA GLU G 121 24.66 31.23 57.01
C GLU G 121 24.73 32.12 58.24
N ARG G 122 23.56 32.42 58.86
CA ARG G 122 23.41 33.28 60.05
C ARG G 122 23.79 32.62 61.38
N VAL G 123 23.58 31.29 61.53
CA VAL G 123 23.82 30.57 62.79
C VAL G 123 25.23 29.93 62.85
N PHE G 124 25.70 29.31 61.75
CA PHE G 124 27.04 28.69 61.71
C PHE G 124 28.09 29.78 61.48
N ILE G 125 28.38 30.54 62.55
CA ILE G 125 29.30 31.70 62.61
C ILE G 125 30.72 31.25 62.92
N GLY G 126 31.70 32.06 62.50
CA GLY G 126 33.13 31.89 62.67
C GLY G 126 33.68 30.97 63.76
N GLU G 127 34.03 31.49 64.96
CA GLU G 127 34.65 30.67 66.02
C GLU G 127 33.67 29.64 66.67
N PHE G 128 32.35 29.79 66.44
CA PHE G 128 31.32 28.96 67.03
C PHE G 128 31.21 27.60 66.37
N ALA G 129 30.96 27.60 65.03
CA ALA G 129 30.74 26.42 64.19
C ALA G 129 31.97 25.86 63.46
N TYR G 130 33.00 26.68 63.19
CA TYR G 130 34.18 26.21 62.46
C TYR G 130 35.44 27.04 62.73
N THR G 131 36.55 26.77 61.97
CA THR G 131 37.89 27.40 61.87
C THR G 131 38.89 26.51 61.10
N TYR G 132 39.86 27.12 60.37
CA TYR G 132 40.93 26.36 59.72
C TYR G 132 42.21 26.70 60.52
N ALA G 133 42.83 25.72 61.22
CA ALA G 133 42.41 24.32 61.32
C ALA G 133 41.39 24.25 62.43
N ALA G 134 40.65 23.12 62.46
CA ALA G 134 39.50 22.70 63.28
C ALA G 134 38.40 22.53 62.24
N MET G 135 38.82 22.28 60.99
CA MET G 135 37.84 22.07 59.94
C MET G 135 37.79 20.60 59.62
N TYR G 136 36.56 20.22 59.30
CA TYR G 136 36.08 18.89 58.98
C TYR G 136 36.12 17.99 60.24
N ASP G 137 36.75 16.79 60.21
CA ASP G 137 36.70 15.89 61.36
C ASP G 137 37.23 16.58 62.67
N LYS G 138 38.11 17.62 62.56
CA LYS G 138 38.67 18.38 63.70
C LYS G 138 37.75 19.52 64.25
N GLY G 139 36.68 19.84 63.52
CA GLY G 139 35.71 20.90 63.85
C GLY G 139 35.03 20.91 65.21
N PRO G 140 34.33 22.02 65.53
CA PRO G 140 33.62 22.13 66.83
C PRO G 140 32.51 21.14 67.15
N PHE G 141 31.74 20.68 66.13
CA PHE G 141 30.63 19.76 66.35
C PHE G 141 31.03 18.28 66.20
N ARG G 142 32.34 17.97 66.34
CA ARG G 142 32.87 16.60 66.22
C ARG G 142 32.17 15.61 67.19
N SER G 143 31.68 16.15 68.31
CA SER G 143 30.98 15.44 69.39
C SER G 143 29.48 15.20 69.08
N LYS G 144 28.99 15.82 67.97
CA LYS G 144 27.60 15.76 67.52
C LYS G 144 27.39 14.91 66.26
N LYS G 145 26.15 14.53 66.00
CA LYS G 145 25.77 13.75 64.82
C LYS G 145 24.61 14.46 64.13
N ALA G 146 24.69 14.60 62.79
CA ALA G 146 23.65 15.24 61.98
C ALA G 146 22.99 14.28 60.95
N VAL G 147 21.69 14.48 60.66
CA VAL G 147 20.92 13.70 59.66
C VAL G 147 20.11 14.62 58.79
N LEU G 148 19.98 14.25 57.51
CA LEU G 148 19.12 14.99 56.58
C LEU G 148 17.92 14.12 56.30
N SER G 149 16.71 14.59 56.64
CA SER G 149 15.50 13.84 56.31
C SER G 149 14.83 14.65 55.19
N ILE G 150 14.98 14.15 53.94
CA ILE G 150 14.54 14.83 52.72
C ILE G 150 13.33 14.15 52.11
N THR G 151 12.46 14.95 51.48
CA THR G 151 11.29 14.50 50.72
C THR G 151 11.44 15.12 49.34
N THR G 152 11.21 14.35 48.31
CA THR G 152 11.34 14.86 46.94
C THR G 152 10.06 14.69 46.13
N GLY G 153 10.02 15.39 45.01
CA GLY G 153 8.89 15.25 44.10
C GLY G 153 9.22 14.13 43.13
N GLY G 154 10.46 14.17 42.60
CA GLY G 154 10.97 13.21 41.65
C GLY G 154 11.18 11.84 42.26
N SER G 155 11.00 10.81 41.42
CA SER G 155 11.16 9.40 41.78
C SER G 155 12.61 9.06 41.91
N GLY G 156 12.87 7.94 42.59
CA GLY G 156 14.22 7.43 42.81
C GLY G 156 14.99 7.21 41.52
N SER G 157 14.33 6.66 40.48
CA SER G 157 14.97 6.36 39.21
C SER G 157 15.56 7.58 38.57
N MET G 158 14.96 8.76 38.80
CA MET G 158 15.42 10.04 38.23
C MET G 158 16.73 10.45 38.85
N TYR G 159 16.96 10.03 40.12
CA TYR G 159 18.14 10.32 40.92
C TYR G 159 19.15 9.17 40.96
N SER G 160 18.86 8.08 40.20
CA SER G 160 19.76 6.93 40.03
C SER G 160 20.88 7.37 39.09
N LEU G 161 21.95 6.56 38.96
CA LEU G 161 23.09 6.89 38.08
C LEU G 161 22.72 7.20 36.63
N GLN G 162 21.61 6.60 36.13
CA GLN G 162 21.11 6.70 34.77
C GLN G 162 19.85 7.57 34.59
N GLY G 163 19.34 8.16 35.68
CA GLY G 163 18.18 9.05 35.67
C GLY G 163 18.55 10.43 35.15
N ILE G 164 17.56 11.21 34.63
CA ILE G 164 17.80 12.56 34.07
C ILE G 164 18.43 13.51 35.06
N HIS G 165 18.05 13.43 36.36
CA HIS G 165 18.65 14.35 37.34
C HIS G 165 20.08 13.98 37.74
N GLY G 166 20.47 12.75 37.41
CA GLY G 166 21.80 12.25 37.76
C GLY G 166 21.89 11.84 39.21
N ASP G 167 23.07 11.34 39.61
CA ASP G 167 23.31 10.84 40.95
C ASP G 167 22.90 11.81 42.09
N MET G 168 22.08 11.30 43.02
CA MET G 168 21.63 11.99 44.21
C MET G 168 22.83 12.22 45.13
N ASN G 169 23.83 11.31 45.11
CA ASN G 169 25.05 11.44 45.91
C ASN G 169 25.79 12.75 45.60
N VAL G 170 25.76 13.18 44.30
CA VAL G 170 26.36 14.44 43.85
C VAL G 170 25.62 15.66 44.48
N ILE G 171 24.27 15.65 44.46
CA ILE G 171 23.38 16.65 45.02
C ILE G 171 23.63 16.85 46.53
N LEU G 172 23.75 15.73 47.29
CA LEU G 172 23.98 15.69 48.75
C LEU G 172 25.34 16.21 49.23
N TRP G 173 26.40 15.91 48.47
CA TRP G 173 27.79 16.27 48.77
C TRP G 173 27.96 17.72 49.33
N PRO G 174 27.51 18.80 48.64
CA PRO G 174 27.78 20.15 49.18
C PRO G 174 27.12 20.45 50.54
N ILE G 175 26.04 19.74 50.89
CA ILE G 175 25.37 19.95 52.18
C ILE G 175 26.05 19.11 53.25
N GLN G 176 26.20 17.80 52.99
CA GLN G 176 26.74 16.83 53.94
C GLN G 176 28.22 17.04 54.21
N SER G 177 29.06 17.24 53.17
CA SER G 177 30.50 17.51 53.37
C SER G 177 30.76 19.00 53.68
N GLY G 178 30.28 19.87 52.78
CA GLY G 178 30.48 21.31 52.83
C GLY G 178 29.93 22.04 54.03
N ILE G 179 28.71 21.71 54.45
CA ILE G 179 28.10 22.40 55.57
C ILE G 179 28.29 21.63 56.88
N LEU G 180 27.74 20.41 56.96
CA LEU G 180 27.74 19.58 58.16
C LEU G 180 29.11 19.04 58.56
N HIS G 181 29.74 18.19 57.70
CA HIS G 181 31.05 17.61 58.03
C HIS G 181 32.12 18.68 58.25
N PHE G 182 32.09 19.76 57.49
CA PHE G 182 33.02 20.88 57.62
C PHE G 182 33.12 21.43 59.05
N CYS G 183 31.95 21.48 59.74
CA CYS G 183 31.77 21.97 61.11
C CYS G 183 32.07 20.91 62.22
N GLY G 184 32.48 19.71 61.83
CA GLY G 184 32.83 18.65 62.77
C GLY G 184 31.85 17.49 62.81
N PHE G 185 30.57 17.76 62.45
CA PHE G 185 29.48 16.77 62.47
C PHE G 185 29.84 15.44 61.86
N GLN G 186 29.40 14.36 62.51
CA GLN G 186 29.46 13.02 61.97
C GLN G 186 28.14 12.95 61.21
N VAL G 187 28.21 12.80 59.87
CA VAL G 187 26.99 12.80 59.05
C VAL G 187 26.46 11.37 58.91
N LEU G 188 25.23 11.14 59.39
CA LEU G 188 24.55 9.84 59.32
C LEU G 188 23.84 9.71 57.97
N GLU G 189 23.51 8.45 57.57
CA GLU G 189 22.84 8.13 56.31
C GLU G 189 21.59 9.01 56.14
N PRO G 190 21.42 9.73 55.01
CA PRO G 190 20.22 10.57 54.88
C PRO G 190 18.94 9.74 54.78
N GLN G 191 17.83 10.28 55.31
CA GLN G 191 16.53 9.63 55.23
C GLN G 191 15.87 10.22 54.00
N LEU G 192 16.01 9.51 52.88
CA LEU G 192 15.50 9.92 51.57
C LEU G 192 14.13 9.32 51.27
N THR G 193 13.09 10.17 51.28
CA THR G 193 11.73 9.76 50.98
C THR G 193 11.36 10.34 49.59
N TYR G 194 11.57 9.50 48.53
CA TYR G 194 11.32 9.85 47.12
C TYR G 194 9.86 9.92 46.72
N SER G 195 9.58 10.75 45.70
CA SER G 195 8.26 10.97 45.11
C SER G 195 7.10 10.77 46.10
N ILE G 196 7.07 11.61 47.14
CA ILE G 196 6.08 11.56 48.21
C ILE G 196 4.63 11.86 47.71
N GLY G 197 4.52 12.61 46.61
CA GLY G 197 3.25 12.91 45.98
C GLY G 197 2.59 11.70 45.28
N HIS G 198 3.39 10.67 44.93
CA HIS G 198 2.91 9.45 44.26
C HIS G 198 2.58 8.32 45.21
N THR G 199 3.02 8.47 46.47
CA THR G 199 2.88 7.52 47.55
C THR G 199 1.44 7.42 48.02
N PRO G 200 0.84 6.21 48.06
CA PRO G 200 -0.52 6.06 48.59
C PRO G 200 -0.52 6.20 50.12
N ALA G 201 -1.68 6.53 50.71
CA ALA G 201 -1.85 6.78 52.14
C ALA G 201 -1.23 5.73 53.07
N ASP G 202 -1.48 4.42 52.82
CA ASP G 202 -0.94 3.32 53.63
C ASP G 202 0.58 3.29 53.61
N ALA G 203 1.17 3.59 52.44
CA ALA G 203 2.62 3.61 52.28
C ALA G 203 3.22 4.78 53.00
N ARG G 204 2.51 5.93 53.05
CA ARG G 204 2.95 7.15 53.76
C ARG G 204 3.05 6.87 55.27
N ILE G 205 2.09 6.05 55.77
CA ILE G 205 2.05 5.63 57.16
C ILE G 205 3.29 4.76 57.45
N GLN G 206 3.56 3.80 56.55
CA GLN G 206 4.72 2.90 56.64
C GLN G 206 6.04 3.69 56.70
N ILE G 207 6.14 4.80 55.93
CA ILE G 207 7.31 5.70 55.87
C ILE G 207 7.57 6.31 57.28
N LEU G 208 6.52 6.87 57.87
CA LEU G 208 6.57 7.49 59.19
C LEU G 208 6.94 6.47 60.28
N GLU G 209 6.36 5.26 60.21
CA GLU G 209 6.66 4.18 61.17
C GLU G 209 8.12 3.72 61.07
N GLY G 210 8.65 3.68 59.84
CA GLY G 210 10.02 3.28 59.54
C GLY G 210 11.03 4.28 60.05
N TRP G 211 10.72 5.58 59.89
CA TRP G 211 11.51 6.71 60.37
C TRP G 211 11.58 6.66 61.91
N LYS G 212 10.42 6.39 62.57
CA LYS G 212 10.32 6.26 64.03
C LYS G 212 11.17 5.09 64.53
N LYS G 213 11.10 3.91 63.86
CA LYS G 213 11.88 2.71 64.21
C LYS G 213 13.40 2.93 64.01
N ARG G 214 13.78 3.78 63.02
CA ARG G 214 15.19 4.09 62.76
C ARG G 214 15.77 4.89 63.92
N LEU G 215 15.02 5.91 64.35
CA LEU G 215 15.36 6.83 65.43
C LEU G 215 15.49 6.14 66.80
N GLU G 216 14.99 4.90 66.92
CA GLU G 216 15.09 4.13 68.16
C GLU G 216 16.56 3.82 68.49
N ASN G 217 17.41 3.66 67.44
CA ASN G 217 18.84 3.35 67.60
C ASN G 217 19.69 4.17 66.62
N ILE G 218 19.29 5.43 66.36
CA ILE G 218 19.96 6.35 65.45
C ILE G 218 21.39 6.67 65.92
N TRP G 219 21.59 6.81 67.23
CA TRP G 219 22.89 7.16 67.79
C TRP G 219 23.95 6.08 67.59
N ASP G 220 23.54 4.79 67.56
CA ASP G 220 24.45 3.66 67.41
C ASP G 220 24.88 3.39 65.96
N GLU G 221 24.32 4.14 65.00
CA GLU G 221 24.62 4.00 63.57
C GLU G 221 26.06 4.42 63.20
N THR G 222 26.58 3.83 62.10
CA THR G 222 27.89 4.15 61.52
C THR G 222 27.72 5.36 60.59
N PRO G 223 28.54 6.42 60.73
CA PRO G 223 28.34 7.60 59.84
C PRO G 223 28.95 7.42 58.45
N LEU G 224 28.56 8.29 57.51
CA LEU G 224 29.03 8.30 56.12
C LEU G 224 30.54 8.57 56.06
N TYR G 225 31.22 8.04 55.03
CA TYR G 225 32.66 8.25 54.89
C TYR G 225 33.03 9.53 54.17
N PHE G 226 33.91 10.31 54.83
CA PHE G 226 34.55 11.51 54.32
C PHE G 226 36.06 11.30 54.51
N ALA G 227 36.86 11.75 53.54
CA ALA G 227 38.31 11.62 53.65
C ALA G 227 38.82 12.37 54.91
N PRO G 228 39.50 11.68 55.85
CA PRO G 228 40.00 12.40 57.05
C PRO G 228 41.01 13.50 56.70
N SER G 229 40.97 14.62 57.45
CA SER G 229 41.86 15.77 57.24
C SER G 229 43.34 15.36 57.36
N SER G 230 43.59 14.28 58.09
CA SER G 230 44.91 13.67 58.27
C SER G 230 45.55 13.23 56.94
N LEU G 231 44.75 13.10 55.84
CA LEU G 231 45.23 12.70 54.51
C LEU G 231 45.77 13.89 53.71
N PHE G 232 45.61 15.11 54.24
CA PHE G 232 46.00 16.35 53.58
C PHE G 232 46.98 17.20 54.34
N ASP G 233 47.67 18.03 53.58
CA ASP G 233 48.61 19.06 53.99
C ASP G 233 47.91 20.42 54.04
N LEU G 234 47.20 20.65 55.14
CA LEU G 234 46.43 21.85 55.47
C LEU G 234 47.47 22.91 55.80
N ASN G 235 47.91 23.62 54.72
CA ASN G 235 49.05 24.49 54.82
C ASN G 235 49.06 25.73 53.87
N PHE G 236 49.29 25.53 52.52
CA PHE G 236 49.54 26.51 51.42
C PHE G 236 51.08 26.68 51.31
N GLN G 237 51.65 26.04 50.28
CA GLN G 237 53.03 25.82 49.87
C GLN G 237 52.92 24.33 49.58
N ALA G 238 51.85 23.75 50.17
CA ALA G 238 51.32 22.40 50.05
C ALA G 238 50.02 22.55 49.26
N GLY G 239 49.39 23.72 49.38
CA GLY G 239 48.17 24.10 48.68
C GLY G 239 46.93 23.37 49.16
N PHE G 240 46.95 22.93 50.43
CA PHE G 240 45.86 22.19 51.07
C PHE G 240 45.53 20.90 50.32
N LEU G 241 46.58 20.29 49.74
CA LEU G 241 46.45 19.09 48.96
C LEU G 241 46.79 17.83 49.73
N MET G 242 46.36 16.70 49.18
CA MET G 242 46.56 15.37 49.69
C MET G 242 48.06 15.10 49.82
N LYS G 243 48.45 14.47 50.96
CA LYS G 243 49.83 14.12 51.27
C LYS G 243 50.38 13.19 50.16
N LYS G 244 51.61 13.47 49.69
CA LYS G 244 52.26 12.71 48.61
C LYS G 244 52.27 11.19 48.88
N GLU G 245 52.35 10.77 50.15
CA GLU G 245 52.32 9.38 50.60
C GLU G 245 50.92 8.79 50.33
N VAL G 246 49.84 9.56 50.65
CA VAL G 246 48.43 9.18 50.45
C VAL G 246 48.18 9.05 48.95
N GLN G 247 48.66 10.04 48.17
CA GLN G 247 48.57 10.07 46.72
C GLN G 247 49.12 8.77 46.12
N ASP G 248 50.31 8.30 46.58
CA ASP G 248 50.97 7.06 46.15
C ASP G 248 50.15 5.79 46.50
N GLU G 249 49.67 5.70 47.78
CA GLU G 249 48.88 4.58 48.30
C GLU G 249 47.60 4.35 47.46
N GLU G 250 46.98 5.46 47.04
CA GLU G 250 45.74 5.52 46.25
C GLU G 250 45.90 5.26 44.74
N LYS G 251 47.13 5.38 44.22
CA LYS G 251 47.45 5.25 42.80
C LYS G 251 46.89 3.96 42.18
N ASN G 252 47.08 2.81 42.85
CA ASN G 252 46.63 1.49 42.37
C ASN G 252 45.14 1.17 42.71
N LYS G 253 44.42 2.10 43.39
CA LYS G 253 43.04 1.91 43.82
C LYS G 253 42.05 2.32 42.70
N LYS G 254 41.08 1.42 42.34
CA LYS G 254 40.08 1.59 41.28
C LYS G 254 39.14 2.79 41.51
N PHE G 255 38.78 3.00 42.77
CA PHE G 255 37.86 4.03 43.18
C PHE G 255 38.51 5.18 43.92
N GLY G 256 37.81 6.31 43.92
CA GLY G 256 38.19 7.50 44.67
C GLY G 256 37.79 7.31 46.12
N LEU G 257 38.01 8.34 46.94
CA LEU G 257 37.70 8.31 48.37
C LEU G 257 36.24 8.66 48.70
N SER G 258 35.72 9.73 48.08
CA SER G 258 34.37 10.24 48.27
C SER G 258 33.85 10.88 46.97
N VAL G 259 32.66 11.52 47.03
CA VAL G 259 32.07 12.20 45.87
C VAL G 259 32.99 13.34 45.42
N GLY G 260 33.39 14.19 46.39
CA GLY G 260 34.30 15.31 46.15
C GLY G 260 35.73 14.91 45.89
N HIS G 261 36.19 13.82 46.53
CA HIS G 261 37.54 13.25 46.39
C HIS G 261 37.50 12.01 45.53
N HIS G 262 36.82 12.13 44.38
CA HIS G 262 36.71 11.06 43.38
C HIS G 262 38.08 10.84 42.69
N LEU G 263 38.97 11.85 42.77
CA LEU G 263 40.33 11.83 42.23
C LEU G 263 40.39 11.47 40.73
N GLY G 264 39.30 11.74 40.02
CA GLY G 264 39.20 11.47 38.58
C GLY G 264 38.96 10.00 38.29
N LYS G 265 38.79 9.21 39.36
CA LYS G 265 38.51 7.78 39.32
C LYS G 265 36.99 7.61 39.58
N SER G 266 36.52 6.36 39.75
CA SER G 266 35.12 6.07 40.03
C SER G 266 34.71 6.52 41.45
N ILE G 267 33.48 7.07 41.61
CA ILE G 267 32.99 7.45 42.95
C ILE G 267 32.51 6.17 43.68
N PRO G 268 33.03 5.86 44.90
CA PRO G 268 32.53 4.68 45.63
C PRO G 268 31.02 4.76 45.76
N THR G 269 30.33 3.69 45.32
CA THR G 269 28.87 3.61 45.26
C THR G 269 28.19 4.08 46.56
N ASP G 270 27.14 4.97 46.42
CA ASP G 270 26.35 5.53 47.52
C ASP G 270 27.24 6.10 48.64
N ASN G 271 28.30 6.85 48.27
CA ASN G 271 29.22 7.44 49.24
C ASN G 271 28.50 8.33 50.26
N GLN G 272 27.54 9.12 49.77
CA GLN G 272 26.74 10.08 50.52
C GLN G 272 25.33 9.57 50.93
N ILE G 273 24.86 8.41 50.43
CA ILE G 273 23.50 7.90 50.73
C ILE G 273 23.51 6.68 51.69
N LYS G 274 24.46 5.75 51.47
CA LYS G 274 24.55 4.57 52.32
C LYS G 274 25.77 4.59 53.25
N ALA G 275 25.42 4.19 54.47
CA ALA G 275 26.18 4.11 55.68
C ALA G 275 27.66 3.63 55.61
N ARG G 276 27.94 2.38 55.19
CA ARG G 276 29.30 1.82 55.36
C ARG G 276 30.23 1.68 54.17
N GLY H 6 22.25 37.88 20.51
CA GLY H 6 21.71 38.40 21.75
C GLY H 6 21.84 39.90 21.90
N ARG H 7 20.78 40.56 22.49
CA ARG H 7 20.62 42.02 22.68
C ARG H 7 20.37 42.46 24.15
N ARG H 8 19.54 41.71 24.91
CA ARG H 8 19.17 42.01 26.31
C ARG H 8 19.87 41.11 27.32
N ALA H 9 20.30 41.70 28.46
CA ALA H 9 20.98 40.97 29.54
C ALA H 9 20.44 41.33 30.93
N LEU H 10 20.45 40.35 31.86
CA LEU H 10 20.01 40.52 33.24
C LEU H 10 21.12 40.13 34.21
N ILE H 11 21.48 41.06 35.11
CA ILE H 11 22.49 40.77 36.14
C ILE H 11 21.81 40.62 37.49
N VAL H 12 21.84 39.41 38.04
CA VAL H 12 21.28 39.12 39.37
C VAL H 12 22.45 39.14 40.37
N LEU H 13 22.43 40.08 41.33
CA LEU H 13 23.50 40.21 42.32
C LEU H 13 23.05 39.88 43.76
N ALA H 14 23.77 38.93 44.38
CA ALA H 14 23.52 38.51 45.74
C ALA H 14 24.64 38.95 46.76
N HIS H 15 24.78 40.27 46.93
CA HIS H 15 25.71 40.84 47.91
C HIS H 15 25.11 42.08 48.56
N SER H 16 25.35 42.24 49.88
CA SER H 16 24.82 43.34 50.69
C SER H 16 25.54 44.67 50.50
N GLU H 17 26.88 44.62 50.47
CA GLU H 17 27.77 45.79 50.42
C GLU H 17 28.15 46.32 49.00
N ARG H 18 28.02 47.66 48.82
CA ARG H 18 28.40 48.32 47.57
C ARG H 18 29.95 48.35 47.49
N THR H 19 30.61 48.28 48.67
CA THR H 19 32.06 48.29 48.88
C THR H 19 32.74 46.98 48.48
N SER H 20 31.93 45.94 48.15
CA SER H 20 32.41 44.58 47.85
C SER H 20 32.95 44.45 46.45
N PHE H 21 33.79 43.42 46.23
CA PHE H 21 34.30 43.11 44.91
C PHE H 21 33.17 42.54 44.06
N ASN H 22 32.18 41.86 44.69
CA ASN H 22 31.01 41.36 43.99
C ASN H 22 30.22 42.52 43.34
N TYR H 23 30.08 43.65 44.08
CA TYR H 23 29.39 44.81 43.54
C TYR H 23 30.20 45.39 42.37
N ALA H 24 31.55 45.41 42.49
CA ALA H 24 32.48 45.88 41.48
C ALA H 24 32.34 45.06 40.19
N MET H 25 32.23 43.74 40.35
CA MET H 25 32.08 42.78 39.26
C MET H 25 30.77 42.96 38.53
N LYS H 26 29.71 43.38 39.28
CA LYS H 26 28.38 43.65 38.72
C LYS H 26 28.49 44.91 37.83
N GLU H 27 29.05 45.98 38.39
CA GLU H 27 29.27 47.25 37.69
C GLU H 27 30.16 47.07 36.44
N ALA H 28 31.20 46.21 36.55
CA ALA H 28 32.14 45.89 35.47
C ALA H 28 31.38 45.26 34.31
N ALA H 29 30.54 44.26 34.61
CA ALA H 29 29.70 43.53 33.66
C ALA H 29 28.70 44.45 32.98
N ALA H 30 27.95 45.23 33.78
CA ALA H 30 26.94 46.18 33.31
C ALA H 30 27.54 47.15 32.30
N ALA H 31 28.68 47.77 32.66
CA ALA H 31 29.41 48.73 31.83
C ALA H 31 29.95 48.09 30.55
N ALA H 32 30.60 46.91 30.67
CA ALA H 32 31.17 46.16 29.56
C ALA H 32 30.13 45.84 28.51
N LEU H 33 28.98 45.26 28.95
CA LEU H 33 27.86 44.86 28.11
C LEU H 33 27.21 46.06 27.44
N LYS H 34 26.89 47.11 28.22
CA LYS H 34 26.31 48.36 27.69
C LYS H 34 27.19 48.91 26.57
N LYS H 35 28.55 48.92 26.79
CA LYS H 35 29.56 49.37 25.83
C LYS H 35 29.49 48.56 24.50
N LYS H 36 29.25 47.24 24.60
CA LYS H 36 29.13 46.36 23.43
C LYS H 36 27.69 46.32 22.85
N GLY H 37 26.90 47.34 23.15
CA GLY H 37 25.53 47.53 22.65
C GLY H 37 24.39 46.79 23.30
N TRP H 38 24.62 46.15 24.46
CA TRP H 38 23.57 45.42 25.19
C TRP H 38 22.62 46.35 25.98
N GLU H 39 21.39 45.86 26.21
CA GLU H 39 20.38 46.49 27.05
C GLU H 39 20.50 45.71 28.39
N VAL H 40 21.06 46.36 29.42
CA VAL H 40 21.33 45.73 30.73
C VAL H 40 20.29 46.09 31.80
N VAL H 41 19.73 45.06 32.47
CA VAL H 41 18.75 45.17 33.56
C VAL H 41 19.35 44.48 34.80
N GLU H 42 19.18 45.07 35.97
CA GLU H 42 19.70 44.53 37.23
C GLU H 42 18.66 43.93 38.16
N SER H 43 19.12 43.11 39.09
CA SER H 43 18.37 42.53 40.18
C SER H 43 19.33 42.41 41.39
N ASP H 44 19.58 43.57 42.04
CA ASP H 44 20.43 43.63 43.22
C ASP H 44 19.49 43.24 44.37
N LEU H 45 19.43 41.92 44.64
CA LEU H 45 18.49 41.31 45.60
C LEU H 45 18.48 42.00 46.95
N TYR H 46 19.65 42.34 47.50
CA TYR H 46 19.76 43.05 48.79
C TYR H 46 19.17 44.45 48.72
N ALA H 47 19.56 45.21 47.68
CA ALA H 47 19.11 46.60 47.44
C ALA H 47 17.60 46.67 47.19
N MET H 48 17.08 45.64 46.50
CA MET H 48 15.68 45.45 46.17
C MET H 48 14.89 45.10 47.42
N ASN H 49 15.60 44.67 48.51
CA ASN H 49 15.01 44.21 49.77
C ASN H 49 14.06 43.03 49.41
N PHE H 50 14.59 42.14 48.54
CA PHE H 50 13.87 41.00 48.00
C PHE H 50 13.46 40.00 49.09
N ASN H 51 12.20 39.49 49.01
CA ASN H 51 11.71 38.48 49.94
C ASN H 51 12.10 37.09 49.39
N PRO H 52 13.02 36.36 50.05
CA PRO H 52 13.43 35.06 49.50
C PRO H 52 12.60 33.87 49.99
N ILE H 53 11.59 34.13 50.84
CA ILE H 53 10.82 33.00 51.36
C ILE H 53 9.49 32.72 50.64
N ILE H 54 9.44 31.51 50.01
CA ILE H 54 8.23 30.98 49.37
C ILE H 54 7.17 30.83 50.47
N SER H 55 5.94 31.33 50.24
CA SER H 55 4.83 31.28 51.18
C SER H 55 3.51 31.26 50.41
N ARG H 56 2.40 31.02 51.14
CA ARG H 56 1.06 31.09 50.57
C ARG H 56 0.74 32.54 50.14
N LYS H 57 1.53 33.53 50.65
CA LYS H 57 1.43 34.98 50.37
C LYS H 57 1.89 35.31 48.92
N ASP H 58 2.51 34.33 48.24
CA ASP H 58 2.98 34.51 46.87
C ASP H 58 1.80 34.39 45.86
N ILE H 59 0.58 34.02 46.37
CA ILE H 59 -0.65 33.83 45.61
C ILE H 59 -1.70 34.83 46.09
N THR H 60 -2.01 35.80 45.20
CA THR H 60 -2.94 36.93 45.36
C THR H 60 -4.43 36.53 45.32
N GLY H 61 -4.73 35.50 44.53
CA GLY H 61 -6.11 35.03 44.38
C GLY H 61 -6.53 34.07 45.47
N LYS H 62 -7.72 33.47 45.28
CA LYS H 62 -8.25 32.49 46.23
C LYS H 62 -7.50 31.19 45.96
N LEU H 63 -6.99 30.52 47.03
CA LEU H 63 -6.26 29.26 46.88
C LEU H 63 -7.22 28.14 46.45
N LYS H 64 -6.68 27.15 45.75
CA LYS H 64 -7.50 26.06 45.26
C LYS H 64 -7.87 25.12 46.42
N ASP H 65 -6.91 24.78 47.29
CA ASP H 65 -7.15 23.96 48.49
C ASP H 65 -6.43 24.66 49.66
N PRO H 66 -7.09 25.63 50.33
CA PRO H 66 -6.39 26.33 51.43
C PRO H 66 -6.14 25.46 52.65
N ALA H 67 -7.02 24.44 52.84
CA ALA H 67 -6.99 23.47 53.93
C ALA H 67 -5.73 22.60 53.85
N ASN H 68 -5.35 22.19 52.64
CA ASN H 68 -4.18 21.36 52.41
C ASN H 68 -3.34 22.01 51.31
N PHE H 69 -2.55 23.03 51.70
CA PHE H 69 -1.74 23.79 50.77
C PHE H 69 -0.55 22.93 50.22
N GLN H 70 -0.12 23.24 48.98
CA GLN H 70 1.00 22.59 48.29
C GLN H 70 1.57 23.67 47.38
N TYR H 71 2.72 24.27 47.77
CA TYR H 71 3.35 25.36 47.00
C TYR H 71 3.49 25.06 45.48
N PRO H 72 4.07 23.91 45.00
CA PRO H 72 4.15 23.71 43.54
C PRO H 72 2.79 23.86 42.80
N ALA H 73 1.83 22.97 43.09
CA ALA H 73 0.49 22.91 42.50
C ALA H 73 -0.15 24.27 42.30
N GLU H 74 -0.34 25.01 43.43
CA GLU H 74 -0.97 26.33 43.55
C GLU H 74 -0.18 27.43 42.88
N SER H 75 1.15 27.48 43.06
CA SER H 75 1.99 28.48 42.40
C SER H 75 1.83 28.45 40.88
N VAL H 76 1.72 27.24 40.28
CA VAL H 76 1.53 27.08 38.81
C VAL H 76 0.13 27.50 38.40
N LEU H 77 -0.83 27.13 39.22
CA LEU H 77 -2.22 27.43 39.01
C LEU H 77 -2.39 28.96 39.14
N ALA H 78 -1.54 29.63 39.96
CA ALA H 78 -1.55 31.09 40.12
C ALA H 78 -0.96 31.73 38.86
N TYR H 79 0.31 31.36 38.47
CA TYR H 79 0.99 31.87 37.27
C TYR H 79 0.04 31.85 36.06
N LYS H 80 -0.56 30.67 35.80
CA LYS H 80 -1.50 30.39 34.71
C LYS H 80 -2.71 31.33 34.75
N GLU H 81 -3.30 31.52 35.95
CA GLU H 81 -4.50 32.32 36.17
C GLU H 81 -4.20 33.82 36.40
N GLY H 82 -2.92 34.17 36.38
CA GLY H 82 -2.45 35.55 36.52
C GLY H 82 -2.54 36.20 37.90
N HIS H 83 -2.48 35.40 38.99
CA HIS H 83 -2.54 35.99 40.32
C HIS H 83 -1.32 35.64 41.18
N LEU H 84 -0.12 35.80 40.61
CA LEU H 84 1.13 35.64 41.37
C LEU H 84 1.46 36.98 41.99
N SER H 85 2.23 36.98 43.11
CA SER H 85 2.66 38.21 43.78
C SER H 85 3.40 39.14 42.77
N PRO H 86 3.06 40.45 42.73
CA PRO H 86 3.68 41.36 41.74
C PRO H 86 5.20 41.39 41.72
N ASP H 87 5.87 41.17 42.87
CA ASP H 87 7.33 41.16 42.93
C ASP H 87 7.90 40.00 42.13
N ILE H 88 7.28 38.81 42.24
CA ILE H 88 7.63 37.60 41.50
C ILE H 88 7.45 37.89 40.02
N VAL H 89 6.26 38.40 39.65
CA VAL H 89 5.93 38.74 38.27
C VAL H 89 6.96 39.68 37.61
N ALA H 90 7.39 40.72 38.34
CA ALA H 90 8.38 41.69 37.86
C ALA H 90 9.68 41.00 37.45
N GLU H 91 10.18 40.08 38.31
CA GLU H 91 11.38 39.27 38.09
C GLU H 91 11.20 38.30 36.91
N GLN H 92 10.00 37.72 36.79
CA GLN H 92 9.65 36.80 35.72
C GLN H 92 9.67 37.51 34.39
N LYS H 93 9.16 38.77 34.36
CA LYS H 93 9.12 39.59 33.16
C LYS H 93 10.53 40.02 32.75
N LYS H 94 11.44 40.17 33.74
CA LYS H 94 12.84 40.50 33.50
C LYS H 94 13.53 39.34 32.79
N LEU H 95 13.28 38.08 33.26
CA LEU H 95 13.83 36.84 32.70
C LEU H 95 13.34 36.63 31.29
N GLU H 96 12.00 36.72 31.08
CA GLU H 96 11.37 36.56 29.77
C GLU H 96 12.10 37.43 28.73
N ALA H 97 12.45 38.67 29.12
CA ALA H 97 13.11 39.65 28.26
C ALA H 97 14.58 39.37 27.96
N ALA H 98 15.33 38.88 28.98
CA ALA H 98 16.77 38.63 28.90
C ALA H 98 17.18 37.49 27.99
N ASP H 99 18.31 37.68 27.26
CA ASP H 99 18.95 36.67 26.40
C ASP H 99 20.08 36.05 27.24
N LEU H 100 20.83 36.92 27.94
CA LEU H 100 21.91 36.51 28.80
C LEU H 100 21.54 36.79 30.25
N VAL H 101 21.83 35.83 31.16
CA VAL H 101 21.57 36.01 32.60
C VAL H 101 22.85 35.75 33.37
N ILE H 102 23.34 36.79 34.07
CA ILE H 102 24.59 36.70 34.88
C ILE H 102 24.22 36.62 36.36
N PHE H 103 24.77 35.63 37.05
CA PHE H 103 24.54 35.46 38.48
C PHE H 103 25.81 35.79 39.22
N GLN H 104 25.90 37.05 39.72
CA GLN H 104 27.07 37.55 40.45
C GLN H 104 26.84 37.35 41.93
N PHE H 105 27.69 36.52 42.58
CA PHE H 105 27.53 36.21 44.00
C PHE H 105 28.78 35.65 44.65
N PRO H 106 28.98 35.86 45.98
CA PRO H 106 30.07 35.13 46.68
C PRO H 106 29.63 33.69 47.01
N LEU H 107 30.57 32.73 46.94
CA LEU H 107 30.25 31.33 47.30
C LEU H 107 30.00 31.31 48.81
N GLN H 108 28.84 30.80 49.21
CA GLN H 108 28.47 30.74 50.62
C GLN H 108 28.01 29.35 50.99
N TRP H 109 28.73 28.73 51.91
CA TRP H 109 28.48 27.35 52.35
C TRP H 109 28.31 26.35 51.17
N PHE H 110 29.27 26.43 50.21
CA PHE H 110 29.42 25.60 49.03
C PHE H 110 28.24 25.71 48.08
N GLY H 111 27.62 26.89 48.07
CA GLY H 111 26.48 27.17 47.21
C GLY H 111 26.13 28.64 47.08
N VAL H 112 24.93 28.91 46.53
CA VAL H 112 24.43 30.26 46.33
C VAL H 112 23.98 30.86 47.69
N PRO H 113 24.14 32.19 47.93
CA PRO H 113 23.62 32.78 49.17
C PRO H 113 22.10 32.59 49.27
N ALA H 114 21.59 32.46 50.51
CA ALA H 114 20.16 32.23 50.77
C ALA H 114 19.23 33.14 50.01
N ILE H 115 19.61 34.43 49.87
CA ILE H 115 18.75 35.38 49.15
C ILE H 115 18.58 34.97 47.65
N LEU H 116 19.67 34.40 46.99
CA LEU H 116 19.62 33.94 45.59
C LEU H 116 18.84 32.66 45.51
N LYS H 117 19.05 31.76 46.50
CA LYS H 117 18.33 30.50 46.55
C LYS H 117 16.84 30.78 46.58
N GLY H 118 16.43 31.72 47.43
CA GLY H 118 15.05 32.16 47.57
C GLY H 118 14.48 32.78 46.32
N TRP H 119 15.34 33.50 45.55
CA TRP H 119 14.97 34.10 44.28
C TRP H 119 14.59 33.00 43.30
N PHE H 120 15.40 31.93 43.24
CA PHE H 120 15.12 30.79 42.36
C PHE H 120 13.82 30.11 42.74
N GLU H 121 13.64 29.86 44.03
CA GLU H 121 12.46 29.18 44.54
C GLU H 121 11.15 29.95 44.23
N ARG H 122 11.12 31.24 44.52
CA ARG H 122 9.98 32.13 44.28
C ARG H 122 9.75 32.55 42.82
N VAL H 123 10.82 32.69 42.02
CA VAL H 123 10.72 33.20 40.64
C VAL H 123 10.61 32.06 39.63
N PHE H 124 11.41 30.98 39.76
CA PHE H 124 11.37 29.82 38.84
C PHE H 124 10.18 28.92 39.21
N ILE H 125 8.96 29.39 38.86
CA ILE H 125 7.65 28.78 39.14
C ILE H 125 7.28 27.80 38.04
N GLY H 126 6.32 26.91 38.35
CA GLY H 126 5.73 25.96 37.42
C GLY H 126 5.90 26.22 35.94
N GLU H 127 4.81 26.28 35.19
CA GLU H 127 4.80 26.43 33.72
C GLU H 127 5.78 27.49 33.20
N PHE H 128 6.17 28.44 34.05
CA PHE H 128 7.02 29.53 33.63
C PHE H 128 8.47 29.11 33.30
N ALA H 129 9.15 28.47 34.27
CA ALA H 129 10.56 28.10 34.20
C ALA H 129 10.87 26.64 33.78
N TYR H 130 9.94 25.68 34.01
CA TYR H 130 10.10 24.23 33.72
C TYR H 130 8.72 23.55 33.51
N THR H 131 8.65 22.30 33.00
CA THR H 131 7.34 21.63 32.80
C THR H 131 7.30 20.14 33.08
N TYR H 132 8.45 19.43 32.91
CA TYR H 132 8.57 17.95 32.99
C TYR H 132 8.41 17.37 31.57
N ALA H 133 7.49 17.94 30.74
CA ALA H 133 7.40 17.59 29.32
C ALA H 133 8.61 18.25 28.61
N ALA H 134 8.92 19.50 28.99
CA ALA H 134 10.04 20.30 28.50
C ALA H 134 11.03 20.48 29.65
N MET H 135 11.82 19.42 29.86
CA MET H 135 12.84 19.33 30.90
C MET H 135 14.23 19.48 30.31
N TYR H 136 15.13 20.18 31.01
CA TYR H 136 16.53 20.33 30.62
C TYR H 136 16.67 20.96 29.20
N ASP H 137 17.31 20.28 28.23
CA ASP H 137 17.47 20.74 26.84
C ASP H 137 16.22 21.49 26.36
N LYS H 138 15.07 20.82 26.47
CA LYS H 138 13.75 21.16 25.98
C LYS H 138 13.02 22.28 26.77
N GLY H 139 13.60 22.71 27.91
CA GLY H 139 13.07 23.72 28.83
C GLY H 139 12.73 25.08 28.24
N PRO H 140 11.92 25.88 28.98
CA PRO H 140 11.53 27.23 28.50
C PRO H 140 12.66 28.21 28.16
N PHE H 141 13.81 28.14 28.88
CA PHE H 141 14.91 29.06 28.65
C PHE H 141 15.97 28.53 27.67
N ARG H 142 15.61 27.53 26.82
CA ARG H 142 16.52 26.93 25.82
C ARG H 142 17.13 27.99 24.87
N SER H 143 16.41 29.11 24.66
CA SER H 143 16.88 30.19 23.81
C SER H 143 17.76 31.21 24.55
N LYS H 144 17.98 30.99 25.85
CA LYS H 144 18.78 31.85 26.71
C LYS H 144 20.11 31.18 27.11
N LYS H 145 21.05 32.00 27.61
CA LYS H 145 22.36 31.55 28.10
C LYS H 145 22.57 32.13 29.51
N ALA H 146 23.06 31.28 30.45
CA ALA H 146 23.33 31.70 31.82
C ALA H 146 24.80 31.51 32.21
N VAL H 147 25.31 32.39 33.09
CA VAL H 147 26.68 32.36 33.63
C VAL H 147 26.67 32.55 35.12
N LEU H 148 27.60 31.86 35.81
CA LEU H 148 27.79 32.02 37.25
C LEU H 148 29.09 32.76 37.45
N SER H 149 29.05 33.96 38.05
CA SER H 149 30.29 34.66 38.33
C SER H 149 30.45 34.60 39.86
N ILE H 150 31.35 33.71 40.31
CA ILE H 150 31.52 33.39 41.72
C ILE H 150 32.82 33.96 42.26
N THR H 151 32.81 34.33 43.55
CA THR H 151 34.00 34.75 44.29
C THR H 151 34.06 33.84 45.52
N THR H 152 35.24 33.29 45.84
CA THR H 152 35.38 32.40 46.99
C THR H 152 36.41 32.93 47.95
N GLY H 153 36.35 32.43 49.17
CA GLY H 153 37.31 32.76 50.21
C GLY H 153 38.53 31.88 50.11
N GLY H 154 38.30 30.60 49.80
CA GLY H 154 39.34 29.60 49.64
C GLY H 154 40.03 29.66 48.30
N SER H 155 41.31 29.22 48.26
CA SER H 155 42.14 29.21 47.05
C SER H 155 41.71 28.10 46.09
N GLY H 156 42.09 28.23 44.82
CA GLY H 156 41.77 27.26 43.79
C GLY H 156 42.25 25.85 44.08
N SER H 157 43.45 25.73 44.68
CA SER H 157 44.03 24.42 45.00
C SER H 157 43.19 23.62 46.00
N MET H 158 42.43 24.32 46.86
CA MET H 158 41.56 23.69 47.86
C MET H 158 40.38 23.02 47.18
N TYR H 159 40.00 23.55 45.99
CA TYR H 159 38.90 23.11 45.14
C TYR H 159 39.34 22.24 43.97
N SER H 160 40.66 21.92 43.92
CA SER H 160 41.23 21.04 42.90
C SER H 160 40.86 19.60 43.30
N LEU H 161 41.09 18.60 42.41
CA LEU H 161 40.75 17.21 42.70
C LEU H 161 41.38 16.64 44.00
N GLN H 162 42.57 17.19 44.39
CA GLN H 162 43.34 16.79 45.56
C GLN H 162 43.27 17.77 46.76
N GLY H 163 42.52 18.88 46.66
CA GLY H 163 42.33 19.85 47.74
C GLY H 163 41.35 19.36 48.78
N ILE H 164 41.40 19.90 50.02
CA ILE H 164 40.52 19.44 51.14
C ILE H 164 39.04 19.52 50.84
N HIS H 165 38.57 20.58 50.18
CA HIS H 165 37.14 20.77 49.90
C HIS H 165 36.63 19.83 48.85
N GLY H 166 37.56 19.36 47.99
CA GLY H 166 37.28 18.47 46.89
C GLY H 166 36.91 19.20 45.63
N ASP H 167 36.62 18.45 44.55
CA ASP H 167 36.29 18.99 43.24
C ASP H 167 35.21 20.09 43.24
N MET H 168 35.58 21.26 42.67
CA MET H 168 34.69 22.40 42.49
C MET H 168 33.57 22.01 41.52
N ASN H 169 33.86 21.11 40.56
CA ASN H 169 32.89 20.61 39.57
C ASN H 169 31.69 19.97 40.26
N VAL H 170 31.94 19.27 41.40
CA VAL H 170 30.89 18.64 42.21
C VAL H 170 29.99 19.71 42.84
N ILE H 171 30.58 20.80 43.40
CA ILE H 171 29.90 21.93 44.02
C ILE H 171 28.98 22.66 43.04
N LEU H 172 29.47 22.90 41.82
CA LEU H 172 28.75 23.60 40.75
C LEU H 172 27.58 22.84 40.16
N TRP H 173 27.70 21.49 40.00
CA TRP H 173 26.70 20.61 39.40
C TRP H 173 25.23 20.92 39.86
N PRO H 174 24.86 20.95 41.18
CA PRO H 174 23.45 21.17 41.55
C PRO H 174 22.90 22.53 41.14
N ILE H 175 23.77 23.55 40.92
CA ILE H 175 23.33 24.88 40.48
C ILE H 175 23.20 24.92 38.95
N GLN H 176 24.30 24.54 38.27
CA GLN H 176 24.40 24.59 36.83
C GLN H 176 23.46 23.58 36.11
N SER H 177 23.42 22.30 36.56
CA SER H 177 22.52 21.32 35.95
C SER H 177 21.11 21.42 36.55
N GLY H 178 21.03 21.32 37.89
CA GLY H 178 19.79 21.29 38.64
C GLY H 178 18.89 22.51 38.55
N ILE H 179 19.48 23.71 38.60
CA ILE H 179 18.66 24.91 38.54
C ILE H 179 18.60 25.49 37.12
N LEU H 180 19.76 25.88 36.56
CA LEU H 180 19.87 26.53 35.26
C LEU H 180 19.55 25.64 34.07
N HIS H 181 20.36 24.54 33.83
CA HIS H 181 20.12 23.64 32.69
C HIS H 181 18.73 23.00 32.73
N PHE H 182 18.24 22.68 33.91
CA PHE H 182 16.92 22.10 34.09
C PHE H 182 15.79 22.91 33.41
N CYS H 183 15.93 24.26 33.50
CA CYS H 183 15.00 25.24 32.96
C CYS H 183 15.21 25.59 31.48
N GLY H 184 16.16 24.92 30.83
CA GLY H 184 16.46 25.12 29.41
C GLY H 184 17.76 25.82 29.09
N PHE H 185 18.25 26.67 30.03
CA PHE H 185 19.48 27.46 29.89
C PHE H 185 20.66 26.69 29.36
N GLN H 186 21.39 27.31 28.46
CA GLN H 186 22.67 26.80 27.99
C GLN H 186 23.63 27.42 29.03
N VAL H 187 24.33 26.58 29.78
CA VAL H 187 25.20 27.08 30.85
C VAL H 187 26.61 27.30 30.32
N LEU H 188 27.07 28.53 30.37
CA LEU H 188 28.40 28.91 29.92
C LEU H 188 29.41 28.68 31.06
N GLU H 189 30.72 28.62 30.70
CA GLU H 189 31.81 28.40 31.65
C GLU H 189 31.70 29.35 32.82
N PRO H 190 31.74 28.87 34.09
CA PRO H 190 31.62 29.81 35.20
C PRO H 190 32.85 30.72 35.33
N GLN H 191 32.62 31.96 35.79
CA GLN H 191 33.70 32.90 36.04
C GLN H 191 34.07 32.74 37.52
N LEU H 192 35.10 31.90 37.77
CA LEU H 192 35.54 31.58 39.11
C LEU H 192 36.72 32.46 39.55
N THR H 193 36.45 33.36 40.52
CA THR H 193 37.43 34.26 41.11
C THR H 193 37.78 33.72 42.55
N TYR H 194 38.82 32.87 42.66
CA TYR H 194 39.23 32.26 43.93
C TYR H 194 39.96 33.23 44.87
N SER H 195 39.90 32.93 46.20
CA SER H 195 40.54 33.65 47.31
C SER H 195 40.68 35.15 47.05
N ILE H 196 39.55 35.83 46.82
CA ILE H 196 39.51 37.26 46.46
C ILE H 196 40.04 38.17 47.59
N GLY H 197 39.90 37.72 48.84
CA GLY H 197 40.41 38.49 49.98
C GLY H 197 41.92 38.60 50.03
N HIS H 198 42.62 37.62 49.39
CA HIS H 198 44.08 37.50 49.35
C HIS H 198 44.74 38.15 48.16
N THR H 199 43.91 38.52 47.16
CA THR H 199 44.32 39.15 45.92
C THR H 199 44.74 40.60 46.15
N PRO H 200 45.97 40.99 45.71
CA PRO H 200 46.38 42.39 45.85
C PRO H 200 45.62 43.29 44.86
N ALA H 201 45.58 44.61 45.16
CA ALA H 201 44.83 45.63 44.41
C ALA H 201 44.99 45.58 42.88
N ASP H 202 46.23 45.54 42.39
CA ASP H 202 46.48 45.51 40.94
C ASP H 202 45.93 44.27 40.26
N ALA H 203 46.03 43.10 40.98
CA ALA H 203 45.52 41.82 40.49
C ALA H 203 43.97 41.84 40.43
N ARG H 204 43.31 42.55 41.41
CA ARG H 204 41.86 42.69 41.46
C ARG H 204 41.37 43.49 40.25
N ILE H 205 42.16 44.51 39.85
CA ILE H 205 41.91 45.34 38.67
C ILE H 205 41.96 44.43 37.42
N GLN H 206 43.03 43.60 37.31
CA GLN H 206 43.21 42.66 36.20
C GLN H 206 42.03 41.68 36.07
N ILE H 207 41.47 41.21 37.21
CA ILE H 207 40.30 40.30 37.27
C ILE H 207 39.07 40.98 36.61
N LEU H 208 38.80 42.25 37.00
CA LEU H 208 37.70 43.05 36.48
C LEU H 208 37.88 43.30 34.97
N GLU H 209 39.10 43.64 34.54
CA GLU H 209 39.40 43.88 33.13
C GLU H 209 39.22 42.61 32.28
N GLY H 210 39.61 41.46 32.84
CA GLY H 210 39.49 40.15 32.21
C GLY H 210 38.05 39.71 32.03
N TRP H 211 37.21 39.95 33.07
CA TRP H 211 35.76 39.71 33.09
C TRP H 211 35.09 40.58 32.00
N LYS H 212 35.49 41.88 31.90
CA LYS H 212 34.98 42.82 30.89
C LYS H 212 35.35 42.34 29.47
N LYS H 213 36.61 41.89 29.25
CA LYS H 213 37.10 41.37 27.94
C LYS H 213 36.39 40.05 27.55
N ARG H 214 35.99 39.25 28.56
CA ARG H 214 35.29 37.98 28.31
C ARG H 214 33.89 38.27 27.78
N LEU H 215 33.20 39.22 28.42
CA LEU H 215 31.84 39.67 28.10
C LEU H 215 31.73 40.31 26.70
N GLU H 216 32.88 40.67 26.10
CA GLU H 216 32.92 41.25 24.77
C GLU H 216 32.43 40.23 23.73
N ASN H 217 32.69 38.93 23.97
CA ASN H 217 32.30 37.85 23.07
C ASN H 217 31.73 36.65 23.83
N ILE H 218 31.00 36.93 24.91
CA ILE H 218 30.38 35.92 25.78
C ILE H 218 29.34 35.09 25.04
N TRP H 219 28.53 35.74 24.18
CA TRP H 219 27.47 35.07 23.43
C TRP H 219 27.98 34.04 22.43
N ASP H 220 29.18 34.25 21.86
CA ASP H 220 29.78 33.36 20.88
C ASP H 220 30.47 32.11 21.49
N GLU H 221 30.55 32.03 22.83
CA GLU H 221 31.18 30.92 23.55
C GLU H 221 30.42 29.59 23.40
N THR H 222 31.15 28.46 23.52
CA THR H 222 30.54 27.13 23.49
C THR H 222 30.11 26.79 24.92
N PRO H 223 28.86 26.34 25.16
CA PRO H 223 28.42 26.05 26.53
C PRO H 223 28.98 24.74 27.10
N LEU H 224 28.84 24.55 28.44
CA LEU H 224 29.27 23.35 29.17
C LEU H 224 28.46 22.16 28.69
N TYR H 225 29.05 20.96 28.76
CA TYR H 225 28.37 19.76 28.36
C TYR H 225 27.50 19.15 29.46
N PHE H 226 26.24 18.90 29.11
CA PHE H 226 25.25 18.19 29.87
C PHE H 226 24.71 17.15 28.91
N ALA H 227 24.40 15.96 29.45
CA ALA H 227 23.88 14.86 28.65
C ALA H 227 22.55 15.32 27.98
N PRO H 228 22.46 15.31 26.64
CA PRO H 228 21.21 15.71 25.98
C PRO H 228 20.04 14.84 26.40
N SER H 229 18.86 15.47 26.57
CA SER H 229 17.62 14.81 26.96
C SER H 229 17.29 13.66 26.01
N SER H 230 17.76 13.75 24.73
CA SER H 230 17.63 12.71 23.71
C SER H 230 18.24 11.36 24.11
N LEU H 231 19.11 11.33 25.14
CA LEU H 231 19.76 10.10 25.64
C LEU H 231 18.89 9.34 26.63
N PHE H 232 17.73 9.94 27.03
CA PHE H 232 16.81 9.38 28.02
C PHE H 232 15.38 9.23 27.50
N ASP H 233 14.66 8.23 28.01
CA ASP H 233 13.25 8.01 27.67
C ASP H 233 12.43 8.80 28.71
N LEU H 234 12.07 10.01 28.35
CA LEU H 234 11.42 10.86 29.32
C LEU H 234 9.89 10.68 29.41
N ASN H 235 9.45 9.60 30.09
CA ASN H 235 8.05 9.22 30.31
C ASN H 235 7.94 8.32 31.54
N PHE H 236 6.84 8.51 32.34
CA PHE H 236 6.59 7.73 33.55
C PHE H 236 6.79 6.28 33.28
N GLN H 237 6.25 5.78 32.15
CA GLN H 237 6.34 4.39 31.72
C GLN H 237 7.79 3.82 31.68
N ALA H 238 8.84 4.67 31.43
CA ALA H 238 10.29 4.32 31.33
C ALA H 238 11.18 4.70 32.55
N GLY H 239 10.62 5.42 33.51
CA GLY H 239 11.32 5.80 34.73
C GLY H 239 12.29 6.93 34.53
N PHE H 240 12.12 7.66 33.40
CA PHE H 240 12.96 8.80 33.00
C PHE H 240 14.47 8.41 32.99
N LEU H 241 14.73 7.16 32.55
CA LEU H 241 16.07 6.59 32.52
C LEU H 241 16.75 6.70 31.17
N MET H 242 18.09 6.53 31.15
CA MET H 242 18.91 6.52 29.95
C MET H 242 18.45 5.37 29.04
N LYS H 243 18.35 5.67 27.72
CA LYS H 243 17.94 4.72 26.68
C LYS H 243 18.87 3.50 26.72
N LYS H 244 18.30 2.27 26.73
CA LYS H 244 19.07 1.01 26.80
C LYS H 244 20.19 0.94 25.75
N GLU H 245 19.97 1.57 24.57
CA GLU H 245 20.92 1.67 23.45
C GLU H 245 22.10 2.55 23.86
N VAL H 246 21.83 3.71 24.51
CA VAL H 246 22.83 4.69 25.03
C VAL H 246 23.67 3.99 26.09
N GLN H 247 22.98 3.27 27.03
CA GLN H 247 23.59 2.49 28.10
C GLN H 247 24.66 1.53 27.52
N ASP H 248 24.31 0.77 26.44
CA ASP H 248 25.19 -0.18 25.74
C ASP H 248 26.35 0.51 25.07
N GLU H 249 26.07 1.64 24.40
CA GLU H 249 27.00 2.50 23.65
C GLU H 249 28.17 2.98 24.52
N GLU H 250 27.90 3.38 25.78
CA GLU H 250 28.85 3.91 26.77
C GLU H 250 29.54 2.83 27.65
N LYS H 251 29.11 1.52 27.51
CA LYS H 251 29.65 0.39 28.30
C LYS H 251 31.17 0.26 28.24
N ASN H 252 31.76 0.35 27.04
CA ASN H 252 33.22 0.22 26.87
C ASN H 252 33.98 1.55 27.05
N LYS H 253 33.25 2.69 27.31
CA LYS H 253 33.83 4.03 27.44
C LYS H 253 34.37 4.28 28.84
N LYS H 254 35.67 4.70 28.96
CA LYS H 254 36.44 4.97 30.21
C LYS H 254 35.76 5.97 31.15
N PHE H 255 35.26 7.09 30.59
CA PHE H 255 34.62 8.19 31.31
C PHE H 255 33.10 8.18 31.21
N GLY H 256 32.46 8.84 32.17
CA GLY H 256 31.02 9.06 32.19
C GLY H 256 30.70 10.23 31.30
N LEU H 257 29.41 10.67 31.32
CA LEU H 257 28.94 11.79 30.50
C LEU H 257 29.15 13.16 31.13
N SER H 258 28.79 13.30 32.42
CA SER H 258 28.89 14.53 33.19
C SER H 258 29.16 14.21 34.67
N VAL H 259 29.14 15.24 35.55
CA VAL H 259 29.36 15.06 36.99
C VAL H 259 28.24 14.16 37.57
N GLY H 260 26.99 14.47 37.26
CA GLY H 260 25.82 13.71 37.69
C GLY H 260 25.61 12.42 36.93
N HIS H 261 26.03 12.39 35.66
CA HIS H 261 25.95 11.19 34.83
C HIS H 261 27.34 10.56 34.68
N HIS H 262 28.04 10.41 35.83
CA HIS H 262 29.36 9.80 35.90
C HIS H 262 29.27 8.29 35.62
N LEU H 263 28.07 7.73 35.79
CA LEU H 263 27.74 6.32 35.53
C LEU H 263 28.64 5.34 36.29
N GLY H 264 29.23 5.79 37.41
CA GLY H 264 30.13 4.97 38.22
C GLY H 264 31.51 4.82 37.61
N LYS H 265 31.75 5.58 36.53
CA LYS H 265 33.01 5.62 35.81
C LYS H 265 33.64 6.97 36.21
N SER H 266 34.76 7.33 35.54
CA SER H 266 35.46 8.58 35.82
C SER H 266 34.67 9.79 35.32
N ILE H 267 34.69 10.88 36.09
CA ILE H 267 34.02 12.10 35.66
C ILE H 267 34.91 12.81 34.60
N PRO H 268 34.37 13.14 33.38
CA PRO H 268 35.18 13.89 32.41
C PRO H 268 35.71 15.18 33.06
N THR H 269 37.05 15.36 33.01
CA THR H 269 37.77 16.49 33.63
C THR H 269 37.12 17.84 33.34
N ASP H 270 36.93 18.65 34.42
CA ASP H 270 36.30 19.98 34.39
C ASP H 270 35.02 20.03 33.60
N ASN H 271 34.12 19.03 33.84
CA ASN H 271 32.85 18.93 33.12
C ASN H 271 32.01 20.22 33.28
N GLN H 272 31.99 20.75 34.52
CA GLN H 272 31.24 21.93 34.97
C GLN H 272 32.04 23.22 34.97
N ILE H 273 33.33 23.18 34.62
CA ILE H 273 34.16 24.39 34.62
C ILE H 273 34.60 24.83 33.20
N LYS H 274 34.81 23.82 32.31
CA LYS H 274 35.28 24.00 30.95
C LYS H 274 34.41 23.31 29.89
N ALA H 275 34.38 23.92 28.71
CA ALA H 275 33.55 23.49 27.61
C ALA H 275 34.29 22.73 26.51
N ARG H 276 35.54 22.28 26.77
CA ARG H 276 36.36 21.52 25.78
C ARG H 276 35.56 20.46 24.98
N VAL I 5 -21.12 8.03 11.73
CA VAL I 5 -21.14 6.93 10.77
C VAL I 5 -19.96 5.96 10.99
N GLY I 6 -20.20 4.67 10.68
CA GLY I 6 -19.28 3.55 10.73
C GLY I 6 -19.57 2.51 9.64
N ARG I 7 -18.50 1.87 9.06
CA ARG I 7 -18.60 0.90 7.97
C ARG I 7 -18.07 -0.48 8.30
N ARG I 8 -16.91 -0.57 8.99
CA ARG I 8 -16.18 -1.80 9.34
C ARG I 8 -16.34 -2.24 10.82
N ALA I 9 -16.53 -3.54 11.05
CA ALA I 9 -16.67 -4.12 12.40
C ALA I 9 -15.78 -5.37 12.63
N LEU I 10 -15.34 -5.56 13.89
CA LEU I 10 -14.51 -6.69 14.30
C LEU I 10 -15.19 -7.44 15.46
N ILE I 11 -15.42 -8.74 15.28
CA ILE I 11 -16.00 -9.55 16.34
C ILE I 11 -14.91 -10.47 16.90
N VAL I 12 -14.55 -10.25 18.16
CA VAL I 12 -13.56 -11.06 18.87
C VAL I 12 -14.34 -12.08 19.73
N LEU I 13 -14.19 -13.38 19.44
CA LEU I 13 -14.89 -14.43 20.17
C LEU I 13 -13.97 -15.36 21.00
N ALA I 14 -14.25 -15.47 22.30
CA ALA I 14 -13.50 -16.31 23.25
C ALA I 14 -14.31 -17.54 23.74
N HIS I 15 -14.63 -18.45 22.80
CA HIS I 15 -15.32 -19.70 23.12
C HIS I 15 -14.81 -20.84 22.24
N SER I 16 -14.67 -22.05 22.82
CA SER I 16 -14.15 -23.22 22.11
C SER I 16 -15.14 -23.87 21.16
N GLU I 17 -16.38 -24.04 21.62
CA GLU I 17 -17.45 -24.78 20.98
C GLU I 17 -18.32 -24.00 20.01
N ARG I 18 -18.47 -24.53 18.78
CA ARG I 18 -19.34 -23.95 17.77
C ARG I 18 -20.79 -24.18 18.17
N THR I 19 -21.04 -25.22 18.99
CA THR I 19 -22.34 -25.65 19.56
C THR I 19 -22.89 -24.72 20.71
N SER I 20 -22.08 -23.72 21.13
CA SER I 20 -22.40 -22.81 22.23
C SER I 20 -23.32 -21.68 21.84
N PHE I 21 -23.86 -21.02 22.88
CA PHE I 21 -24.69 -19.85 22.67
C PHE I 21 -23.79 -18.67 22.33
N ASN I 22 -22.55 -18.64 22.87
CA ASN I 22 -21.59 -17.61 22.53
C ASN I 22 -21.27 -17.61 21.03
N TYR I 23 -21.14 -18.81 20.43
CA TYR I 23 -20.88 -18.92 18.99
C TYR I 23 -22.10 -18.42 18.22
N ALA I 24 -23.31 -18.74 18.72
CA ALA I 24 -24.59 -18.34 18.13
C ALA I 24 -24.71 -16.83 18.11
N MET I 25 -24.30 -16.19 19.22
CA MET I 25 -24.32 -14.75 19.38
C MET I 25 -23.35 -14.06 18.44
N LYS I 26 -22.21 -14.72 18.13
CA LYS I 26 -21.22 -14.20 17.21
C LYS I 26 -21.82 -14.22 15.80
N GLU I 27 -22.37 -15.38 15.38
CA GLU I 27 -23.01 -15.58 14.09
C GLU I 27 -24.18 -14.63 13.88
N ALA I 28 -24.97 -14.39 14.96
CA ALA I 28 -26.13 -13.49 14.98
C ALA I 28 -25.69 -12.07 14.62
N ALA I 29 -24.62 -11.60 15.32
CA ALA I 29 -24.02 -10.29 15.16
C ALA I 29 -23.47 -10.12 13.75
N ALA I 30 -22.65 -11.09 13.28
CA ALA I 30 -21.99 -11.08 11.98
C ALA I 30 -23.00 -10.95 10.88
N ALA I 31 -24.07 -11.77 10.93
CA ALA I 31 -25.17 -11.80 9.96
C ALA I 31 -25.97 -10.48 9.97
N ALA I 32 -26.36 -10.00 11.18
CA ALA I 32 -27.11 -8.77 11.38
C ALA I 32 -26.37 -7.57 10.77
N LEU I 33 -25.06 -7.42 11.12
CA LEU I 33 -24.21 -6.32 10.67
C LEU I 33 -24.01 -6.36 9.16
N LYS I 34 -23.64 -7.53 8.62
CA LYS I 34 -23.46 -7.74 7.18
C LYS I 34 -24.70 -7.29 6.43
N LYS I 35 -25.91 -7.67 6.94
CA LYS I 35 -27.22 -7.33 6.37
C LYS I 35 -27.42 -5.82 6.34
N LYS I 36 -26.96 -5.10 7.39
CA LYS I 36 -27.07 -3.64 7.48
C LYS I 36 -25.91 -2.90 6.76
N GLY I 37 -25.22 -3.61 5.86
CA GLY I 37 -24.14 -3.09 5.02
C GLY I 37 -22.75 -2.97 5.61
N TRP I 38 -22.51 -3.59 6.78
CA TRP I 38 -21.20 -3.57 7.41
C TRP I 38 -20.24 -4.58 6.77
N GLU I 39 -18.95 -4.29 6.92
CA GLU I 39 -17.86 -5.14 6.52
C GLU I 39 -17.41 -5.78 7.86
N VAL I 40 -17.73 -7.07 8.03
CA VAL I 40 -17.47 -7.82 9.26
C VAL I 40 -16.22 -8.73 9.15
N VAL I 41 -15.32 -8.61 10.14
CA VAL I 41 -14.09 -9.39 10.27
C VAL I 41 -14.13 -10.07 11.65
N GLU I 42 -13.74 -11.33 11.70
CA GLU I 42 -13.75 -12.10 12.94
C GLU I 42 -12.36 -12.34 13.54
N SER I 43 -12.34 -12.75 14.82
CA SER I 43 -11.19 -13.18 15.58
C SER I 43 -11.69 -14.23 16.56
N ASP I 44 -11.98 -15.44 16.03
CA ASP I 44 -12.41 -16.61 16.84
C ASP I 44 -11.11 -17.18 17.43
N LEU I 45 -10.71 -16.62 18.60
CA LEU I 45 -9.45 -16.91 19.27
C LEU I 45 -9.15 -18.39 19.37
N TYR I 46 -10.13 -19.22 19.77
CA TYR I 46 -9.94 -20.66 19.86
C TYR I 46 -9.67 -21.30 18.50
N ALA I 47 -10.48 -20.95 17.47
CA ALA I 47 -10.38 -21.46 16.10
C ALA I 47 -9.06 -21.05 15.46
N MET I 48 -8.60 -19.83 15.80
CA MET I 48 -7.36 -19.23 15.33
C MET I 48 -6.20 -19.91 15.98
N ASN I 49 -6.46 -20.68 17.07
CA ASN I 49 -5.46 -21.36 17.88
C ASN I 49 -4.49 -20.33 18.43
N PHE I 50 -5.05 -19.18 18.82
CA PHE I 50 -4.32 -17.99 19.26
C PHE I 50 -3.43 -18.25 20.45
N ASN I 51 -2.20 -17.67 20.41
CA ASN I 51 -1.27 -17.79 21.53
C ASN I 51 -1.53 -16.65 22.51
N PRO I 52 -2.06 -16.92 23.74
CA PRO I 52 -2.35 -15.81 24.66
C PRO I 52 -1.19 -15.43 25.58
N ILE I 53 -0.05 -16.10 25.45
CA ILE I 53 1.05 -15.83 26.35
C ILE I 53 2.14 -14.89 25.77
N ILE I 54 2.24 -13.70 26.41
CA ILE I 54 3.28 -12.70 26.14
C ILE I 54 4.63 -13.38 26.42
N SER I 55 5.60 -13.24 25.50
CA SER I 55 6.93 -13.86 25.55
C SER I 55 7.90 -13.03 24.75
N ARG I 56 9.21 -13.36 24.86
CA ARG I 56 10.24 -12.67 24.09
C ARG I 56 10.16 -13.06 22.63
N LYS I 57 9.36 -14.10 22.34
CA LYS I 57 9.11 -14.58 20.98
C LYS I 57 8.18 -13.63 20.23
N ASP I 58 7.54 -12.67 20.94
CA ASP I 58 6.64 -11.67 20.34
C ASP I 58 7.45 -10.56 19.62
N ILE I 59 8.75 -10.50 19.89
CA ILE I 59 9.66 -9.58 19.25
C ILE I 59 10.36 -10.48 18.27
N THR I 60 10.33 -10.11 16.99
CA THR I 60 10.94 -10.84 15.90
C THR I 60 12.45 -10.92 16.20
N GLY I 61 13.26 -9.97 15.76
CA GLY I 61 14.70 -10.02 15.99
C GLY I 61 15.31 -9.97 17.39
N LYS I 62 16.48 -9.33 17.47
CA LYS I 62 17.30 -9.13 18.64
C LYS I 62 16.51 -8.26 19.62
N LEU I 63 16.75 -8.47 20.92
CA LEU I 63 16.09 -7.75 22.00
C LEU I 63 17.02 -6.64 22.55
N LYS I 64 16.44 -5.47 22.98
CA LYS I 64 17.23 -4.34 23.50
C LYS I 64 18.12 -4.74 24.67
N ASP I 65 17.53 -5.24 25.76
CA ASP I 65 18.33 -5.73 26.88
C ASP I 65 17.89 -7.14 27.07
N PRO I 66 18.56 -8.13 26.45
CA PRO I 66 18.11 -9.52 26.61
C PRO I 66 18.43 -10.07 27.99
N ALA I 67 19.36 -9.41 28.71
CA ALA I 67 19.85 -9.77 30.04
C ALA I 67 18.85 -9.47 31.14
N ASN I 68 18.01 -8.46 30.91
CA ASN I 68 16.92 -7.99 31.76
C ASN I 68 15.74 -7.66 30.82
N PHE I 69 15.04 -8.71 30.40
CA PHE I 69 13.93 -8.53 29.49
C PHE I 69 12.74 -7.87 30.17
N GLN I 70 12.27 -6.75 29.61
CA GLN I 70 11.10 -6.03 30.11
C GLN I 70 10.12 -5.91 28.96
N TYR I 71 9.03 -6.70 29.00
CA TYR I 71 8.07 -6.78 27.91
C TYR I 71 7.52 -5.44 27.39
N PRO I 72 7.00 -4.50 28.23
CA PRO I 72 6.50 -3.23 27.67
C PRO I 72 7.55 -2.49 26.82
N ALA I 73 8.74 -2.21 27.38
CA ALA I 73 9.81 -1.53 26.67
C ALA I 73 10.16 -2.17 25.32
N GLU I 74 10.39 -3.51 25.31
CA GLU I 74 10.80 -4.25 24.10
C GLU I 74 9.68 -4.32 23.08
N SER I 75 8.41 -4.56 23.54
CA SER I 75 7.25 -4.67 22.64
C SER I 75 7.00 -3.37 21.84
N VAL I 76 7.20 -2.20 22.50
CA VAL I 76 7.04 -0.86 21.91
C VAL I 76 8.05 -0.68 20.82
N LEU I 77 9.36 -0.93 21.11
CA LEU I 77 10.37 -0.79 20.10
C LEU I 77 10.03 -1.71 18.93
N ALA I 78 9.60 -2.96 19.22
CA ALA I 78 9.24 -3.94 18.20
C ALA I 78 8.13 -3.43 17.29
N TYR I 79 7.13 -2.74 17.86
CA TYR I 79 6.02 -2.12 17.13
C TYR I 79 6.57 -1.05 16.20
N LYS I 80 7.31 -0.08 16.78
CA LYS I 80 7.93 1.06 16.13
C LYS I 80 8.83 0.66 14.99
N GLU I 81 9.70 -0.35 15.20
CA GLU I 81 10.67 -0.82 14.19
C GLU I 81 10.11 -1.89 13.23
N GLY I 82 8.87 -2.29 13.45
CA GLY I 82 8.14 -3.23 12.60
C GLY I 82 8.52 -4.69 12.70
N HIS I 83 9.02 -5.10 13.88
CA HIS I 83 9.50 -6.45 14.18
C HIS I 83 8.61 -7.16 15.21
N LEU I 84 7.30 -6.86 15.24
CA LEU I 84 6.42 -7.58 16.16
C LEU I 84 6.07 -8.89 15.48
N SER I 85 5.74 -9.91 16.26
CA SER I 85 5.35 -11.21 15.74
C SER I 85 4.16 -11.04 14.74
N PRO I 86 4.21 -11.69 13.55
CA PRO I 86 3.16 -11.51 12.55
C PRO I 86 1.74 -11.78 13.00
N ASP I 87 1.52 -12.71 13.97
CA ASP I 87 0.17 -12.97 14.49
C ASP I 87 -0.40 -11.75 15.21
N ILE I 88 0.44 -11.05 16.02
CA ILE I 88 0.10 -9.82 16.74
C ILE I 88 -0.24 -8.76 15.69
N VAL I 89 0.65 -8.57 14.70
CA VAL I 89 0.48 -7.60 13.62
C VAL I 89 -0.85 -7.77 12.91
N ALA I 90 -1.23 -9.02 12.59
CA ALA I 90 -2.49 -9.31 11.91
C ALA I 90 -3.70 -8.76 12.68
N GLU I 91 -3.71 -8.98 14.01
CA GLU I 91 -4.75 -8.54 14.93
C GLU I 91 -4.76 -7.03 15.03
N GLN I 92 -3.55 -6.42 15.06
CA GLN I 92 -3.39 -4.98 15.13
C GLN I 92 -3.95 -4.30 13.88
N LYS I 93 -3.73 -4.90 12.70
CA LYS I 93 -4.22 -4.42 11.42
C LYS I 93 -5.76 -4.51 11.36
N LYS I 94 -6.34 -5.54 12.03
CA LYS I 94 -7.78 -5.76 12.14
C LYS I 94 -8.42 -4.62 12.94
N LEU I 95 -7.79 -4.24 14.08
CA LEU I 95 -8.23 -3.17 14.96
C LEU I 95 -8.16 -1.84 14.26
N GLU I 96 -7.00 -1.52 13.64
CA GLU I 96 -6.77 -0.27 12.88
C GLU I 96 -7.94 -0.04 11.92
N ALA I 97 -8.37 -1.10 11.21
CA ALA I 97 -9.45 -1.06 10.24
C ALA I 97 -10.87 -0.87 10.81
N ALA I 98 -11.18 -1.58 11.92
CA ALA I 98 -12.50 -1.61 12.53
C ALA I 98 -12.96 -0.30 13.14
N ASP I 99 -14.27 0.01 12.98
CA ASP I 99 -14.94 1.18 13.59
C ASP I 99 -15.61 0.68 14.88
N LEU I 100 -16.25 -0.52 14.78
CA LEU I 100 -16.92 -1.17 15.90
C LEU I 100 -16.17 -2.44 16.28
N VAL I 101 -15.95 -2.66 17.60
CA VAL I 101 -15.30 -3.88 18.11
C VAL I 101 -16.20 -4.57 19.12
N ILE I 102 -16.67 -5.79 18.80
CA ILE I 102 -17.57 -6.57 19.67
C ILE I 102 -16.77 -7.69 20.33
N PHE I 103 -16.88 -7.80 21.65
CA PHE I 103 -16.20 -8.85 22.41
C PHE I 103 -17.25 -9.83 22.91
N GLN I 104 -17.41 -10.93 22.19
CA GLN I 104 -18.35 -11.99 22.55
C GLN I 104 -17.65 -13.06 23.37
N PHE I 105 -18.05 -13.21 24.65
CA PHE I 105 -17.40 -14.18 25.54
C PHE I 105 -18.25 -14.58 26.76
N PRO I 106 -18.06 -15.81 27.30
CA PRO I 106 -18.73 -16.15 28.56
C PRO I 106 -17.94 -15.51 29.75
N LEU I 107 -18.67 -15.05 30.81
CA LEU I 107 -18.00 -14.52 31.99
C LEU I 107 -17.29 -15.71 32.66
N GLN I 108 -16.00 -15.57 32.91
CA GLN I 108 -15.22 -16.61 33.52
C GLN I 108 -14.42 -16.05 34.66
N TRP I 109 -14.69 -16.53 35.87
CA TRP I 109 -14.06 -16.10 37.10
C TRP I 109 -14.07 -14.53 37.27
N PHE I 110 -15.27 -13.97 37.06
CA PHE I 110 -15.61 -12.56 37.18
C PHE I 110 -14.82 -11.65 36.24
N GLY I 111 -14.47 -12.20 35.08
CA GLY I 111 -13.75 -11.48 34.05
C GLY I 111 -13.74 -12.16 32.70
N VAL I 112 -12.85 -11.67 31.82
CA VAL I 112 -12.68 -12.21 30.46
C VAL I 112 -11.97 -13.59 30.51
N PRO I 113 -12.29 -14.56 29.62
CA PRO I 113 -11.52 -15.82 29.61
C PRO I 113 -10.03 -15.55 29.33
N ALA I 114 -9.12 -16.36 29.94
CA ALA I 114 -7.66 -16.24 29.78
C ALA I 114 -7.21 -16.02 28.34
N ILE I 115 -7.84 -16.68 27.36
CA ILE I 115 -7.47 -16.51 25.95
C ILE I 115 -7.71 -15.05 25.47
N LEU I 116 -8.78 -14.37 25.97
CA LEU I 116 -9.10 -12.97 25.62
C LEU I 116 -8.14 -12.05 26.34
N LYS I 117 -7.87 -12.37 27.63
CA LYS I 117 -6.96 -11.58 28.43
C LYS I 117 -5.61 -11.53 27.73
N GLY I 118 -5.15 -12.69 27.25
CA GLY I 118 -3.89 -12.85 26.52
C GLY I 118 -3.85 -12.09 25.23
N TRP I 119 -5.01 -12.00 24.54
CA TRP I 119 -5.18 -11.26 23.30
C TRP I 119 -4.93 -9.77 23.57
N PHE I 120 -5.52 -9.24 24.67
CA PHE I 120 -5.32 -7.85 25.05
C PHE I 120 -3.87 -7.55 25.37
N GLU I 121 -3.24 -8.42 26.19
CA GLU I 121 -1.85 -8.27 26.62
C GLU I 121 -0.87 -8.23 25.44
N ARG I 122 -1.00 -9.23 24.51
CA ARG I 122 -0.17 -9.36 23.31
C ARG I 122 -0.48 -8.37 22.17
N VAL I 123 -1.76 -7.94 21.98
CA VAL I 123 -2.19 -7.09 20.86
C VAL I 123 -2.17 -5.62 21.23
N PHE I 124 -2.68 -5.26 22.43
CA PHE I 124 -2.73 -3.83 22.86
C PHE I 124 -1.35 -3.41 23.38
N ILE I 125 -0.42 -3.18 22.43
CA ILE I 125 0.98 -2.84 22.66
C ILE I 125 1.14 -1.34 22.79
N GLY I 126 2.17 -0.97 23.54
CA GLY I 126 2.67 0.37 23.80
C GLY I 126 2.18 1.50 22.93
N GLU I 127 2.89 1.91 21.88
CA GLU I 127 2.41 3.11 21.13
C GLU I 127 1.17 2.91 20.24
N PHE I 128 0.87 1.64 19.91
CA PHE I 128 -0.24 1.27 19.05
C PHE I 128 -1.61 1.57 19.67
N ALA I 129 -1.87 1.00 20.88
CA ALA I 129 -3.12 1.05 21.60
C ALA I 129 -3.23 2.13 22.66
N TYR I 130 -2.10 2.66 23.20
CA TYR I 130 -2.11 3.64 24.30
C TYR I 130 -0.78 4.45 24.53
N THR I 131 -0.84 5.68 25.03
CA THR I 131 0.41 6.32 25.45
C THR I 131 0.07 6.99 26.73
N TYR I 132 1.07 7.36 27.55
CA TYR I 132 0.76 8.13 28.76
C TYR I 132 0.39 9.59 28.32
N ALA I 133 0.93 10.04 27.15
CA ALA I 133 0.60 11.32 26.53
C ALA I 133 -0.89 11.37 26.16
N ALA I 134 -1.39 10.35 25.43
CA ALA I 134 -2.78 10.20 25.00
C ALA I 134 -3.47 9.04 25.79
N MET I 135 -3.94 9.43 26.97
CA MET I 135 -4.54 8.49 27.91
C MET I 135 -6.06 8.58 27.93
N TYR I 136 -6.78 7.40 28.00
CA TYR I 136 -8.24 7.35 28.12
C TYR I 136 -8.94 8.06 26.93
N ASP I 137 -9.77 9.11 27.13
CA ASP I 137 -10.46 9.79 26.01
C ASP I 137 -9.55 10.36 24.93
N LYS I 138 -8.25 10.52 25.24
CA LYS I 138 -7.25 11.05 24.33
C LYS I 138 -6.54 9.93 23.57
N GLY I 139 -6.82 8.70 23.96
CA GLY I 139 -6.24 7.47 23.43
C GLY I 139 -6.44 7.20 21.94
N PRO I 140 -5.59 6.27 21.41
CA PRO I 140 -5.60 5.94 19.96
C PRO I 140 -6.91 5.47 19.33
N PHE I 141 -7.75 4.78 20.09
CA PHE I 141 -9.02 4.25 19.56
C PHE I 141 -10.20 5.18 19.84
N ARG I 142 -9.94 6.48 20.11
CA ARG I 142 -10.98 7.48 20.40
C ARG I 142 -12.04 7.54 19.30
N SER I 143 -11.65 7.21 18.04
CA SER I 143 -12.57 7.23 16.90
C SER I 143 -13.35 5.92 16.71
N LYS I 144 -13.10 4.95 17.61
CA LYS I 144 -13.74 3.63 17.60
C LYS I 144 -14.70 3.45 18.75
N LYS I 145 -15.59 2.46 18.64
CA LYS I 145 -16.58 2.14 19.67
C LYS I 145 -16.47 0.64 19.98
N ALA I 146 -16.48 0.28 21.28
CA ALA I 146 -16.39 -1.12 21.72
C ALA I 146 -17.62 -1.55 22.53
N VAL I 147 -17.98 -2.85 22.44
CA VAL I 147 -19.08 -3.46 23.19
C VAL I 147 -18.66 -4.79 23.79
N LEU I 148 -19.18 -5.09 25.00
CA LEU I 148 -18.94 -6.40 25.61
C LEU I 148 -20.26 -7.18 25.56
N SER I 149 -20.28 -8.33 24.88
CA SER I 149 -21.48 -9.16 24.88
C SER I 149 -21.12 -10.39 25.75
N ILE I 150 -21.64 -10.39 26.98
CA ILE I 150 -21.31 -11.37 28.00
C ILE I 150 -22.47 -12.31 28.28
N THR I 151 -22.12 -13.55 28.65
CA THR I 151 -23.08 -14.59 29.05
C THR I 151 -22.59 -15.10 30.39
N THR I 152 -23.48 -15.23 31.37
CA THR I 152 -23.09 -15.70 32.69
C THR I 152 -23.89 -16.94 33.08
N GLY I 153 -23.40 -17.66 34.07
CA GLY I 153 -24.06 -18.83 34.66
C GLY I 153 -25.05 -18.39 35.71
N GLY I 154 -24.67 -17.37 36.48
CA GLY I 154 -25.50 -16.81 37.55
C GLY I 154 -26.60 -15.89 37.04
N SER I 155 -27.70 -15.80 37.79
CA SER I 155 -28.83 -14.96 37.45
C SER I 155 -28.51 -13.49 37.72
N GLY I 156 -29.26 -12.59 37.08
CA GLY I 156 -29.12 -11.16 37.25
C GLY I 156 -29.23 -10.66 38.68
N SER I 157 -30.14 -11.23 39.45
CA SER I 157 -30.37 -10.85 40.85
C SER I 157 -29.15 -11.09 41.73
N MET I 158 -28.31 -12.08 41.36
CA MET I 158 -27.09 -12.40 42.08
C MET I 158 -26.06 -11.30 41.90
N TYR I 159 -26.15 -10.58 40.74
CA TYR I 159 -25.28 -9.48 40.34
C TYR I 159 -25.88 -8.11 40.59
N SER I 160 -27.06 -8.06 41.23
CA SER I 160 -27.74 -6.82 41.63
C SER I 160 -27.00 -6.29 42.88
N LEU I 161 -27.28 -5.04 43.32
CA LEU I 161 -26.61 -4.45 44.50
C LEU I 161 -26.74 -5.28 45.78
N GLN I 162 -27.84 -6.07 45.91
CA GLN I 162 -28.16 -6.92 47.05
C GLN I 162 -27.89 -8.45 46.86
N GLY I 163 -27.43 -8.88 45.66
CA GLY I 163 -27.11 -10.27 45.35
C GLY I 163 -25.80 -10.71 45.96
N ILE I 164 -25.57 -12.05 46.12
CA ILE I 164 -24.32 -12.57 46.74
C ILE I 164 -23.06 -12.14 46.05
N HIS I 165 -23.08 -12.06 44.70
CA HIS I 165 -21.86 -11.72 43.98
C HIS I 165 -21.55 -10.24 44.08
N GLY I 166 -22.57 -9.43 44.36
CA GLY I 166 -22.42 -7.98 44.42
C GLY I 166 -22.55 -7.34 43.04
N ASP I 167 -22.47 -6.00 42.98
CA ASP I 167 -22.65 -5.22 41.77
C ASP I 167 -21.85 -5.67 40.55
N MET I 168 -22.58 -5.90 39.44
CA MET I 168 -22.02 -6.26 38.14
C MET I 168 -21.20 -5.09 37.59
N ASN I 169 -21.60 -3.84 37.91
CA ASN I 169 -20.90 -2.61 37.49
C ASN I 169 -19.47 -2.61 37.98
N VAL I 170 -19.22 -3.19 39.18
CA VAL I 170 -17.88 -3.30 39.76
C VAL I 170 -17.02 -4.26 38.93
N ILE I 171 -17.61 -5.43 38.53
CA ILE I 171 -16.97 -6.49 37.73
C ILE I 171 -16.53 -5.94 36.39
N LEU I 172 -17.43 -5.17 35.72
CA LEU I 172 -17.21 -4.57 34.39
C LEU I 172 -16.14 -3.47 34.31
N TRP I 173 -16.05 -2.64 35.36
CA TRP I 173 -15.12 -1.52 35.46
C TRP I 173 -13.68 -1.82 34.97
N PRO I 174 -12.96 -2.85 35.49
CA PRO I 174 -11.57 -3.05 35.02
C PRO I 174 -11.42 -3.37 33.54
N ILE I 175 -12.47 -3.91 32.89
CA ILE I 175 -12.42 -4.25 31.46
C ILE I 175 -12.78 -3.02 30.66
N GLN I 176 -13.94 -2.42 30.97
CA GLN I 176 -14.51 -1.29 30.25
C GLN I 176 -13.68 -0.01 30.41
N SER I 177 -13.27 0.34 31.65
CA SER I 177 -12.41 1.52 31.87
C SER I 177 -10.92 1.20 31.64
N GLY I 178 -10.43 0.20 32.35
CA GLY I 178 -9.03 -0.20 32.35
C GLY I 178 -8.45 -0.66 31.04
N ILE I 179 -9.19 -1.45 30.27
CA ILE I 179 -8.67 -1.97 29.02
C ILE I 179 -9.17 -1.14 27.85
N LEU I 180 -10.49 -1.08 27.63
CA LEU I 180 -11.13 -0.40 26.49
C LEU I 180 -11.01 1.11 26.52
N HIS I 181 -11.62 1.79 27.54
CA HIS I 181 -11.59 3.25 27.61
C HIS I 181 -10.18 3.79 27.70
N PHE I 182 -9.29 3.09 28.39
CA PHE I 182 -7.89 3.48 28.52
C PHE I 182 -7.20 3.75 27.16
N CYS I 183 -7.54 2.90 26.18
CA CYS I 183 -7.03 2.91 24.82
C CYS I 183 -7.77 3.88 23.90
N GLY I 184 -8.72 4.65 24.46
CA GLY I 184 -9.49 5.63 23.69
C GLY I 184 -10.92 5.28 23.32
N PHE I 185 -11.25 3.96 23.29
CA PHE I 185 -12.58 3.44 22.94
C PHE I 185 -13.70 4.13 23.67
N GLN I 186 -14.78 4.39 22.94
CA GLN I 186 -16.04 4.87 23.49
C GLN I 186 -16.72 3.53 23.83
N VAL I 187 -16.99 3.29 25.12
CA VAL I 187 -17.56 2.02 25.52
C VAL I 187 -19.08 2.13 25.53
N LEU I 188 -19.75 1.31 24.70
CA LEU I 188 -21.19 1.24 24.59
C LEU I 188 -21.74 0.28 25.67
N GLU I 189 -23.07 0.41 25.98
CA GLU I 189 -23.74 -0.40 26.99
C GLU I 189 -23.46 -1.89 26.77
N PRO I 190 -23.02 -2.64 27.80
CA PRO I 190 -22.73 -4.07 27.57
C PRO I 190 -24.01 -4.88 27.32
N GLN I 191 -23.90 -5.94 26.48
CA GLN I 191 -25.02 -6.83 26.22
C GLN I 191 -24.89 -7.98 27.22
N LEU I 192 -25.61 -7.85 28.36
CA LEU I 192 -25.53 -8.82 29.45
C LEU I 192 -26.64 -9.87 29.39
N THR I 193 -26.27 -11.12 29.07
CA THR I 193 -27.17 -12.27 28.97
C THR I 193 -26.95 -13.20 30.19
N TYR I 194 -27.74 -12.99 31.27
CA TYR I 194 -27.60 -13.78 32.50
C TYR I 194 -28.20 -15.16 32.43
N SER I 195 -27.71 -16.04 33.34
CA SER I 195 -28.09 -17.45 33.54
C SER I 195 -28.58 -18.11 32.25
N ILE I 196 -27.70 -18.14 31.21
CA ILE I 196 -28.02 -18.66 29.88
C ILE I 196 -28.31 -20.16 29.90
N GLY I 197 -27.74 -20.86 30.88
CA GLY I 197 -27.96 -22.30 31.06
C GLY I 197 -29.38 -22.65 31.46
N HIS I 198 -30.08 -21.70 32.12
CA HIS I 198 -31.44 -21.84 32.63
C HIS I 198 -32.52 -21.37 31.69
N THR I 199 -32.13 -20.61 30.66
CA THR I 199 -32.98 -20.05 29.63
C THR I 199 -33.54 -21.14 28.70
N PRO I 200 -34.90 -21.22 28.53
CA PRO I 200 -35.46 -22.20 27.59
C PRO I 200 -35.20 -21.78 26.14
N ALA I 201 -35.25 -22.74 25.22
CA ALA I 201 -34.97 -22.56 23.80
C ALA I 201 -35.62 -21.33 23.15
N ASP I 202 -36.93 -21.13 23.33
CA ASP I 202 -37.66 -19.99 22.74
C ASP I 202 -37.15 -18.66 23.26
N ALA I 203 -36.78 -18.60 24.55
CA ALA I 203 -36.25 -17.38 25.16
C ALA I 203 -34.86 -17.07 24.62
N ARG I 204 -34.05 -18.12 24.33
CA ARG I 204 -32.71 -18.00 23.76
C ARG I 204 -32.80 -17.35 22.38
N ILE I 205 -33.85 -17.73 21.63
CA ILE I 205 -34.14 -17.21 20.30
C ILE I 205 -34.43 -15.72 20.43
N GLN I 206 -35.29 -15.31 21.40
CA GLN I 206 -35.61 -13.88 21.65
C GLN I 206 -34.30 -13.10 21.87
N ILE I 207 -33.41 -13.61 22.75
CA ILE I 207 -32.13 -12.99 23.08
C ILE I 207 -31.35 -12.64 21.80
N LEU I 208 -31.20 -13.63 20.90
CA LEU I 208 -30.49 -13.49 19.64
C LEU I 208 -31.18 -12.47 18.71
N GLU I 209 -32.53 -12.50 18.64
CA GLU I 209 -33.27 -11.58 17.81
C GLU I 209 -33.11 -10.13 18.30
N GLY I 210 -33.08 -9.97 19.63
CA GLY I 210 -32.92 -8.69 20.30
C GLY I 210 -31.55 -8.08 20.06
N TRP I 211 -30.50 -8.94 20.11
CA TRP I 211 -29.08 -8.59 19.85
C TRP I 211 -28.95 -8.11 18.40
N LYS I 212 -29.60 -8.84 17.44
CA LYS I 212 -29.62 -8.49 16.02
C LYS I 212 -30.31 -7.12 15.80
N LYS I 213 -31.48 -6.88 16.44
CA LYS I 213 -32.23 -5.61 16.35
C LYS I 213 -31.44 -4.42 16.99
N ARG I 214 -30.62 -4.70 18.02
CA ARG I 214 -29.80 -3.68 18.68
C ARG I 214 -28.71 -3.20 17.74
N LEU I 215 -28.05 -4.16 17.07
CA LEU I 215 -26.96 -3.95 16.12
C LEU I 215 -27.38 -3.17 14.87
N GLU I 216 -28.69 -3.06 14.64
CA GLU I 216 -29.22 -2.32 13.49
C GLU I 216 -28.91 -0.83 13.62
N ASN I 217 -28.82 -0.30 14.87
CA ASN I 217 -28.53 1.11 15.18
C ASN I 217 -27.58 1.25 16.35
N ILE I 218 -26.62 0.32 16.45
CA ILE I 218 -25.61 0.28 17.52
C ILE I 218 -24.69 1.54 17.49
N TRP I 219 -24.34 2.02 16.29
CA TRP I 219 -23.46 3.16 16.13
C TRP I 219 -24.04 4.46 16.67
N ASP I 220 -25.38 4.62 16.60
CA ASP I 220 -26.06 5.84 17.03
C ASP I 220 -26.30 5.93 18.56
N GLU I 221 -25.92 4.87 19.30
CA GLU I 221 -26.07 4.81 20.76
C GLU I 221 -25.15 5.76 21.50
N THR I 222 -25.59 6.20 22.70
CA THR I 222 -24.81 7.07 23.58
C THR I 222 -23.88 6.19 24.42
N PRO I 223 -22.56 6.51 24.51
CA PRO I 223 -21.66 5.62 25.26
C PRO I 223 -21.72 5.83 26.76
N LEU I 224 -21.14 4.88 27.53
CA LEU I 224 -21.12 4.90 29.00
C LEU I 224 -20.27 6.08 29.47
N TYR I 225 -20.58 6.62 30.65
CA TYR I 225 -19.84 7.77 31.18
C TYR I 225 -18.60 7.38 31.94
N PHE I 226 -17.47 7.99 31.56
CA PHE I 226 -16.18 7.89 32.22
C PHE I 226 -15.75 9.32 32.43
N ALA I 227 -15.08 9.58 33.55
CA ALA I 227 -14.60 10.92 33.88
C ALA I 227 -13.63 11.40 32.78
N PRO I 228 -13.89 12.54 32.13
CA PRO I 228 -12.98 13.01 31.09
C PRO I 228 -11.59 13.31 31.62
N SER I 229 -10.56 13.03 30.79
CA SER I 229 -9.14 13.25 31.11
C SER I 229 -8.86 14.71 31.39
N SER I 230 -9.75 15.59 30.91
CA SER I 230 -9.68 17.01 31.15
C SER I 230 -9.84 17.36 32.64
N LEU I 231 -10.36 16.43 33.47
CA LEU I 231 -10.57 16.63 34.92
C LEU I 231 -9.30 16.34 35.70
N PHE I 232 -8.23 15.88 35.01
CA PHE I 232 -6.99 15.44 35.61
C PHE I 232 -5.75 16.15 35.07
N ASP I 233 -4.72 16.33 35.95
CA ASP I 233 -3.44 16.93 35.57
C ASP I 233 -2.57 15.74 35.20
N LEU I 234 -2.56 15.38 33.92
CA LEU I 234 -1.88 14.18 33.45
C LEU I 234 -0.39 14.38 33.19
N ASN I 235 0.35 14.54 34.30
CA ASN I 235 1.79 14.72 34.32
C ASN I 235 2.38 14.26 35.66
N PHE I 236 3.66 13.82 35.65
CA PHE I 236 4.36 13.37 36.84
C PHE I 236 4.26 14.38 37.97
N GLN I 237 4.59 15.65 37.70
CA GLN I 237 4.53 16.72 38.71
C GLN I 237 3.22 16.62 39.55
N ALA I 238 2.08 16.70 38.88
CA ALA I 238 0.73 16.61 39.41
C ALA I 238 0.40 15.32 40.16
N GLY I 239 1.03 14.22 39.76
CA GLY I 239 0.80 12.88 40.33
C GLY I 239 -0.35 12.15 39.68
N PHE I 240 -0.76 12.60 38.47
CA PHE I 240 -1.86 12.08 37.67
C PHE I 240 -3.16 12.08 38.46
N LEU I 241 -3.38 13.17 39.22
CA LEU I 241 -4.55 13.34 40.06
C LEU I 241 -5.53 14.33 39.46
N MET I 242 -6.72 14.35 40.01
CA MET I 242 -7.79 15.26 39.66
C MET I 242 -7.35 16.72 39.93
N LYS I 243 -7.68 17.62 39.00
CA LYS I 243 -7.38 19.06 39.10
C LYS I 243 -7.99 19.63 40.36
N LYS I 244 -7.22 20.44 41.11
CA LYS I 244 -7.66 21.06 42.39
C LYS I 244 -9.01 21.81 42.29
N GLU I 245 -9.29 22.39 41.10
CA GLU I 245 -10.54 23.11 40.78
C GLU I 245 -11.67 22.11 40.68
N VAL I 246 -11.43 20.92 40.01
CA VAL I 246 -12.40 19.83 39.84
C VAL I 246 -12.72 19.25 41.20
N GLN I 247 -11.68 19.04 42.03
CA GLN I 247 -11.81 18.55 43.40
C GLN I 247 -12.81 19.40 44.18
N ASP I 248 -12.69 20.75 44.09
CA ASP I 248 -13.59 21.74 44.72
C ASP I 248 -15.02 21.67 44.17
N GLU I 249 -15.16 21.65 42.84
CA GLU I 249 -16.46 21.58 42.15
C GLU I 249 -17.26 20.35 42.54
N GLU I 250 -16.58 19.25 42.77
CA GLU I 250 -17.18 17.97 43.13
C GLU I 250 -17.56 17.85 44.63
N LYS I 251 -16.99 18.74 45.52
CA LYS I 251 -17.20 18.72 46.98
C LYS I 251 -18.67 18.83 47.38
N ASN I 252 -19.45 19.55 46.56
CA ASN I 252 -20.86 19.86 46.69
C ASN I 252 -21.77 18.91 45.85
N LYS I 253 -21.20 17.84 45.23
CA LYS I 253 -21.98 16.89 44.42
C LYS I 253 -22.26 15.62 45.21
N LYS I 254 -23.51 15.15 45.21
CA LYS I 254 -24.04 13.96 45.94
C LYS I 254 -23.39 12.63 45.58
N PHE I 255 -23.13 12.48 44.29
CA PHE I 255 -22.56 11.27 43.73
C PHE I 255 -21.14 11.45 43.22
N GLY I 256 -20.50 10.31 43.04
CA GLY I 256 -19.19 10.24 42.42
C GLY I 256 -19.36 10.33 40.92
N LEU I 257 -18.23 10.28 40.22
CA LEU I 257 -18.23 10.40 38.78
C LEU I 257 -18.51 9.07 38.06
N SER I 258 -17.83 7.99 38.48
CA SER I 258 -17.92 6.65 37.91
C SER I 258 -17.71 5.60 38.99
N VAL I 259 -17.62 4.30 38.61
CA VAL I 259 -17.38 3.19 39.55
C VAL I 259 -16.02 3.39 40.24
N GLY I 260 -14.98 3.64 39.45
CA GLY I 260 -13.63 3.87 39.94
C GLY I 260 -13.43 5.25 40.54
N HIS I 261 -14.18 6.25 40.05
CA HIS I 261 -14.09 7.59 40.57
C HIS I 261 -15.32 7.89 41.41
N HIS I 262 -15.63 6.97 42.33
CA HIS I 262 -16.77 7.10 43.24
C HIS I 262 -16.48 8.20 44.28
N LEU I 263 -15.17 8.55 44.48
CA LEU I 263 -14.68 9.59 45.37
C LEU I 263 -15.18 9.46 46.79
N GLY I 264 -15.48 8.23 47.19
CA GLY I 264 -15.99 7.93 48.52
C GLY I 264 -17.43 8.32 48.72
N LYS I 265 -18.09 8.71 47.62
CA LYS I 265 -19.50 9.13 47.59
C LYS I 265 -20.26 7.96 46.93
N SER I 266 -21.57 8.16 46.64
CA SER I 266 -22.43 7.17 45.98
C SER I 266 -22.01 6.96 44.53
N ILE I 267 -21.99 5.69 44.05
CA ILE I 267 -21.66 5.41 42.64
C ILE I 267 -22.94 5.72 41.81
N PRO I 268 -22.86 6.61 40.77
CA PRO I 268 -24.04 6.85 39.93
C PRO I 268 -24.55 5.50 39.39
N THR I 269 -25.85 5.23 39.62
CA THR I 269 -26.53 3.99 39.27
C THR I 269 -26.20 3.47 37.88
N ASP I 270 -25.84 2.16 37.77
CA ASP I 270 -25.50 1.48 36.51
C ASP I 270 -24.56 2.28 35.66
N ASN I 271 -23.48 2.80 36.28
CA ASN I 271 -22.49 3.63 35.58
C ASN I 271 -21.89 2.89 34.37
N GLN I 272 -21.58 1.58 34.56
CA GLN I 272 -20.96 0.67 33.59
C GLN I 272 -21.98 -0.19 32.81
N ILE I 273 -23.29 -0.06 33.09
CA ILE I 273 -24.30 -0.88 32.40
C ILE I 273 -25.23 -0.05 31.51
N LYS I 274 -25.49 1.22 31.91
CA LYS I 274 -26.40 2.16 31.26
C LYS I 274 -25.75 3.51 30.96
N ALA I 275 -26.30 4.19 29.93
CA ALA I 275 -25.61 5.29 29.32
C ALA I 275 -26.06 6.71 29.46
N ARG I 276 -27.33 7.00 29.81
CA ARG I 276 -27.85 8.40 29.75
C ARG I 276 -27.00 9.46 30.47
N GLY J 6 -1.24 -23.05 60.46
CA GLY J 6 -0.75 -23.83 59.31
C GLY J 6 0.75 -24.17 59.29
N ARG J 7 1.17 -25.10 58.37
CA ARG J 7 2.56 -25.57 58.19
C ARG J 7 3.02 -25.56 56.71
N ARG J 8 2.10 -25.73 55.74
CA ARG J 8 2.39 -25.78 54.30
C ARG J 8 1.96 -24.52 53.52
N ALA J 9 2.79 -24.08 52.57
CA ALA J 9 2.51 -22.90 51.73
C ALA J 9 2.78 -23.13 50.23
N LEU J 10 2.00 -22.45 49.38
CA LEU J 10 2.13 -22.56 47.91
C LEU J 10 2.34 -21.18 47.31
N ILE J 11 3.43 -21.01 46.56
CA ILE J 11 3.69 -19.75 45.88
C ILE J 11 3.44 -19.95 44.38
N VAL J 12 2.43 -19.25 43.85
CA VAL J 12 2.09 -19.29 42.42
C VAL J 12 2.68 -18.02 41.81
N LEU J 13 3.65 -18.17 40.89
CA LEU J 13 4.33 -17.04 40.26
C LEU J 13 4.04 -16.89 38.75
N ALA J 14 3.50 -15.73 38.37
CA ALA J 14 3.16 -15.39 37.00
C ALA J 14 4.13 -14.35 36.37
N HIS J 15 5.44 -14.74 36.25
CA HIS J 15 6.46 -13.92 35.59
C HIS J 15 7.42 -14.79 34.79
N SER J 16 7.83 -14.30 33.60
CA SER J 16 8.74 -15.03 32.68
C SER J 16 10.19 -14.97 33.08
N GLU J 17 10.66 -13.79 33.52
CA GLU J 17 12.05 -13.48 33.83
C GLU J 17 12.51 -13.72 35.28
N ARG J 18 13.66 -14.42 35.45
CA ARG J 18 14.25 -14.65 36.77
C ARG J 18 14.88 -13.33 37.26
N THR J 19 15.21 -12.45 36.31
CA THR J 19 15.80 -11.11 36.49
C THR J 19 14.79 -10.06 37.01
N SER J 20 13.50 -10.44 37.13
CA SER J 20 12.42 -9.55 37.54
C SER J 20 12.32 -9.37 39.04
N PHE J 21 11.66 -8.26 39.49
CA PHE J 21 11.45 -8.03 40.90
C PHE J 21 10.43 -9.02 41.40
N ASN J 22 9.48 -9.44 40.51
CA ASN J 22 8.48 -10.48 40.84
C ASN J 22 9.15 -11.77 41.25
N TYR J 23 10.24 -12.17 40.52
CA TYR J 23 10.97 -13.40 40.84
C TYR J 23 11.66 -13.23 42.19
N ALA J 24 12.19 -12.02 42.45
CA ALA J 24 12.87 -11.67 43.69
C ALA J 24 11.94 -11.80 44.88
N MET J 25 10.71 -11.31 44.70
CA MET J 25 9.64 -11.36 45.70
C MET J 25 9.21 -12.79 46.01
N LYS J 26 9.29 -13.68 45.00
CA LYS J 26 8.94 -15.08 45.15
C LYS J 26 10.01 -15.72 46.03
N GLU J 27 11.28 -15.52 45.66
CA GLU J 27 12.45 -16.03 46.38
C GLU J 27 12.49 -15.51 47.83
N ALA J 28 12.13 -14.23 48.03
CA ALA J 28 12.07 -13.58 49.33
C ALA J 28 11.07 -14.31 50.23
N ALA J 29 9.85 -14.55 49.69
CA ALA J 29 8.74 -15.25 50.35
C ALA J 29 9.11 -16.68 50.71
N ALA J 30 9.61 -17.43 49.70
CA ALA J 30 10.04 -18.83 49.86
C ALA J 30 11.05 -18.98 50.99
N ALA J 31 12.09 -18.14 50.99
CA ALA J 31 13.17 -18.10 51.99
C ALA J 31 12.66 -17.74 53.38
N ALA J 32 11.84 -16.67 53.46
CA ALA J 32 11.26 -16.19 54.71
C ALA J 32 10.42 -17.27 55.40
N LEU J 33 9.50 -17.89 54.62
CA LEU J 33 8.61 -18.93 55.10
C LEU J 33 9.37 -20.17 55.53
N LYS J 34 10.29 -20.67 54.67
CA LYS J 34 11.13 -21.83 54.96
C LYS J 34 11.86 -21.62 56.29
N LYS J 35 12.40 -20.39 56.52
CA LYS J 35 13.12 -20.00 57.75
C LYS J 35 12.21 -20.12 58.96
N LYS J 36 10.91 -19.76 58.82
CA LYS J 36 9.94 -19.83 59.92
C LYS J 36 9.27 -21.25 60.05
N GLY J 37 9.92 -22.26 59.49
CA GLY J 37 9.51 -23.66 59.54
C GLY J 37 8.43 -24.13 58.59
N TRP J 38 8.11 -23.32 57.55
CA TRP J 38 7.10 -23.71 56.57
C TRP J 38 7.66 -24.67 55.53
N GLU J 39 6.78 -25.46 54.96
CA GLU J 39 7.06 -26.38 53.87
C GLU J 39 6.52 -25.59 52.64
N VAL J 40 7.45 -25.07 51.82
CA VAL J 40 7.12 -24.20 50.68
C VAL J 40 7.17 -24.95 49.34
N VAL J 41 6.11 -24.86 48.54
CA VAL J 41 5.98 -25.48 47.21
C VAL J 41 5.72 -24.36 46.21
N GLU J 42 6.33 -24.44 45.03
CA GLU J 42 6.15 -23.42 43.99
C GLU J 42 5.28 -23.87 42.80
N SER J 43 4.83 -22.88 42.03
CA SER J 43 4.11 -23.02 40.77
C SER J 43 4.52 -21.83 39.91
N ASP J 44 5.74 -21.92 39.34
CA ASP J 44 6.30 -20.89 38.45
C ASP J 44 5.71 -21.24 37.10
N LEU J 45 4.50 -20.68 36.86
CA LEU J 45 3.66 -20.95 35.68
C LEU J 45 4.43 -20.87 34.38
N TYR J 46 5.32 -19.85 34.21
CA TYR J 46 6.15 -19.72 33.02
C TYR J 46 7.16 -20.84 32.91
N ALA J 47 7.87 -21.15 34.01
CA ALA J 47 8.89 -22.23 34.05
C ALA J 47 8.27 -23.63 33.80
N MET J 48 7.05 -23.79 34.28
CA MET J 48 6.26 -24.99 34.13
C MET J 48 5.74 -25.09 32.70
N ASN J 49 5.77 -23.95 31.93
CA ASN J 49 5.27 -23.74 30.57
C ASN J 49 3.81 -24.13 30.55
N PHE J 50 3.13 -23.82 31.66
CA PHE J 50 1.74 -24.11 31.95
C PHE J 50 0.78 -23.77 30.79
N ASN J 51 -0.18 -24.70 30.48
CA ASN J 51 -1.21 -24.47 29.49
C ASN J 51 -2.37 -23.71 30.16
N PRO J 52 -2.61 -22.42 29.82
CA PRO J 52 -3.69 -21.68 30.47
C PRO J 52 -5.06 -21.79 29.79
N ILE J 53 -5.16 -22.59 28.70
CA ILE J 53 -6.42 -22.63 27.99
C ILE J 53 -7.27 -23.85 28.32
N ILE J 54 -8.47 -23.60 28.89
CA ILE J 54 -9.48 -24.61 29.17
C ILE J 54 -9.93 -25.16 27.82
N SER J 55 -9.95 -26.49 27.69
CA SER J 55 -10.28 -27.21 26.45
C SER J 55 -10.85 -28.57 26.80
N ARG J 56 -11.38 -29.30 25.81
CA ARG J 56 -11.87 -30.65 26.06
C ARG J 56 -10.71 -31.62 26.30
N LYS J 57 -9.48 -31.15 26.02
CA LYS J 57 -8.24 -31.88 26.26
C LYS J 57 -7.92 -31.95 27.79
N ASP J 58 -8.66 -31.20 28.61
CA ASP J 58 -8.50 -31.24 30.07
C ASP J 58 -9.20 -32.50 30.67
N ILE J 59 -9.97 -33.24 29.84
CA ILE J 59 -10.70 -34.45 30.21
C ILE J 59 -10.15 -35.67 29.43
N THR J 60 -9.52 -36.59 30.19
CA THR J 60 -8.90 -37.83 29.74
C THR J 60 -9.94 -38.80 29.17
N GLY J 61 -10.97 -39.04 29.96
CA GLY J 61 -12.00 -40.02 29.64
C GLY J 61 -12.94 -39.63 28.53
N LYS J 62 -13.98 -40.44 28.37
CA LYS J 62 -15.06 -40.23 27.41
C LYS J 62 -15.95 -39.12 28.00
N LEU J 63 -16.24 -38.08 27.19
CA LEU J 63 -17.09 -36.96 27.58
C LEU J 63 -18.55 -37.44 27.76
N LYS J 64 -19.34 -36.75 28.61
CA LYS J 64 -20.74 -37.12 28.82
C LYS J 64 -21.59 -36.78 27.60
N ASP J 65 -21.42 -35.56 27.05
CA ASP J 65 -22.11 -35.09 25.85
C ASP J 65 -21.04 -34.48 24.91
N PRO J 66 -20.37 -35.30 24.06
CA PRO J 66 -19.34 -34.74 23.17
C PRO J 66 -19.92 -33.87 22.04
N ALA J 67 -21.21 -34.11 21.72
CA ALA J 67 -21.99 -33.39 20.71
C ALA J 67 -22.20 -31.93 21.11
N ASN J 68 -22.50 -31.68 22.41
CA ASN J 68 -22.71 -30.36 22.99
C ASN J 68 -21.82 -30.25 24.25
N PHE J 69 -20.51 -30.01 24.03
CA PHE J 69 -19.55 -29.93 25.14
C PHE J 69 -19.79 -28.70 26.02
N GLN J 70 -19.95 -28.93 27.33
CA GLN J 70 -20.14 -27.88 28.33
C GLN J 70 -19.06 -28.05 29.40
N TYR J 71 -18.02 -27.15 29.39
CA TYR J 71 -16.86 -27.25 30.27
C TYR J 71 -17.18 -27.42 31.74
N PRO J 72 -18.06 -26.59 32.38
CA PRO J 72 -18.32 -26.78 33.82
C PRO J 72 -18.76 -28.21 34.17
N ALA J 73 -19.85 -28.70 33.52
CA ALA J 73 -20.42 -30.04 33.73
C ALA J 73 -19.41 -31.17 33.56
N GLU J 74 -18.66 -31.14 32.43
CA GLU J 74 -17.66 -32.14 32.06
C GLU J 74 -16.44 -32.13 32.97
N SER J 75 -15.98 -30.93 33.38
CA SER J 75 -14.81 -30.80 34.24
C SER J 75 -15.06 -31.39 35.64
N VAL J 76 -16.29 -31.18 36.20
CA VAL J 76 -16.73 -31.68 37.50
C VAL J 76 -16.78 -33.20 37.46
N LEU J 77 -17.43 -33.74 36.42
CA LEU J 77 -17.51 -35.18 36.20
C LEU J 77 -16.10 -35.80 36.11
N ALA J 78 -15.17 -35.13 35.40
CA ALA J 78 -13.78 -35.57 35.24
C ALA J 78 -13.05 -35.60 36.58
N TYR J 79 -13.32 -34.60 37.44
CA TYR J 79 -12.71 -34.52 38.78
C TYR J 79 -13.20 -35.69 39.63
N LYS J 80 -14.55 -35.84 39.73
CA LYS J 80 -15.26 -36.88 40.50
C LYS J 80 -14.85 -38.30 40.04
N GLU J 81 -14.77 -38.54 38.71
CA GLU J 81 -14.44 -39.84 38.13
C GLU J 81 -12.94 -40.07 37.96
N GLY J 82 -12.14 -39.08 38.32
CA GLY J 82 -10.69 -39.15 38.29
C GLY J 82 -9.98 -39.13 36.93
N HIS J 83 -10.56 -38.48 35.92
CA HIS J 83 -9.88 -38.46 34.64
C HIS J 83 -9.64 -37.02 34.17
N LEU J 84 -9.21 -36.15 35.09
CA LEU J 84 -8.83 -34.79 34.73
C LEU J 84 -7.38 -34.90 34.20
N SER J 85 -6.96 -33.94 33.37
CA SER J 85 -5.60 -33.87 32.81
C SER J 85 -4.56 -33.89 33.96
N PRO J 86 -3.50 -34.72 33.85
CA PRO J 86 -2.49 -34.82 34.94
C PRO J 86 -1.89 -33.52 35.45
N ASP J 87 -1.70 -32.53 34.55
CA ASP J 87 -1.14 -31.23 34.92
C ASP J 87 -2.05 -30.50 35.88
N ILE J 88 -3.39 -30.52 35.61
CA ILE J 88 -4.44 -29.93 36.45
C ILE J 88 -4.37 -30.63 37.82
N VAL J 89 -4.40 -31.97 37.83
CA VAL J 89 -4.37 -32.80 39.03
C VAL J 89 -3.20 -32.45 39.94
N ALA J 90 -2.00 -32.27 39.36
CA ALA J 90 -0.77 -31.92 40.10
C ALA J 90 -0.96 -30.64 40.89
N GLU J 91 -1.55 -29.60 40.25
CA GLU J 91 -1.83 -28.28 40.82
C GLU J 91 -2.90 -28.37 41.90
N GLN J 92 -3.91 -29.21 41.66
CA GLN J 92 -5.00 -29.45 42.59
C GLN J 92 -4.46 -30.09 43.87
N LYS J 93 -3.52 -31.05 43.73
CA LYS J 93 -2.89 -31.76 44.85
C LYS J 93 -2.04 -30.79 45.67
N LYS J 94 -1.42 -29.78 44.99
CA LYS J 94 -0.61 -28.71 45.61
C LYS J 94 -1.50 -27.85 46.51
N LEU J 95 -2.68 -27.42 46.00
CA LEU J 95 -3.68 -26.62 46.72
C LEU J 95 -4.21 -27.37 47.92
N GLU J 96 -4.60 -28.65 47.69
CA GLU J 96 -5.12 -29.56 48.69
C GLU J 96 -4.24 -29.53 49.93
N ALA J 97 -2.92 -29.55 49.72
CA ALA J 97 -1.88 -29.58 50.72
C ALA J 97 -1.60 -28.23 51.42
N ALA J 98 -1.64 -27.12 50.68
CA ALA J 98 -1.32 -25.78 51.16
C ALA J 98 -2.32 -25.19 52.14
N ASP J 99 -1.80 -24.47 53.15
CA ASP J 99 -2.57 -23.73 54.17
C ASP J 99 -2.60 -22.28 53.71
N LEU J 100 -1.43 -21.79 53.24
CA LEU J 100 -1.28 -20.45 52.73
C LEU J 100 -1.01 -20.49 51.22
N VAL J 101 -1.69 -19.63 50.45
CA VAL J 101 -1.48 -19.54 49.01
C VAL J 101 -1.10 -18.12 48.63
N ILE J 102 0.14 -17.94 48.08
CA ILE J 102 0.65 -16.62 47.70
C ILE J 102 0.62 -16.49 46.20
N PHE J 103 0.05 -15.39 45.69
CA PHE J 103 -0.01 -15.16 44.26
C PHE J 103 0.88 -14.01 43.93
N GLN J 104 2.11 -14.32 43.48
CA GLN J 104 3.10 -13.30 43.10
C GLN J 104 2.97 -12.99 41.62
N PHE J 105 2.58 -11.75 41.26
CA PHE J 105 2.44 -11.39 39.85
C PHE J 105 2.48 -9.88 39.56
N PRO J 106 2.92 -9.46 38.35
CA PRO J 106 2.78 -8.03 37.99
C PRO J 106 1.31 -7.74 37.57
N LEU J 107 0.80 -6.55 37.89
CA LEU J 107 -0.56 -6.16 37.46
C LEU J 107 -0.48 -6.01 35.93
N GLN J 108 -1.39 -6.66 35.23
CA GLN J 108 -1.44 -6.60 33.78
C GLN J 108 -2.84 -6.35 33.29
N TRP J 109 -3.03 -5.22 32.62
CA TRP J 109 -4.32 -4.75 32.13
C TRP J 109 -5.41 -4.78 33.21
N PHE J 110 -5.08 -4.21 34.37
CA PHE J 110 -5.93 -4.04 35.56
C PHE J 110 -6.43 -5.37 36.16
N GLY J 111 -5.59 -6.41 36.01
CA GLY J 111 -5.88 -7.71 36.58
C GLY J 111 -4.68 -8.63 36.59
N VAL J 112 -4.94 -9.95 36.77
CA VAL J 112 -3.96 -11.04 36.81
C VAL J 112 -3.46 -11.31 35.39
N PRO J 113 -2.16 -11.66 35.18
CA PRO J 113 -1.72 -12.02 33.84
C PRO J 113 -2.50 -13.20 33.29
N ALA J 114 -2.73 -13.25 31.94
CA ALA J 114 -3.45 -14.34 31.25
C ALA J 114 -3.04 -15.74 31.70
N ILE J 115 -1.73 -15.98 31.93
CA ILE J 115 -1.28 -17.30 32.38
C ILE J 115 -1.87 -17.70 33.77
N LEU J 116 -2.07 -16.70 34.70
CA LEU J 116 -2.62 -16.93 36.04
C LEU J 116 -4.11 -17.12 35.91
N LYS J 117 -4.73 -16.32 35.02
CA LYS J 117 -6.16 -16.41 34.79
C LYS J 117 -6.51 -17.83 34.32
N GLY J 118 -5.75 -18.39 33.37
CA GLY J 118 -5.97 -19.76 32.90
C GLY J 118 -5.71 -20.79 33.97
N TRP J 119 -4.75 -20.52 34.86
CA TRP J 119 -4.46 -21.42 35.97
C TRP J 119 -5.72 -21.54 36.83
N PHE J 120 -6.37 -20.41 37.14
CA PHE J 120 -7.61 -20.41 37.91
C PHE J 120 -8.72 -21.16 37.18
N GLU J 121 -8.90 -20.86 35.89
CA GLU J 121 -9.95 -21.47 35.07
C GLU J 121 -9.81 -23.00 35.00
N ARG J 122 -8.60 -23.50 34.71
CA ARG J 122 -8.27 -24.93 34.58
C ARG J 122 -8.13 -25.68 35.90
N VAL J 123 -7.65 -25.02 36.97
CA VAL J 123 -7.38 -25.69 38.26
C VAL J 123 -8.56 -25.58 39.23
N PHE J 124 -9.20 -24.42 39.34
CA PHE J 124 -10.35 -24.22 40.22
C PHE J 124 -11.60 -24.79 39.57
N ILE J 125 -11.70 -26.12 39.59
CA ILE J 125 -12.77 -26.92 38.97
C ILE J 125 -13.94 -27.07 39.95
N GLY J 126 -15.18 -27.12 39.47
CA GLY J 126 -16.31 -27.28 40.39
C GLY J 126 -16.10 -28.51 41.26
N GLU J 127 -16.79 -28.59 42.42
CA GLU J 127 -16.69 -29.71 43.40
C GLU J 127 -15.34 -29.63 44.15
N PHE J 128 -14.22 -29.42 43.41
CA PHE J 128 -12.91 -29.31 44.04
C PHE J 128 -12.76 -27.97 44.76
N ALA J 129 -12.92 -26.86 44.02
CA ALA J 129 -12.72 -25.48 44.50
C ALA J 129 -13.98 -24.76 44.95
N TYR J 130 -15.17 -25.13 44.45
CA TYR J 130 -16.41 -24.45 44.86
C TYR J 130 -17.59 -25.33 44.64
N THR J 131 -18.75 -24.84 45.07
CA THR J 131 -20.04 -25.51 44.87
C THR J 131 -21.17 -24.54 45.09
N TYR J 132 -22.30 -24.77 44.40
CA TYR J 132 -23.52 -23.97 44.53
C TYR J 132 -23.93 -23.88 46.01
N ALA J 133 -23.80 -25.00 46.76
CA ALA J 133 -24.14 -25.15 48.18
C ALA J 133 -23.18 -24.44 49.14
N ALA J 134 -21.88 -24.53 48.90
CA ALA J 134 -20.89 -23.92 49.77
C ALA J 134 -20.11 -22.91 48.99
N MET J 135 -20.70 -21.74 48.86
CA MET J 135 -20.04 -20.65 48.16
C MET J 135 -19.55 -19.71 49.23
N TYR J 136 -18.52 -18.94 48.87
CA TYR J 136 -17.92 -17.87 49.64
C TYR J 136 -17.42 -18.39 51.03
N ASP J 137 -17.86 -17.83 52.17
CA ASP J 137 -17.39 -18.26 53.51
C ASP J 137 -17.66 -19.73 53.81
N LYS J 138 -18.46 -20.36 53.00
CA LYS J 138 -18.81 -21.76 53.16
C LYS J 138 -18.03 -22.71 52.15
N GLY J 139 -17.16 -22.12 51.32
CA GLY J 139 -16.41 -22.84 50.30
C GLY J 139 -15.42 -23.88 50.77
N PRO J 140 -14.94 -24.72 49.83
CA PRO J 140 -13.92 -25.74 50.15
C PRO J 140 -12.60 -25.27 50.78
N PHE J 141 -12.13 -24.06 50.43
CA PHE J 141 -10.86 -23.56 50.95
C PHE J 141 -11.03 -22.66 52.21
N ARG J 142 -12.17 -22.80 52.93
CA ARG J 142 -12.48 -22.03 54.13
C ARG J 142 -11.38 -22.15 55.20
N SER J 143 -10.67 -23.30 55.20
CA SER J 143 -9.59 -23.55 56.14
C SER J 143 -8.22 -23.03 55.66
N LYS J 144 -8.19 -22.41 54.47
CA LYS J 144 -6.99 -21.84 53.86
C LYS J 144 -7.03 -20.29 53.84
N LYS J 145 -5.85 -19.66 53.65
CA LYS J 145 -5.70 -18.21 53.56
C LYS J 145 -4.94 -17.86 52.30
N ALA J 146 -5.42 -16.86 51.53
CA ALA J 146 -4.77 -16.43 50.28
C ALA J 146 -4.30 -14.96 50.35
N VAL J 147 -3.18 -14.66 49.64
CA VAL J 147 -2.62 -13.30 49.52
C VAL J 147 -2.27 -12.98 48.09
N LEU J 148 -2.47 -11.73 47.69
CA LEU J 148 -2.06 -11.25 46.37
C LEU J 148 -0.85 -10.34 46.56
N SER J 149 0.31 -10.70 46.00
CA SER J 149 1.47 -9.82 46.05
C SER J 149 1.63 -9.26 44.63
N ILE J 150 1.22 -7.99 44.45
CA ILE J 150 1.18 -7.31 43.16
C ILE J 150 2.25 -6.25 43.03
N THR J 151 2.74 -6.06 41.80
CA THR J 151 3.70 -5.02 41.40
C THR J 151 3.07 -4.28 40.22
N THR J 152 3.12 -2.96 40.22
CA THR J 152 2.48 -2.18 39.15
C THR J 152 3.49 -1.23 38.53
N GLY J 153 3.16 -0.75 37.34
CA GLY J 153 3.96 0.24 36.63
C GLY J 153 3.59 1.64 37.10
N GLY J 154 2.28 1.83 37.32
CA GLY J 154 1.69 3.07 37.78
C GLY J 154 1.90 3.33 39.24
N SER J 155 1.97 4.60 39.63
CA SER J 155 2.17 5.03 41.01
C SER J 155 0.89 4.86 41.82
N GLY J 156 1.04 4.81 43.14
CA GLY J 156 -0.08 4.68 44.07
C GLY J 156 -1.12 5.77 43.91
N SER J 157 -0.68 7.03 43.65
CA SER J 157 -1.58 8.18 43.48
C SER J 157 -2.55 8.00 42.32
N MET J 158 -2.13 7.26 41.26
CA MET J 158 -2.96 7.00 40.09
C MET J 158 -4.11 6.08 40.45
N TYR J 159 -3.90 5.22 41.48
CA TYR J 159 -4.84 4.24 42.00
C TYR J 159 -5.57 4.69 43.27
N SER J 160 -5.33 5.94 43.70
CA SER J 160 -6.00 6.58 44.83
C SER J 160 -7.41 6.99 44.34
N LEU J 161 -8.31 7.38 45.28
CA LEU J 161 -9.69 7.77 44.91
C LEU J 161 -9.77 8.90 43.86
N GLN J 162 -8.72 9.77 43.80
CA GLN J 162 -8.59 10.93 42.92
C GLN J 162 -7.64 10.74 41.69
N GLY J 163 -7.02 9.55 41.57
CA GLY J 163 -6.12 9.22 40.45
C GLY J 163 -6.85 8.86 39.18
N ILE J 164 -6.20 8.97 37.98
CA ILE J 164 -6.87 8.67 36.69
C ILE J 164 -7.42 7.28 36.59
N HIS J 165 -6.70 6.27 37.11
CA HIS J 165 -7.15 4.88 37.04
C HIS J 165 -8.31 4.57 37.97
N GLY J 166 -8.48 5.42 38.98
CA GLY J 166 -9.51 5.26 39.99
C GLY J 166 -9.12 4.27 41.06
N ASP J 167 -10.01 4.06 42.03
CA ASP J 167 -9.78 3.20 43.18
C ASP J 167 -9.26 1.80 42.84
N MET J 168 -8.12 1.47 43.49
CA MET J 168 -7.47 0.17 43.39
C MET J 168 -8.37 -0.90 44.03
N ASN J 169 -9.18 -0.50 45.05
CA ASN J 169 -10.13 -1.41 45.73
C ASN J 169 -11.13 -1.99 44.74
N VAL J 170 -11.55 -1.19 43.75
CA VAL J 170 -12.47 -1.62 42.68
C VAL J 170 -11.80 -2.70 41.78
N ILE J 171 -10.52 -2.48 41.39
CA ILE J 171 -9.71 -3.37 40.56
C ILE J 171 -9.56 -4.73 41.22
N LEU J 172 -9.23 -4.74 42.54
CA LEU J 172 -8.98 -5.94 43.34
C LEU J 172 -10.20 -6.83 43.57
N TRP J 173 -11.39 -6.20 43.76
CA TRP J 173 -12.68 -6.87 44.07
C TRP J 173 -12.94 -8.17 43.20
N PRO J 174 -12.92 -8.14 41.85
CA PRO J 174 -13.22 -9.37 41.11
C PRO J 174 -12.23 -10.53 41.31
N ILE J 175 -10.98 -10.25 41.76
CA ILE J 175 -10.00 -11.30 42.04
C ILE J 175 -10.20 -11.81 43.47
N GLN J 176 -10.18 -10.88 44.45
CA GLN J 176 -10.26 -11.18 45.88
C GLN J 176 -11.62 -11.75 46.31
N SER J 177 -12.73 -11.14 45.88
CA SER J 177 -14.05 -11.68 46.21
C SER J 177 -14.47 -12.80 45.23
N GLY J 178 -14.43 -12.48 43.94
CA GLY J 178 -14.87 -13.35 42.86
C GLY J 178 -14.13 -14.66 42.68
N ILE J 179 -12.80 -14.64 42.80
CA ILE J 179 -12.04 -15.88 42.61
C ILE J 179 -11.68 -16.53 43.96
N LEU J 180 -10.95 -15.81 44.82
CA LEU J 180 -10.46 -16.33 46.10
C LEU J 180 -11.55 -16.56 47.15
N HIS J 181 -12.24 -15.48 47.61
CA HIS J 181 -13.27 -15.60 48.62
C HIS J 181 -14.40 -16.55 48.20
N PHE J 182 -14.75 -16.54 46.93
CA PHE J 182 -15.78 -17.42 46.38
C PHE J 182 -15.53 -18.90 46.70
N CYS J 183 -14.26 -19.33 46.65
CA CYS J 183 -13.80 -20.69 46.89
C CYS J 183 -13.59 -21.06 48.38
N GLY J 184 -13.90 -20.13 49.27
CA GLY J 184 -13.73 -20.36 50.70
C GLY J 184 -12.64 -19.53 51.34
N PHE J 185 -11.55 -19.27 50.61
CA PHE J 185 -10.38 -18.55 51.08
C PHE J 185 -10.66 -17.35 51.91
N GLN J 186 -9.89 -17.19 52.98
CA GLN J 186 -9.88 -16.01 53.81
C GLN J 186 -8.86 -15.15 53.09
N VAL J 187 -9.27 -13.99 52.59
CA VAL J 187 -8.35 -13.16 51.82
C VAL J 187 -7.65 -12.19 52.74
N LEU J 188 -6.32 -12.27 52.79
CA LEU J 188 -5.47 -11.39 53.60
C LEU J 188 -5.16 -10.12 52.82
N GLU J 189 -4.74 -9.05 53.53
CA GLU J 189 -4.43 -7.75 52.93
C GLU J 189 -3.46 -7.95 51.75
N PRO J 190 -3.73 -7.36 50.56
CA PRO J 190 -2.80 -7.56 49.45
C PRO J 190 -1.49 -6.83 49.67
N GLN J 191 -0.38 -7.39 49.17
CA GLN J 191 0.92 -6.74 49.25
C GLN J 191 1.10 -5.95 47.95
N LEU J 192 0.75 -4.65 48.02
CA LEU J 192 0.78 -3.75 46.86
C LEU J 192 2.06 -2.96 46.72
N THR J 193 2.86 -3.29 45.70
CA THR J 193 4.15 -2.64 45.42
C THR J 193 4.00 -1.77 44.15
N TYR J 194 3.65 -0.48 44.34
CA TYR J 194 3.43 0.45 43.22
C TYR J 194 4.70 0.94 42.56
N SER J 195 4.57 1.37 41.28
CA SER J 195 5.61 1.94 40.42
C SER J 195 7.01 1.42 40.78
N ILE J 196 7.20 0.09 40.63
CA ILE J 196 8.44 -0.62 40.95
C ILE J 196 9.61 -0.18 40.03
N GLY J 197 9.28 0.32 38.84
CA GLY J 197 10.23 0.86 37.89
C GLY J 197 10.89 2.16 38.33
N HIS J 198 10.23 2.91 39.23
CA HIS J 198 10.73 4.20 39.76
C HIS J 198 11.46 4.08 41.06
N THR J 199 11.34 2.91 41.71
CA THR J 199 11.94 2.60 43.01
C THR J 199 13.45 2.45 42.92
N PRO J 200 14.23 3.21 43.74
CA PRO J 200 15.69 3.04 43.72
C PRO J 200 16.11 1.74 44.38
N ALA J 201 17.31 1.25 44.05
CA ALA J 201 17.86 -0.04 44.52
C ALA J 201 17.70 -0.31 46.03
N ASP J 202 18.09 0.63 46.89
CA ASP J 202 17.99 0.50 48.35
C ASP J 202 16.54 0.35 48.83
N ALA J 203 15.62 1.08 48.20
CA ALA J 203 14.21 1.00 48.53
C ALA J 203 13.63 -0.36 48.11
N ARG J 204 14.11 -0.93 46.98
CA ARG J 204 13.69 -2.25 46.49
C ARG J 204 14.08 -3.33 47.50
N ILE J 205 15.27 -3.16 48.11
CA ILE J 205 15.78 -4.04 49.15
C ILE J 205 14.85 -3.96 50.37
N GLN J 206 14.49 -2.72 50.79
CA GLN J 206 13.58 -2.48 51.92
C GLN J 206 12.21 -3.14 51.74
N ILE J 207 11.70 -3.15 50.48
CA ILE J 207 10.42 -3.77 50.08
C ILE J 207 10.49 -5.28 50.36
N LEU J 208 11.57 -5.93 49.89
CA LEU J 208 11.80 -7.36 50.06
C LEU J 208 11.94 -7.73 51.53
N GLU J 209 12.69 -6.93 52.29
CA GLU J 209 12.88 -7.19 53.72
C GLU J 209 11.56 -7.06 54.50
N GLY J 210 10.72 -6.10 54.10
CA GLY J 210 9.41 -5.86 54.69
C GLY J 210 8.44 -6.98 54.44
N TRP J 211 8.44 -7.50 53.20
CA TRP J 211 7.62 -8.64 52.75
C TRP J 211 8.03 -9.89 53.57
N LYS J 212 9.35 -10.12 53.77
CA LYS J 212 9.89 -11.21 54.57
C LYS J 212 9.43 -11.12 56.03
N LYS J 213 9.53 -9.90 56.65
CA LYS J 213 9.10 -9.63 58.03
C LYS J 213 7.56 -9.80 58.20
N ARG J 214 6.79 -9.52 57.13
CA ARG J 214 5.33 -9.67 57.16
C ARG J 214 4.95 -11.13 57.28
N LEU J 215 5.62 -11.96 56.45
CA LEU J 215 5.44 -13.40 56.35
C LEU J 215 5.82 -14.14 57.62
N GLU J 216 6.54 -13.48 58.54
CA GLU J 216 6.91 -14.08 59.83
C GLU J 216 5.69 -14.37 60.69
N ASN J 217 4.63 -13.52 60.56
CA ASN J 217 3.39 -13.65 61.31
C ASN J 217 2.16 -13.38 60.41
N ILE J 218 2.25 -13.82 59.15
CA ILE J 218 1.18 -13.69 58.15
C ILE J 218 -0.07 -14.45 58.57
N TRP J 219 0.10 -15.64 59.18
CA TRP J 219 -1.02 -16.49 59.59
C TRP J 219 -1.88 -15.88 60.67
N ASP J 220 -1.29 -15.08 61.56
CA ASP J 220 -1.99 -14.44 62.67
C ASP J 220 -2.74 -13.15 62.30
N GLU J 221 -2.65 -12.73 61.02
CA GLU J 221 -3.30 -11.52 60.52
C GLU J 221 -4.80 -11.67 60.43
N THR J 222 -5.52 -10.54 60.55
CA THR J 222 -6.98 -10.49 60.39
C THR J 222 -7.30 -10.35 58.89
N PRO J 223 -8.20 -11.18 58.31
CA PRO J 223 -8.47 -11.07 56.86
C PRO J 223 -9.33 -9.86 56.48
N LEU J 224 -9.45 -9.57 55.17
CA LEU J 224 -10.27 -8.48 54.64
C LEU J 224 -11.76 -8.79 54.89
N TYR J 225 -12.59 -7.76 55.00
CA TYR J 225 -14.02 -7.97 55.20
C TYR J 225 -14.80 -8.19 53.92
N PHE J 226 -15.57 -9.30 53.91
CA PHE J 226 -16.54 -9.66 52.88
C PHE J 226 -17.83 -9.94 53.63
N ALA J 227 -18.95 -9.54 53.04
CA ALA J 227 -20.26 -9.75 53.62
C ALA J 227 -20.51 -11.26 53.84
N PRO J 228 -20.77 -11.71 55.08
CA PRO J 228 -21.02 -13.14 55.31
C PRO J 228 -22.26 -13.65 54.56
N SER J 229 -22.19 -14.92 54.07
CA SER J 229 -23.28 -15.53 53.32
C SER J 229 -24.57 -15.59 54.14
N SER J 230 -24.43 -15.57 55.46
CA SER J 230 -25.53 -15.54 56.42
C SER J 230 -26.44 -14.32 56.25
N LEU J 231 -25.96 -13.25 55.54
CA LEU J 231 -26.72 -12.02 55.29
C LEU J 231 -27.65 -12.13 54.08
N PHE J 232 -27.55 -13.26 53.32
CA PHE J 232 -28.32 -13.49 52.11
C PHE J 232 -29.18 -14.74 52.16
N ASP J 233 -30.40 -14.68 51.53
CA ASP J 233 -31.35 -15.80 51.40
C ASP J 233 -30.86 -16.57 50.17
N LEU J 234 -30.03 -17.58 50.41
CA LEU J 234 -29.35 -18.33 49.36
C LEU J 234 -30.21 -19.33 48.59
N ASN J 235 -31.46 -18.93 48.31
CA ASN J 235 -32.38 -19.74 47.51
C ASN J 235 -32.84 -18.97 46.28
N PHE J 236 -33.36 -19.72 45.29
CA PHE J 236 -33.95 -19.17 44.09
C PHE J 236 -35.15 -18.32 44.50
N GLN J 237 -36.11 -18.83 45.30
CA GLN J 237 -37.30 -18.04 45.66
C GLN J 237 -37.02 -16.55 45.93
N ALA J 238 -35.93 -16.25 46.64
CA ALA J 238 -35.54 -14.87 46.96
C ALA J 238 -34.87 -14.16 45.77
N GLY J 239 -33.93 -14.86 45.16
CA GLY J 239 -33.12 -14.33 44.06
C GLY J 239 -31.71 -14.08 44.52
N PHE J 240 -31.28 -14.83 45.58
CA PHE J 240 -29.93 -14.76 46.18
C PHE J 240 -29.59 -13.35 46.65
N LEU J 241 -30.62 -12.69 47.19
CA LEU J 241 -30.54 -11.33 47.69
C LEU J 241 -30.38 -11.29 49.18
N MET J 242 -29.92 -10.14 49.66
CA MET J 242 -29.73 -9.83 51.07
C MET J 242 -31.04 -9.97 51.82
N LYS J 243 -31.01 -10.60 53.00
CA LYS J 243 -32.19 -10.84 53.84
C LYS J 243 -32.88 -9.50 54.16
N LYS J 244 -34.23 -9.47 54.06
CA LYS J 244 -35.07 -8.29 54.31
C LYS J 244 -34.74 -7.59 55.63
N GLU J 245 -34.39 -8.37 56.69
CA GLU J 245 -33.97 -7.88 58.02
C GLU J 245 -32.65 -7.13 57.88
N VAL J 246 -31.64 -7.79 57.28
CA VAL J 246 -30.30 -7.27 57.03
C VAL J 246 -30.42 -6.00 56.15
N GLN J 247 -31.36 -6.00 55.18
CA GLN J 247 -31.62 -4.86 54.32
C GLN J 247 -32.06 -3.67 55.15
N ASP J 248 -32.86 -3.93 56.22
CA ASP J 248 -33.34 -2.88 57.14
C ASP J 248 -32.18 -2.30 57.96
N GLU J 249 -31.49 -3.13 58.79
CA GLU J 249 -30.35 -2.76 59.67
C GLU J 249 -29.35 -1.75 59.07
N GLU J 250 -29.11 -1.89 57.73
CA GLU J 250 -28.20 -1.15 56.86
C GLU J 250 -28.74 0.17 56.29
N LYS J 251 -30.07 0.33 56.24
CA LYS J 251 -30.74 1.51 55.67
C LYS J 251 -30.19 2.85 56.21
N ASN J 252 -30.00 2.96 57.52
CA ASN J 252 -29.52 4.19 58.17
C ASN J 252 -27.98 4.31 58.21
N LYS J 253 -27.24 3.42 57.53
CA LYS J 253 -25.78 3.43 57.58
C LYS J 253 -25.20 4.18 56.40
N LYS J 254 -24.34 5.20 56.65
CA LYS J 254 -23.65 6.01 55.64
C LYS J 254 -22.86 5.15 54.63
N PHE J 255 -22.17 4.08 55.13
CA PHE J 255 -21.36 3.19 54.29
C PHE J 255 -22.01 1.85 54.07
N GLY J 256 -21.63 1.25 52.95
CA GLY J 256 -22.07 -0.08 52.50
C GLY J 256 -21.24 -1.17 53.15
N LEU J 257 -21.36 -2.40 52.70
CA LEU J 257 -20.64 -3.50 53.35
C LEU J 257 -19.24 -3.74 52.83
N SER J 258 -19.10 -3.84 51.50
CA SER J 258 -17.87 -4.11 50.77
C SER J 258 -17.98 -3.45 49.38
N VAL J 259 -16.88 -3.50 48.56
CA VAL J 259 -16.82 -2.87 47.24
C VAL J 259 -18.01 -3.28 46.37
N GLY J 260 -18.28 -4.58 46.31
CA GLY J 260 -19.38 -5.14 45.55
C GLY J 260 -20.73 -4.96 46.22
N HIS J 261 -20.74 -4.89 47.57
CA HIS J 261 -21.96 -4.66 48.32
C HIS J 261 -21.97 -3.27 48.88
N HIS J 262 -21.67 -2.29 47.99
CA HIS J 262 -21.65 -0.86 48.30
C HIS J 262 -23.06 -0.34 48.55
N LEU J 263 -24.08 -1.09 48.09
CA LEU J 263 -25.50 -0.79 48.27
C LEU J 263 -25.90 0.64 47.82
N GLY J 264 -25.17 1.18 46.85
CA GLY J 264 -25.40 2.50 46.27
C GLY J 264 -25.04 3.63 47.20
N LYS J 265 -24.33 3.28 48.32
CA LYS J 265 -23.82 4.23 49.32
C LYS J 265 -22.32 4.29 49.11
N SER J 266 -21.62 4.96 50.04
CA SER J 266 -20.16 5.09 50.09
C SER J 266 -19.53 3.75 50.33
N ILE J 267 -18.48 3.40 49.55
CA ILE J 267 -17.75 2.14 49.80
C ILE J 267 -16.89 2.32 51.08
N PRO J 268 -16.94 1.39 52.07
CA PRO J 268 -16.05 1.56 53.22
C PRO J 268 -14.61 1.67 52.73
N THR J 269 -13.90 2.68 53.21
CA THR J 269 -12.53 2.98 52.81
C THR J 269 -11.61 1.74 52.93
N ASP J 270 -10.83 1.50 51.86
CA ASP J 270 -9.88 0.40 51.71
C ASP J 270 -10.45 -0.95 52.08
N ASN J 271 -11.69 -1.24 51.61
CA ASN J 271 -12.37 -2.49 51.92
C ASN J 271 -11.53 -3.71 51.49
N GLN J 272 -10.91 -3.62 50.28
CA GLN J 272 -10.10 -4.66 49.64
C GLN J 272 -8.60 -4.49 49.87
N ILE J 273 -8.17 -3.46 50.61
CA ILE J 273 -6.74 -3.23 50.83
C ILE J 273 -6.34 -3.41 52.31
N LYS J 274 -7.28 -3.08 53.23
CA LYS J 274 -7.07 -3.12 54.69
C LYS J 274 -8.20 -3.83 55.49
N ALA J 275 -7.92 -4.27 56.75
CA ALA J 275 -8.92 -4.93 57.62
C ALA J 275 -9.72 -3.96 58.60
N ARG J 276 -10.49 -3.02 58.00
CA ARG J 276 -11.29 -2.07 58.77
C ARG J 276 -12.80 -2.24 58.57
N GLY K 6 -39.61 -1.77 4.17
CA GLY K 6 -40.38 -0.58 4.51
C GLY K 6 -41.50 -0.80 5.52
N ARG K 7 -41.72 0.20 6.45
CA ARG K 7 -42.76 0.12 7.49
C ARG K 7 -43.62 1.41 7.61
N ARG K 8 -43.12 2.61 7.23
CA ARG K 8 -43.89 3.87 7.25
C ARG K 8 -44.29 4.34 5.84
N ALA K 9 -45.55 4.83 5.68
CA ALA K 9 -46.09 5.32 4.40
C ALA K 9 -46.82 6.65 4.54
N LEU K 10 -46.79 7.47 3.47
CA LEU K 10 -47.48 8.77 3.41
C LEU K 10 -48.41 8.86 2.20
N ILE K 11 -49.71 9.12 2.44
CA ILE K 11 -50.65 9.27 1.34
C ILE K 11 -51.00 10.76 1.19
N VAL K 12 -50.62 11.33 0.06
CA VAL K 12 -50.91 12.74 -0.25
C VAL K 12 -52.12 12.73 -1.19
N LEU K 13 -53.24 13.32 -0.76
CA LEU K 13 -54.46 13.35 -1.57
C LEU K 13 -54.87 14.76 -2.01
N ALA K 14 -55.04 14.94 -3.33
CA ALA K 14 -55.44 16.21 -3.94
C ALA K 14 -56.89 16.19 -4.53
N HIS K 15 -57.87 16.02 -3.64
CA HIS K 15 -59.29 16.04 -4.04
C HIS K 15 -60.14 16.70 -2.95
N SER K 16 -61.16 17.51 -3.37
CA SER K 16 -62.04 18.25 -2.47
C SER K 16 -63.12 17.42 -1.82
N GLU K 17 -63.75 16.53 -2.60
CA GLU K 17 -64.89 15.70 -2.23
C GLU K 17 -64.56 14.33 -1.62
N ARG K 18 -65.20 14.04 -0.48
CA ARG K 18 -65.05 12.74 0.18
C ARG K 18 -65.84 11.69 -0.65
N THR K 19 -66.85 12.17 -1.41
CA THR K 19 -67.74 11.40 -2.30
C THR K 19 -67.07 10.93 -3.58
N SER K 20 -65.83 11.37 -3.83
CA SER K 20 -65.05 11.06 -5.03
C SER K 20 -64.42 9.67 -5.01
N PHE K 21 -64.07 9.17 -6.20
CA PHE K 21 -63.38 7.90 -6.32
C PHE K 21 -61.96 8.07 -5.84
N ASN K 22 -61.39 9.29 -5.98
CA ASN K 22 -60.04 9.60 -5.48
C ASN K 22 -59.98 9.42 -3.97
N TYR K 23 -61.04 9.87 -3.24
CA TYR K 23 -61.10 9.69 -1.79
C TYR K 23 -61.21 8.21 -1.44
N ALA K 24 -61.98 7.45 -2.24
CA ALA K 24 -62.17 6.00 -2.10
C ALA K 24 -60.86 5.27 -2.25
N MET K 25 -60.05 5.67 -3.23
CA MET K 25 -58.75 5.11 -3.54
C MET K 25 -57.76 5.38 -2.43
N LYS K 26 -57.92 6.54 -1.73
CA LYS K 26 -57.06 6.94 -0.60
C LYS K 26 -57.38 5.98 0.56
N GLU K 27 -58.66 5.87 0.90
CA GLU K 27 -59.16 5.00 1.97
C GLU K 27 -58.78 3.54 1.72
N ALA K 28 -58.85 3.09 0.45
CA ALA K 28 -58.52 1.74 0.01
C ALA K 28 -57.06 1.46 0.34
N ALA K 29 -56.17 2.40 -0.07
CA ALA K 29 -54.71 2.34 0.13
C ALA K 29 -54.36 2.33 1.62
N ALA K 30 -54.92 3.29 2.39
CA ALA K 30 -54.70 3.43 3.83
C ALA K 30 -55.03 2.15 4.56
N ALA K 31 -56.23 1.58 4.28
CA ALA K 31 -56.73 0.32 4.86
C ALA K 31 -55.86 -0.88 4.47
N ALA K 32 -55.54 -1.02 3.17
CA ALA K 32 -54.72 -2.10 2.63
C ALA K 32 -53.34 -2.16 3.29
N LEU K 33 -52.65 -0.99 3.33
CA LEU K 33 -51.32 -0.83 3.92
C LEU K 33 -51.33 -1.09 5.41
N LYS K 34 -52.27 -0.47 6.15
CA LYS K 34 -52.43 -0.66 7.59
C LYS K 34 -52.58 -2.17 7.90
N LYS K 35 -53.38 -2.89 7.07
CA LYS K 35 -53.64 -4.33 7.19
C LYS K 35 -52.34 -5.12 7.04
N LYS K 36 -51.45 -4.68 6.13
CA LYS K 36 -50.16 -5.35 5.91
C LYS K 36 -49.04 -4.84 6.87
N GLY K 37 -49.45 -4.23 7.99
CA GLY K 37 -48.57 -3.76 9.04
C GLY K 37 -47.89 -2.42 8.89
N TRP K 38 -48.31 -1.61 7.91
CA TRP K 38 -47.73 -0.30 7.68
C TRP K 38 -48.26 0.75 8.65
N GLU K 39 -47.45 1.78 8.91
CA GLU K 39 -47.80 2.94 9.72
C GLU K 39 -48.13 4.00 8.65
N VAL K 40 -49.43 4.30 8.49
CA VAL K 40 -49.94 5.20 7.44
C VAL K 40 -50.24 6.61 7.98
N VAL K 41 -49.71 7.63 7.30
CA VAL K 41 -49.92 9.05 7.61
C VAL K 41 -50.53 9.72 6.36
N GLU K 42 -51.53 10.60 6.55
CA GLU K 42 -52.19 11.30 5.45
C GLU K 42 -51.80 12.78 5.30
N SER K 43 -52.12 13.33 4.12
CA SER K 43 -51.99 14.72 3.71
C SER K 43 -53.13 15.01 2.72
N ASP K 44 -54.35 15.13 3.28
CA ASP K 44 -55.53 15.46 2.49
C ASP K 44 -55.44 16.96 2.32
N LEU K 45 -54.77 17.35 1.23
CA LEU K 45 -54.43 18.75 0.98
C LEU K 45 -55.62 19.72 1.17
N TYR K 46 -56.80 19.37 0.59
CA TYR K 46 -58.04 20.17 0.68
C TYR K 46 -58.55 20.27 2.13
N ALA K 47 -58.57 19.12 2.85
CA ALA K 47 -58.99 19.03 4.26
C ALA K 47 -58.11 19.86 5.18
N MET K 48 -56.81 19.85 4.94
CA MET K 48 -55.85 20.65 5.68
C MET K 48 -55.99 22.15 5.37
N ASN K 49 -56.74 22.50 4.28
CA ASN K 49 -56.91 23.87 3.73
C ASN K 49 -55.51 24.46 3.47
N PHE K 50 -54.62 23.58 2.96
CA PHE K 50 -53.22 23.82 2.73
C PHE K 50 -52.97 24.97 1.74
N ASN K 51 -52.00 25.86 2.11
CA ASN K 51 -51.59 26.99 1.29
C ASN K 51 -50.63 26.55 0.19
N PRO K 52 -51.05 26.57 -1.09
CA PRO K 52 -50.14 26.10 -2.15
C PRO K 52 -49.24 27.18 -2.76
N ILE K 53 -49.35 28.42 -2.26
CA ILE K 53 -48.57 29.50 -2.86
C ILE K 53 -47.29 29.84 -2.11
N ILE K 54 -46.14 29.63 -2.81
CA ILE K 54 -44.81 30.02 -2.34
C ILE K 54 -44.81 31.56 -2.20
N SER K 55 -44.36 32.07 -1.03
CA SER K 55 -44.32 33.52 -0.69
C SER K 55 -43.22 33.78 0.30
N ARG K 56 -42.93 35.07 0.60
CA ARG K 56 -41.91 35.37 1.60
C ARG K 56 -42.43 35.04 3.00
N LYS K 57 -43.75 34.75 3.10
CA LYS K 57 -44.41 34.34 4.34
C LYS K 57 -43.99 32.92 4.72
N ASP K 58 -43.29 32.19 3.82
CA ASP K 58 -42.80 30.83 4.10
C ASP K 58 -41.50 30.86 4.93
N ILE K 59 -40.95 32.08 5.18
CA ILE K 59 -39.75 32.35 5.99
C ILE K 59 -40.16 33.21 7.17
N THR K 60 -40.16 32.63 8.37
CA THR K 60 -40.61 33.28 9.62
C THR K 60 -39.58 34.28 10.20
N GLY K 61 -38.31 34.04 9.97
CA GLY K 61 -37.23 34.90 10.45
C GLY K 61 -36.91 36.06 9.54
N LYS K 62 -35.81 36.76 9.86
CA LYS K 62 -35.31 37.90 9.10
C LYS K 62 -34.71 37.41 7.78
N LEU K 63 -35.19 37.99 6.63
CA LEU K 63 -34.69 37.62 5.29
C LEU K 63 -33.26 38.10 5.11
N LYS K 64 -32.47 37.42 4.26
CA LYS K 64 -31.09 37.85 4.05
C LYS K 64 -31.03 39.09 3.18
N ASP K 65 -31.84 39.14 2.12
CA ASP K 65 -31.94 40.31 1.23
C ASP K 65 -33.42 40.62 1.02
N PRO K 66 -34.06 41.39 1.93
CA PRO K 66 -35.50 41.66 1.77
C PRO K 66 -35.81 42.59 0.61
N ALA K 67 -34.82 43.41 0.21
CA ALA K 67 -34.90 44.37 -0.90
C ALA K 67 -35.06 43.62 -2.22
N ASN K 68 -34.31 42.51 -2.39
CA ASN K 68 -34.29 41.68 -3.59
C ASN K 68 -34.47 40.20 -3.18
N PHE K 69 -35.74 39.88 -2.84
CA PHE K 69 -36.09 38.56 -2.37
C PHE K 69 -35.93 37.52 -3.48
N GLN K 70 -35.20 36.43 -3.17
CA GLN K 70 -35.00 35.30 -4.08
C GLN K 70 -35.44 34.01 -3.35
N TYR K 71 -36.63 33.45 -3.72
CA TYR K 71 -37.22 32.30 -3.01
C TYR K 71 -36.24 31.10 -2.82
N PRO K 72 -35.57 30.48 -3.86
CA PRO K 72 -34.63 29.37 -3.55
C PRO K 72 -33.54 29.79 -2.55
N ALA K 73 -32.73 30.79 -2.88
CA ALA K 73 -31.67 31.29 -1.99
C ALA K 73 -32.12 31.52 -0.52
N GLU K 74 -33.32 32.16 -0.28
CA GLU K 74 -33.84 32.46 1.07
C GLU K 74 -34.47 31.26 1.73
N SER K 75 -35.34 30.55 1.01
CA SER K 75 -35.98 29.34 1.53
C SER K 75 -34.96 28.35 2.07
N VAL K 76 -33.75 28.33 1.47
CA VAL K 76 -32.71 27.39 1.89
C VAL K 76 -32.13 27.78 3.24
N LEU K 77 -31.81 29.06 3.41
CA LEU K 77 -31.29 29.57 4.67
C LEU K 77 -32.32 29.37 5.79
N ALA K 78 -33.64 29.43 5.47
CA ALA K 78 -34.75 29.20 6.41
C ALA K 78 -34.74 27.75 6.88
N TYR K 79 -34.62 26.80 5.94
CA TYR K 79 -34.53 25.38 6.26
C TYR K 79 -33.31 25.14 7.16
N LYS K 80 -32.15 25.62 6.69
CA LYS K 80 -30.88 25.46 7.36
C LYS K 80 -30.86 26.07 8.75
N GLU K 81 -31.43 27.30 8.91
CA GLU K 81 -31.46 28.07 10.17
C GLU K 81 -32.66 27.75 11.07
N GLY K 82 -33.58 26.92 10.59
CA GLY K 82 -34.75 26.49 11.35
C GLY K 82 -36.00 27.34 11.28
N HIS K 83 -35.89 28.61 10.79
CA HIS K 83 -37.06 29.50 10.73
C HIS K 83 -37.92 29.35 9.44
N LEU K 84 -38.34 28.11 9.15
CA LEU K 84 -39.20 27.82 8.02
C LEU K 84 -40.68 27.86 8.53
N SER K 85 -41.70 28.11 7.66
CA SER K 85 -43.10 28.16 8.11
C SER K 85 -43.51 26.81 8.74
N PRO K 86 -44.15 26.81 9.95
CA PRO K 86 -44.48 25.54 10.61
C PRO K 86 -45.25 24.52 9.80
N ASP K 87 -46.15 24.97 8.90
CA ASP K 87 -46.94 24.08 8.04
C ASP K 87 -46.05 23.29 7.10
N ILE K 88 -45.03 23.97 6.51
CA ILE K 88 -44.00 23.39 5.63
C ILE K 88 -43.23 22.34 6.42
N VAL K 89 -42.73 22.73 7.60
CA VAL K 89 -41.96 21.86 8.50
C VAL K 89 -42.70 20.56 8.84
N ALA K 90 -44.00 20.66 9.14
CA ALA K 90 -44.85 19.51 9.47
C ALA K 90 -44.84 18.46 8.34
N GLU K 91 -44.99 18.93 7.08
CA GLU K 91 -44.99 18.12 5.86
C GLU K 91 -43.62 17.53 5.63
N GLN K 92 -42.57 18.30 5.89
CA GLN K 92 -41.19 17.89 5.71
C GLN K 92 -40.85 16.74 6.68
N LYS K 93 -41.36 16.84 7.95
CA LYS K 93 -41.19 15.82 8.98
C LYS K 93 -41.93 14.53 8.59
N LYS K 94 -43.07 14.66 7.89
CA LYS K 94 -43.89 13.54 7.38
C LYS K 94 -43.10 12.76 6.32
N LEU K 95 -42.47 13.49 5.37
CA LEU K 95 -41.63 12.94 4.30
C LEU K 95 -40.41 12.23 4.86
N GLU K 96 -39.67 12.91 5.77
CA GLU K 96 -38.47 12.36 6.42
C GLU K 96 -38.79 10.96 6.98
N ALA K 97 -39.97 10.81 7.61
CA ALA K 97 -40.42 9.59 8.24
C ALA K 97 -40.84 8.48 7.29
N ALA K 98 -41.53 8.84 6.17
CA ALA K 98 -42.08 7.90 5.19
C ALA K 98 -41.05 7.15 4.36
N ASP K 99 -41.34 5.85 4.09
CA ASP K 99 -40.54 4.97 3.23
C ASP K 99 -41.22 4.96 1.86
N LEU K 100 -42.56 4.87 1.87
CA LEU K 100 -43.40 4.88 0.68
C LEU K 100 -44.25 6.15 0.67
N VAL K 101 -44.32 6.81 -0.53
CA VAL K 101 -45.14 8.02 -0.70
C VAL K 101 -46.12 7.80 -1.86
N ILE K 102 -47.44 7.83 -1.56
CA ILE K 102 -48.50 7.65 -2.55
C ILE K 102 -49.13 9.00 -2.88
N PHE K 103 -49.21 9.33 -4.17
CA PHE K 103 -49.84 10.57 -4.60
C PHE K 103 -51.14 10.26 -5.31
N GLN K 104 -52.25 10.36 -4.55
CA GLN K 104 -53.60 10.10 -5.06
C GLN K 104 -54.23 11.40 -5.54
N PHE K 105 -54.48 11.50 -6.87
CA PHE K 105 -55.05 12.72 -7.46
C PHE K 105 -55.72 12.48 -8.82
N PRO K 106 -56.75 13.31 -9.17
CA PRO K 106 -57.28 13.25 -10.54
C PRO K 106 -56.33 14.01 -11.51
N LEU K 107 -56.18 13.53 -12.77
CA LEU K 107 -55.36 14.25 -13.76
C LEU K 107 -56.11 15.53 -14.09
N GLN K 108 -55.44 16.66 -13.97
CA GLN K 108 -56.03 17.97 -14.23
C GLN K 108 -55.13 18.78 -15.13
N TRP K 109 -55.65 19.11 -16.31
CA TRP K 109 -54.93 19.82 -17.35
C TRP K 109 -53.52 19.22 -17.64
N PHE K 110 -53.51 17.87 -17.84
CA PHE K 110 -52.37 17.04 -18.18
C PHE K 110 -51.26 17.07 -17.13
N GLY K 111 -51.68 17.26 -15.88
CA GLY K 111 -50.76 17.27 -14.75
C GLY K 111 -51.42 17.14 -13.40
N VAL K 112 -50.65 17.47 -12.34
CA VAL K 112 -51.13 17.42 -10.96
C VAL K 112 -52.06 18.61 -10.69
N PRO K 113 -53.12 18.47 -9.83
CA PRO K 113 -53.93 19.66 -9.46
C PRO K 113 -53.08 20.75 -8.80
N ALA K 114 -53.38 22.03 -9.04
CA ALA K 114 -52.62 23.18 -8.50
C ALA K 114 -52.27 23.06 -7.00
N ILE K 115 -53.19 22.49 -6.18
CA ILE K 115 -52.95 22.34 -4.74
C ILE K 115 -51.75 21.37 -4.48
N LEU K 116 -51.59 20.30 -5.31
CA LEU K 116 -50.46 19.34 -5.21
C LEU K 116 -49.19 19.99 -5.73
N LYS K 117 -49.31 20.74 -6.85
CA LYS K 117 -48.18 21.44 -7.43
C LYS K 117 -47.59 22.38 -6.38
N GLY K 118 -48.46 23.14 -5.70
CA GLY K 118 -48.08 24.05 -4.64
C GLY K 118 -47.43 23.39 -3.45
N TRP K 119 -47.89 22.15 -3.14
CA TRP K 119 -47.35 21.33 -2.05
C TRP K 119 -45.88 21.00 -2.37
N PHE K 120 -45.60 20.59 -3.62
CA PHE K 120 -44.25 20.30 -4.05
C PHE K 120 -43.36 21.53 -3.96
N GLU K 121 -43.84 22.66 -4.48
CA GLU K 121 -43.08 23.90 -4.52
C GLU K 121 -42.70 24.41 -3.12
N ARG K 122 -43.66 24.41 -2.18
CA ARG K 122 -43.47 24.85 -0.79
C ARG K 122 -42.77 23.83 0.13
N VAL K 123 -42.97 22.50 -0.10
CA VAL K 123 -42.42 21.45 0.78
C VAL K 123 -41.06 20.95 0.29
N PHE K 124 -40.90 20.71 -1.03
CA PHE K 124 -39.61 20.25 -1.61
C PHE K 124 -38.65 21.44 -1.73
N ILE K 125 -38.15 21.90 -0.57
CA ILE K 125 -37.31 23.09 -0.37
C ILE K 125 -35.85 22.72 -0.51
N GLY K 126 -35.08 23.65 -1.07
CA GLY K 126 -33.64 23.57 -1.24
C GLY K 126 -32.94 22.32 -0.77
N GLU K 127 -32.04 22.47 0.26
CA GLU K 127 -31.19 21.40 0.84
C GLU K 127 -31.92 20.16 1.30
N PHE K 128 -33.22 20.30 1.65
CA PHE K 128 -34.06 19.23 2.16
C PHE K 128 -34.38 18.17 1.12
N ALA K 129 -34.99 18.58 -0.02
CA ALA K 129 -35.44 17.70 -1.10
C ALA K 129 -34.47 17.62 -2.26
N TYR K 130 -33.53 18.59 -2.39
CA TYR K 130 -32.55 18.57 -3.48
C TYR K 130 -31.25 19.36 -3.22
N THR K 131 -30.20 18.90 -3.85
CA THR K 131 -28.87 19.53 -3.80
C THR K 131 -28.33 19.24 -5.16
N TYR K 132 -27.76 20.24 -5.85
CA TYR K 132 -27.18 20.03 -7.17
C TYR K 132 -25.99 19.02 -7.12
N ALA K 133 -25.40 18.84 -5.90
CA ALA K 133 -24.33 17.89 -5.58
C ALA K 133 -24.89 16.46 -5.55
N ALA K 134 -26.10 16.29 -4.99
CA ALA K 134 -26.75 14.99 -4.92
C ALA K 134 -28.14 15.11 -5.54
N MET K 135 -28.22 14.93 -6.87
CA MET K 135 -29.50 15.04 -7.55
C MET K 135 -29.73 13.87 -8.49
N TYR K 136 -31.01 13.48 -8.58
CA TYR K 136 -31.56 12.30 -9.23
C TYR K 136 -31.22 11.06 -8.36
N ASP K 137 -30.57 9.97 -8.87
CA ASP K 137 -30.27 8.78 -8.05
C ASP K 137 -29.38 9.03 -6.83
N LYS K 138 -28.74 10.21 -6.75
CA LYS K 138 -27.90 10.62 -5.63
C LYS K 138 -28.69 11.46 -4.60
N GLY K 139 -29.90 11.90 -5.00
CA GLY K 139 -30.83 12.71 -4.22
C GLY K 139 -31.15 12.24 -2.80
N PRO K 140 -31.71 13.16 -1.97
CA PRO K 140 -32.01 12.82 -0.56
C PRO K 140 -32.98 11.68 -0.28
N PHE K 141 -33.96 11.49 -1.16
CA PHE K 141 -35.00 10.48 -1.00
C PHE K 141 -34.65 9.16 -1.69
N ARG K 142 -33.34 8.92 -1.96
CA ARG K 142 -32.87 7.70 -2.63
C ARG K 142 -33.30 6.41 -1.90
N SER K 143 -33.49 6.50 -0.58
CA SER K 143 -33.92 5.39 0.27
C SER K 143 -35.45 5.22 0.32
N LYS K 144 -36.19 6.11 -0.37
CA LYS K 144 -37.65 6.11 -0.44
C LYS K 144 -38.17 5.68 -1.82
N LYS K 145 -39.46 5.31 -1.89
CA LYS K 145 -40.14 4.90 -3.12
C LYS K 145 -41.43 5.73 -3.24
N ALA K 146 -41.71 6.24 -4.46
CA ALA K 146 -42.93 7.02 -4.74
C ALA K 146 -43.80 6.38 -5.82
N VAL K 147 -45.14 6.55 -5.71
CA VAL K 147 -46.15 6.09 -6.68
C VAL K 147 -47.14 7.18 -6.98
N LEU K 148 -47.58 7.22 -8.26
CA LEU K 148 -48.62 8.16 -8.67
C LEU K 148 -49.87 7.33 -8.93
N SER K 149 -50.97 7.62 -8.21
CA SER K 149 -52.24 6.93 -8.47
C SER K 149 -53.14 8.00 -9.09
N ILE K 150 -53.31 7.92 -10.41
CA ILE K 150 -54.03 8.90 -11.20
C ILE K 150 -55.38 8.36 -11.69
N THR K 151 -56.36 9.27 -11.81
CA THR K 151 -57.68 8.99 -12.37
C THR K 151 -57.86 10.04 -13.47
N THR K 152 -58.36 9.62 -14.62
CA THR K 152 -58.56 10.54 -15.75
C THR K 152 -59.99 10.47 -16.22
N GLY K 153 -60.41 11.50 -16.96
CA GLY K 153 -61.72 11.54 -17.59
C GLY K 153 -61.72 10.82 -18.92
N GLY K 154 -60.62 10.99 -19.67
CA GLY K 154 -60.40 10.39 -20.98
C GLY K 154 -59.99 8.94 -20.89
N SER K 155 -60.34 8.18 -21.94
CA SER K 155 -60.06 6.73 -22.02
C SER K 155 -58.58 6.49 -22.31
N GLY K 156 -58.11 5.28 -22.00
CA GLY K 156 -56.73 4.91 -22.23
C GLY K 156 -56.26 5.04 -23.66
N SER K 157 -57.15 4.71 -24.62
CA SER K 157 -56.83 4.79 -26.04
C SER K 157 -56.49 6.19 -26.49
N MET K 158 -57.05 7.21 -25.82
CA MET K 158 -56.77 8.62 -26.12
C MET K 158 -55.34 8.99 -25.74
N TYR K 159 -54.79 8.28 -24.73
CA TYR K 159 -53.44 8.43 -24.19
C TYR K 159 -52.45 7.41 -24.72
N SER K 160 -52.90 6.56 -25.68
CA SER K 160 -52.02 5.61 -26.37
C SER K 160 -51.19 6.40 -27.40
N LEU K 161 -50.17 5.76 -28.02
CA LEU K 161 -49.31 6.44 -29.02
C LEU K 161 -50.08 7.06 -30.20
N GLN K 162 -51.28 6.49 -30.53
CA GLN K 162 -52.15 6.92 -31.62
C GLN K 162 -53.42 7.69 -31.20
N GLY K 163 -53.58 7.96 -29.91
CA GLY K 163 -54.73 8.71 -29.40
C GLY K 163 -54.53 10.20 -29.58
N ILE K 164 -55.62 11.02 -29.58
CA ILE K 164 -55.54 12.50 -29.77
C ILE K 164 -54.65 13.19 -28.78
N HIS K 165 -54.67 12.76 -27.50
CA HIS K 165 -53.86 13.41 -26.48
C HIS K 165 -52.39 13.08 -26.57
N GLY K 166 -52.08 11.98 -27.27
CA GLY K 166 -50.72 11.52 -27.42
C GLY K 166 -50.27 10.70 -26.22
N ASP K 167 -49.02 10.24 -26.27
CA ASP K 167 -48.42 9.39 -25.25
C ASP K 167 -48.54 9.91 -23.82
N MET K 168 -49.12 9.05 -22.94
CA MET K 168 -49.26 9.27 -21.50
C MET K 168 -47.89 9.30 -20.86
N ASN K 169 -46.93 8.51 -21.40
CA ASN K 169 -45.53 8.49 -20.93
C ASN K 169 -44.89 9.90 -20.98
N VAL K 170 -45.24 10.70 -22.01
CA VAL K 170 -44.75 12.07 -22.16
C VAL K 170 -45.32 12.96 -21.04
N ILE K 171 -46.65 12.82 -20.72
CA ILE K 171 -47.37 13.56 -19.68
C ILE K 171 -46.77 13.31 -18.31
N LEU K 172 -46.44 12.03 -18.01
CA LEU K 172 -45.88 11.58 -16.73
C LEU K 172 -44.46 12.00 -16.45
N TRP K 173 -43.61 12.05 -17.50
CA TRP K 173 -42.17 12.39 -17.42
C TRP K 173 -41.87 13.60 -16.48
N PRO K 174 -42.47 14.81 -16.67
CA PRO K 174 -42.07 15.94 -15.82
C PRO K 174 -42.38 15.75 -14.33
N ILE K 175 -43.34 14.88 -13.98
CA ILE K 175 -43.71 14.62 -12.58
C ILE K 175 -42.77 13.56 -12.01
N GLN K 176 -42.70 12.41 -12.71
CA GLN K 176 -41.95 11.24 -12.29
C GLN K 176 -40.42 11.47 -12.32
N SER K 177 -39.87 12.05 -13.41
CA SER K 177 -38.43 12.34 -13.45
C SER K 177 -38.10 13.65 -12.76
N GLY K 178 -38.75 14.72 -13.21
CA GLY K 178 -38.54 16.10 -12.77
C GLY K 178 -38.80 16.44 -11.32
N ILE K 179 -39.87 15.87 -10.74
CA ILE K 179 -40.19 16.16 -9.33
C ILE K 179 -39.75 15.00 -8.45
N LEU K 180 -40.31 13.82 -8.70
CA LEU K 180 -40.06 12.63 -7.91
C LEU K 180 -38.61 12.12 -7.98
N HIS K 181 -38.10 11.58 -9.15
CA HIS K 181 -36.74 11.04 -9.31
C HIS K 181 -35.64 12.05 -9.04
N PHE K 182 -35.87 13.32 -9.42
CA PHE K 182 -34.90 14.40 -9.21
C PHE K 182 -34.45 14.48 -7.74
N CYS K 183 -35.40 14.26 -6.81
CA CYS K 183 -35.23 14.29 -5.36
C CYS K 183 -34.64 12.98 -4.73
N GLY K 184 -34.45 11.95 -5.56
CA GLY K 184 -33.87 10.67 -5.15
C GLY K 184 -34.79 9.47 -5.24
N PHE K 185 -36.09 9.73 -5.16
CA PHE K 185 -37.13 8.72 -5.19
C PHE K 185 -36.95 7.69 -6.26
N GLN K 186 -37.22 6.45 -5.92
CA GLN K 186 -37.30 5.35 -6.87
C GLN K 186 -38.77 5.42 -7.26
N VAL K 187 -39.06 5.66 -8.53
CA VAL K 187 -40.43 5.81 -8.99
C VAL K 187 -40.98 4.45 -9.43
N LEU K 188 -42.03 3.99 -8.77
CA LEU K 188 -42.71 2.74 -9.08
C LEU K 188 -43.76 2.99 -10.17
N GLU K 189 -44.20 1.91 -10.84
CA GLU K 189 -45.19 1.95 -11.94
C GLU K 189 -46.41 2.77 -11.51
N PRO K 190 -46.85 3.78 -12.30
CA PRO K 190 -48.04 4.54 -11.86
C PRO K 190 -49.31 3.70 -11.93
N GLN K 191 -50.25 3.96 -11.00
CA GLN K 191 -51.55 3.30 -10.99
C GLN K 191 -52.49 4.19 -11.79
N LEU K 192 -52.64 3.86 -13.06
CA LEU K 192 -53.45 4.62 -13.99
C LEU K 192 -54.86 4.06 -14.14
N THR K 193 -55.86 4.81 -13.61
CA THR K 193 -57.30 4.49 -13.65
C THR K 193 -57.98 5.42 -14.70
N TYR K 194 -58.07 4.98 -15.97
CA TYR K 194 -58.64 5.79 -17.05
C TYR K 194 -60.16 5.87 -17.03
N SER K 195 -60.71 7.00 -17.56
CA SER K 195 -62.14 7.24 -17.76
C SER K 195 -62.96 6.63 -16.63
N ILE K 196 -62.74 7.11 -15.41
CA ILE K 196 -63.40 6.63 -14.21
C ILE K 196 -64.91 6.98 -14.18
N GLY K 197 -65.28 8.09 -14.85
CA GLY K 197 -66.67 8.53 -14.91
C GLY K 197 -67.50 7.57 -15.73
N HIS K 198 -66.78 6.83 -16.58
CA HIS K 198 -67.24 5.86 -17.56
C HIS K 198 -66.79 4.45 -17.17
N THR K 199 -67.07 4.10 -15.90
CA THR K 199 -66.81 2.82 -15.28
C THR K 199 -68.04 2.48 -14.41
N PRO K 200 -68.73 1.33 -14.67
CA PRO K 200 -69.91 0.98 -13.84
C PRO K 200 -69.48 0.60 -12.43
N ALA K 201 -70.43 0.66 -11.48
CA ALA K 201 -70.19 0.40 -10.06
C ALA K 201 -69.35 -0.85 -9.74
N ASP K 202 -69.68 -2.00 -10.35
CA ASP K 202 -68.98 -3.26 -10.10
C ASP K 202 -67.54 -3.22 -10.54
N ALA K 203 -67.28 -2.53 -11.67
CA ALA K 203 -65.93 -2.36 -12.20
C ALA K 203 -65.10 -1.45 -11.31
N ARG K 204 -65.75 -0.42 -10.70
CA ARG K 204 -65.11 0.53 -9.77
C ARG K 204 -64.64 -0.22 -8.51
N ILE K 205 -65.45 -1.21 -8.07
CA ILE K 205 -65.15 -2.10 -6.94
C ILE K 205 -63.90 -2.92 -7.28
N GLN K 206 -63.89 -3.53 -8.48
CA GLN K 206 -62.75 -4.31 -8.97
C GLN K 206 -61.44 -3.51 -8.99
N ILE K 207 -61.51 -2.19 -9.36
CA ILE K 207 -60.37 -1.25 -9.42
C ILE K 207 -59.77 -1.11 -8.03
N LEU K 208 -60.63 -0.82 -7.04
CA LEU K 208 -60.24 -0.64 -5.65
C LEU K 208 -59.63 -1.90 -5.06
N GLU K 209 -60.23 -3.07 -5.35
CA GLU K 209 -59.71 -4.37 -4.88
C GLU K 209 -58.33 -4.68 -5.47
N GLY K 210 -58.13 -4.33 -6.73
CA GLY K 210 -56.87 -4.50 -7.44
C GLY K 210 -55.75 -3.64 -6.90
N TRP K 211 -56.07 -2.36 -6.60
CA TRP K 211 -55.18 -1.38 -5.99
C TRP K 211 -54.73 -1.90 -4.61
N LYS K 212 -55.70 -2.43 -3.80
CA LYS K 212 -55.44 -3.00 -2.48
C LYS K 212 -54.50 -4.21 -2.58
N LYS K 213 -54.74 -5.13 -3.56
CA LYS K 213 -53.92 -6.34 -3.78
C LYS K 213 -52.50 -5.98 -4.28
N ARG K 214 -52.36 -4.85 -5.01
CA ARG K 214 -51.06 -4.37 -5.50
C ARG K 214 -50.19 -3.92 -4.33
N LEU K 215 -50.81 -3.14 -3.42
CA LEU K 215 -50.20 -2.57 -2.22
C LEU K 215 -49.72 -3.65 -1.21
N GLU K 216 -50.20 -4.89 -1.37
CA GLU K 216 -49.81 -6.01 -0.51
C GLU K 216 -48.32 -6.33 -0.70
N ASN K 217 -47.77 -6.08 -1.91
CA ASN K 217 -46.36 -6.33 -2.23
C ASN K 217 -45.75 -5.21 -3.06
N ILE K 218 -46.19 -3.97 -2.80
CA ILE K 218 -45.74 -2.77 -3.52
C ILE K 218 -44.23 -2.52 -3.33
N TRP K 219 -43.71 -2.76 -2.13
CA TRP K 219 -42.30 -2.52 -1.81
C TRP K 219 -41.34 -3.43 -2.59
N ASP K 220 -41.77 -4.66 -2.91
CA ASP K 220 -40.97 -5.66 -3.62
C ASP K 220 -40.94 -5.47 -5.15
N GLU K 221 -41.67 -4.48 -5.68
CA GLU K 221 -41.73 -4.15 -7.11
C GLU K 221 -40.44 -3.56 -7.65
N THR K 222 -40.20 -3.74 -8.95
CA THR K 222 -39.05 -3.14 -9.65
C THR K 222 -39.43 -1.71 -10.10
N PRO K 223 -38.60 -0.68 -9.81
CA PRO K 223 -38.97 0.70 -10.22
C PRO K 223 -38.74 0.99 -11.69
N LEU K 224 -39.32 2.11 -12.19
CA LEU K 224 -39.22 2.56 -13.58
C LEU K 224 -37.78 2.93 -13.89
N TYR K 225 -37.36 2.80 -15.16
CA TYR K 225 -36.00 3.13 -15.56
C TYR K 225 -35.79 4.60 -15.88
N PHE K 226 -34.78 5.18 -15.24
CA PHE K 226 -34.29 6.52 -15.46
C PHE K 226 -32.78 6.34 -15.67
N ALA K 227 -32.22 7.12 -16.59
CA ALA K 227 -30.79 7.06 -16.88
C ALA K 227 -30.00 7.36 -15.58
N PRO K 228 -29.11 6.43 -15.15
CA PRO K 228 -28.33 6.69 -13.92
C PRO K 228 -27.43 7.94 -14.06
N SER K 229 -27.26 8.70 -12.96
CA SER K 229 -26.46 9.91 -12.95
C SER K 229 -25.01 9.61 -13.32
N SER K 230 -24.59 8.34 -13.15
CA SER K 230 -23.28 7.83 -13.51
C SER K 230 -23.01 7.95 -15.03
N LEU K 231 -24.06 8.18 -15.85
CA LEU K 231 -23.93 8.35 -17.31
C LEU K 231 -23.58 9.79 -17.71
N PHE K 232 -23.58 10.72 -16.74
CA PHE K 232 -23.35 12.15 -16.94
C PHE K 232 -22.19 12.67 -16.13
N ASP K 233 -21.50 13.69 -16.68
CA ASP K 233 -20.40 14.38 -15.99
C ASP K 233 -21.10 15.51 -15.22
N LEU K 234 -21.50 15.23 -13.99
CA LEU K 234 -22.28 16.14 -13.16
C LEU K 234 -21.44 17.25 -12.49
N ASN K 235 -21.00 18.20 -13.33
CA ASN K 235 -20.23 19.35 -12.92
C ASN K 235 -20.38 20.47 -13.96
N PHE K 236 -20.20 21.73 -13.48
CA PHE K 236 -20.28 22.94 -14.29
C PHE K 236 -19.35 22.85 -15.48
N GLN K 237 -18.06 22.52 -15.25
CA GLN K 237 -17.04 22.44 -16.31
C GLN K 237 -17.56 21.68 -17.57
N ALA K 238 -18.22 20.51 -17.38
CA ALA K 238 -18.74 19.64 -18.43
C ALA K 238 -20.16 19.96 -18.94
N GLY K 239 -20.84 20.89 -18.26
CA GLY K 239 -22.17 21.37 -18.66
C GLY K 239 -23.26 20.41 -18.34
N PHE K 240 -23.00 19.48 -17.41
CA PHE K 240 -23.96 18.46 -16.97
C PHE K 240 -24.45 17.59 -18.13
N LEU K 241 -23.52 17.28 -19.04
CA LEU K 241 -23.88 16.47 -20.19
C LEU K 241 -23.50 15.00 -20.03
N MET K 242 -24.11 14.13 -20.87
CA MET K 242 -23.82 12.71 -20.93
C MET K 242 -22.33 12.50 -21.27
N LYS K 243 -21.66 11.58 -20.56
CA LYS K 243 -20.23 11.29 -20.76
C LYS K 243 -20.00 10.92 -22.20
N LYS K 244 -18.95 11.51 -22.85
CA LYS K 244 -18.60 11.22 -24.27
C LYS K 244 -18.48 9.69 -24.55
N GLU K 245 -18.05 8.93 -23.49
CA GLU K 245 -17.96 7.47 -23.32
C GLU K 245 -19.33 6.82 -23.62
N VAL K 246 -20.36 7.19 -22.79
CA VAL K 246 -21.76 6.75 -22.83
C VAL K 246 -22.36 7.06 -24.20
N GLN K 247 -22.21 8.35 -24.61
CA GLN K 247 -22.67 8.87 -25.89
C GLN K 247 -22.26 7.94 -26.98
N ASP K 248 -20.95 7.55 -27.03
CA ASP K 248 -20.38 6.63 -28.01
C ASP K 248 -21.05 5.25 -27.99
N GLU K 249 -21.20 4.60 -26.81
CA GLU K 249 -21.80 3.24 -26.67
C GLU K 249 -23.25 3.19 -27.22
N GLU K 250 -23.99 4.27 -26.99
CA GLU K 250 -25.38 4.42 -27.37
C GLU K 250 -25.58 4.78 -28.85
N LYS K 251 -24.52 5.25 -29.57
CA LYS K 251 -24.63 5.72 -30.96
C LYS K 251 -25.30 4.71 -31.89
N ASN K 252 -24.94 3.43 -31.79
CA ASN K 252 -25.53 2.42 -32.67
C ASN K 252 -26.77 1.71 -32.09
N LYS K 253 -27.29 2.20 -30.95
CA LYS K 253 -28.48 1.61 -30.32
C LYS K 253 -29.78 2.23 -30.92
N LYS K 254 -30.79 1.39 -31.28
CA LYS K 254 -32.06 1.81 -31.90
C LYS K 254 -32.87 2.79 -31.06
N PHE K 255 -32.91 2.55 -29.75
CA PHE K 255 -33.68 3.33 -28.80
C PHE K 255 -32.87 4.21 -27.88
N GLY K 256 -33.55 5.23 -27.38
CA GLY K 256 -33.00 6.12 -26.37
C GLY K 256 -33.09 5.47 -25.00
N LEU K 257 -32.67 6.21 -23.97
CA LEU K 257 -32.65 5.70 -22.61
C LEU K 257 -33.97 5.83 -21.86
N SER K 258 -34.62 6.99 -21.94
CA SER K 258 -35.88 7.29 -21.29
C SER K 258 -36.72 8.25 -22.16
N VAL K 259 -37.85 8.76 -21.63
CA VAL K 259 -38.70 9.73 -22.34
C VAL K 259 -37.89 11.03 -22.60
N GLY K 260 -37.24 11.55 -21.55
CA GLY K 260 -36.42 12.76 -21.63
C GLY K 260 -35.08 12.54 -22.28
N HIS K 261 -34.52 11.32 -22.13
CA HIS K 261 -33.25 10.95 -22.74
C HIS K 261 -33.49 10.05 -23.94
N HIS K 262 -34.43 10.48 -24.81
CA HIS K 262 -34.76 9.78 -26.04
C HIS K 262 -33.57 9.91 -27.06
N LEU K 263 -32.71 10.91 -26.85
CA LEU K 263 -31.51 11.21 -27.65
C LEU K 263 -31.81 11.38 -29.16
N GLY K 264 -33.05 11.74 -29.50
CA GLY K 264 -33.49 11.91 -30.89
C GLY K 264 -33.73 10.59 -31.60
N LYS K 265 -33.69 9.51 -30.81
CA LYS K 265 -33.95 8.14 -31.21
C LYS K 265 -35.34 7.78 -30.61
N SER K 266 -35.82 6.54 -30.87
CA SER K 266 -37.12 6.03 -30.39
C SER K 266 -37.20 5.95 -28.87
N ILE K 267 -38.37 6.32 -28.30
CA ILE K 267 -38.52 6.22 -26.85
C ILE K 267 -38.81 4.76 -26.48
N PRO K 268 -38.02 4.13 -25.55
CA PRO K 268 -38.37 2.77 -25.12
C PRO K 268 -39.83 2.73 -24.64
N THR K 269 -40.61 1.81 -25.24
CA THR K 269 -42.04 1.60 -24.97
C THR K 269 -42.36 1.59 -23.46
N ASP K 270 -43.38 2.37 -23.07
CA ASP K 270 -43.86 2.53 -21.70
C ASP K 270 -42.75 2.75 -20.70
N ASN K 271 -41.81 3.67 -21.03
CA ASN K 271 -40.67 3.97 -20.15
C ASN K 271 -41.13 4.43 -18.76
N GLN K 272 -42.17 5.29 -18.73
CA GLN K 272 -42.77 5.90 -17.54
C GLN K 272 -43.99 5.17 -16.99
N ILE K 273 -44.43 4.08 -17.65
CA ILE K 273 -45.63 3.34 -17.21
C ILE K 273 -45.29 1.93 -16.68
N LYS K 274 -44.25 1.30 -17.27
CA LYS K 274 -43.81 -0.06 -16.97
C LYS K 274 -42.26 -0.22 -16.75
N ALA K 275 -41.83 -1.21 -15.91
CA ALA K 275 -40.40 -1.53 -15.69
C ALA K 275 -40.12 -2.76 -16.64
N ARG K 276 -38.87 -3.15 -17.03
CA ARG K 276 -37.58 -2.64 -16.61
C ARG K 276 -36.71 -2.25 -17.84
N VAL L 5 -56.12 41.75 -38.51
CA VAL L 5 -55.05 42.05 -37.55
C VAL L 5 -55.68 42.41 -36.20
N GLY L 6 -55.35 41.64 -35.17
CA GLY L 6 -55.85 41.88 -33.81
C GLY L 6 -55.09 42.90 -32.94
N ARG L 7 -55.84 43.97 -32.43
CA ARG L 7 -55.39 45.08 -31.56
C ARG L 7 -55.26 44.82 -29.97
N ARG L 8 -55.54 43.59 -29.37
CA ARG L 8 -55.54 43.37 -27.89
C ARG L 8 -54.65 42.23 -27.37
N ALA L 9 -53.98 42.45 -26.23
CA ALA L 9 -53.08 41.47 -25.63
C ALA L 9 -53.26 41.33 -24.13
N LEU L 10 -53.01 40.10 -23.59
CA LEU L 10 -53.10 39.81 -22.15
C LEU L 10 -51.82 39.23 -21.63
N ILE L 11 -51.26 39.84 -20.59
CA ILE L 11 -50.02 39.32 -19.97
C ILE L 11 -50.37 38.71 -18.61
N VAL L 12 -50.22 37.39 -18.48
CA VAL L 12 -50.46 36.67 -17.24
C VAL L 12 -49.07 36.44 -16.58
N LEU L 13 -48.84 37.04 -15.39
CA LEU L 13 -47.56 36.94 -14.68
C LEU L 13 -47.65 36.20 -13.35
N ALA L 14 -46.84 35.14 -13.25
CA ALA L 14 -46.76 34.26 -12.07
C ALA L 14 -45.45 34.44 -11.28
N HIS L 15 -45.23 35.66 -10.74
CA HIS L 15 -44.10 35.97 -9.86
C HIS L 15 -44.51 36.93 -8.74
N SER L 16 -43.96 36.71 -7.54
CA SER L 16 -44.29 37.53 -6.36
C SER L 16 -43.63 38.92 -6.33
N GLU L 17 -42.33 38.95 -6.64
CA GLU L 17 -41.44 40.10 -6.54
C GLU L 17 -41.37 41.02 -7.76
N ARG L 18 -41.49 42.35 -7.50
CA ARG L 18 -41.37 43.37 -8.54
C ARG L 18 -39.91 43.50 -8.95
N THR L 19 -39.01 43.12 -8.02
CA THR L 19 -37.54 43.13 -8.16
C THR L 19 -36.97 41.98 -9.04
N SER L 20 -37.85 41.07 -9.47
CA SER L 20 -37.50 39.88 -10.26
C SER L 20 -37.30 40.19 -11.74
N PHE L 21 -36.58 39.28 -12.44
CA PHE L 21 -36.38 39.42 -13.86
C PHE L 21 -37.67 39.12 -14.58
N ASN L 22 -38.51 38.25 -13.99
CA ASN L 22 -39.85 37.95 -14.52
C ASN L 22 -40.71 39.19 -14.57
N TYR L 23 -40.67 40.03 -13.52
CA TYR L 23 -41.44 41.26 -13.50
C TYR L 23 -40.92 42.21 -14.58
N ALA L 24 -39.59 42.25 -14.75
CA ALA L 24 -38.90 43.07 -15.76
C ALA L 24 -39.35 42.68 -17.18
N MET L 25 -39.45 41.36 -17.42
CA MET L 25 -39.89 40.80 -18.69
C MET L 25 -41.36 41.13 -18.97
N LYS L 26 -42.18 41.25 -17.91
CA LYS L 26 -43.59 41.58 -18.05
C LYS L 26 -43.69 43.04 -18.51
N GLU L 27 -42.98 43.94 -17.79
CA GLU L 27 -42.91 45.37 -18.08
C GLU L 27 -42.37 45.64 -19.47
N ALA L 28 -41.35 44.87 -19.88
CA ALA L 28 -40.71 44.94 -21.20
C ALA L 28 -41.73 44.66 -22.28
N ALA L 29 -42.50 43.56 -22.12
CA ALA L 29 -43.54 43.11 -23.04
C ALA L 29 -44.65 44.13 -23.14
N ALA L 30 -45.18 44.58 -21.97
CA ALA L 30 -46.26 45.56 -21.88
C ALA L 30 -45.89 46.85 -22.63
N ALA L 31 -44.69 47.39 -22.36
CA ALA L 31 -44.16 48.60 -22.99
C ALA L 31 -43.94 48.43 -24.50
N ALA L 32 -43.33 47.29 -24.90
CA ALA L 32 -43.03 46.98 -26.31
C ALA L 32 -44.29 46.94 -27.13
N LEU L 33 -45.29 46.17 -26.64
CA LEU L 33 -46.59 45.99 -27.29
C LEU L 33 -47.37 47.31 -27.38
N LYS L 34 -47.48 48.04 -26.26
CA LYS L 34 -48.15 49.34 -26.21
C LYS L 34 -47.54 50.27 -27.27
N LYS L 35 -46.18 50.28 -27.41
CA LYS L 35 -45.42 51.09 -28.38
C LYS L 35 -45.83 50.72 -29.81
N LYS L 36 -46.09 49.42 -30.08
CA LYS L 36 -46.49 48.94 -31.41
C LYS L 36 -48.03 49.00 -31.62
N GLY L 37 -48.71 49.83 -30.82
CA GLY L 37 -50.15 50.08 -30.89
C GLY L 37 -51.11 49.08 -30.27
N TRP L 38 -50.62 48.17 -29.43
CA TRP L 38 -51.46 47.17 -28.78
C TRP L 38 -52.17 47.74 -27.57
N GLU L 39 -53.32 47.15 -27.23
CA GLU L 39 -54.11 47.44 -26.02
C GLU L 39 -53.71 46.31 -25.08
N VAL L 40 -52.91 46.62 -24.05
CA VAL L 40 -52.34 45.62 -23.12
C VAL L 40 -53.08 45.57 -21.80
N VAL L 41 -53.46 44.36 -21.37
CA VAL L 41 -54.17 44.08 -20.10
C VAL L 41 -53.33 43.07 -19.32
N GLU L 42 -53.20 43.25 -18.00
CA GLU L 42 -52.40 42.37 -17.16
C GLU L 42 -53.21 41.43 -16.27
N SER L 43 -52.54 40.40 -15.76
CA SER L 43 -53.03 39.48 -14.77
C SER L 43 -51.82 39.08 -13.91
N ASP L 44 -51.40 40.01 -13.00
CA ASP L 44 -50.29 39.77 -12.07
C ASP L 44 -50.93 38.99 -10.93
N LEU L 45 -50.95 37.64 -11.09
CA LEU L 45 -51.65 36.70 -10.21
C LEU L 45 -51.33 36.92 -8.74
N TYR L 46 -50.03 37.14 -8.39
CA TYR L 46 -49.63 37.41 -7.01
C TYR L 46 -50.21 38.73 -6.47
N ALA L 47 -50.09 39.83 -7.27
CA ALA L 47 -50.59 41.17 -6.95
C ALA L 47 -52.11 41.19 -6.81
N MET L 48 -52.77 40.39 -7.64
CA MET L 48 -54.21 40.20 -7.66
C MET L 48 -54.66 39.41 -6.44
N ASN L 49 -53.71 38.72 -5.76
CA ASN L 49 -53.94 37.82 -4.63
C ASN L 49 -54.96 36.75 -5.09
N PHE L 50 -54.73 36.26 -6.34
CA PHE L 50 -55.56 35.30 -7.03
C PHE L 50 -55.72 34.00 -6.25
N ASN L 51 -56.97 33.45 -6.22
CA ASN L 51 -57.24 32.16 -5.58
C ASN L 51 -56.99 31.04 -6.63
N PRO L 52 -55.94 30.21 -6.50
CA PRO L 52 -55.69 29.19 -7.52
C PRO L 52 -56.39 27.85 -7.25
N ILE L 53 -57.18 27.75 -6.17
CA ILE L 53 -57.78 26.46 -5.88
C ILE L 53 -59.23 26.32 -6.32
N ILE L 54 -59.47 25.38 -7.24
CA ILE L 54 -60.80 25.00 -7.70
C ILE L 54 -61.59 24.45 -6.47
N SER L 55 -62.81 24.95 -6.26
CA SER L 55 -63.67 24.59 -5.12
C SER L 55 -65.12 24.79 -5.51
N ARG L 56 -66.06 24.36 -4.64
CA ARG L 56 -67.47 24.57 -4.90
C ARG L 56 -67.81 26.04 -4.69
N LYS L 57 -66.85 26.83 -4.13
CA LYS L 57 -66.94 28.30 -3.91
C LYS L 57 -66.90 29.01 -5.28
N ASP L 58 -66.52 28.31 -6.36
CA ASP L 58 -66.44 28.89 -7.70
C ASP L 58 -67.84 28.99 -8.36
N ILE L 59 -68.86 28.39 -7.71
CA ILE L 59 -70.26 28.39 -8.16
C ILE L 59 -71.13 29.10 -7.09
N THR L 60 -71.62 30.29 -7.46
CA THR L 60 -72.40 31.21 -6.61
C THR L 60 -73.91 30.81 -6.46
N GLY L 61 -74.44 30.02 -7.38
CA GLY L 61 -75.81 29.57 -7.28
C GLY L 61 -75.94 28.23 -6.57
N LYS L 62 -77.14 27.62 -6.66
CA LYS L 62 -77.40 26.30 -6.08
C LYS L 62 -76.81 25.26 -7.04
N LEU L 63 -76.01 24.33 -6.49
CA LEU L 63 -75.36 23.24 -7.24
C LEU L 63 -76.40 22.26 -7.76
N LYS L 64 -76.06 21.56 -8.85
CA LYS L 64 -76.98 20.57 -9.42
C LYS L 64 -77.13 19.33 -8.51
N ASP L 65 -75.99 18.70 -8.11
CA ASP L 65 -75.95 17.59 -7.16
C ASP L 65 -74.97 17.95 -6.03
N PRO L 66 -75.42 18.65 -4.96
CA PRO L 66 -74.49 19.03 -3.88
C PRO L 66 -74.02 17.82 -3.05
N ALA L 67 -74.79 16.71 -3.11
CA ALA L 67 -74.54 15.44 -2.45
C ALA L 67 -73.29 14.77 -3.01
N ASN L 68 -73.09 14.84 -4.35
CA ASN L 68 -71.93 14.28 -5.04
C ASN L 68 -71.42 15.33 -6.04
N PHE L 69 -70.68 16.32 -5.51
CA PHE L 69 -70.17 17.41 -6.31
C PHE L 69 -69.08 16.93 -7.29
N GLN L 70 -69.27 17.26 -8.58
CA GLN L 70 -68.31 16.95 -9.65
C GLN L 70 -67.97 18.27 -10.36
N TYR L 71 -66.76 18.80 -10.11
CA TYR L 71 -66.32 20.11 -10.62
C TYR L 71 -66.55 20.34 -12.11
N PRO L 72 -66.13 19.44 -13.04
CA PRO L 72 -66.37 19.72 -14.47
C PRO L 72 -67.85 19.98 -14.79
N ALA L 73 -68.75 19.04 -14.43
CA ALA L 73 -70.20 19.16 -14.65
C ALA L 73 -70.81 20.49 -14.10
N GLU L 74 -70.52 20.79 -12.81
CA GLU L 74 -71.01 21.95 -12.10
C GLU L 74 -70.45 23.26 -12.62
N SER L 75 -69.15 23.29 -12.99
CA SER L 75 -68.49 24.51 -13.49
C SER L 75 -69.05 24.95 -14.84
N VAL L 76 -69.34 23.97 -15.74
CA VAL L 76 -69.92 24.19 -17.07
C VAL L 76 -71.33 24.78 -16.91
N LEU L 77 -72.13 24.13 -16.06
CA LEU L 77 -73.47 24.57 -15.76
C LEU L 77 -73.46 25.99 -15.21
N ALA L 78 -72.54 26.32 -14.30
CA ALA L 78 -72.45 27.68 -13.74
C ALA L 78 -72.09 28.72 -14.81
N TYR L 79 -71.19 28.34 -15.75
CA TYR L 79 -70.80 29.24 -16.85
C TYR L 79 -72.02 29.55 -17.71
N LYS L 80 -72.70 28.48 -18.17
CA LYS L 80 -73.90 28.51 -19.02
C LYS L 80 -75.06 29.29 -18.35
N GLU L 81 -75.30 29.05 -17.05
CA GLU L 81 -76.38 29.70 -16.28
C GLU L 81 -75.99 31.07 -15.73
N GLY L 82 -74.72 31.45 -15.87
CA GLY L 82 -74.21 32.75 -15.47
C GLY L 82 -73.97 32.99 -14.00
N HIS L 83 -73.66 31.93 -13.22
CA HIS L 83 -73.39 32.16 -11.81
C HIS L 83 -71.99 31.59 -11.41
N LEU L 84 -70.97 31.92 -12.21
CA LEU L 84 -69.59 31.58 -11.86
C LEU L 84 -69.10 32.69 -10.91
N SER L 85 -68.09 32.39 -10.09
CA SER L 85 -67.49 33.34 -9.16
C SER L 85 -67.00 34.59 -9.94
N PRO L 86 -67.30 35.82 -9.45
CA PRO L 86 -66.93 37.04 -10.19
C PRO L 86 -65.46 37.17 -10.60
N ASP L 87 -64.51 36.64 -9.78
CA ASP L 87 -63.08 36.69 -10.09
C ASP L 87 -62.78 35.88 -11.33
N ILE L 88 -63.41 34.67 -11.47
CA ILE L 88 -63.29 33.79 -12.64
C ILE L 88 -63.80 34.54 -13.86
N VAL L 89 -65.01 35.09 -13.75
CA VAL L 89 -65.67 35.85 -14.81
C VAL L 89 -64.79 36.99 -15.35
N ALA L 90 -64.16 37.75 -14.45
CA ALA L 90 -63.29 38.87 -14.81
C ALA L 90 -62.16 38.41 -15.73
N GLU L 91 -61.51 37.28 -15.38
CA GLU L 91 -60.41 36.67 -16.14
C GLU L 91 -60.89 36.14 -17.46
N GLN L 92 -62.10 35.56 -17.49
CA GLN L 92 -62.74 35.02 -18.68
C GLN L 92 -63.03 36.13 -19.68
N LYS L 93 -63.49 37.31 -19.17
CA LYS L 93 -63.76 38.50 -19.98
C LYS L 93 -62.47 39.06 -20.58
N LYS L 94 -61.35 38.94 -19.85
CA LYS L 94 -60.02 39.38 -20.27
C LYS L 94 -59.56 38.52 -21.46
N LEU L 95 -59.72 37.17 -21.36
CA LEU L 95 -59.37 36.19 -22.39
C LEU L 95 -60.20 36.41 -23.64
N GLU L 96 -61.53 36.55 -23.49
CA GLU L 96 -62.46 36.73 -24.60
C GLU L 96 -61.94 37.88 -25.47
N ALA L 97 -61.47 38.96 -24.83
CA ALA L 97 -61.01 40.18 -25.46
C ALA L 97 -59.67 40.08 -26.15
N ALA L 98 -58.71 39.34 -25.54
CA ALA L 98 -57.33 39.20 -26.00
C ALA L 98 -57.17 38.40 -27.27
N ASP L 99 -56.26 38.86 -28.14
CA ASP L 99 -55.86 38.23 -29.40
C ASP L 99 -54.56 37.46 -29.10
N LEU L 100 -53.65 38.12 -28.36
CA LEU L 100 -52.40 37.54 -27.93
C LEU L 100 -52.42 37.33 -26.41
N VAL L 101 -52.01 36.16 -25.95
CA VAL L 101 -51.87 35.93 -24.52
C VAL L 101 -50.39 35.57 -24.27
N ILE L 102 -49.75 36.21 -23.28
CA ILE L 102 -48.36 35.96 -22.90
C ILE L 102 -48.35 35.41 -21.47
N PHE L 103 -47.66 34.28 -21.26
CA PHE L 103 -47.53 33.69 -19.94
C PHE L 103 -46.11 33.85 -19.46
N GLN L 104 -45.87 34.89 -18.64
CA GLN L 104 -44.56 35.20 -18.07
C GLN L 104 -44.43 34.54 -16.71
N PHE L 105 -43.51 33.58 -16.59
CA PHE L 105 -43.32 32.85 -15.33
C PHE L 105 -41.94 32.17 -15.20
N PRO L 106 -41.44 31.97 -13.94
CA PRO L 106 -40.23 31.17 -13.76
C PRO L 106 -40.62 29.67 -13.83
N LEU L 107 -39.73 28.83 -14.40
CA LEU L 107 -40.01 27.38 -14.47
C LEU L 107 -39.92 26.89 -13.03
N GLN L 108 -40.97 26.21 -12.59
CA GLN L 108 -40.98 25.69 -11.24
C GLN L 108 -41.37 24.22 -11.26
N TRP L 109 -40.44 23.36 -10.81
CA TRP L 109 -40.60 21.92 -10.78
C TRP L 109 -41.06 21.34 -12.13
N PHE L 110 -40.31 21.73 -13.18
CA PHE L 110 -40.50 21.29 -14.56
C PHE L 110 -41.91 21.63 -15.12
N GLY L 111 -42.44 22.76 -14.67
CA GLY L 111 -43.73 23.24 -15.12
C GLY L 111 -44.08 24.63 -14.68
N VAL L 112 -45.40 24.97 -14.79
CA VAL L 112 -45.93 26.27 -14.44
C VAL L 112 -46.03 26.38 -12.91
N PRO L 113 -45.80 27.59 -12.30
CA PRO L 113 -46.00 27.71 -10.85
C PRO L 113 -47.46 27.37 -10.47
N ALA L 114 -47.68 26.79 -9.27
CA ALA L 114 -49.01 26.41 -8.78
C ALA L 114 -50.05 27.51 -8.98
N ILE L 115 -49.68 28.80 -8.79
CA ILE L 115 -50.65 29.91 -8.95
C ILE L 115 -51.19 30.00 -10.42
N LEU L 116 -50.31 29.70 -11.43
CA LEU L 116 -50.68 29.71 -12.86
C LEU L 116 -51.48 28.48 -13.17
N LYS L 117 -51.09 27.31 -12.60
CA LYS L 117 -51.80 26.06 -12.82
C LYS L 117 -53.23 26.23 -12.36
N GLY L 118 -53.40 26.85 -11.19
CA GLY L 118 -54.70 27.15 -10.59
C GLY L 118 -55.53 28.09 -11.41
N TRP L 119 -54.86 29.05 -12.09
CA TRP L 119 -55.51 30.01 -12.96
C TRP L 119 -56.12 29.27 -14.14
N PHE L 120 -55.40 28.32 -14.72
CA PHE L 120 -55.90 27.51 -15.81
C PHE L 120 -57.08 26.68 -15.39
N GLU L 121 -56.95 26.00 -14.26
CA GLU L 121 -57.99 25.13 -13.72
C GLU L 121 -59.29 25.85 -13.46
N ARG L 122 -59.23 27.00 -12.78
CA ARG L 122 -60.38 27.84 -12.44
C ARG L 122 -60.96 28.70 -13.57
N VAL L 123 -60.12 29.16 -14.53
CA VAL L 123 -60.54 30.06 -15.62
C VAL L 123 -60.90 29.30 -16.89
N PHE L 124 -60.12 28.28 -17.29
CA PHE L 124 -60.41 27.47 -18.49
C PHE L 124 -61.50 26.45 -18.17
N ILE L 125 -62.74 26.93 -18.11
CA ILE L 125 -63.94 26.19 -17.74
C ILE L 125 -64.58 25.55 -18.92
N GLY L 126 -65.27 24.44 -18.63
CA GLY L 126 -66.05 23.59 -19.53
C GLY L 126 -66.45 24.12 -20.90
N GLU L 127 -67.50 24.95 -21.01
CA GLU L 127 -67.97 25.39 -22.34
C GLU L 127 -67.16 26.50 -22.97
N PHE L 128 -66.61 27.36 -22.10
CA PHE L 128 -65.89 28.58 -22.39
C PHE L 128 -64.61 28.37 -23.17
N ALA L 129 -63.73 27.51 -22.63
CA ALA L 129 -62.39 27.24 -23.15
C ALA L 129 -62.25 25.99 -24.06
N TYR L 130 -63.14 24.97 -23.96
CA TYR L 130 -63.05 23.72 -24.75
C TYR L 130 -64.42 23.02 -24.83
N THR L 131 -64.59 21.83 -25.51
CA THR L 131 -65.91 21.13 -25.50
C THR L 131 -65.89 19.59 -25.68
N TYR L 132 -65.21 19.12 -26.74
CA TYR L 132 -65.10 17.74 -27.26
C TYR L 132 -65.24 17.89 -28.77
N ALA L 133 -66.19 18.78 -29.17
CA ALA L 133 -66.46 19.14 -30.55
C ALA L 133 -65.20 19.68 -31.34
N ALA L 134 -64.51 20.85 -31.08
CA ALA L 134 -64.35 21.96 -30.11
C ALA L 134 -63.17 21.66 -29.17
N MET L 135 -62.26 20.87 -29.74
CA MET L 135 -61.08 20.34 -29.10
C MET L 135 -59.92 20.36 -30.09
N TYR L 136 -58.75 20.88 -29.61
CA TYR L 136 -57.47 21.00 -30.29
C TYR L 136 -57.56 22.03 -31.41
N ASP L 137 -57.30 21.74 -32.71
CA ASP L 137 -57.35 22.81 -33.72
C ASP L 137 -58.73 23.41 -33.93
N LYS L 138 -59.73 22.78 -33.36
CA LYS L 138 -61.12 23.18 -33.49
C LYS L 138 -61.66 23.94 -32.25
N GLY L 139 -60.80 24.09 -31.23
CA GLY L 139 -61.14 24.75 -29.96
C GLY L 139 -61.58 26.21 -30.00
N PRO L 140 -62.19 26.69 -28.89
CA PRO L 140 -62.70 28.09 -28.84
C PRO L 140 -61.67 29.22 -29.08
N PHE L 141 -60.40 28.99 -28.70
CA PHE L 141 -59.36 30.01 -28.84
C PHE L 141 -58.57 29.88 -30.14
N ARG L 142 -59.15 29.21 -31.17
CA ARG L 142 -58.51 29.05 -32.49
C ARG L 142 -58.14 30.38 -33.13
N SER L 143 -58.87 31.45 -32.78
CA SER L 143 -58.66 32.82 -33.25
C SER L 143 -57.56 33.57 -32.49
N LYS L 144 -57.02 32.95 -31.42
CA LYS L 144 -56.01 33.54 -30.54
C LYS L 144 -54.64 32.87 -30.68
N LYS L 145 -53.59 33.56 -30.19
CA LYS L 145 -52.22 33.06 -30.20
C LYS L 145 -51.66 33.17 -28.77
N ALA L 146 -50.99 32.10 -28.30
CA ALA L 146 -50.37 32.06 -26.96
C ALA L 146 -48.83 31.87 -27.00
N VAL L 147 -48.11 32.46 -26.05
CA VAL L 147 -46.66 32.35 -25.88
C VAL L 147 -46.30 32.08 -24.45
N LEU L 148 -45.26 31.26 -24.24
CA LEU L 148 -44.73 30.98 -22.91
C LEU L 148 -43.39 31.70 -22.81
N SER L 149 -43.25 32.63 -21.88
CA SER L 149 -41.96 33.27 -21.66
C SER L 149 -41.47 32.74 -20.31
N ILE L 150 -40.52 31.81 -20.37
CA ILE L 150 -40.00 31.10 -19.22
C ILE L 150 -38.57 31.54 -18.86
N THR L 151 -38.27 31.48 -17.55
CA THR L 151 -36.94 31.74 -16.98
C THR L 151 -36.61 30.50 -16.15
N THR L 152 -35.42 29.94 -16.30
CA THR L 152 -35.03 28.76 -15.55
C THR L 152 -33.75 29.06 -14.74
N GLY L 153 -33.48 28.27 -13.72
CA GLY L 153 -32.23 28.37 -12.97
C GLY L 153 -31.17 27.56 -13.69
N GLY L 154 -31.57 26.38 -14.22
CA GLY L 154 -30.71 25.45 -14.93
C GLY L 154 -30.31 25.96 -16.29
N SER L 155 -29.09 25.60 -16.73
CA SER L 155 -28.54 26.02 -18.03
C SER L 155 -29.19 25.26 -19.16
N GLY L 156 -29.08 25.80 -20.37
CA GLY L 156 -29.64 25.20 -21.58
C GLY L 156 -29.14 23.80 -21.86
N SER L 157 -27.85 23.56 -21.61
CA SER L 157 -27.21 22.27 -21.84
C SER L 157 -27.83 21.17 -21.00
N MET L 158 -28.38 21.54 -19.81
CA MET L 158 -29.03 20.58 -18.90
C MET L 158 -30.33 20.08 -19.50
N TYR L 159 -30.95 20.93 -20.34
CA TYR L 159 -32.21 20.69 -21.02
C TYR L 159 -32.05 20.27 -22.49
N SER L 160 -30.78 20.08 -22.93
CA SER L 160 -30.45 19.56 -24.27
C SER L 160 -30.71 18.04 -24.26
N LEU L 161 -30.69 17.39 -25.42
CA LEU L 161 -30.96 15.94 -25.47
C LEU L 161 -30.07 15.06 -24.57
N GLN L 162 -28.82 15.55 -24.27
CA GLN L 162 -27.76 14.89 -23.48
C GLN L 162 -27.57 15.45 -22.04
N GLY L 163 -28.36 16.48 -21.66
CA GLY L 163 -28.32 17.08 -20.32
C GLY L 163 -29.04 16.21 -19.30
N ILE L 164 -28.74 16.36 -17.97
CA ILE L 164 -29.38 15.52 -16.91
C ILE L 164 -30.86 15.60 -16.89
N HIS L 165 -31.42 16.82 -17.08
CA HIS L 165 -32.86 16.99 -17.03
C HIS L 165 -33.59 16.38 -18.23
N GLY L 166 -32.83 16.18 -19.32
CA GLY L 166 -33.38 15.66 -20.55
C GLY L 166 -34.05 16.74 -21.38
N ASP L 167 -34.62 16.36 -22.53
CA ASP L 167 -35.21 17.27 -23.48
C ASP L 167 -36.26 18.24 -22.88
N MET L 168 -36.05 19.55 -23.12
CA MET L 168 -36.94 20.63 -22.70
C MET L 168 -38.26 20.50 -23.48
N ASN L 169 -38.20 19.98 -24.74
CA ASN L 169 -39.38 19.76 -25.58
C ASN L 169 -40.40 18.85 -24.87
N VAL L 170 -39.88 17.84 -24.12
CA VAL L 170 -40.71 16.91 -23.33
C VAL L 170 -41.44 17.67 -22.20
N ILE L 171 -40.73 18.57 -21.47
CA ILE L 171 -41.22 19.39 -20.35
C ILE L 171 -42.36 20.31 -20.81
N LEU L 172 -42.17 20.97 -21.99
CA LEU L 172 -43.11 21.93 -22.59
C LEU L 172 -44.42 21.30 -23.11
N TRP L 173 -44.34 20.08 -23.69
CA TRP L 173 -45.46 19.38 -24.28
C TRP L 173 -46.79 19.43 -23.44
N PRO L 174 -46.83 19.03 -22.15
CA PRO L 174 -48.12 19.05 -21.45
C PRO L 174 -48.75 20.42 -21.27
N ILE L 175 -47.96 21.51 -21.33
CA ILE L 175 -48.48 22.87 -21.20
C ILE L 175 -48.96 23.36 -22.57
N GLN L 176 -48.07 23.29 -23.58
CA GLN L 176 -48.30 23.79 -24.92
C GLN L 176 -49.36 23.00 -25.68
N SER L 177 -49.32 21.67 -25.66
CA SER L 177 -50.35 20.84 -26.31
C SER L 177 -51.56 20.65 -25.41
N GLY L 178 -51.32 20.13 -24.21
CA GLY L 178 -52.35 19.81 -23.22
C GLY L 178 -53.24 20.93 -22.73
N ILE L 179 -52.67 22.10 -22.44
CA ILE L 179 -53.46 23.21 -21.93
C ILE L 179 -53.82 24.21 -23.05
N LEU L 180 -52.84 24.81 -23.70
CA LEU L 180 -53.02 25.84 -24.73
C LEU L 180 -53.65 25.34 -26.02
N HIS L 181 -52.94 24.44 -26.75
CA HIS L 181 -53.48 23.92 -28.02
C HIS L 181 -54.84 23.20 -27.88
N PHE L 182 -55.10 22.53 -26.75
CA PHE L 182 -56.37 21.85 -26.46
C PHE L 182 -57.49 22.82 -26.51
N CYS L 183 -57.23 24.05 -26.11
CA CYS L 183 -58.27 25.08 -26.09
C CYS L 183 -58.38 25.85 -27.41
N GLY L 184 -57.61 25.44 -28.40
CA GLY L 184 -57.63 26.07 -29.72
C GLY L 184 -56.43 26.92 -30.09
N PHE L 185 -55.79 27.51 -29.09
CA PHE L 185 -54.65 28.41 -29.24
C PHE L 185 -53.64 27.94 -30.22
N GLN L 186 -53.11 28.90 -30.99
CA GLN L 186 -52.00 28.67 -31.88
C GLN L 186 -50.82 28.95 -30.94
N VAL L 187 -49.98 27.95 -30.69
CA VAL L 187 -48.88 28.10 -29.76
C VAL L 187 -47.66 28.58 -30.52
N LEU L 188 -47.16 29.76 -30.16
CA LEU L 188 -45.95 30.36 -30.77
C LEU L 188 -44.69 29.83 -30.03
N GLU L 189 -43.51 29.96 -30.69
CA GLU L 189 -42.24 29.51 -30.13
C GLU L 189 -42.05 30.04 -28.70
N PRO L 190 -41.70 29.20 -27.72
CA PRO L 190 -41.52 29.73 -26.35
C PRO L 190 -40.28 30.62 -26.25
N GLN L 191 -40.35 31.65 -25.39
CA GLN L 191 -39.22 32.53 -25.11
C GLN L 191 -38.51 31.93 -23.89
N LEU L 192 -37.47 31.14 -24.18
CA LEU L 192 -36.70 30.40 -23.16
C LEU L 192 -35.43 31.14 -22.71
N THR L 193 -35.46 31.63 -21.46
CA THR L 193 -34.36 32.39 -20.85
C THR L 193 -33.71 31.47 -19.79
N TYR L 194 -32.70 30.66 -20.22
CA TYR L 194 -31.99 29.74 -19.33
C TYR L 194 -31.05 30.40 -18.35
N SER L 195 -30.77 29.70 -17.23
CA SER L 195 -29.86 30.09 -16.15
C SER L 195 -29.71 31.60 -15.98
N ILE L 196 -30.84 32.25 -15.63
CA ILE L 196 -30.93 33.72 -15.46
C ILE L 196 -30.06 34.22 -14.25
N GLY L 197 -29.81 33.33 -13.30
CA GLY L 197 -28.94 33.61 -12.16
C GLY L 197 -27.45 33.73 -12.50
N HIS L 198 -27.02 33.16 -13.64
CA HIS L 198 -25.64 33.19 -14.10
C HIS L 198 -25.37 34.31 -15.09
N THR L 199 -26.43 34.92 -15.61
CA THR L 199 -26.40 35.97 -16.60
C THR L 199 -25.89 37.28 -16.05
N PRO L 200 -24.82 37.88 -16.67
CA PRO L 200 -24.34 39.20 -16.22
C PRO L 200 -25.30 40.31 -16.62
N ALA L 201 -25.23 41.45 -15.92
CA ALA L 201 -26.12 42.58 -16.07
C ALA L 201 -26.38 43.01 -17.53
N ASP L 202 -25.31 43.22 -18.34
CA ASP L 202 -25.43 43.64 -19.75
C ASP L 202 -26.17 42.64 -20.58
N ALA L 203 -25.94 41.33 -20.33
CA ALA L 203 -26.62 40.25 -21.03
C ALA L 203 -28.09 40.21 -20.69
N ARG L 204 -28.47 40.53 -19.42
CA ARG L 204 -29.86 40.60 -18.95
C ARG L 204 -30.61 41.73 -19.68
N ILE L 205 -29.90 42.83 -19.94
CA ILE L 205 -30.43 43.96 -20.69
C ILE L 205 -30.70 43.50 -22.13
N GLN L 206 -29.72 42.82 -22.76
CA GLN L 206 -29.84 42.27 -24.12
C GLN L 206 -31.04 41.33 -24.26
N ILE L 207 -31.34 40.51 -23.20
CA ILE L 207 -32.47 39.58 -23.14
C ILE L 207 -33.78 40.37 -23.26
N LEU L 208 -33.92 41.44 -22.44
CA LEU L 208 -35.13 42.28 -22.42
C LEU L 208 -35.33 43.01 -23.75
N GLU L 209 -34.22 43.52 -24.33
CA GLU L 209 -34.27 44.20 -25.62
C GLU L 209 -34.66 43.25 -26.75
N GLY L 210 -34.18 42.01 -26.68
CA GLY L 210 -34.46 40.95 -27.65
C GLY L 210 -35.90 40.51 -27.63
N TRP L 211 -36.47 40.40 -26.40
CA TRP L 211 -37.88 40.06 -26.15
C TRP L 211 -38.77 41.16 -26.73
N LYS L 212 -38.40 42.44 -26.49
CA LYS L 212 -39.10 43.62 -27.01
C LYS L 212 -39.09 43.62 -28.56
N LYS L 213 -37.90 43.36 -29.19
CA LYS L 213 -37.74 43.30 -30.66
C LYS L 213 -38.53 42.13 -31.29
N ARG L 214 -38.70 41.02 -30.51
CA ARG L 214 -39.47 39.85 -30.98
C ARG L 214 -40.94 40.21 -31.08
N LEU L 215 -41.45 40.88 -30.03
CA LEU L 215 -42.83 41.30 -29.90
C LEU L 215 -43.26 42.34 -30.93
N GLU L 216 -42.28 42.95 -31.64
CA GLU L 216 -42.55 43.94 -32.70
C GLU L 216 -43.26 43.29 -33.87
N ASN L 217 -43.01 41.98 -34.12
CA ASN L 217 -43.62 41.20 -35.20
C ASN L 217 -44.02 39.80 -34.74
N ILE L 218 -44.47 39.68 -33.48
CA ILE L 218 -44.88 38.42 -32.86
C ILE L 218 -46.10 37.81 -33.56
N TRP L 219 -47.06 38.66 -33.98
CA TRP L 219 -48.29 38.20 -34.63
C TRP L 219 -48.06 37.55 -35.99
N ASP L 220 -47.03 37.97 -36.71
CA ASP L 220 -46.70 37.47 -38.03
C ASP L 220 -45.89 36.14 -38.02
N GLU L 221 -45.51 35.65 -36.84
CA GLU L 221 -44.74 34.42 -36.66
C GLU L 221 -45.54 33.17 -37.00
N THR L 222 -44.82 32.10 -37.41
CA THR L 222 -45.40 30.79 -37.68
C THR L 222 -45.48 29.99 -36.37
N PRO L 223 -46.67 29.41 -36.03
CA PRO L 223 -46.78 28.67 -34.76
C PRO L 223 -46.13 27.27 -34.79
N LEU L 224 -45.99 26.65 -33.60
CA LEU L 224 -45.43 25.32 -33.42
C LEU L 224 -46.36 24.27 -34.03
N TYR L 225 -45.81 23.15 -34.48
CA TYR L 225 -46.65 22.12 -35.11
C TYR L 225 -47.23 21.16 -34.10
N PHE L 226 -48.55 20.91 -34.22
CA PHE L 226 -49.32 19.91 -33.47
C PHE L 226 -50.09 19.09 -34.49
N ALA L 227 -50.23 17.76 -34.26
CA ALA L 227 -50.98 16.89 -35.19
C ALA L 227 -52.43 17.36 -35.34
N PRO L 228 -52.90 17.71 -36.55
CA PRO L 228 -54.29 18.18 -36.68
C PRO L 228 -55.30 17.11 -36.31
N SER L 229 -56.43 17.53 -35.70
CA SER L 229 -57.52 16.64 -35.26
C SER L 229 -58.08 15.85 -36.43
N SER L 230 -57.94 16.39 -37.65
CA SER L 230 -58.37 15.76 -38.89
C SER L 230 -57.65 14.45 -39.17
N LEU L 231 -56.53 14.15 -38.46
CA LEU L 231 -55.77 12.90 -38.60
C LEU L 231 -56.35 11.78 -37.75
N PHE L 232 -57.34 12.09 -36.88
CA PHE L 232 -57.95 11.14 -35.93
C PHE L 232 -59.44 10.98 -36.10
N ASP L 233 -59.94 9.74 -35.86
CA ASP L 233 -61.36 9.38 -35.92
C ASP L 233 -61.86 9.67 -34.52
N LEU L 234 -62.40 10.87 -34.34
CA LEU L 234 -62.81 11.36 -33.05
C LEU L 234 -64.18 10.84 -32.65
N ASN L 235 -64.22 9.54 -32.30
CA ASN L 235 -65.42 8.85 -31.87
C ASN L 235 -65.06 7.63 -31.04
N PHE L 236 -65.93 7.29 -30.09
CA PHE L 236 -65.82 6.14 -29.19
C PHE L 236 -65.56 4.86 -29.99
N GLN L 237 -66.41 4.49 -30.99
CA GLN L 237 -66.22 3.28 -31.80
C GLN L 237 -64.76 3.11 -32.31
N ALA L 238 -64.06 4.23 -32.58
CA ALA L 238 -62.68 4.32 -33.11
C ALA L 238 -61.55 4.50 -32.07
N GLY L 239 -61.96 4.64 -30.81
CA GLY L 239 -61.09 4.79 -29.66
C GLY L 239 -60.26 6.04 -29.70
N PHE L 240 -60.71 7.04 -30.47
CA PHE L 240 -60.04 8.33 -30.64
C PHE L 240 -58.63 8.18 -31.21
N LEU L 241 -58.47 7.19 -32.09
CA LEU L 241 -57.20 6.87 -32.69
C LEU L 241 -57.03 7.47 -34.06
N MET L 242 -55.78 7.51 -34.51
CA MET L 242 -55.36 8.02 -35.79
C MET L 242 -56.03 7.21 -36.89
N LYS L 243 -56.50 7.93 -37.93
CA LYS L 243 -57.17 7.34 -39.11
C LYS L 243 -56.27 6.30 -39.76
N LYS L 244 -56.82 5.12 -40.10
CA LYS L 244 -56.07 4.00 -40.70
C LYS L 244 -55.22 4.41 -41.91
N GLU L 245 -55.72 5.40 -42.69
CA GLU L 245 -55.07 5.97 -43.88
C GLU L 245 -53.82 6.76 -43.45
N VAL L 246 -53.97 7.59 -42.38
CA VAL L 246 -52.89 8.39 -41.78
C VAL L 246 -51.80 7.44 -41.24
N GLN L 247 -52.24 6.40 -40.51
CA GLN L 247 -51.36 5.37 -39.95
C GLN L 247 -50.48 4.78 -41.03
N ASP L 248 -51.08 4.40 -42.21
CA ASP L 248 -50.38 3.83 -43.37
C ASP L 248 -49.38 4.81 -43.98
N GLU L 249 -49.79 6.08 -44.20
CA GLU L 249 -48.97 7.15 -44.78
C GLU L 249 -47.70 7.39 -43.95
N GLU L 250 -47.84 7.28 -42.63
CA GLU L 250 -46.79 7.54 -41.67
C GLU L 250 -45.88 6.34 -41.38
N LYS L 251 -46.25 5.13 -41.87
CA LYS L 251 -45.50 3.88 -41.66
C LYS L 251 -44.05 3.94 -42.16
N ASN L 252 -43.84 4.48 -43.38
CA ASN L 252 -42.52 4.59 -44.00
C ASN L 252 -41.71 5.84 -43.58
N LYS L 253 -42.27 6.69 -42.69
CA LYS L 253 -41.63 7.95 -42.23
C LYS L 253 -40.71 7.72 -41.02
N LYS L 254 -39.48 8.26 -41.07
CA LYS L 254 -38.43 8.12 -40.03
C LYS L 254 -38.81 8.71 -38.65
N PHE L 255 -39.50 9.85 -38.68
CA PHE L 255 -39.90 10.59 -37.50
C PHE L 255 -41.39 10.55 -37.22
N GLY L 256 -41.72 10.84 -35.98
CA GLY L 256 -43.10 10.98 -35.53
C GLY L 256 -43.62 12.37 -35.90
N LEU L 257 -44.86 12.69 -35.48
CA LEU L 257 -45.52 13.95 -35.81
C LEU L 257 -45.17 15.08 -34.84
N SER L 258 -45.15 14.78 -33.52
CA SER L 258 -44.83 15.74 -32.47
C SER L 258 -44.12 15.06 -31.27
N VAL L 259 -44.07 15.71 -30.11
CA VAL L 259 -43.49 15.11 -28.91
C VAL L 259 -44.43 13.99 -28.41
N GLY L 260 -45.71 14.29 -28.29
CA GLY L 260 -46.76 13.35 -27.87
C GLY L 260 -47.15 12.33 -28.92
N HIS L 261 -47.07 12.71 -30.21
CA HIS L 261 -47.34 11.80 -31.31
C HIS L 261 -46.02 11.40 -31.95
N HIS L 262 -45.08 10.93 -31.12
CA HIS L 262 -43.79 10.45 -31.55
C HIS L 262 -43.95 9.07 -32.27
N LEU L 263 -45.09 8.36 -32.02
CA LEU L 263 -45.44 7.08 -32.62
C LEU L 263 -44.35 6.02 -32.47
N GLY L 264 -43.56 6.14 -31.40
CA GLY L 264 -42.48 5.22 -31.10
C GLY L 264 -41.28 5.35 -32.02
N LYS L 265 -41.30 6.40 -32.84
CA LYS L 265 -40.25 6.77 -33.78
C LYS L 265 -39.53 7.98 -33.13
N SER L 266 -38.61 8.60 -33.87
CA SER L 266 -37.85 9.77 -33.41
C SER L 266 -38.75 11.01 -33.30
N ILE L 267 -38.55 11.84 -32.26
CA ILE L 267 -39.34 13.06 -32.13
C ILE L 267 -38.73 14.11 -33.08
N PRO L 268 -39.53 14.75 -33.98
CA PRO L 268 -38.97 15.81 -34.84
C PRO L 268 -38.32 16.89 -33.95
N THR L 269 -37.02 17.16 -34.22
CA THR L 269 -36.16 18.07 -33.46
C THR L 269 -36.85 19.41 -33.14
N ASP L 270 -36.76 19.82 -31.84
CA ASP L 270 -37.36 21.04 -31.28
C ASP L 270 -38.79 21.25 -31.71
N ASN L 271 -39.62 20.19 -31.62
CA ASN L 271 -41.04 20.24 -32.02
C ASN L 271 -41.79 21.32 -31.26
N GLN L 272 -41.53 21.41 -29.95
CA GLN L 272 -42.13 22.35 -28.99
C GLN L 272 -41.32 23.64 -28.77
N ILE L 273 -40.15 23.79 -29.40
CA ILE L 273 -39.32 24.98 -29.20
C ILE L 273 -39.22 25.86 -30.47
N LYS L 274 -39.29 25.21 -31.66
CA LYS L 274 -39.13 25.85 -32.97
C LYS L 274 -40.23 25.47 -33.98
N ALA L 275 -40.52 26.38 -34.92
CA ALA L 275 -41.58 26.16 -35.90
C ALA L 275 -41.13 25.46 -37.17
N ARG L 276 -39.78 25.41 -37.36
CA ARG L 276 -38.99 24.83 -38.47
C ARG L 276 -39.66 23.67 -39.26
N LYS L 277 -39.41 23.63 -40.61
CA LYS L 277 -39.89 22.64 -41.61
C LYS L 277 -39.21 22.92 -43.00
N VAL M 5 -21.43 -69.75 -5.19
CA VAL M 5 -20.02 -69.35 -5.11
C VAL M 5 -19.24 -69.99 -6.25
N GLY M 6 -18.60 -69.16 -7.08
CA GLY M 6 -17.80 -69.61 -8.21
C GLY M 6 -16.50 -70.35 -7.85
N ARG M 7 -16.05 -71.28 -8.76
CA ARG M 7 -14.82 -72.08 -8.57
C ARG M 7 -13.74 -71.86 -9.67
N ARG M 8 -14.16 -71.47 -10.92
CA ARG M 8 -13.24 -71.22 -12.05
C ARG M 8 -12.84 -69.73 -12.15
N ALA M 9 -11.56 -69.48 -12.50
CA ALA M 9 -10.97 -68.14 -12.66
C ALA M 9 -10.13 -67.92 -13.96
N LEU M 10 -10.27 -66.73 -14.58
CA LEU M 10 -9.47 -66.40 -15.75
C LEU M 10 -8.71 -65.11 -15.53
N ILE M 11 -7.38 -65.19 -15.63
CA ILE M 11 -6.54 -64.01 -15.49
C ILE M 11 -6.03 -63.62 -16.87
N VAL M 12 -6.46 -62.46 -17.37
CA VAL M 12 -6.02 -61.93 -18.66
C VAL M 12 -4.90 -60.90 -18.35
N LEU M 13 -3.67 -61.16 -18.82
CA LEU M 13 -2.52 -60.30 -18.57
C LEU M 13 -1.98 -59.62 -19.83
N ALA M 14 -1.91 -58.29 -19.78
CA ALA M 14 -1.42 -57.48 -20.88
C ALA M 14 -0.04 -56.80 -20.58
N HIS M 15 1.00 -57.64 -20.41
CA HIS M 15 2.37 -57.16 -20.20
C HIS M 15 3.37 -58.11 -20.89
N SER M 16 4.43 -57.53 -21.47
CA SER M 16 5.47 -58.31 -22.19
C SER M 16 6.48 -59.03 -21.28
N GLU M 17 6.95 -58.34 -20.23
CA GLU M 17 8.01 -58.74 -19.31
C GLU M 17 7.58 -59.55 -18.08
N ARG M 18 8.28 -60.67 -17.84
CA ARG M 18 8.07 -61.50 -16.65
C ARG M 18 8.64 -60.78 -15.40
N THR M 19 9.64 -59.89 -15.65
CA THR M 19 10.33 -59.04 -14.68
C THR M 19 9.49 -57.84 -14.14
N SER M 20 8.29 -57.63 -14.72
CA SER M 20 7.39 -56.53 -14.39
C SER M 20 6.59 -56.77 -13.11
N PHE M 21 6.06 -55.67 -12.51
CA PHE M 21 5.21 -55.75 -11.33
C PHE M 21 3.85 -56.34 -11.76
N ASN M 22 3.42 -56.06 -13.01
CA ASN M 22 2.19 -56.63 -13.56
C ASN M 22 2.25 -58.16 -13.59
N TYR M 23 3.41 -58.73 -13.99
CA TYR M 23 3.58 -60.18 -14.00
C TYR M 23 3.53 -60.72 -12.57
N ALA M 24 4.15 -60.00 -11.63
CA ALA M 24 4.16 -60.33 -10.20
C ALA M 24 2.72 -60.38 -9.64
N MET M 25 1.89 -59.40 -10.02
CA MET M 25 0.51 -59.28 -9.61
C MET M 25 -0.34 -60.42 -10.17
N LYS M 26 0.04 -60.92 -11.37
CA LYS M 26 -0.65 -62.02 -12.03
C LYS M 26 -0.38 -63.28 -11.22
N GLU M 27 0.91 -63.55 -10.96
CA GLU M 27 1.39 -64.69 -10.18
C GLU M 27 0.81 -64.70 -8.77
N ALA M 28 0.69 -63.51 -8.15
CA ALA M 28 0.15 -63.31 -6.81
C ALA M 28 -1.32 -63.77 -6.78
N ALA M 29 -2.11 -63.31 -7.77
CA ALA M 29 -3.52 -63.63 -7.95
C ALA M 29 -3.73 -65.11 -8.19
N ALA M 30 -2.96 -65.69 -9.16
CA ALA M 30 -3.01 -67.09 -9.53
C ALA M 30 -2.78 -67.98 -8.31
N ALA M 31 -1.72 -67.69 -7.56
CA ALA M 31 -1.35 -68.41 -6.34
C ALA M 31 -2.40 -68.29 -5.23
N ALA M 32 -2.89 -67.04 -4.98
CA ALA M 32 -3.90 -66.75 -3.96
C ALA M 32 -5.20 -67.53 -4.17
N LEU M 33 -5.77 -67.44 -5.39
CA LEU M 33 -6.99 -68.12 -5.82
C LEU M 33 -6.85 -69.66 -5.79
N LYS M 34 -5.73 -70.21 -6.35
CA LYS M 34 -5.43 -71.64 -6.34
C LYS M 34 -5.42 -72.15 -4.89
N LYS M 35 -4.78 -71.39 -3.96
CA LYS M 35 -4.70 -71.68 -2.52
C LYS M 35 -6.09 -71.75 -1.89
N LYS M 36 -7.03 -70.88 -2.30
CA LYS M 36 -8.40 -70.84 -1.77
C LYS M 36 -9.38 -71.82 -2.51
N GLY M 37 -8.84 -72.85 -3.16
CA GLY M 37 -9.62 -73.86 -3.85
C GLY M 37 -9.81 -73.69 -5.35
N TRP M 38 -9.90 -72.42 -5.83
CA TRP M 38 -10.11 -72.06 -7.25
C TRP M 38 -9.21 -72.74 -8.26
N GLU M 39 -9.74 -72.90 -9.48
CA GLU M 39 -9.11 -73.40 -10.69
C GLU M 39 -8.80 -72.10 -11.46
N VAL M 40 -7.52 -71.86 -11.83
CA VAL M 40 -7.09 -70.62 -12.50
C VAL M 40 -6.46 -70.89 -13.91
N VAL M 41 -7.05 -70.24 -14.91
CA VAL M 41 -6.68 -70.26 -16.30
C VAL M 41 -6.10 -68.90 -16.65
N GLU M 42 -4.98 -68.89 -17.37
CA GLU M 42 -4.35 -67.65 -17.79
C GLU M 42 -4.56 -67.33 -19.27
N SER M 43 -4.36 -66.05 -19.60
CA SER M 43 -4.35 -65.52 -20.94
C SER M 43 -3.30 -64.41 -20.96
N ASP M 44 -2.00 -64.84 -20.96
CA ASP M 44 -0.87 -63.91 -21.01
C ASP M 44 -0.75 -63.60 -22.51
N LEU M 45 -1.47 -62.54 -22.92
CA LEU M 45 -1.62 -62.13 -24.31
C LEU M 45 -0.31 -62.03 -25.04
N TYR M 46 0.72 -61.43 -24.40
CA TYR M 46 2.05 -61.33 -25.03
C TYR M 46 2.71 -62.70 -25.23
N ALA M 47 2.69 -63.56 -24.19
CA ALA M 47 3.26 -64.91 -24.20
C ALA M 47 2.56 -65.81 -25.22
N MET M 48 1.25 -65.60 -25.37
CA MET M 48 0.39 -66.31 -26.31
C MET M 48 0.68 -65.84 -27.73
N ASN M 49 1.36 -64.68 -27.88
CA ASN M 49 1.68 -64.04 -29.16
C ASN M 49 0.35 -63.75 -29.87
N PHE M 50 -0.67 -63.34 -29.06
CA PHE M 50 -2.03 -63.07 -29.46
C PHE M 50 -2.13 -62.03 -30.57
N ASN M 51 -3.00 -62.28 -31.56
CA ASN M 51 -3.26 -61.34 -32.65
C ASN M 51 -4.38 -60.38 -32.21
N PRO M 52 -4.09 -59.08 -31.99
CA PRO M 52 -5.16 -58.17 -31.53
C PRO M 52 -5.95 -57.47 -32.63
N ILE M 53 -5.67 -57.78 -33.90
CA ILE M 53 -6.34 -57.08 -34.99
C ILE M 53 -7.51 -57.87 -35.60
N ILE M 54 -8.73 -57.30 -35.45
CA ILE M 54 -9.96 -57.82 -36.09
C ILE M 54 -9.75 -57.73 -37.64
N SER M 55 -10.00 -58.84 -38.34
CA SER M 55 -9.80 -58.98 -39.80
C SER M 55 -10.75 -60.00 -40.33
N ARG M 56 -10.86 -60.12 -41.67
CA ARG M 56 -11.69 -61.15 -42.29
C ARG M 56 -11.07 -62.54 -42.09
N LYS M 57 -9.80 -62.57 -41.64
CA LYS M 57 -9.06 -63.78 -41.32
C LYS M 57 -9.63 -64.45 -40.05
N ASP M 58 -10.50 -63.73 -39.29
CA ASP M 58 -11.15 -64.24 -38.08
C ASP M 58 -12.33 -65.17 -38.44
N ILE M 59 -12.69 -65.25 -39.74
CA ILE M 59 -13.77 -66.08 -40.28
C ILE M 59 -13.18 -67.13 -41.26
N THR M 60 -13.24 -68.42 -40.84
CA THR M 60 -12.76 -69.64 -41.52
C THR M 60 -13.61 -70.04 -42.76
N GLY M 61 -14.92 -69.80 -42.65
CA GLY M 61 -15.88 -70.13 -43.69
C GLY M 61 -16.02 -69.08 -44.77
N LYS M 62 -16.97 -69.30 -45.68
CA LYS M 62 -17.29 -68.38 -46.78
C LYS M 62 -18.07 -67.21 -46.17
N LEU M 63 -17.64 -65.97 -46.47
CA LEU M 63 -18.28 -64.75 -45.98
C LEU M 63 -19.65 -64.56 -46.63
N LYS M 64 -20.56 -63.86 -45.96
CA LYS M 64 -21.89 -63.62 -46.52
C LYS M 64 -21.83 -62.63 -47.69
N ASP M 65 -21.12 -61.51 -47.50
CA ASP M 65 -20.93 -60.49 -48.51
C ASP M 65 -19.44 -60.16 -48.54
N PRO M 66 -18.63 -60.91 -49.33
CA PRO M 66 -17.17 -60.64 -49.37
C PRO M 66 -16.83 -59.34 -50.09
N ALA M 67 -17.75 -58.84 -50.95
CA ALA M 67 -17.63 -57.59 -51.70
C ALA M 67 -17.70 -56.38 -50.75
N ASN M 68 -18.55 -56.44 -49.72
CA ASN M 68 -18.72 -55.40 -48.71
C ASN M 68 -18.70 -56.06 -47.33
N PHE M 69 -17.48 -56.37 -46.89
CA PHE M 69 -17.26 -57.03 -45.60
C PHE M 69 -17.60 -56.10 -44.43
N GLN M 70 -18.49 -56.57 -43.54
CA GLN M 70 -18.89 -55.86 -42.33
C GLN M 70 -18.64 -56.77 -41.12
N TYR M 71 -17.59 -56.47 -40.34
CA TYR M 71 -17.15 -57.31 -39.23
C TYR M 71 -18.24 -57.75 -38.25
N PRO M 72 -19.08 -56.85 -37.66
CA PRO M 72 -20.11 -57.33 -36.72
C PRO M 72 -21.02 -58.41 -37.33
N ALA M 73 -21.66 -58.13 -38.48
CA ALA M 73 -22.55 -59.07 -39.16
C ALA M 73 -21.91 -60.44 -39.44
N GLU M 74 -20.71 -60.43 -40.05
CA GLU M 74 -19.93 -61.62 -40.42
C GLU M 74 -19.40 -62.41 -39.23
N SER M 75 -18.95 -61.70 -38.16
CA SER M 75 -18.43 -62.36 -36.95
C SER M 75 -19.51 -63.16 -36.20
N VAL M 76 -20.76 -62.62 -36.18
CA VAL M 76 -21.92 -63.25 -35.51
C VAL M 76 -22.24 -64.55 -36.19
N LEU M 77 -22.36 -64.46 -37.51
CA LEU M 77 -22.70 -65.55 -38.39
C LEU M 77 -21.67 -66.65 -38.38
N ALA M 78 -20.38 -66.29 -38.10
CA ALA M 78 -19.25 -67.23 -37.95
C ALA M 78 -19.33 -67.94 -36.61
N TYR M 79 -19.69 -67.20 -35.53
CA TYR M 79 -19.86 -67.78 -34.19
C TYR M 79 -20.99 -68.84 -34.24
N LYS M 80 -22.18 -68.41 -34.76
CA LYS M 80 -23.39 -69.22 -34.90
C LYS M 80 -23.15 -70.48 -35.74
N GLU M 81 -22.45 -70.35 -36.89
CA GLU M 81 -22.20 -71.49 -37.79
C GLU M 81 -20.94 -72.29 -37.42
N GLY M 82 -20.23 -71.84 -36.39
CA GLY M 82 -19.04 -72.51 -35.89
C GLY M 82 -17.78 -72.42 -36.72
N HIS M 83 -17.63 -71.34 -37.52
CA HIS M 83 -16.42 -71.14 -38.31
C HIS M 83 -15.68 -69.82 -37.91
N LEU M 84 -15.49 -69.60 -36.58
CA LEU M 84 -14.65 -68.49 -36.09
C LEU M 84 -13.22 -69.03 -36.00
N SER M 85 -12.22 -68.15 -36.09
CA SER M 85 -10.79 -68.52 -36.00
C SER M 85 -10.53 -69.31 -34.68
N PRO M 86 -9.78 -70.43 -34.75
CA PRO M 86 -9.56 -71.28 -33.55
C PRO M 86 -9.02 -70.57 -32.32
N ASP M 87 -8.18 -69.52 -32.50
CA ASP M 87 -7.62 -68.74 -31.39
C ASP M 87 -8.70 -68.00 -30.64
N ILE M 88 -9.67 -67.42 -31.38
CA ILE M 88 -10.85 -66.71 -30.85
C ILE M 88 -11.64 -67.71 -30.03
N VAL M 89 -11.96 -68.85 -30.64
CA VAL M 89 -12.76 -69.91 -30.02
C VAL M 89 -12.17 -70.38 -28.68
N ALA M 90 -10.84 -70.57 -28.62
CA ALA M 90 -10.12 -70.98 -27.41
C ALA M 90 -10.36 -70.01 -26.25
N GLU M 91 -10.28 -68.70 -26.54
CA GLU M 91 -10.51 -67.61 -25.58
C GLU M 91 -11.97 -67.56 -25.15
N GLN M 92 -12.89 -67.79 -26.10
CA GLN M 92 -14.33 -67.81 -25.86
C GLN M 92 -14.69 -68.96 -24.91
N LYS M 93 -14.06 -70.13 -25.12
CA LYS M 93 -14.26 -71.32 -24.30
C LYS M 93 -13.74 -71.06 -22.87
N LYS M 94 -12.66 -70.25 -22.73
CA LYS M 94 -12.05 -69.86 -21.44
C LYS M 94 -13.03 -69.01 -20.64
N LEU M 95 -13.68 -68.03 -21.32
CA LEU M 95 -14.68 -67.13 -20.75
C LEU M 95 -15.91 -67.88 -20.28
N GLU M 96 -16.46 -68.75 -21.17
CA GLU M 96 -17.64 -69.55 -20.89
C GLU M 96 -17.44 -70.28 -19.55
N ALA M 97 -16.24 -70.81 -19.33
CA ALA M 97 -15.86 -71.58 -18.14
C ALA M 97 -15.67 -70.77 -16.87
N ALA M 98 -15.03 -69.59 -16.97
CA ALA M 98 -14.71 -68.72 -15.85
C ALA M 98 -15.91 -68.08 -15.14
N ASP M 99 -15.83 -68.02 -13.78
CA ASP M 99 -16.79 -67.39 -12.86
C ASP M 99 -16.25 -65.98 -12.57
N LEU M 100 -14.94 -65.88 -12.31
CA LEU M 100 -14.23 -64.62 -12.05
C LEU M 100 -13.25 -64.34 -13.19
N VAL M 101 -13.23 -63.07 -13.68
CA VAL M 101 -12.32 -62.63 -14.73
C VAL M 101 -11.49 -61.44 -14.24
N ILE M 102 -10.16 -61.63 -14.13
CA ILE M 102 -9.24 -60.58 -13.68
C ILE M 102 -8.50 -60.02 -14.86
N PHE M 103 -8.49 -58.71 -15.00
CA PHE M 103 -7.75 -58.06 -16.07
C PHE M 103 -6.54 -57.35 -15.45
N GLN M 104 -5.37 -58.00 -15.50
CA GLN M 104 -4.12 -57.45 -14.98
C GLN M 104 -3.37 -56.73 -16.09
N PHE M 105 -3.22 -55.40 -15.98
CA PHE M 105 -2.56 -54.61 -17.03
C PHE M 105 -2.04 -53.27 -16.54
N PRO M 106 -0.97 -52.72 -17.18
CA PRO M 106 -0.58 -51.33 -16.85
C PRO M 106 -1.53 -50.34 -17.59
N LEU M 107 -1.85 -49.19 -16.96
CA LEU M 107 -2.68 -48.17 -17.63
C LEU M 107 -1.81 -47.60 -18.76
N GLN M 108 -2.35 -47.60 -19.96
CA GLN M 108 -1.62 -47.10 -21.11
C GLN M 108 -2.50 -46.15 -21.88
N TRP M 109 -2.08 -44.89 -21.97
CA TRP M 109 -2.77 -43.81 -22.65
C TRP M 109 -4.26 -43.72 -22.20
N PHE M 110 -4.46 -43.74 -20.86
CA PHE M 110 -5.74 -43.61 -20.15
C PHE M 110 -6.77 -44.70 -20.49
N GLY M 111 -6.22 -45.89 -20.78
CA GLY M 111 -7.01 -47.07 -21.09
C GLY M 111 -6.23 -48.37 -21.06
N VAL M 112 -6.85 -49.43 -21.61
CA VAL M 112 -6.26 -50.77 -21.68
C VAL M 112 -5.16 -50.80 -22.76
N PRO M 113 -4.04 -51.58 -22.61
CA PRO M 113 -3.06 -51.66 -23.70
C PRO M 113 -3.71 -52.20 -24.99
N ALA M 114 -3.23 -51.76 -26.17
CA ALA M 114 -3.77 -52.18 -27.47
C ALA M 114 -3.99 -53.68 -27.61
N ILE M 115 -3.07 -54.50 -27.06
CA ILE M 115 -3.19 -55.97 -27.14
C ILE M 115 -4.48 -56.46 -26.41
N LEU M 116 -4.89 -55.79 -25.27
CA LEU M 116 -6.09 -56.14 -24.50
C LEU M 116 -7.28 -55.63 -25.23
N LYS M 117 -7.19 -54.40 -25.78
CA LYS M 117 -8.27 -53.81 -26.55
C LYS M 117 -8.64 -54.74 -27.70
N GLY M 118 -7.63 -55.24 -28.40
CA GLY M 118 -7.80 -56.16 -29.51
C GLY M 118 -8.47 -57.44 -29.08
N TRP M 119 -8.08 -57.96 -27.89
CA TRP M 119 -8.64 -59.18 -27.31
C TRP M 119 -10.15 -59.03 -27.14
N PHE M 120 -10.63 -57.91 -26.57
CA PHE M 120 -12.06 -57.66 -26.41
C PHE M 120 -12.70 -57.67 -27.80
N GLU M 121 -12.20 -56.83 -28.74
CA GLU M 121 -12.71 -56.68 -30.11
C GLU M 121 -12.89 -58.01 -30.83
N ARG M 122 -11.87 -58.86 -30.83
CA ARG M 122 -11.85 -60.19 -31.46
C ARG M 122 -12.59 -61.31 -30.70
N VAL M 123 -12.61 -61.25 -29.34
CA VAL M 123 -13.21 -62.32 -28.50
C VAL M 123 -14.67 -62.02 -28.13
N PHE M 124 -14.98 -60.78 -27.74
CA PHE M 124 -16.34 -60.34 -27.37
C PHE M 124 -17.17 -60.11 -28.65
N ILE M 125 -17.57 -61.27 -29.28
CA ILE M 125 -18.31 -61.35 -30.54
C ILE M 125 -19.80 -61.27 -30.30
N GLY M 126 -20.47 -60.72 -31.32
CA GLY M 126 -21.88 -60.46 -31.46
C GLY M 126 -22.86 -61.32 -30.71
N GLU M 127 -22.96 -62.63 -30.98
CA GLU M 127 -24.00 -63.38 -30.24
C GLU M 127 -23.57 -63.83 -28.83
N PHE M 128 -22.31 -64.25 -28.71
CA PHE M 128 -21.57 -64.82 -27.60
C PHE M 128 -21.50 -63.94 -26.36
N ALA M 129 -20.98 -62.69 -26.50
CA ALA M 129 -20.76 -61.74 -25.41
C ALA M 129 -21.88 -60.74 -25.14
N TYR M 130 -22.70 -60.43 -26.15
CA TYR M 130 -23.82 -59.48 -25.98
C TYR M 130 -24.95 -59.77 -26.98
N THR M 131 -26.05 -58.99 -26.91
CA THR M 131 -27.23 -59.01 -27.81
C THR M 131 -27.99 -57.70 -27.64
N TYR M 132 -28.84 -57.35 -28.60
CA TYR M 132 -29.60 -56.12 -28.52
C TYR M 132 -30.61 -56.10 -27.43
N ALA M 133 -31.24 -57.26 -27.19
CA ALA M 133 -32.20 -57.41 -26.09
C ALA M 133 -31.45 -57.63 -24.79
N ALA M 134 -30.48 -58.57 -24.80
CA ALA M 134 -29.72 -58.83 -23.58
C ALA M 134 -28.39 -58.04 -23.49
N MET M 135 -28.49 -56.76 -23.21
CA MET M 135 -27.33 -55.91 -22.98
C MET M 135 -27.42 -55.36 -21.57
N TYR M 136 -26.24 -55.10 -21.02
CA TYR M 136 -25.92 -54.63 -19.68
C TYR M 136 -26.37 -55.69 -18.64
N ASP M 137 -27.19 -55.36 -17.63
CA ASP M 137 -27.62 -56.32 -16.59
C ASP M 137 -28.35 -57.57 -17.13
N LYS M 138 -28.82 -57.52 -18.38
CA LYS M 138 -29.50 -58.65 -19.01
C LYS M 138 -28.55 -59.52 -19.88
N GLY M 139 -27.32 -59.05 -20.08
CA GLY M 139 -26.27 -59.67 -20.89
C GLY M 139 -25.83 -61.08 -20.53
N PRO M 140 -25.11 -61.73 -21.47
CA PRO M 140 -24.67 -63.13 -21.28
C PRO M 140 -23.81 -63.45 -20.04
N PHE M 141 -22.94 -62.51 -19.62
CA PHE M 141 -22.02 -62.74 -18.50
C PHE M 141 -22.58 -62.29 -17.15
N ARG M 142 -23.93 -62.15 -17.04
CA ARG M 142 -24.60 -61.68 -15.82
C ARG M 142 -24.26 -62.54 -14.59
N SER M 143 -23.95 -63.83 -14.83
CA SER M 143 -23.59 -64.78 -13.78
C SER M 143 -22.10 -64.76 -13.43
N LYS M 144 -21.32 -63.90 -14.12
CA LYS M 144 -19.88 -63.73 -13.92
C LYS M 144 -19.55 -62.40 -13.23
N LYS M 145 -18.33 -62.31 -12.67
CA LYS M 145 -17.83 -61.11 -12.01
C LYS M 145 -16.48 -60.77 -12.62
N ALA M 146 -16.26 -59.47 -12.92
CA ALA M 146 -15.00 -58.99 -13.48
C ALA M 146 -14.32 -57.95 -12.59
N VAL M 147 -12.97 -57.91 -12.63
CA VAL M 147 -12.13 -56.95 -11.88
C VAL M 147 -11.04 -56.41 -12.77
N LEU M 148 -10.72 -55.12 -12.59
CA LEU M 148 -9.61 -54.49 -13.30
C LEU M 148 -8.51 -54.28 -12.29
N SER M 149 -7.36 -54.95 -12.49
CA SER M 149 -6.19 -54.76 -11.65
C SER M 149 -5.20 -53.90 -12.49
N ILE M 150 -5.16 -52.58 -12.17
CA ILE M 150 -4.40 -51.59 -12.92
C ILE M 150 -3.18 -51.10 -12.16
N THR M 151 -2.11 -50.80 -12.90
CA THR M 151 -0.89 -50.18 -12.39
C THR M 151 -0.68 -48.91 -13.23
N THR M 152 -0.39 -47.79 -12.58
CA THR M 152 -0.18 -46.54 -13.30
C THR M 152 1.22 -45.99 -12.99
N GLY M 153 1.67 -45.09 -13.85
CA GLY M 153 2.91 -44.35 -13.66
C GLY M 153 2.65 -43.14 -12.78
N GLY M 154 1.50 -42.50 -12.99
CA GLY M 154 1.06 -41.33 -12.25
C GLY M 154 0.56 -41.63 -10.86
N SER M 155 0.72 -40.70 -9.95
CA SER M 155 0.27 -40.84 -8.57
C SER M 155 -1.25 -40.68 -8.48
N GLY M 156 -1.82 -41.18 -7.39
CA GLY M 156 -3.25 -41.09 -7.13
C GLY M 156 -3.80 -39.67 -7.12
N SER M 157 -3.02 -38.71 -6.57
CA SER M 157 -3.41 -37.32 -6.50
C SER M 157 -3.63 -36.70 -7.87
N MET M 158 -2.92 -37.20 -8.90
CA MET M 158 -3.05 -36.72 -10.28
C MET M 158 -4.39 -37.12 -10.85
N TYR M 159 -4.94 -38.24 -10.36
CA TYR M 159 -6.21 -38.83 -10.77
C TYR M 159 -7.37 -38.50 -9.82
N SER M 160 -7.09 -37.65 -8.82
CA SER M 160 -8.09 -37.17 -7.88
C SER M 160 -8.91 -36.10 -8.59
N LEU M 161 -10.05 -35.66 -8.01
CA LEU M 161 -10.89 -34.65 -8.63
C LEU M 161 -10.18 -33.34 -8.99
N GLN M 162 -9.10 -32.99 -8.23
CA GLN M 162 -8.26 -31.78 -8.38
C GLN M 162 -6.88 -31.99 -9.06
N GLY M 163 -6.55 -33.23 -9.45
CA GLY M 163 -5.31 -33.56 -10.14
C GLY M 163 -5.37 -33.19 -11.60
N ILE M 164 -4.20 -33.01 -12.30
CA ILE M 164 -4.16 -32.61 -13.73
C ILE M 164 -4.90 -33.54 -14.65
N HIS M 165 -4.78 -34.85 -14.41
CA HIS M 165 -5.43 -35.85 -15.28
C HIS M 165 -6.95 -35.90 -15.11
N GLY M 166 -7.41 -35.37 -13.98
CA GLY M 166 -8.82 -35.36 -13.65
C GLY M 166 -9.25 -36.69 -13.10
N ASP M 167 -10.55 -36.80 -12.79
CA ASP M 167 -11.15 -37.98 -12.20
C ASP M 167 -10.84 -39.31 -12.91
N MET M 168 -10.30 -40.26 -12.13
CA MET M 168 -10.01 -41.63 -12.54
C MET M 168 -11.34 -42.36 -12.85
N ASN M 169 -12.43 -42.00 -12.12
CA ASN M 169 -13.77 -42.55 -12.35
C ASN M 169 -14.22 -42.34 -13.80
N VAL M 170 -13.85 -41.20 -14.42
CA VAL M 170 -14.17 -40.88 -15.80
C VAL M 170 -13.41 -41.82 -16.76
N ILE M 171 -12.12 -42.08 -16.47
CA ILE M 171 -11.21 -42.95 -17.25
C ILE M 171 -11.76 -44.37 -17.28
N LEU M 172 -12.19 -44.88 -16.11
CA LEU M 172 -12.69 -46.24 -15.91
C LEU M 172 -14.02 -46.54 -16.56
N TRP M 173 -14.94 -45.55 -16.57
CA TRP M 173 -16.32 -45.68 -17.12
C TRP M 173 -16.41 -46.42 -18.48
N PRO M 174 -15.70 -46.00 -19.57
CA PRO M 174 -15.86 -46.72 -20.85
C PRO M 174 -15.44 -48.17 -20.83
N ILE M 175 -14.54 -48.58 -19.90
CA ILE M 175 -14.10 -49.98 -19.79
C ILE M 175 -15.09 -50.75 -18.94
N GLN M 176 -15.35 -50.27 -17.73
CA GLN M 176 -16.20 -50.94 -16.74
C GLN M 176 -17.67 -51.00 -17.15
N SER M 177 -18.27 -49.86 -17.63
CA SER M 177 -19.66 -49.84 -18.10
C SER M 177 -19.76 -50.35 -19.55
N GLY M 178 -19.01 -49.71 -20.43
CA GLY M 178 -19.02 -49.97 -21.88
C GLY M 178 -18.59 -51.34 -22.34
N ILE M 179 -17.54 -51.90 -21.76
CA ILE M 179 -17.06 -53.21 -22.21
C ILE M 179 -17.56 -54.31 -21.28
N LEU M 180 -17.22 -54.25 -19.98
CA LEU M 180 -17.57 -55.28 -18.99
C LEU M 180 -19.05 -55.38 -18.66
N HIS M 181 -19.64 -54.32 -18.02
CA HIS M 181 -21.05 -54.32 -17.65
C HIS M 181 -21.98 -54.53 -18.85
N PHE M 182 -21.63 -53.98 -20.03
CA PHE M 182 -22.39 -54.13 -21.26
C PHE M 182 -22.69 -55.59 -21.61
N CYS M 183 -21.70 -56.47 -21.38
CA CYS M 183 -21.73 -57.90 -21.64
C CYS M 183 -22.37 -58.73 -20.51
N GLY M 184 -22.82 -58.07 -19.45
CA GLY M 184 -23.51 -58.72 -18.35
C GLY M 184 -22.78 -58.74 -17.03
N PHE M 185 -21.43 -58.68 -17.07
CA PHE M 185 -20.53 -58.72 -15.91
C PHE M 185 -20.94 -57.82 -14.77
N GLN M 186 -20.79 -58.33 -13.55
CA GLN M 186 -20.94 -57.56 -12.32
C GLN M 186 -19.52 -57.05 -12.14
N VAL M 187 -19.34 -55.73 -12.18
CA VAL M 187 -18.01 -55.16 -12.09
C VAL M 187 -17.69 -54.87 -10.62
N LEU M 188 -16.63 -55.51 -10.11
CA LEU M 188 -16.15 -55.34 -8.74
C LEU M 188 -15.21 -54.13 -8.68
N GLU M 189 -15.06 -53.51 -7.48
CA GLU M 189 -14.19 -52.34 -7.25
C GLU M 189 -12.81 -52.62 -7.88
N PRO M 190 -12.27 -51.70 -8.71
CA PRO M 190 -10.97 -51.95 -9.35
C PRO M 190 -9.80 -51.94 -8.36
N GLN M 191 -8.76 -52.75 -8.64
CA GLN M 191 -7.54 -52.78 -7.82
C GLN M 191 -6.57 -51.80 -8.46
N LEU M 192 -6.59 -50.55 -7.96
CA LEU M 192 -5.80 -49.45 -8.49
C LEU M 192 -4.48 -49.30 -7.74
N THR M 193 -3.35 -49.62 -8.39
CA THR M 193 -2.02 -49.52 -7.78
C THR M 193 -1.28 -48.34 -8.52
N TYR M 194 -1.38 -47.14 -7.93
CA TYR M 194 -0.81 -45.92 -8.47
C TYR M 194 0.72 -45.82 -8.31
N SER M 195 1.36 -45.01 -9.17
CA SER M 195 2.79 -44.68 -9.24
C SER M 195 3.69 -45.80 -8.72
N ILE M 196 3.61 -46.96 -9.37
CA ILE M 196 4.33 -48.18 -8.98
C ILE M 196 5.88 -48.02 -9.10
N GLY M 197 6.31 -47.11 -9.98
CA GLY M 197 7.73 -46.78 -10.15
C GLY M 197 8.36 -46.06 -8.96
N HIS M 198 7.54 -45.38 -8.13
CA HIS M 198 7.97 -44.62 -6.94
C HIS M 198 7.91 -45.40 -5.65
N THR M 199 7.19 -46.53 -5.68
CA THR M 199 6.98 -47.41 -4.56
C THR M 199 8.28 -48.15 -4.16
N PRO M 200 8.70 -48.08 -2.87
CA PRO M 200 9.88 -48.84 -2.42
C PRO M 200 9.58 -50.34 -2.35
N ALA M 201 10.63 -51.17 -2.43
CA ALA M 201 10.57 -52.63 -2.45
C ALA M 201 9.61 -53.25 -1.42
N ASP M 202 9.74 -52.87 -0.13
CA ASP M 202 8.88 -53.38 0.95
C ASP M 202 7.41 -53.05 0.76
N ALA M 203 7.12 -51.84 0.23
CA ALA M 203 5.76 -51.40 -0.06
C ALA M 203 5.17 -52.19 -1.22
N ARG M 204 6.01 -52.57 -2.22
CA ARG M 204 5.59 -53.38 -3.38
C ARG M 204 5.17 -54.76 -2.91
N ILE M 205 5.88 -55.29 -1.89
CA ILE M 205 5.59 -56.58 -1.26
C ILE M 205 4.23 -56.48 -0.56
N GLN M 206 4.01 -55.42 0.24
CA GLN M 206 2.75 -55.15 0.93
C GLN M 206 1.56 -55.08 -0.04
N ILE M 207 1.76 -54.49 -1.24
CA ILE M 207 0.74 -54.37 -2.32
C ILE M 207 0.29 -55.76 -2.76
N LEU M 208 1.27 -56.65 -3.07
CA LEU M 208 1.03 -58.01 -3.51
C LEU M 208 0.32 -58.82 -2.43
N GLU M 209 0.75 -58.67 -1.15
CA GLU M 209 0.13 -59.38 -0.03
C GLU M 209 -1.33 -58.95 0.18
N GLY M 210 -1.60 -57.65 -0.03
CA GLY M 210 -2.91 -57.05 0.09
C GLY M 210 -3.87 -57.53 -0.96
N TRP M 211 -3.37 -57.62 -2.22
CA TRP M 211 -4.10 -58.14 -3.39
C TRP M 211 -4.49 -59.61 -3.13
N LYS M 212 -3.54 -60.42 -2.60
CA LYS M 212 -3.74 -61.82 -2.25
C LYS M 212 -4.82 -61.96 -1.15
N LYS M 213 -4.76 -61.13 -0.08
CA LYS M 213 -5.75 -61.14 1.02
C LYS M 213 -7.14 -60.70 0.54
N ARG M 214 -7.22 -59.82 -0.49
CA ARG M 214 -8.48 -59.34 -1.06
C ARG M 214 -9.17 -60.48 -1.78
N LEU M 215 -8.38 -61.22 -2.59
CA LEU M 215 -8.82 -62.37 -3.39
C LEU M 215 -9.31 -63.56 -2.55
N GLU M 216 -9.00 -63.56 -1.24
CA GLU M 216 -9.46 -64.60 -0.32
C GLU M 216 -10.99 -64.57 -0.18
N ASN M 217 -11.62 -63.37 -0.32
CA ASN M 217 -13.07 -63.18 -0.21
C ASN M 217 -13.59 -62.21 -1.29
N ILE M 218 -12.97 -62.26 -2.49
CA ILE M 218 -13.32 -61.40 -3.65
C ILE M 218 -14.77 -61.65 -4.11
N TRP M 219 -15.21 -62.91 -4.10
CA TRP M 219 -16.54 -63.29 -4.56
C TRP M 219 -17.68 -62.73 -3.71
N ASP M 220 -17.43 -62.54 -2.41
CA ASP M 220 -18.42 -62.02 -1.44
C ASP M 220 -18.56 -60.48 -1.43
N GLU M 221 -17.74 -59.78 -2.23
CA GLU M 221 -17.76 -58.31 -2.36
C GLU M 221 -19.01 -57.79 -3.06
N THR M 222 -19.42 -56.55 -2.73
CA THR M 222 -20.54 -55.90 -3.39
C THR M 222 -20.02 -55.23 -4.69
N PRO M 223 -20.69 -55.40 -5.85
CA PRO M 223 -20.20 -54.78 -7.09
C PRO M 223 -20.54 -53.29 -7.20
N LEU M 224 -19.90 -52.61 -8.17
CA LEU M 224 -20.09 -51.18 -8.43
C LEU M 224 -21.51 -50.91 -8.94
N TYR M 225 -22.02 -49.68 -8.69
CA TYR M 225 -23.34 -49.31 -9.18
C TYR M 225 -23.38 -48.80 -10.61
N PHE M 226 -24.25 -49.41 -11.43
CA PHE M 226 -24.60 -49.03 -12.80
C PHE M 226 -26.12 -48.91 -12.85
N ALA M 227 -26.66 -47.92 -13.57
CA ALA M 227 -28.11 -47.75 -13.68
C ALA M 227 -28.74 -49.01 -14.31
N PRO M 228 -29.67 -49.67 -13.61
CA PRO M 228 -30.29 -50.89 -14.19
C PRO M 228 -31.05 -50.60 -15.48
N SER M 229 -31.02 -51.57 -16.42
CA SER M 229 -31.67 -51.45 -17.74
C SER M 229 -33.17 -51.21 -17.58
N SER M 230 -33.74 -51.67 -16.45
CA SER M 230 -35.13 -51.48 -16.07
C SER M 230 -35.54 -50.00 -15.95
N LEU M 231 -34.57 -49.06 -15.86
CA LEU M 231 -34.83 -47.62 -15.77
C LEU M 231 -35.02 -46.98 -17.16
N PHE M 232 -34.79 -47.74 -18.24
CA PHE M 232 -34.86 -47.26 -19.64
C PHE M 232 -35.86 -48.04 -20.49
N ASP M 233 -36.50 -47.32 -21.44
CA ASP M 233 -37.45 -47.88 -22.41
C ASP M 233 -36.59 -48.30 -23.57
N LEU M 234 -36.15 -49.57 -23.53
CA LEU M 234 -35.22 -50.11 -24.51
C LEU M 234 -35.90 -50.51 -25.84
N ASN M 235 -36.32 -49.48 -26.59
CA ASN M 235 -36.98 -49.62 -27.87
C ASN M 235 -36.77 -48.36 -28.71
N PHE M 236 -36.79 -48.56 -30.03
CA PHE M 236 -36.62 -47.53 -31.02
C PHE M 236 -37.57 -46.36 -30.82
N GLN M 237 -38.89 -46.62 -30.72
CA GLN M 237 -39.93 -45.62 -30.52
C GLN M 237 -39.59 -44.58 -29.43
N ALA M 238 -38.98 -45.04 -28.31
CA ALA M 238 -38.58 -44.23 -27.14
C ALA M 238 -37.18 -43.62 -27.20
N GLY M 239 -36.39 -44.04 -28.17
CA GLY M 239 -35.03 -43.55 -28.38
C GLY M 239 -34.02 -44.06 -27.38
N PHE M 240 -34.34 -45.20 -26.70
CA PHE M 240 -33.50 -45.85 -25.69
C PHE M 240 -33.18 -44.94 -24.53
N LEU M 241 -34.17 -44.13 -24.16
CA LEU M 241 -34.07 -43.16 -23.08
C LEU M 241 -34.66 -43.66 -21.78
N MET M 242 -34.30 -42.99 -20.71
CA MET M 242 -34.76 -43.24 -19.36
C MET M 242 -36.28 -43.08 -19.31
N LYS M 243 -36.95 -44.00 -18.60
CA LYS M 243 -38.41 -44.01 -18.46
C LYS M 243 -38.90 -42.70 -17.87
N LYS M 244 -39.98 -42.12 -18.44
CA LYS M 244 -40.57 -40.85 -18.02
C LYS M 244 -40.76 -40.76 -16.50
N GLU M 245 -41.14 -41.91 -15.87
CA GLU M 245 -41.35 -42.04 -14.42
C GLU M 245 -40.02 -41.86 -13.68
N VAL M 246 -38.95 -42.52 -14.17
CA VAL M 246 -37.60 -42.47 -13.60
C VAL M 246 -37.06 -41.02 -13.68
N GLN M 247 -37.21 -40.37 -14.87
CA GLN M 247 -36.81 -39.00 -15.17
C GLN M 247 -37.44 -38.04 -14.14
N ASP M 248 -38.73 -38.26 -13.77
CA ASP M 248 -39.47 -37.46 -12.77
C ASP M 248 -38.94 -37.71 -11.34
N GLU M 249 -38.77 -39.01 -10.98
CA GLU M 249 -38.27 -39.50 -9.68
C GLU M 249 -36.84 -38.99 -9.34
N GLU M 250 -36.05 -38.66 -10.37
CA GLU M 250 -34.69 -38.16 -10.26
C GLU M 250 -34.56 -36.62 -10.35
N LYS M 251 -35.64 -35.91 -10.77
CA LYS M 251 -35.70 -34.46 -10.99
C LYS M 251 -35.21 -33.66 -9.80
N ASN M 252 -35.59 -34.06 -8.58
CA ASN M 252 -35.21 -33.33 -7.35
C ASN M 252 -33.86 -33.75 -6.71
N LYS M 253 -33.29 -34.91 -7.12
CA LYS M 253 -32.02 -35.45 -6.60
C LYS M 253 -30.86 -34.50 -6.85
N LYS M 254 -29.90 -34.45 -5.90
CA LYS M 254 -28.69 -33.62 -6.01
C LYS M 254 -27.72 -34.22 -7.02
N PHE M 255 -27.58 -35.54 -7.00
CA PHE M 255 -26.64 -36.31 -7.80
C PHE M 255 -27.28 -37.10 -8.91
N GLY M 256 -26.44 -37.44 -9.88
CA GLY M 256 -26.80 -38.32 -10.99
C GLY M 256 -26.71 -39.75 -10.53
N LEU M 257 -26.95 -40.69 -11.45
CA LEU M 257 -26.93 -42.13 -11.14
C LEU M 257 -25.55 -42.75 -11.16
N SER M 258 -24.76 -42.42 -12.21
CA SER M 258 -23.41 -42.95 -12.44
C SER M 258 -22.56 -41.89 -13.15
N VAL M 259 -21.33 -42.26 -13.56
CA VAL M 259 -20.43 -41.36 -14.29
C VAL M 259 -21.08 -40.96 -15.63
N GLY M 260 -21.55 -41.95 -16.38
CA GLY M 260 -22.20 -41.74 -17.67
C GLY M 260 -23.61 -41.21 -17.57
N HIS M 261 -24.31 -41.56 -16.48
CA HIS M 261 -25.67 -41.09 -16.21
C HIS M 261 -25.65 -40.06 -15.13
N HIS M 262 -24.75 -39.08 -15.29
CA HIS M 262 -24.58 -37.95 -14.38
C HIS M 262 -25.81 -37.01 -14.49
N LEU M 263 -26.55 -37.09 -15.63
CA LEU M 263 -27.79 -36.34 -15.92
C LEU M 263 -27.62 -34.81 -15.79
N GLY M 264 -26.38 -34.35 -16.01
CA GLY M 264 -26.06 -32.93 -15.91
C GLY M 264 -25.99 -32.44 -14.48
N LYS M 265 -26.09 -33.37 -13.51
CA LYS M 265 -25.99 -33.14 -12.07
C LYS M 265 -24.57 -33.62 -11.63
N SER M 266 -24.33 -33.65 -10.30
CA SER M 266 -23.07 -34.09 -9.73
C SER M 266 -22.87 -35.60 -9.88
N ILE M 267 -21.64 -36.05 -10.17
CA ILE M 267 -21.40 -37.49 -10.27
C ILE M 267 -21.26 -38.06 -8.83
N PRO M 268 -22.03 -39.12 -8.47
CA PRO M 268 -21.86 -39.73 -7.15
C PRO M 268 -20.41 -40.10 -6.94
N THR M 269 -19.88 -39.64 -5.81
CA THR M 269 -18.48 -39.83 -5.41
C THR M 269 -17.97 -41.25 -5.62
N ASP M 270 -16.83 -41.41 -6.31
CA ASP M 270 -16.20 -42.71 -6.54
C ASP M 270 -17.19 -43.76 -7.06
N ASN M 271 -18.01 -43.40 -8.10
CA ASN M 271 -19.01 -44.31 -8.67
C ASN M 271 -18.40 -45.61 -9.24
N GLN M 272 -17.27 -45.45 -9.95
CA GLN M 272 -16.51 -46.48 -10.64
C GLN M 272 -15.36 -47.03 -9.82
N ILE M 273 -15.22 -46.55 -8.59
CA ILE M 273 -14.16 -47.02 -7.71
C ILE M 273 -14.74 -47.76 -6.46
N LYS M 274 -15.64 -47.10 -5.72
CA LYS M 274 -16.24 -47.63 -4.47
C LYS M 274 -17.71 -48.02 -4.65
N ALA M 275 -17.95 -49.31 -4.44
CA ALA M 275 -19.14 -50.08 -4.71
C ALA M 275 -20.44 -49.74 -3.96
N ARG M 276 -20.35 -49.30 -2.69
CA ARG M 276 -21.55 -49.08 -1.89
C ARG M 276 -22.52 -48.02 -2.41
N LYS M 277 -23.78 -48.46 -2.70
CA LYS M 277 -24.95 -47.65 -3.13
C LYS M 277 -26.12 -47.79 -2.07
N GLY N 6 -2.31 -22.88 -41.17
CA GLY N 6 -1.99 -24.29 -41.43
C GLY N 6 -1.90 -24.65 -42.92
N ARG N 7 -0.91 -25.51 -43.28
CA ARG N 7 -0.65 -25.93 -44.67
C ARG N 7 -0.54 -27.46 -44.91
N ARG N 8 -0.03 -28.24 -43.93
CA ARG N 8 0.13 -29.69 -43.99
C ARG N 8 -0.88 -30.41 -43.07
N ALA N 9 -1.44 -31.55 -43.55
CA ALA N 9 -2.40 -32.35 -42.80
C ALA N 9 -2.09 -33.84 -42.86
N LEU N 10 -2.41 -34.57 -41.77
CA LEU N 10 -2.22 -36.02 -41.68
C LEU N 10 -3.54 -36.72 -41.36
N ILE N 11 -3.92 -37.69 -42.21
CA ILE N 11 -5.14 -38.45 -41.96
C ILE N 11 -4.75 -39.85 -41.50
N VAL N 12 -5.08 -40.18 -40.23
CA VAL N 12 -4.83 -41.50 -39.66
C VAL N 12 -6.15 -42.30 -39.74
N LEU N 13 -6.18 -43.39 -40.55
CA LEU N 13 -7.38 -44.21 -40.71
C LEU N 13 -7.26 -45.61 -40.12
N ALA N 14 -8.19 -45.95 -39.21
CA ALA N 14 -8.28 -47.27 -38.57
C ALA N 14 -9.46 -48.15 -39.05
N HIS N 15 -9.43 -48.52 -40.34
CA HIS N 15 -10.44 -49.40 -40.91
C HIS N 15 -9.81 -50.36 -41.92
N SER N 16 -10.29 -51.62 -41.92
CA SER N 16 -9.79 -52.69 -42.79
C SER N 16 -10.24 -52.62 -44.21
N GLU N 17 -11.53 -52.32 -44.44
CA GLU N 17 -12.22 -52.31 -45.74
C GLU N 17 -12.23 -50.98 -46.53
N ARG N 18 -11.88 -51.03 -47.82
CA ARG N 18 -11.94 -49.85 -48.68
C ARG N 18 -13.42 -49.54 -48.99
N THR N 19 -14.27 -50.57 -48.90
CA THR N 19 -15.73 -50.54 -49.10
C THR N 19 -16.52 -49.86 -47.97
N SER N 20 -15.85 -49.48 -46.89
CA SER N 20 -16.43 -48.88 -45.68
C SER N 20 -16.73 -47.40 -45.82
N PHE N 21 -17.64 -46.89 -44.96
CA PHE N 21 -17.95 -45.46 -44.92
C PHE N 21 -16.78 -44.71 -44.34
N ASN N 22 -16.01 -45.36 -43.42
CA ASN N 22 -14.80 -44.79 -42.84
C ASN N 22 -13.77 -44.49 -43.91
N TYR N 23 -13.61 -45.40 -44.88
CA TYR N 23 -12.69 -45.20 -45.99
C TYR N 23 -13.16 -44.02 -46.84
N ALA N 24 -14.50 -43.93 -47.06
CA ALA N 24 -15.15 -42.86 -47.83
C ALA N 24 -14.90 -41.50 -47.19
N MET N 25 -15.01 -41.45 -45.86
CA MET N 25 -14.79 -40.26 -45.05
C MET N 25 -13.34 -39.79 -45.11
N LYS N 26 -12.40 -40.74 -45.26
CA LYS N 26 -10.97 -40.47 -45.36
C LYS N 26 -10.74 -39.80 -46.72
N GLU N 27 -11.23 -40.43 -47.79
CA GLU N 27 -11.13 -39.94 -49.17
C GLU N 27 -11.80 -38.56 -49.33
N ALA N 28 -12.96 -38.36 -48.66
CA ALA N 28 -13.71 -37.11 -48.65
C ALA N 28 -12.84 -35.98 -48.10
N ALA N 29 -12.22 -36.23 -46.93
CA ALA N 29 -11.33 -35.32 -46.22
C ALA N 29 -10.09 -34.99 -47.06
N ALA N 30 -9.39 -36.02 -47.55
CA ALA N 30 -8.19 -35.90 -48.37
C ALA N 30 -8.44 -35.00 -49.58
N ALA N 31 -9.54 -35.27 -50.32
CA ALA N 31 -9.96 -34.52 -51.50
C ALA N 31 -10.32 -33.07 -51.18
N ALA N 32 -11.14 -32.87 -50.11
CA ALA N 32 -11.59 -31.56 -49.65
C ALA N 32 -10.40 -30.66 -49.29
N LEU N 33 -9.47 -31.20 -48.47
CA LEU N 33 -8.27 -30.51 -48.00
C LEU N 33 -7.34 -30.17 -49.14
N LYS N 34 -7.02 -31.17 -50.01
CA LYS N 34 -6.18 -30.98 -51.20
C LYS N 34 -6.73 -29.83 -52.06
N LYS N 35 -8.08 -29.79 -52.28
CA LYS N 35 -8.79 -28.75 -53.04
C LYS N 35 -8.57 -27.36 -52.43
N LYS N 36 -8.56 -27.27 -51.07
CA LYS N 36 -8.35 -26.01 -50.35
C LYS N 36 -6.85 -25.68 -50.13
N GLY N 37 -5.98 -26.31 -50.94
CA GLY N 37 -4.54 -26.09 -50.98
C GLY N 37 -3.67 -26.80 -49.95
N TRP N 38 -4.23 -27.76 -49.22
CA TRP N 38 -3.47 -28.50 -48.21
C TRP N 38 -2.59 -29.58 -48.83
N GLU N 39 -1.53 -29.94 -48.11
CA GLU N 39 -0.61 -31.01 -48.44
C GLU N 39 -1.09 -32.13 -47.52
N VAL N 40 -1.72 -33.17 -48.11
CA VAL N 40 -2.32 -34.28 -47.38
C VAL N 40 -1.43 -35.53 -47.40
N VAL N 41 -1.18 -36.10 -46.19
CA VAL N 41 -0.39 -37.33 -45.97
C VAL N 41 -1.29 -38.31 -45.23
N GLU N 42 -1.27 -39.59 -45.65
CA GLU N 42 -2.10 -40.64 -45.02
C GLU N 42 -1.32 -41.62 -44.12
N SER N 43 -2.09 -42.30 -43.25
CA SER N 43 -1.64 -43.39 -42.38
C SER N 43 -2.81 -44.37 -42.28
N ASP N 44 -3.04 -45.15 -43.38
CA ASP N 44 -4.08 -46.19 -43.43
C ASP N 44 -3.45 -47.40 -42.72
N LEU N 45 -3.61 -47.44 -41.39
CA LEU N 45 -2.98 -48.41 -40.50
C LEU N 45 -3.13 -49.87 -40.95
N TYR N 46 -4.35 -50.34 -41.32
CA TYR N 46 -4.59 -51.72 -41.81
C TYR N 46 -3.83 -51.97 -43.13
N ALA N 47 -3.89 -50.99 -44.08
CA ALA N 47 -3.24 -51.07 -45.38
C ALA N 47 -1.71 -51.07 -45.27
N MET N 48 -1.18 -50.29 -44.31
CA MET N 48 0.23 -50.16 -43.97
C MET N 48 0.73 -51.43 -43.31
N ASN N 49 -0.22 -52.27 -42.83
CA ASN N 49 0.03 -53.50 -42.09
C ASN N 49 0.87 -53.15 -40.86
N PHE N 50 0.47 -52.01 -40.25
CA PHE N 50 1.09 -51.44 -39.07
C PHE N 50 1.08 -52.41 -37.88
N ASN N 51 2.22 -52.47 -37.16
CA ASN N 51 2.34 -53.30 -35.97
C ASN N 51 1.85 -52.48 -34.76
N PRO N 52 0.71 -52.83 -34.14
CA PRO N 52 0.22 -52.02 -33.00
C PRO N 52 0.77 -52.44 -31.63
N ILE N 53 1.64 -53.45 -31.58
CA ILE N 53 2.09 -53.93 -30.29
C ILE N 53 3.48 -53.42 -29.89
N ILE N 54 3.50 -52.66 -28.77
CA ILE N 54 4.72 -52.17 -28.12
C ILE N 54 5.51 -53.41 -27.66
N SER N 55 6.82 -53.46 -27.97
CA SER N 55 7.73 -54.56 -27.65
C SER N 55 9.14 -54.05 -27.55
N ARG N 56 10.08 -54.89 -27.11
CA ARG N 56 11.50 -54.51 -27.08
C ARG N 56 12.08 -54.44 -28.51
N LYS N 57 11.30 -54.94 -29.49
CA LYS N 57 11.64 -54.89 -30.90
C LYS N 57 11.52 -53.44 -31.44
N ASP N 58 10.92 -52.53 -30.65
CA ASP N 58 10.77 -51.11 -31.02
C ASP N 58 12.10 -50.33 -30.79
N ILE N 59 13.11 -51.00 -30.17
CA ILE N 59 14.45 -50.48 -29.89
C ILE N 59 15.49 -51.33 -30.66
N THR N 60 16.08 -50.72 -31.69
CA THR N 60 17.03 -51.32 -32.62
C THR N 60 18.47 -51.40 -32.09
N GLY N 61 18.81 -50.62 -31.06
CA GLY N 61 20.13 -50.68 -30.45
C GLY N 61 20.17 -51.68 -29.31
N LYS N 62 21.29 -51.69 -28.55
CA LYS N 62 21.47 -52.53 -27.36
C LYS N 62 20.68 -51.87 -26.23
N LEU N 63 19.83 -52.63 -25.52
CA LEU N 63 19.02 -52.09 -24.42
C LEU N 63 19.87 -51.67 -23.22
N LYS N 64 19.39 -50.71 -22.41
CA LYS N 64 20.18 -50.27 -21.28
C LYS N 64 20.14 -51.28 -20.15
N ASP N 65 18.95 -51.86 -19.86
CA ASP N 65 18.76 -52.92 -18.87
C ASP N 65 17.93 -54.03 -19.53
N PRO N 66 18.56 -54.98 -20.26
CA PRO N 66 17.78 -56.03 -20.93
C PRO N 66 17.16 -57.04 -19.96
N ALA N 67 17.78 -57.16 -18.77
CA ALA N 67 17.37 -58.06 -17.70
C ALA N 67 16.05 -57.64 -17.13
N ASN N 68 15.83 -56.32 -16.99
CA ASN N 68 14.62 -55.69 -16.46
C ASN N 68 14.17 -54.59 -17.43
N PHE N 69 13.57 -55.02 -18.55
CA PHE N 69 13.13 -54.09 -19.57
C PHE N 69 11.91 -53.28 -19.09
N GLN N 70 12.02 -51.95 -19.20
CA GLN N 70 10.95 -51.03 -18.84
C GLN N 70 10.71 -50.13 -20.04
N TYR N 71 9.59 -50.37 -20.78
CA TYR N 71 9.28 -49.70 -22.07
C TYR N 71 9.40 -48.17 -22.02
N PRO N 72 8.75 -47.43 -21.08
CA PRO N 72 8.89 -45.97 -21.11
C PRO N 72 10.36 -45.50 -21.12
N ALA N 73 11.17 -45.92 -20.13
CA ALA N 73 12.59 -45.55 -20.00
C ALA N 73 13.41 -45.84 -21.26
N GLU N 74 13.32 -47.09 -21.79
CA GLU N 74 14.05 -47.57 -22.95
C GLU N 74 13.61 -46.91 -24.25
N SER N 75 12.28 -46.64 -24.41
CA SER N 75 11.73 -45.99 -25.63
C SER N 75 12.23 -44.54 -25.77
N VAL N 76 12.34 -43.79 -24.64
CA VAL N 76 12.85 -42.42 -24.62
C VAL N 76 14.38 -42.41 -24.90
N LEU N 77 15.08 -43.43 -24.39
CA LEU N 77 16.51 -43.61 -24.61
C LEU N 77 16.78 -43.95 -26.09
N ALA N 78 15.99 -44.86 -26.70
CA ALA N 78 16.10 -45.20 -28.14
C ALA N 78 15.65 -44.01 -29.07
N TYR N 79 14.82 -43.05 -28.52
CA TYR N 79 14.40 -41.84 -29.26
C TYR N 79 15.62 -40.88 -29.35
N LYS N 80 16.04 -40.37 -28.16
CA LYS N 80 17.14 -39.43 -27.91
C LYS N 80 18.45 -39.82 -28.60
N GLU N 81 18.79 -41.12 -28.58
CA GLU N 81 20.00 -41.67 -29.17
C GLU N 81 19.85 -41.93 -30.66
N GLY N 82 18.62 -42.13 -31.12
CA GLY N 82 18.30 -42.37 -32.52
C GLY N 82 17.95 -43.78 -32.97
N HIS N 83 17.99 -44.78 -32.06
CA HIS N 83 17.67 -46.13 -32.52
C HIS N 83 16.26 -46.61 -32.13
N LEU N 84 15.23 -45.86 -32.57
CA LEU N 84 13.84 -46.30 -32.46
C LEU N 84 13.60 -47.05 -33.76
N SER N 85 12.59 -47.97 -33.76
CA SER N 85 12.22 -48.75 -34.93
C SER N 85 11.85 -47.79 -36.09
N PRO N 86 12.41 -48.00 -37.30
CA PRO N 86 12.14 -47.08 -38.43
C PRO N 86 10.69 -46.82 -38.75
N ASP N 87 9.78 -47.84 -38.54
CA ASP N 87 8.35 -47.66 -38.75
C ASP N 87 7.75 -46.59 -37.82
N ILE N 88 8.16 -46.60 -36.53
CA ILE N 88 7.75 -45.63 -35.51
C ILE N 88 8.25 -44.25 -35.98
N VAL N 89 9.57 -44.17 -36.32
CA VAL N 89 10.20 -42.93 -36.78
C VAL N 89 9.47 -42.29 -37.97
N ALA N 90 9.05 -43.11 -38.96
CA ALA N 90 8.34 -42.66 -40.15
C ALA N 90 7.05 -41.93 -39.77
N GLU N 91 6.27 -42.50 -38.80
CA GLU N 91 5.03 -41.95 -38.29
C GLU N 91 5.31 -40.69 -37.50
N GLN N 92 6.40 -40.69 -36.73
CA GLN N 92 6.80 -39.55 -35.91
C GLN N 92 7.15 -38.35 -36.79
N LYS N 93 7.85 -38.56 -37.93
CA LYS N 93 8.15 -37.41 -38.75
C LYS N 93 6.91 -36.96 -39.55
N LYS N 94 5.91 -37.86 -39.78
CA LYS N 94 4.66 -37.49 -40.40
C LYS N 94 3.95 -36.48 -39.48
N LEU N 95 3.91 -36.77 -38.16
CA LEU N 95 3.30 -35.94 -37.13
C LEU N 95 4.02 -34.60 -37.03
N GLU N 96 5.35 -34.65 -36.92
CA GLU N 96 6.13 -33.43 -36.80
C GLU N 96 5.82 -32.45 -37.95
N ALA N 97 5.62 -32.98 -39.18
CA ALA N 97 5.31 -32.20 -40.37
C ALA N 97 3.89 -31.61 -40.40
N ALA N 98 2.90 -32.38 -39.91
CA ALA N 98 1.48 -32.02 -39.91
C ALA N 98 1.11 -30.85 -38.98
N ASP N 99 0.16 -30.00 -39.45
CA ASP N 99 -0.42 -28.89 -38.70
C ASP N 99 -1.78 -29.41 -38.16
N LEU N 100 -2.52 -30.13 -39.03
CA LEU N 100 -3.81 -30.73 -38.71
C LEU N 100 -3.66 -32.26 -38.72
N VAL N 101 -4.24 -32.93 -37.68
CA VAL N 101 -4.24 -34.40 -37.60
C VAL N 101 -5.67 -34.89 -37.47
N ILE N 102 -6.15 -35.65 -38.48
CA ILE N 102 -7.52 -36.21 -38.50
C ILE N 102 -7.46 -37.69 -38.15
N PHE N 103 -8.28 -38.10 -37.18
CA PHE N 103 -8.36 -39.52 -36.79
C PHE N 103 -9.69 -40.08 -37.23
N GLN N 104 -9.68 -40.74 -38.38
CA GLN N 104 -10.89 -41.35 -38.95
C GLN N 104 -10.98 -42.79 -38.52
N PHE N 105 -12.03 -43.14 -37.75
CA PHE N 105 -12.19 -44.51 -37.25
C PHE N 105 -13.62 -44.85 -36.81
N PRO N 106 -14.03 -46.16 -36.89
CA PRO N 106 -15.33 -46.54 -36.28
C PRO N 106 -15.18 -46.67 -34.75
N LEU N 107 -16.22 -46.29 -33.97
CA LEU N 107 -16.19 -46.44 -32.51
C LEU N 107 -16.21 -47.94 -32.24
N GLN N 108 -15.24 -48.42 -31.47
CA GLN N 108 -15.14 -49.84 -31.14
C GLN N 108 -14.99 -50.02 -29.68
N TRP N 109 -15.95 -50.68 -29.06
CA TRP N 109 -16.00 -50.93 -27.63
C TRP N 109 -15.76 -49.64 -26.80
N PHE N 110 -16.52 -48.58 -27.17
CA PHE N 110 -16.55 -47.26 -26.54
C PHE N 110 -15.18 -46.55 -26.54
N GLY N 111 -14.40 -46.82 -27.60
CA GLY N 111 -13.10 -46.21 -27.80
C GLY N 111 -12.53 -46.39 -29.20
N VAL N 112 -11.22 -46.12 -29.34
CA VAL N 112 -10.50 -46.27 -30.61
C VAL N 112 -10.26 -47.75 -30.92
N PRO N 113 -10.25 -48.19 -32.20
CA PRO N 113 -9.90 -49.60 -32.49
C PRO N 113 -8.47 -49.94 -32.01
N ALA N 114 -8.23 -51.20 -31.57
CA ALA N 114 -6.93 -51.68 -31.06
C ALA N 114 -5.73 -51.24 -31.89
N ILE N 115 -5.87 -51.29 -33.22
CA ILE N 115 -4.86 -50.89 -34.21
C ILE N 115 -4.41 -49.40 -34.04
N LEU N 116 -5.38 -48.47 -33.69
CA LEU N 116 -5.14 -47.03 -33.43
C LEU N 116 -4.57 -46.85 -32.07
N LYS N 117 -5.10 -47.61 -31.08
CA LYS N 117 -4.60 -47.57 -29.73
C LYS N 117 -3.11 -47.91 -29.73
N GLY N 118 -2.73 -48.98 -30.48
CA GLY N 118 -1.36 -49.42 -30.67
C GLY N 118 -0.47 -48.39 -31.33
N TRP N 119 -1.04 -47.62 -32.28
CA TRP N 119 -0.36 -46.53 -32.99
C TRP N 119 0.03 -45.44 -31.98
N PHE N 120 -0.90 -45.07 -31.09
CA PHE N 120 -0.62 -44.07 -30.06
C PHE N 120 0.47 -44.55 -29.11
N GLU N 121 0.36 -45.81 -28.67
CA GLU N 121 1.31 -46.39 -27.72
C GLU N 121 2.73 -46.42 -28.25
N ARG N 122 2.90 -46.93 -29.48
CA ARG N 122 4.18 -47.04 -30.18
C ARG N 122 4.75 -45.73 -30.73
N VAL N 123 3.89 -44.78 -31.19
CA VAL N 123 4.31 -43.52 -31.84
C VAL N 123 4.47 -42.37 -30.83
N PHE N 124 3.52 -42.20 -29.91
CA PHE N 124 3.56 -41.12 -28.89
C PHE N 124 4.53 -41.52 -27.77
N ILE N 125 5.84 -41.43 -28.08
CA ILE N 125 6.97 -41.79 -27.23
C ILE N 125 7.36 -40.60 -26.34
N GLY N 126 7.85 -40.96 -25.15
CA GLY N 126 8.27 -40.12 -24.04
C GLY N 126 8.91 -38.76 -24.21
N GLU N 127 9.76 -38.51 -25.23
CA GLU N 127 10.32 -37.14 -25.30
C GLU N 127 9.73 -36.36 -26.45
N PHE N 128 9.37 -37.09 -27.46
CA PHE N 128 8.80 -36.67 -28.73
C PHE N 128 7.39 -36.05 -28.59
N ALA N 129 6.43 -36.81 -27.97
CA ALA N 129 5.04 -36.44 -27.81
C ALA N 129 4.69 -35.73 -26.52
N TYR N 130 5.47 -35.91 -25.45
CA TYR N 130 5.18 -35.30 -24.14
C TYR N 130 6.41 -35.24 -23.22
N THR N 131 6.18 -34.91 -21.93
CA THR N 131 7.09 -34.86 -20.77
C THR N 131 6.23 -34.39 -19.61
N TYR N 132 6.68 -34.65 -18.36
CA TYR N 132 5.90 -34.16 -17.22
C TYR N 132 6.14 -32.62 -17.04
N ALA N 133 7.18 -32.07 -17.75
CA ALA N 133 7.49 -30.64 -17.76
C ALA N 133 6.51 -29.93 -18.69
N ALA N 134 6.44 -30.38 -19.96
CA ALA N 134 5.52 -29.86 -20.98
C ALA N 134 4.29 -30.79 -21.11
N MET N 135 3.42 -30.70 -20.11
CA MET N 135 2.20 -31.48 -20.00
C MET N 135 1.00 -30.63 -20.44
N TYR N 136 0.11 -31.25 -21.23
CA TYR N 136 -1.16 -30.68 -21.67
C TYR N 136 -0.93 -29.42 -22.51
N ASP N 137 -1.45 -28.26 -22.03
CA ASP N 137 -1.35 -26.92 -22.61
C ASP N 137 0.05 -26.63 -23.17
N LYS N 138 1.11 -27.03 -22.40
CA LYS N 138 2.53 -26.81 -22.64
C LYS N 138 3.23 -27.86 -23.55
N GLY N 139 2.50 -28.93 -23.89
CA GLY N 139 2.98 -30.06 -24.70
C GLY N 139 3.62 -29.79 -26.06
N PRO N 140 4.37 -30.78 -26.59
CA PRO N 140 5.02 -30.63 -27.90
C PRO N 140 4.14 -30.28 -29.12
N PHE N 141 2.91 -30.77 -29.15
CA PHE N 141 2.02 -30.53 -30.27
C PHE N 141 1.10 -29.32 -30.08
N ARG N 142 1.47 -28.37 -29.17
CA ARG N 142 0.68 -27.16 -28.90
C ARG N 142 0.41 -26.32 -30.16
N SER N 143 1.29 -26.42 -31.16
CA SER N 143 1.17 -25.71 -32.41
C SER N 143 0.30 -26.43 -33.43
N LYS N 144 -0.17 -27.65 -33.08
CA LYS N 144 -1.00 -28.52 -33.93
C LYS N 144 -2.45 -28.59 -33.44
N LYS N 145 -3.35 -29.03 -34.34
CA LYS N 145 -4.77 -29.20 -34.04
C LYS N 145 -5.18 -30.61 -34.43
N ALA N 146 -5.96 -31.29 -33.57
CA ALA N 146 -6.43 -32.65 -33.82
C ALA N 146 -7.97 -32.73 -33.84
N VAL N 147 -8.51 -33.65 -34.66
CA VAL N 147 -9.95 -33.91 -34.79
C VAL N 147 -10.19 -35.38 -34.79
N LEU N 148 -11.31 -35.79 -34.15
CA LEU N 148 -11.75 -37.18 -34.15
C LEU N 148 -12.97 -37.27 -35.05
N SER N 149 -12.88 -38.06 -36.13
CA SER N 149 -14.04 -38.30 -36.99
C SER N 149 -14.47 -39.73 -36.73
N ILE N 150 -15.55 -39.89 -35.94
CA ILE N 150 -16.05 -41.17 -35.48
C ILE N 150 -17.35 -41.57 -36.17
N THR N 151 -17.54 -42.88 -36.34
CA THR N 151 -18.77 -43.49 -36.88
C THR N 151 -19.19 -44.52 -35.84
N THR N 152 -20.48 -44.54 -35.47
CA THR N 152 -20.98 -45.48 -34.47
C THR N 152 -22.11 -46.32 -35.05
N GLY N 153 -22.35 -47.48 -34.45
CA GLY N 153 -23.47 -48.34 -34.80
C GLY N 153 -24.74 -47.84 -34.12
N GLY N 154 -24.63 -47.40 -32.87
CA GLY N 154 -25.74 -46.89 -32.06
C GLY N 154 -26.14 -45.48 -32.43
N SER N 155 -27.43 -45.13 -32.22
CA SER N 155 -27.99 -43.80 -32.50
C SER N 155 -27.52 -42.77 -31.48
N GLY N 156 -27.60 -41.50 -31.86
CA GLY N 156 -27.21 -40.38 -31.00
C GLY N 156 -27.94 -40.32 -29.67
N SER N 157 -29.25 -40.67 -29.65
CA SER N 157 -30.06 -40.66 -28.45
C SER N 157 -29.54 -41.63 -27.38
N MET N 158 -28.90 -42.73 -27.79
CA MET N 158 -28.33 -43.73 -26.89
C MET N 158 -27.13 -43.15 -26.16
N TYR N 159 -26.45 -42.17 -26.79
CA TYR N 159 -25.28 -41.46 -26.29
C TYR N 159 -25.60 -40.07 -25.68
N SER N 160 -26.90 -39.72 -25.61
CA SER N 160 -27.40 -38.50 -24.97
C SER N 160 -27.32 -38.72 -23.44
N LEU N 161 -27.51 -37.64 -22.63
CA LEU N 161 -27.41 -37.74 -21.16
C LEU N 161 -28.30 -38.82 -20.52
N GLN N 162 -29.46 -39.11 -21.17
CA GLN N 162 -30.50 -40.07 -20.73
C GLN N 162 -30.54 -41.40 -21.54
N GLY N 163 -29.65 -41.58 -22.52
CA GLY N 163 -29.56 -42.81 -23.30
C GLY N 163 -28.89 -43.90 -22.50
N ILE N 164 -29.10 -45.21 -22.88
CA ILE N 164 -28.53 -46.36 -22.12
C ILE N 164 -27.04 -46.32 -22.01
N HIS N 165 -26.34 -45.90 -23.06
CA HIS N 165 -24.88 -45.88 -23.05
C HIS N 165 -24.29 -44.76 -22.22
N GLY N 166 -25.11 -43.75 -21.99
CA GLY N 166 -24.72 -42.58 -21.23
C GLY N 166 -24.00 -41.56 -22.09
N ASP N 167 -23.61 -40.47 -21.46
CA ASP N 167 -22.96 -39.35 -22.12
C ASP N 167 -21.75 -39.74 -23.00
N MET N 168 -21.81 -39.32 -24.28
CA MET N 168 -20.75 -39.51 -25.27
C MET N 168 -19.54 -38.66 -24.83
N ASN N 169 -19.78 -37.51 -24.14
CA ASN N 169 -18.71 -36.64 -23.63
C ASN N 169 -17.78 -37.42 -22.69
N VAL N 170 -18.34 -38.35 -21.88
CA VAL N 170 -17.57 -39.19 -20.97
C VAL N 170 -16.66 -40.15 -21.75
N ILE N 171 -17.19 -40.77 -22.83
CA ILE N 171 -16.50 -41.71 -23.73
C ILE N 171 -15.30 -41.03 -24.39
N LEU N 172 -15.50 -39.80 -24.89
CA LEU N 172 -14.50 -39.01 -25.60
C LEU N 172 -13.33 -38.52 -24.73
N TRP N 173 -13.62 -38.12 -23.45
CA TRP N 173 -12.66 -37.57 -22.49
C TRP N 173 -11.28 -38.30 -22.48
N PRO N 174 -11.18 -39.65 -22.27
CA PRO N 174 -9.86 -40.28 -22.22
C PRO N 174 -9.03 -40.17 -23.49
N ILE N 175 -9.68 -40.02 -24.68
CA ILE N 175 -8.98 -39.88 -25.95
C ILE N 175 -8.59 -38.43 -26.17
N GLN N 176 -9.59 -37.52 -26.08
CA GLN N 176 -9.41 -36.09 -26.34
C GLN N 176 -8.52 -35.40 -25.29
N SER N 177 -8.77 -35.67 -23.98
CA SER N 177 -7.91 -35.08 -22.96
C SER N 177 -6.64 -35.89 -22.79
N GLY N 178 -6.81 -37.15 -22.40
CA GLY N 178 -5.75 -38.08 -22.07
C GLY N 178 -4.68 -38.32 -23.11
N ILE N 179 -5.08 -38.48 -24.38
CA ILE N 179 -4.12 -38.77 -25.42
C ILE N 179 -3.70 -37.48 -26.17
N LEU N 180 -4.67 -36.83 -26.83
CA LEU N 180 -4.44 -35.64 -27.67
C LEU N 180 -4.00 -34.39 -26.90
N HIS N 181 -4.88 -33.81 -26.04
CA HIS N 181 -4.55 -32.58 -25.30
C HIS N 181 -3.30 -32.78 -24.49
N PHE N 182 -3.13 -33.93 -23.80
CA PHE N 182 -1.96 -34.25 -22.98
C PHE N 182 -0.63 -33.93 -23.67
N CYS N 183 -0.56 -34.21 -24.99
CA CYS N 183 0.58 -34.02 -25.88
C CYS N 183 0.68 -32.60 -26.49
N GLY N 184 -0.20 -31.68 -26.09
CA GLY N 184 -0.18 -30.31 -26.58
C GLY N 184 -1.29 -29.91 -27.52
N PHE N 185 -1.84 -30.91 -28.29
CA PHE N 185 -2.89 -30.71 -29.29
C PHE N 185 -4.04 -29.87 -28.83
N GLN N 186 -4.51 -28.97 -29.72
CA GLN N 186 -5.72 -28.20 -29.52
C GLN N 186 -6.75 -29.16 -30.11
N VAL N 187 -7.70 -29.63 -29.29
CA VAL N 187 -8.68 -30.61 -29.76
C VAL N 187 -9.91 -29.87 -30.28
N LEU N 188 -10.21 -30.07 -31.57
CA LEU N 188 -11.36 -29.46 -32.24
C LEU N 188 -12.59 -30.34 -32.01
N GLU N 189 -13.81 -29.75 -32.25
CA GLU N 189 -15.10 -30.44 -32.08
C GLU N 189 -15.09 -31.78 -32.82
N PRO N 190 -15.44 -32.91 -32.18
CA PRO N 190 -15.40 -34.18 -32.91
C PRO N 190 -16.50 -34.26 -33.99
N GLN N 191 -16.19 -34.95 -35.11
CA GLN N 191 -17.15 -35.18 -36.17
C GLN N 191 -17.82 -36.53 -35.86
N LEU N 192 -18.98 -36.45 -35.20
CA LEU N 192 -19.71 -37.63 -34.76
C LEU N 192 -20.82 -38.02 -35.76
N THR N 193 -20.63 -39.18 -36.43
CA THR N 193 -21.55 -39.74 -37.42
C THR N 193 -22.24 -40.97 -36.80
N TYR N 194 -23.41 -40.76 -36.13
CA TYR N 194 -24.16 -41.81 -35.45
C TYR N 194 -24.92 -42.76 -36.39
N SER N 195 -25.19 -44.00 -35.88
CA SER N 195 -25.91 -45.11 -36.53
C SER N 195 -25.80 -45.09 -38.07
N ILE N 196 -24.55 -45.17 -38.57
CA ILE N 196 -24.21 -45.11 -40.00
C ILE N 196 -24.79 -46.33 -40.80
N GLY N 197 -25.01 -47.45 -40.12
CA GLY N 197 -25.59 -48.65 -40.69
C GLY N 197 -27.04 -48.48 -41.05
N HIS N 198 -27.76 -47.52 -40.39
CA HIS N 198 -29.19 -47.23 -40.61
C HIS N 198 -29.46 -46.14 -41.61
N THR N 199 -28.43 -45.37 -41.91
CA THR N 199 -28.46 -44.22 -42.80
C THR N 199 -28.67 -44.63 -44.25
N PRO N 200 -29.72 -44.08 -44.93
CA PRO N 200 -29.90 -44.39 -46.36
C PRO N 200 -28.83 -43.71 -47.23
N ALA N 201 -28.63 -44.22 -48.46
CA ALA N 201 -27.60 -43.75 -49.40
C ALA N 201 -27.53 -42.22 -49.59
N ASP N 202 -28.68 -41.54 -49.82
CA ASP N 202 -28.72 -40.08 -50.01
C ASP N 202 -28.25 -39.31 -48.80
N ALA N 203 -28.62 -39.79 -47.59
CA ALA N 203 -28.21 -39.19 -46.33
C ALA N 203 -26.71 -39.37 -46.10
N ARG N 204 -26.13 -40.52 -46.54
CA ARG N 204 -24.70 -40.83 -46.43
C ARG N 204 -23.90 -39.84 -47.28
N ILE N 205 -24.46 -39.46 -48.46
CA ILE N 205 -23.89 -38.48 -49.38
C ILE N 205 -23.83 -37.13 -48.66
N GLN N 206 -24.97 -36.73 -48.03
CA GLN N 206 -25.10 -35.48 -47.28
C GLN N 206 -24.08 -35.37 -46.18
N ILE N 207 -23.78 -36.51 -45.49
CA ILE N 207 -22.78 -36.60 -44.41
C ILE N 207 -21.38 -36.25 -44.94
N LEU N 208 -21.00 -36.88 -46.07
CA LEU N 208 -19.72 -36.67 -46.72
C LEU N 208 -19.57 -35.24 -47.21
N GLU N 209 -20.62 -34.69 -47.82
CA GLU N 209 -20.61 -33.29 -48.29
C GLU N 209 -20.45 -32.29 -47.13
N GLY N 210 -21.08 -32.59 -45.99
CA GLY N 210 -21.02 -31.77 -44.79
C GLY N 210 -19.64 -31.75 -44.18
N TRP N 211 -18.98 -32.94 -44.15
CA TRP N 211 -17.63 -33.14 -43.64
C TRP N 211 -16.65 -32.34 -44.51
N LYS N 212 -16.83 -32.40 -45.86
CA LYS N 212 -16.02 -31.66 -46.85
C LYS N 212 -16.17 -30.14 -46.65
N LYS N 213 -17.42 -29.64 -46.46
CA LYS N 213 -17.69 -28.21 -46.23
C LYS N 213 -17.11 -27.71 -44.88
N ARG N 214 -17.05 -28.61 -43.87
CA ARG N 214 -16.49 -28.29 -42.55
C ARG N 214 -15.00 -28.02 -42.66
N LEU N 215 -14.32 -28.92 -43.38
CA LEU N 215 -12.88 -28.92 -43.63
C LEU N 215 -12.40 -27.70 -44.42
N GLU N 216 -13.35 -26.99 -45.06
CA GLU N 216 -13.03 -25.78 -45.83
C GLU N 216 -12.49 -24.67 -44.91
N ASN N 217 -12.95 -24.64 -43.64
CA ASN N 217 -12.53 -23.65 -42.64
C ASN N 217 -12.32 -24.30 -41.26
N ILE N 218 -11.78 -25.53 -41.25
CA ILE N 218 -11.52 -26.32 -40.04
C ILE N 218 -10.49 -25.62 -39.14
N TRP N 219 -9.46 -24.99 -39.76
CA TRP N 219 -8.38 -24.33 -39.02
C TRP N 219 -8.85 -23.12 -38.21
N ASP N 220 -9.88 -22.41 -38.69
CA ASP N 220 -10.43 -21.20 -38.06
C ASP N 220 -11.41 -21.47 -36.91
N GLU N 221 -11.70 -22.75 -36.63
CA GLU N 221 -12.61 -23.18 -35.56
C GLU N 221 -12.04 -22.96 -34.17
N THR N 222 -12.92 -22.77 -33.18
CA THR N 222 -12.52 -22.62 -31.78
C THR N 222 -12.40 -24.03 -31.16
N PRO N 223 -11.27 -24.36 -30.47
CA PRO N 223 -11.12 -25.71 -29.91
C PRO N 223 -11.93 -25.94 -28.64
N LEU N 224 -12.04 -27.21 -28.22
CA LEU N 224 -12.77 -27.62 -27.02
C LEU N 224 -12.05 -27.09 -25.78
N TYR N 225 -12.82 -26.89 -24.70
CA TYR N 225 -12.24 -26.39 -23.45
C TYR N 225 -11.69 -27.48 -22.55
N PHE N 226 -10.42 -27.32 -22.17
CA PHE N 226 -9.73 -28.13 -21.19
C PHE N 226 -9.18 -27.14 -20.18
N ALA N 227 -9.16 -27.53 -18.90
CA ALA N 227 -8.65 -26.68 -17.85
C ALA N 227 -7.18 -26.33 -18.14
N PRO N 228 -6.82 -25.03 -18.26
CA PRO N 228 -5.41 -24.69 -18.55
C PRO N 228 -4.45 -25.17 -17.46
N SER N 229 -3.23 -25.61 -17.85
CA SER N 229 -2.21 -26.11 -16.92
C SER N 229 -1.86 -25.07 -15.87
N SER N 230 -2.06 -23.78 -16.21
CA SER N 230 -1.86 -22.63 -15.33
C SER N 230 -2.73 -22.68 -14.08
N LEU N 231 -3.80 -23.51 -14.06
CA LEU N 231 -4.71 -23.67 -12.91
C LEU N 231 -4.19 -24.67 -11.88
N PHE N 232 -3.07 -25.37 -12.20
CA PHE N 232 -2.46 -26.42 -11.36
C PHE N 232 -1.00 -26.13 -11.01
N ASP N 233 -0.58 -26.51 -9.77
CA ASP N 233 0.80 -26.39 -9.27
C ASP N 233 1.54 -27.62 -9.77
N LEU N 234 2.11 -27.52 -10.99
CA LEU N 234 2.77 -28.64 -11.66
C LEU N 234 4.19 -28.83 -11.20
N ASN N 235 4.35 -29.64 -10.15
CA ASN N 235 5.61 -30.03 -9.55
C ASN N 235 5.40 -31.19 -8.61
N PHE N 236 6.46 -32.00 -8.42
CA PHE N 236 6.47 -33.12 -7.49
C PHE N 236 6.18 -32.51 -6.14
N GLN N 237 6.76 -31.32 -5.94
CA GLN N 237 6.64 -30.41 -4.82
C GLN N 237 5.18 -30.24 -4.26
N ALA N 238 4.14 -30.33 -5.16
CA ALA N 238 2.71 -30.14 -4.84
C ALA N 238 1.76 -31.27 -5.27
N GLY N 239 2.30 -32.33 -5.86
CA GLY N 239 1.54 -33.49 -6.30
C GLY N 239 0.52 -33.28 -7.41
N PHE N 240 0.79 -32.28 -8.28
CA PHE N 240 -0.01 -31.91 -9.46
C PHE N 240 -1.49 -31.61 -9.15
N LEU N 241 -1.74 -30.72 -8.24
CA LEU N 241 -3.12 -30.41 -7.93
C LEU N 241 -3.51 -28.99 -8.31
N MET N 242 -4.80 -28.72 -8.35
CA MET N 242 -5.33 -27.41 -8.66
C MET N 242 -4.85 -26.40 -7.61
N LYS N 243 -4.41 -25.21 -8.06
CA LYS N 243 -3.92 -24.14 -7.19
C LYS N 243 -4.99 -23.78 -6.17
N LYS N 244 -4.59 -23.66 -4.89
CA LYS N 244 -5.52 -23.32 -3.79
C LYS N 244 -6.39 -22.07 -4.08
N GLU N 245 -5.84 -21.10 -4.85
CA GLU N 245 -6.52 -19.87 -5.29
C GLU N 245 -7.64 -20.23 -6.28
N VAL N 246 -7.35 -21.11 -7.26
CA VAL N 246 -8.30 -21.62 -8.28
C VAL N 246 -9.44 -22.38 -7.57
N GLN N 247 -9.05 -23.27 -6.63
CA GLN N 247 -9.97 -24.05 -5.81
C GLN N 247 -10.99 -23.12 -5.14
N ASP N 248 -10.53 -21.98 -4.53
CA ASP N 248 -11.39 -20.96 -3.86
C ASP N 248 -12.34 -20.27 -4.84
N GLU N 249 -11.80 -19.85 -6.01
CA GLU N 249 -12.54 -19.14 -7.05
C GLU N 249 -13.74 -19.96 -7.55
N GLU N 250 -13.51 -21.28 -7.69
CA GLU N 250 -14.48 -22.25 -8.18
C GLU N 250 -15.52 -22.73 -7.14
N LYS N 251 -15.27 -22.46 -5.83
CA LYS N 251 -16.11 -22.90 -4.71
C LYS N 251 -17.58 -22.52 -4.88
N ASN N 252 -17.86 -21.28 -5.26
CA ASN N 252 -19.25 -20.83 -5.40
C ASN N 252 -19.85 -21.07 -6.82
N LYS N 253 -19.05 -21.66 -7.75
CA LYS N 253 -19.46 -21.93 -9.15
C LYS N 253 -20.27 -23.24 -9.28
N LYS N 254 -21.46 -23.20 -9.94
CA LYS N 254 -22.42 -24.31 -10.13
C LYS N 254 -21.82 -25.51 -10.86
N PHE N 255 -21.00 -25.23 -11.87
CA PHE N 255 -20.42 -26.23 -12.74
C PHE N 255 -18.93 -26.44 -12.54
N GLY N 256 -18.48 -27.61 -12.97
CA GLY N 256 -17.07 -27.97 -12.99
C GLY N 256 -16.41 -27.34 -14.20
N LEU N 257 -15.12 -27.60 -14.38
CA LEU N 257 -14.38 -27.03 -15.49
C LEU N 257 -14.49 -27.84 -16.80
N SER N 258 -14.39 -29.19 -16.71
CA SER N 258 -14.44 -30.13 -17.82
C SER N 258 -15.07 -31.45 -17.38
N VAL N 259 -15.08 -32.47 -18.25
CA VAL N 259 -15.61 -33.80 -17.93
C VAL N 259 -14.79 -34.40 -16.76
N GLY N 260 -13.45 -34.40 -16.89
CA GLY N 260 -12.53 -34.93 -15.89
C GLY N 260 -12.36 -34.02 -14.70
N HIS N 261 -12.51 -32.69 -14.89
CA HIS N 261 -12.42 -31.70 -13.83
C HIS N 261 -13.79 -31.20 -13.47
N HIS N 262 -14.73 -32.15 -13.29
CA HIS N 262 -16.09 -31.88 -12.92
C HIS N 262 -16.15 -31.38 -11.46
N LEU N 263 -15.08 -31.68 -10.68
CA LEU N 263 -14.91 -31.26 -9.28
C LEU N 263 -16.09 -31.68 -8.37
N GLY N 264 -16.80 -32.74 -8.75
CA GLY N 264 -17.93 -33.25 -8.00
C GLY N 264 -19.18 -32.42 -8.20
N LYS N 265 -19.10 -31.44 -9.13
CA LYS N 265 -20.18 -30.54 -9.51
C LYS N 265 -20.69 -31.02 -10.89
N SER N 266 -21.60 -30.24 -11.50
CA SER N 266 -22.18 -30.54 -12.81
C SER N 266 -21.17 -30.38 -13.93
N ILE N 267 -21.16 -31.30 -14.92
CA ILE N 267 -20.25 -31.21 -16.06
C ILE N 267 -20.84 -30.17 -17.03
N PRO N 268 -20.05 -29.12 -17.41
CA PRO N 268 -20.53 -28.14 -18.39
C PRO N 268 -20.97 -28.88 -19.65
N THR N 269 -22.22 -28.63 -20.07
CA THR N 269 -22.88 -29.28 -21.23
C THR N 269 -21.97 -29.38 -22.47
N ASP N 270 -21.88 -30.61 -23.05
CA ASP N 270 -21.09 -30.92 -24.24
C ASP N 270 -19.68 -30.36 -24.18
N ASN N 271 -19.01 -30.56 -23.02
CA ASN N 271 -17.66 -30.07 -22.81
C ASN N 271 -16.69 -30.61 -23.90
N GLN N 272 -16.82 -31.91 -24.24
CA GLN N 272 -16.01 -32.66 -25.20
C GLN N 272 -16.61 -32.73 -26.62
N ILE N 273 -17.79 -32.14 -26.84
CA ILE N 273 -18.44 -32.21 -28.15
C ILE N 273 -18.53 -30.83 -28.82
N LYS N 274 -18.66 -29.74 -28.00
CA LYS N 274 -18.85 -28.35 -28.45
C LYS N 274 -17.89 -27.31 -27.76
N ALA N 275 -17.67 -26.10 -28.39
CA ALA N 275 -16.69 -25.07 -27.93
C ALA N 275 -17.19 -23.80 -27.14
N ARG N 276 -17.74 -22.76 -27.81
CA ARG N 276 -18.16 -21.51 -27.13
C ARG N 276 -19.27 -20.76 -27.90
PA FAD O . 39.98 17.79 -23.17
O1A FAD O . 39.89 16.48 -22.47
O2A FAD O . 38.98 18.83 -22.58
O5B FAD O . 41.44 18.44 -23.26
C5B FAD O . 42.58 17.57 -23.40
C4B FAD O . 43.76 18.28 -22.80
O4B FAD O . 44.14 19.38 -23.67
C3B FAD O . 43.56 18.88 -21.40
O3B FAD O . 44.65 18.56 -20.54
C2B FAD O . 43.48 20.39 -21.68
O2B FAD O . 43.85 21.20 -20.57
C1B FAD O . 44.45 20.49 -22.86
N9A FAD O . 44.39 21.70 -23.66
C8A FAD O . 43.35 22.58 -23.81
N7A FAD O . 43.65 23.66 -24.52
C5A FAD O . 44.99 23.46 -24.86
C6A FAD O . 45.93 24.27 -25.53
N6A FAD O . 45.65 25.48 -26.02
N1A FAD O . 47.20 23.80 -25.65
C2A FAD O . 47.48 22.60 -25.15
N3A FAD O . 46.69 21.74 -24.50
C4A FAD O . 45.45 22.25 -24.36
N1 FAD O . 36.14 8.60 -27.70
C2 FAD O . 36.35 7.67 -28.69
O2 FAD O . 37.50 7.28 -28.98
N3 FAD O . 35.25 7.08 -29.33
C4 FAD O . 33.91 7.30 -29.03
O4 FAD O . 33.03 6.78 -29.71
C4X FAD O . 33.70 8.24 -27.95
N5 FAD O . 32.46 8.52 -27.60
C5X FAD O . 32.26 9.51 -26.65
C6 FAD O . 30.94 9.87 -26.31
C7 FAD O . 30.68 10.90 -25.40
C7M FAD O . 29.26 11.15 -24.98
C8 FAD O . 31.76 11.61 -24.83
C8M FAD O . 31.54 12.86 -23.99
C9 FAD O . 33.07 11.23 -25.13
C9A FAD O . 33.33 10.20 -26.04
N10 FAD O . 34.66 9.83 -26.41
C10 FAD O . 34.89 8.86 -27.35
C1' FAD O . 35.83 10.57 -25.86
C2' FAD O . 36.08 11.89 -26.59
O2' FAD O . 36.32 11.65 -27.96
C3' FAD O . 37.25 12.63 -25.95
O3' FAD O . 36.97 12.80 -24.56
C4' FAD O . 37.58 13.99 -26.56
O4' FAD O . 37.96 13.84 -27.93
C5' FAD O . 38.60 14.78 -25.77
O5' FAD O . 38.85 16.02 -26.49
P FAD O . 38.55 17.38 -25.71
O1P FAD O . 38.45 18.57 -26.60
O2P FAD O . 37.29 17.19 -24.89
O3P FAD O . 39.79 17.57 -24.74
PA FAD P . 6.01 9.03 -43.96
O1A FAD P . 6.88 10.15 -44.41
O2A FAD P . 4.87 9.61 -43.14
O5B FAD P . 5.44 8.18 -45.18
C5B FAD P . 4.93 6.86 -44.92
C4B FAD P . 3.63 6.63 -45.66
O4B FAD P . 2.89 5.61 -44.97
C3B FAD P . 2.67 7.81 -45.80
O3B FAD P . 1.93 7.77 -47.02
C2B FAD P . 1.76 7.64 -44.59
O2B FAD P . 0.52 8.32 -44.67
C1B FAD P . 1.63 6.11 -44.56
N9A FAD P . 1.30 5.53 -43.27
C8A FAD P . 1.35 6.13 -42.04
N7A FAD P . 0.85 5.40 -41.07
C5A FAD P . 0.45 4.24 -41.71
C6A FAD P . -0.22 3.07 -41.25
N6A FAD P . -0.73 2.95 -40.03
N1A FAD P . -0.44 2.07 -42.15
C2A FAD P . -0.05 2.26 -43.41
N3A FAD P . 0.54 3.32 -43.97
C4A FAD P . 0.76 4.29 -43.06
N1 FAD P . 16.54 8.82 -46.49
C2 FAD P . 17.60 8.02 -46.88
O2 FAD P . 17.42 7.01 -47.59
N3 FAD P . 18.91 8.36 -46.51
C4 FAD P . 19.29 9.47 -45.77
O4 FAD P . 20.44 9.62 -45.43
C4X FAD P . 18.17 10.34 -45.40
N5 FAD P . 18.44 11.44 -44.71
C5X FAD P . 17.35 12.21 -44.29
C6 FAD P . 17.59 13.34 -43.51
C7 FAD P . 16.55 14.13 -43.04
C7M FAD P . 16.88 15.43 -42.33
C8 FAD P . 15.20 13.76 -43.31
C8M FAD P . 14.02 14.50 -42.72
C9 FAD P . 14.97 12.64 -44.10
C9A FAD P . 16.01 11.87 -44.60
N10 FAD P . 15.78 10.70 -45.36
C10 FAD P . 16.81 9.92 -45.79
C1' FAD P . 14.41 10.28 -45.68
C2' FAD P . 13.73 9.57 -44.52
O2' FAD P . 14.52 8.45 -44.09
C3' FAD P . 12.35 9.08 -44.94
O3' FAD P . 11.65 10.11 -45.62
C4' FAD P . 11.52 8.46 -43.80
O4' FAD P . 12.15 7.23 -43.46
C5' FAD P . 10.05 8.29 -44.14
O5' FAD P . 9.41 7.50 -43.13
P FAD P . 8.25 8.22 -42.27
O1P FAD P . 8.10 7.60 -40.94
O2P FAD P . 8.60 9.72 -42.17
O3P FAD P . 6.86 8.06 -43.04
O40 E6A Q . 35.32 6.92 -20.34
C23 E6A Q . 36.08 7.82 -20.68
C24 E6A Q . 36.80 8.58 -19.58
C37 E6A Q . 36.50 8.40 -18.22
C36 E6A Q . 37.18 9.13 -17.25
C35 E6A Q . 38.15 10.09 -17.61
C34 E6A Q . 38.46 10.33 -18.95
C25 E6A Q . 37.82 9.60 -19.96
C26 E6A Q . 38.09 9.83 -21.43
O38 E6A Q . 38.67 10.85 -21.79
C27 E6A Q . 37.61 8.84 -22.47
O41 E6A Q . 37.49 9.53 -23.72
C22 E6A Q . 36.24 8.20 -22.15
C6 E6A Q . 35.72 6.96 -22.98
C5 E6A Q . 36.67 6.08 -23.97
BR E6A Q . 38.67 6.56 -24.01
C4 E6A Q . 36.13 6.01 -25.40
O20 E6A Q . 36.90 6.00 -26.36
C18 E6A Q . 34.66 5.79 -25.65
C13 E6A Q . 33.77 6.50 -24.73
C1 E6A Q . 34.46 7.39 -23.72
O19 E6A Q . 33.98 8.48 -23.48
C17 E6A Q . 34.11 4.91 -26.60
C16 E6A Q . 32.74 4.75 -26.70
C15 E6A Q . 31.88 5.44 -25.82
C14 E6A Q . 32.39 6.31 -24.85
PA FAD R . -0.39 -32.96 5.05
O1A FAD R . 0.28 -32.38 3.87
O2A FAD R . -0.92 -31.87 6.02
O5B FAD R . -1.58 -34.02 4.77
C5B FAD R . -1.45 -35.03 3.75
C4B FAD R . -2.86 -35.39 3.35
O4B FAD R . -3.47 -36.18 4.39
C3B FAD R . -3.80 -34.21 3.09
O3B FAD R . -4.52 -34.31 1.85
C2B FAD R . -4.72 -34.23 4.32
O2B FAD R . -5.99 -33.63 4.08
C1B FAD R . -4.79 -35.72 4.56
N9A FAD R . -5.30 -36.15 5.86
C8A FAD R . -5.32 -35.44 7.02
N7A FAD R . -5.91 -36.07 8.02
C5A FAD R . -6.31 -37.26 7.46
C6A FAD R . -6.98 -38.38 8.00
N6A FAD R . -7.45 -38.43 9.25
N1A FAD R . -7.19 -39.44 7.19
C2A FAD R . -6.77 -39.37 5.92
N3A FAD R . -6.14 -38.37 5.30
C4A FAD R . -5.93 -37.34 6.14
N1 FAD R . 10.17 -34.06 2.71
C2 FAD R . 11.21 -34.95 2.42
O2 FAD R . 11.04 -35.99 1.79
N3 FAD R . 12.49 -34.68 2.86
C4 FAD R . 12.89 -33.55 3.58
O4 FAD R . 14.04 -33.47 4.02
C4X FAD R . 11.81 -32.59 3.83
N5 FAD R . 12.11 -31.48 4.46
C5X FAD R . 11.08 -30.62 4.78
C6 FAD R . 11.38 -29.46 5.49
C7 FAD R . 10.38 -28.56 5.88
C7M FAD R . 10.77 -27.27 6.55
C8 FAD R . 9.04 -28.86 5.59
C8M FAD R . 7.91 -27.97 6.07
C9 FAD R . 8.73 -30.02 4.87
C9A FAD R . 9.74 -30.89 4.46
N10 FAD R . 9.46 -32.09 3.73
C10 FAD R . 10.47 -32.95 3.38
C1' FAD R . 8.06 -32.44 3.41
C2' FAD R . 7.34 -33.09 4.58
O2' FAD R . 8.03 -34.28 4.98
C3' FAD R . 5.92 -33.48 4.18
O3' FAD R . 5.29 -32.37 3.57
C4' FAD R . 5.06 -34.01 5.34
O4' FAD R . 5.61 -35.25 5.75
C5' FAD R . 3.60 -34.17 4.99
O5' FAD R . 2.97 -34.78 6.12
P FAD R . 1.79 -33.86 6.82
O1P FAD R . 1.44 -34.36 8.17
O2P FAD R . 2.19 -32.37 6.81
O3P FAD R . 0.55 -33.99 5.83
PA FAD S . 33.56 -25.14 25.89
O1A FAD S . 33.43 -26.49 26.47
O2A FAD S . 32.69 -24.02 26.55
O5B FAD S . 35.03 -24.56 25.70
C5B FAD S . 36.11 -25.45 25.42
C4B FAD S . 37.31 -25.05 26.26
O4B FAD S . 38.08 -24.04 25.56
C3B FAD S . 37.04 -24.48 27.65
O3B FAD S . 38.01 -24.94 28.58
C2B FAD S . 37.08 -22.96 27.40
O2B FAD S . 37.39 -22.23 28.58
C1B FAD S . 38.20 -22.88 26.35
N9A FAD S . 38.17 -21.71 25.47
C8A FAD S . 37.15 -20.83 25.28
N7A FAD S . 37.47 -19.79 24.55
C5A FAD S . 38.81 -20.02 24.22
C6A FAD S . 39.76 -19.25 23.52
N6A FAD S . 39.53 -18.02 23.06
N1A FAD S . 41.01 -19.78 23.38
C2A FAD S . 41.27 -20.97 23.93
N3A FAD S . 40.45 -21.77 24.64
C4A FAD S . 39.24 -21.22 24.76
N1 FAD S . 29.38 -34.35 21.93
C2 FAD S . 29.57 -35.38 21.01
O2 FAD S . 30.69 -35.85 20.78
N3 FAD S . 28.45 -35.97 20.40
C4 FAD S . 27.12 -35.64 20.64
O4 FAD S . 26.22 -36.20 20.01
C4X FAD S . 26.93 -34.59 21.64
N5 FAD S . 25.70 -34.24 21.94
C5X FAD S . 25.51 -33.17 22.82
C6 FAD S . 24.22 -32.75 23.12
C7 FAD S . 23.97 -31.64 23.91
C7M FAD S . 22.55 -31.22 24.20
C8 FAD S . 25.06 -30.93 24.44
C8M FAD S . 24.85 -29.62 25.19
C9 FAD S . 26.35 -31.39 24.21
C9A FAD S . 26.60 -32.49 23.39
N10 FAD S . 27.93 -32.92 23.07
C10 FAD S . 28.13 -33.98 22.22
C1' FAD S . 29.11 -32.22 23.60
C2' FAD S . 29.40 -30.93 22.85
O2' FAD S . 29.59 -31.22 21.48
C3' FAD S . 30.65 -30.25 23.40
O3' FAD S . 30.54 -30.10 24.81
C4' FAD S . 31.02 -28.91 22.77
O4' FAD S . 31.38 -29.14 21.40
C5' FAD S . 32.10 -28.17 23.52
O5' FAD S . 32.45 -27.00 22.74
P FAD S . 32.07 -25.54 23.39
O1P FAD S . 31.93 -24.48 22.39
O2P FAD S . 30.81 -25.61 24.26
O3P FAD S . 33.30 -25.15 24.33
PA FAD T . 19.14 42.15 -17.74
O1A FAD T . 18.75 43.37 -18.50
O2A FAD T . 19.58 41.04 -18.72
O5B FAD T . 20.22 42.33 -16.57
C5B FAD T . 20.17 43.48 -15.73
C4B FAD T . 21.57 43.75 -15.24
O4B FAD T . 21.93 42.74 -14.26
C3B FAD T . 22.65 43.72 -16.33
O3B FAD T . 23.49 44.87 -16.25
C2B FAD T . 23.37 42.39 -16.06
O2B FAD T . 24.69 42.34 -16.59
C1B FAD T . 23.26 42.31 -14.55
N9A FAD T . 23.49 41.02 -13.92
C8A FAD T . 23.37 39.77 -14.48
N7A FAD T . 23.75 38.79 -13.70
C5A FAD T . 24.13 39.43 -12.53
C6A FAD T . 24.62 38.95 -11.29
N6A FAD T . 24.90 37.66 -11.06
N1A FAD T . 24.88 39.85 -10.32
C2A FAD T . 24.66 41.14 -10.57
N3A FAD T . 24.21 41.72 -11.70
C4A FAD T . 23.96 40.80 -12.64
N1 FAD T . 8.95 46.08 -18.28
C2 FAD T . 7.90 46.56 -17.54
O2 FAD T . 8.09 47.25 -16.53
N3 FAD T . 6.57 46.28 -17.92
C4 FAD T . 6.19 45.57 -19.03
O4 FAD T . 5.00 45.32 -19.19
C4X FAD T . 7.32 45.09 -19.86
N5 FAD T . 7.05 44.40 -20.94
C5X FAD T . 8.13 43.85 -21.64
C6 FAD T . 7.85 43.06 -22.77
C7 FAD T . 8.88 42.45 -23.49
C7M FAD T . 8.54 41.69 -24.74
C8 FAD T . 10.22 42.62 -23.06
C8M FAD T . 11.35 41.84 -23.68
C9 FAD T . 10.49 43.43 -21.96
C9A FAD T . 9.47 44.04 -21.25
N10 FAD T . 9.72 44.84 -20.09
C10 FAD T . 8.67 45.38 -19.38
C1' FAD T . 11.10 44.99 -19.61
C2' FAD T . 11.56 43.83 -18.73
O2' FAD T . 10.70 43.70 -17.59
C3' FAD T . 13.00 44.03 -18.23
O3' FAD T . 13.84 44.41 -19.31
C4' FAD T . 13.59 42.84 -17.49
O4' FAD T . 12.87 42.67 -16.27
C5' FAD T . 15.07 42.98 -17.23
O5' FAD T . 15.47 41.85 -16.43
P FAD T . 16.61 40.86 -17.08
O1P FAD T . 16.66 39.54 -16.39
O2P FAD T . 16.39 40.77 -18.60
O3P FAD T . 17.95 41.66 -16.81
O40 E6A U . -12.30 22.11 -16.51
C23 E6A U . -12.93 22.42 -17.53
C24 E6A U . -13.64 21.29 -18.26
C37 E6A U . -13.49 19.95 -17.90
C36 E6A U . -14.20 18.96 -18.57
C35 E6A U . -15.08 19.29 -19.62
C34 E6A U . -15.25 20.60 -20.04
C25 E6A U . -14.59 21.64 -19.37
C26 E6A U . -14.77 23.12 -19.76
O38 E6A U . -15.33 23.45 -20.80
C27 E6A U . -14.26 24.23 -18.85
O41 E6A U . -14.09 25.39 -19.70
C22 E6A U . -12.96 23.87 -18.07
C6 E6A U . -12.46 24.80 -16.87
C5 E6A U . -13.43 25.83 -16.04
BR E6A U . -15.30 26.01 -16.77
C4 E6A U . -12.89 27.26 -15.85
O20 E6A U . -13.65 28.24 -15.70
C18 E6A U . -11.41 27.51 -15.71
C13 E6A U . -10.56 26.59 -16.47
C1 E6A U . -11.27 25.60 -17.37
O19 E6A U . -10.83 25.42 -18.50
C17 E6A U . -10.87 28.42 -14.82
C16 E6A U . -9.51 28.49 -14.75
C15 E6A U . -8.68 27.65 -15.49
C14 E6A U . -9.18 26.68 -16.33
PA FAD V . -16.10 25.02 -28.13
O1A FAD V . -15.22 24.42 -27.11
O2A FAD V . -15.88 24.31 -29.46
O5B FAD V . -17.67 24.94 -27.74
C5B FAD V . -18.58 25.85 -28.39
C4B FAD V . -19.84 25.14 -28.85
O4B FAD V . -20.39 25.84 -29.99
C3B FAD V . -19.69 23.69 -29.30
O3B FAD V . -20.85 22.93 -28.97
C2B FAD V . -19.50 23.84 -30.82
O2B FAD V . -19.75 22.65 -31.57
C1B FAD V . -20.47 24.98 -31.10
N9A FAD V . -20.21 25.74 -32.32
C8A FAD V . -19.07 25.70 -33.10
N7A FAD V . -19.19 26.34 -34.25
C5A FAD V . -20.49 26.84 -34.21
C6A FAD V . -21.25 27.57 -35.15
N6A FAD V . -20.81 27.88 -36.37
N1A FAD V . -22.52 27.91 -34.81
C2A FAD V . -22.98 27.54 -33.60
N3A FAD V . -22.36 26.84 -32.65
C4A FAD V . -21.11 26.51 -33.01
N1 FAD V . -12.52 29.47 -18.89
C2 FAD V . -12.70 30.49 -17.97
O2 FAD V . -13.83 30.90 -17.66
N3 FAD V . -11.59 31.03 -17.31
C4 FAD V . -10.28 30.61 -17.46
O4 FAD V . -9.37 31.19 -16.87
C4X FAD V . -10.09 29.51 -18.39
N5 FAD V . -8.89 29.06 -18.58
C5X FAD V . -8.71 28.04 -19.52
C6 FAD V . -7.41 27.57 -19.75
C7 FAD V . -7.16 26.59 -20.70
C7M FAD V . -5.75 26.05 -20.82
C8 FAD V . -8.23 26.06 -21.45
C8M FAD V . -7.99 25.04 -22.54
C9 FAD V . -9.53 26.51 -21.22
C9A FAD V . -9.78 27.50 -20.26
N10 FAD V . -11.09 28.02 -20.02
C10 FAD V . -11.29 29.01 -19.09
C1' FAD V . -12.23 27.56 -20.82
C2' FAD V . -12.28 28.23 -22.19
O2' FAD V . -12.32 29.65 -22.08
C3' FAD V . -13.52 27.77 -22.97
O3' FAD V . -13.62 26.35 -22.88
C4' FAD V . -13.61 28.27 -24.40
O4' FAD V . -13.79 29.69 -24.39
C5' FAD V . -14.66 27.58 -25.24
O5' FAD V . -14.78 28.26 -26.50
P FAD V . -14.43 27.41 -27.84
O1P FAD V . -14.08 28.33 -28.95
O2P FAD V . -13.31 26.41 -27.51
O3P FAD V . -15.69 26.55 -28.30
PA FAD W . 2.81 17.36 50.82
O1A FAD W . 2.76 17.49 49.36
O2A FAD W . 2.23 18.60 51.56
O5B FAD W . 2.17 16.02 51.45
C5B FAD W . 2.32 14.77 50.76
C4B FAD W . 1.18 13.88 51.16
O4B FAD W . 1.32 13.47 52.53
C3B FAD W . -0.22 14.51 51.04
O3B FAD W . -1.11 13.64 50.34
C2B FAD W . -0.62 14.76 52.51
O2B FAD W . -2.02 14.79 52.74
C1B FAD W . 0.07 13.57 53.17
N9A FAD W . 0.27 13.65 54.61
C8A FAD W . 0.38 14.75 55.41
N7A FAD W . 0.47 14.49 56.69
C5A FAD W . 0.42 13.10 56.73
C6A FAD W . 0.39 12.18 57.81
N6A FAD W . 0.50 12.54 59.09
N1A FAD W . 0.26 10.86 57.51
C2A FAD W . 0.19 10.50 56.23
N3A FAD W . 0.22 11.27 55.14
C4A FAD W . 0.30 12.57 55.46
N1 FAD W . 11.30 18.14 44.06
C2 FAD W . 12.40 17.49 43.61
O2 FAD W . 12.43 16.24 43.52
N3 FAD W . 13.54 18.22 43.25
C4 FAD W . 13.66 19.59 43.30
O4 FAD W . 14.76 20.11 43.09
C4X FAD W . 12.46 20.29 43.73
N5 FAD W . 12.51 21.60 43.83
C5X FAD W . 11.40 22.25 44.39
C6 FAD W . 11.45 23.64 44.55
C7 FAD W . 10.38 24.33 45.11
C7M FAD W . 10.44 25.84 45.12
C8 FAD W . 9.24 23.61 45.55
C8M FAD W . 8.08 24.30 46.23
C9 FAD W . 9.18 22.23 45.38
C9A FAD W . 10.26 21.54 44.81
N10 FAD W . 10.25 20.13 44.65
C10 FAD W . 11.32 19.47 44.12
C1' FAD W . 9.10 19.33 45.14
C2' FAD W . 9.16 19.07 46.63
O2' FAD W . 10.36 18.38 46.96
C3' FAD W . 7.97 18.23 47.10
O3' FAD W . 6.76 18.74 46.55
C4' FAD W . 7.89 18.04 48.61
O4' FAD W . 9.03 17.29 49.07
C5' FAD W . 6.61 17.39 49.08
O5' FAD W . 6.72 17.20 50.50
P FAD W . 5.63 17.97 51.42
O1P FAD W . 6.00 18.01 52.86
O2P FAD W . 5.31 19.35 50.80
O3P FAD W . 4.32 17.08 51.26
PA FAD X . 35.29 41.77 49.68
O1A FAD X . 35.08 40.94 50.89
O2A FAD X . 34.74 43.21 49.88
O5B FAD X . 36.85 41.86 49.33
C5B FAD X . 37.27 42.18 48.00
C4B FAD X . 38.40 43.19 48.03
O4B FAD X . 38.37 43.94 46.79
C3B FAD X . 38.38 44.24 49.14
O3B FAD X . 39.69 44.55 49.59
C2B FAD X . 37.65 45.41 48.48
O2B FAD X . 37.82 46.69 49.11
C1B FAD X . 38.22 45.32 47.06
N9A FAD X . 37.41 45.90 46.00
C8A FAD X . 36.10 46.27 46.06
N7A FAD X . 35.67 46.89 44.99
C5A FAD X . 36.78 46.93 44.16
C6A FAD X . 37.01 47.49 42.89
N6A FAD X . 36.14 48.30 42.27
N1A FAD X . 38.22 47.31 42.32
C2A FAD X . 39.16 46.65 43.01
N3A FAD X . 39.09 46.11 44.24
C4A FAD X . 37.86 46.30 44.76
N1 FAD X . 34.27 30.98 50.89
C2 FAD X . 34.53 29.75 50.28
O2 FAD X . 35.55 29.57 49.60
N3 FAD X . 33.62 28.69 50.45
C4 FAD X . 32.46 28.71 51.22
O4 FAD X . 31.74 27.72 51.29
C4X FAD X . 32.20 30.00 51.86
N5 FAD X . 31.11 30.13 52.59
C5X FAD X . 30.83 31.38 53.15
C6 FAD X . 29.64 31.55 53.86
C7 FAD X . 29.24 32.79 54.34
C7M FAD X . 27.96 32.90 55.14
C8 FAD X . 30.06 33.93 54.10
C8M FAD X . 29.61 35.33 54.42
C9 FAD X . 31.29 33.75 53.45
C9A FAD X . 31.68 32.49 52.95
N10 FAD X . 32.86 32.31 52.16
C10 FAD X . 33.16 31.09 51.62
C1' FAD X . 33.71 33.46 51.79
C2' FAD X . 33.17 34.31 50.65
O2' FAD X . 32.97 33.52 49.47
C3' FAD X . 34.08 35.49 50.35
O3' FAD X . 34.37 36.18 51.56
C4' FAD X . 33.60 36.48 49.29
O4' FAD X . 33.58 35.82 48.01
C5' FAD X . 34.43 37.74 49.23
O5' FAD X . 34.03 38.51 48.07
P FAD X . 33.42 39.99 48.35
O1P FAD X . 32.48 40.41 47.27
O2P FAD X . 32.76 39.96 49.74
O3P FAD X . 34.59 41.08 48.43
O40 E6A Y . 6.14 21.43 39.40
C23 E6A Y . 5.58 20.70 40.24
C24 E6A Y . 4.06 20.60 40.16
C37 E6A Y . 3.32 21.25 39.15
C36 E6A Y . 1.93 21.09 39.10
C35 E6A Y . 1.25 20.30 40.03
C34 E6A Y . 1.95 19.64 41.06
C25 E6A Y . 3.34 19.74 41.12
C26 E6A Y . 4.15 19.03 42.18
O38 E6A Y . 3.59 18.66 43.19
C27 E6A Y . 5.66 18.78 41.99
O41 E6A Y . 6.20 18.53 43.30
C22 E6A Y . 6.40 19.97 41.32
C6 E6A Y . 7.86 19.83 40.68
C5 E6A Y . 8.62 18.44 40.29
BR E6A Y . 7.90 16.73 41.09
C4 E6A Y . 10.13 18.45 40.57
O20 E6A Y . 10.78 17.39 40.67
C18 E6A Y . 10.93 19.72 40.62
C13 E6A Y . 10.20 20.90 41.10
C1 E6A Y . 8.79 20.66 41.52
O19 E6A Y . 8.37 21.24 42.51
C17 E6A Y . 12.23 19.83 40.14
C16 E6A Y . 12.82 21.08 40.17
C15 E6A Y . 12.13 22.21 40.62
C14 E6A Y . 10.82 22.14 41.07
PA FAD Z . -23.88 -23.15 26.29
O1A FAD Z . -24.01 -23.68 27.67
O2A FAD Z . -22.85 -23.95 25.44
O5B FAD Z . -25.24 -22.98 25.51
C5B FAD Z . -26.40 -22.51 26.21
C4B FAD Z . -27.59 -23.07 25.49
O4B FAD Z . -27.77 -22.38 24.23
C3B FAD Z . -27.52 -24.57 25.15
O3B FAD Z . -28.71 -25.23 25.53
C2B FAD Z . -27.27 -24.58 23.63
O2B FAD Z . -27.72 -25.76 22.99
C1B FAD Z . -28.04 -23.33 23.22
N9A FAD Z . -27.74 -22.75 21.91
C8A FAD Z . -26.61 -22.90 21.15
N7A FAD Z . -26.69 -22.35 19.96
C5A FAD Z . -27.96 -21.79 19.94
C6A FAD Z . -28.68 -21.08 18.95
N6A FAD Z . -28.21 -20.84 17.72
N1A FAD Z . -29.93 -20.66 19.26
C2A FAD Z . -30.43 -20.96 20.46
N3A FAD Z . -29.86 -21.64 21.47
C4A FAD Z . -28.62 -22.03 21.14
N1 FAD Z . -20.47 -17.84 35.32
C2 FAD Z . -20.64 -16.71 36.11
O2 FAD Z . -21.74 -16.18 36.25
N3 FAD Z . -19.55 -16.17 36.77
C4 FAD Z . -18.25 -16.67 36.72
O4 FAD Z . -17.33 -16.04 37.26
C4X FAD Z . -18.09 -17.89 35.94
N5 FAD Z . -16.88 -18.41 35.84
C5X FAD Z . -16.70 -19.49 34.96
C6 FAD Z . -15.42 -20.01 34.80
C7 FAD Z . -15.16 -21.08 33.94
C7M FAD Z . -13.79 -21.68 33.90
C8 FAD Z . -16.24 -21.63 33.19
C8M FAD Z . -16.01 -22.74 32.19
C9 FAD Z . -17.52 -21.11 33.36
C9A FAD Z . -17.76 -20.04 34.23
N10 FAD Z . -19.07 -19.47 34.39
C10 FAD Z . -19.26 -18.40 35.24
C1' FAD Z . -20.20 -19.99 33.61
C2' FAD Z . -20.26 -19.43 32.19
O2' FAD Z . -20.36 -18.00 32.24
C3' FAD Z . -21.44 -19.99 31.41
O3' FAD Z . -21.53 -21.41 31.54
C4' FAD Z . -21.47 -19.58 29.94
O4' FAD Z . -21.66 -18.16 29.88
C5' FAD Z . -22.50 -20.34 29.12
O5' FAD Z . -22.51 -19.76 27.80
P FAD Z . -22.16 -20.76 26.57
O1P FAD Z . -21.81 -20.05 25.32
O2P FAD Z . -21.08 -21.75 27.04
O3P FAD Z . -23.48 -21.61 26.33
PA FAD AA . 11.19 -5.37 36.61
O1A FAD AA . 10.49 -5.02 35.35
O2A FAD AA . 12.30 -6.39 36.31
O5B FAD AA . 11.82 -4.10 37.38
C5B FAD AA . 12.15 -4.23 38.77
C4B FAD AA . 13.53 -3.67 39.09
O4B FAD AA . 14.04 -4.33 40.27
C3B FAD AA . 14.61 -3.82 38.02
O3B FAD AA . 15.52 -2.72 38.04
C2B FAD AA . 15.30 -5.11 38.45
O2B FAD AA . 16.61 -5.24 37.91
C1B FAD AA . 15.27 -4.96 39.97
N9A FAD AA . 15.37 -6.19 40.73
C8A FAD AA . 15.21 -7.48 40.28
N7A FAD AA . 15.49 -8.40 41.17
C5A FAD AA . 15.84 -7.67 42.29
C6A FAD AA . 16.30 -8.06 43.56
N6A FAD AA . 16.57 -9.33 43.91
N1A FAD AA . 16.56 -7.08 44.47
C2A FAD AA . 16.40 -5.81 44.10
N3A FAD AA . 16.00 -5.32 42.91
C4A FAD AA . 15.75 -6.31 42.04
N1 FAD AA . 1.10 -1.60 35.17
C2 FAD AA . 0.04 -0.99 35.78
O2 FAD AA . 0.20 -0.17 36.69
N3 FAD AA . -1.26 -1.28 35.35
C4 FAD AA . -1.60 -2.13 34.31
O4 FAD AA . -2.78 -2.38 34.04
C4X FAD AA . -0.47 -2.74 33.64
N5 FAD AA . -0.70 -3.55 32.64
C5X FAD AA . 0.37 -4.16 32.04
C6 FAD AA . 0.14 -5.07 31.00
C7 FAD AA . 1.17 -5.78 30.40
C7M FAD AA . 0.85 -6.68 29.24
C8 FAD AA . 2.50 -5.59 30.86
C8M FAD AA . 3.64 -6.45 30.37
C9 FAD AA . 2.74 -4.64 31.86
C9A FAD AA . 1.70 -3.95 32.46
N10 FAD AA . 1.91 -3.06 33.55
C10 FAD AA . 0.86 -2.43 34.16
C1' FAD AA . 3.27 -2.86 34.10
C2' FAD AA . 3.72 -3.97 35.05
O2' FAD AA . 2.77 -4.13 36.11
C3' FAD AA . 5.09 -3.69 35.63
O3' FAD AA . 6.00 -3.30 34.60
C4' FAD AA . 5.68 -4.81 36.48
O4' FAD AA . 4.91 -4.91 37.68
C5' FAD AA . 7.16 -4.65 36.76
O5' FAD AA . 7.58 -5.61 37.75
P FAD AA . 8.70 -6.69 37.31
O1P FAD AA . 8.60 -7.93 38.14
O2P FAD AA . 8.59 -6.93 35.81
O3P FAD AA . 10.13 -6.06 37.58
PA FAD BA . -65.83 11.00 -9.25
O1A FAD BA . -66.31 11.53 -10.56
O2A FAD BA . -66.16 11.95 -8.08
O5B FAD BA . -66.25 9.51 -8.87
C5B FAD BA . -66.37 8.56 -9.94
C4B FAD BA . -67.42 7.55 -9.54
O4B FAD BA . -66.92 6.74 -8.45
C3B FAD BA . -68.76 8.13 -9.06
O3B FAD BA . -69.85 7.47 -9.69
C2B FAD BA . -68.71 7.91 -7.54
O2B FAD BA . -69.99 7.87 -6.91
C1B FAD BA . -67.93 6.59 -7.49
N9A FAD BA . -67.34 6.21 -6.21
C8A FAD BA . -67.00 7.02 -5.16
N7A FAD BA . -66.59 6.37 -4.10
C5A FAD BA . -66.68 5.03 -4.48
C6A FAD BA . -66.41 3.82 -3.79
N6A FAD BA . -66.01 3.76 -2.52
N1A FAD BA . -66.59 2.66 -4.46
C2A FAD BA . -67.01 2.71 -5.73
N3A FAD BA . -67.30 3.77 -6.47
C4A FAD BA . -67.12 4.92 -5.78
N1 FAD BA . -59.34 14.51 -17.40
C2 FAD BA . -58.33 14.10 -18.28
O2 FAD BA . -58.31 12.96 -18.76
N3 FAD BA . -57.30 14.99 -18.60
C4 FAD BA . -57.18 16.29 -18.12
O4 FAD BA . -56.17 16.95 -18.40
C4X FAD BA . -58.26 16.72 -17.23
N5 FAD BA . -58.22 17.94 -16.73
C5X FAD BA . -59.16 18.30 -15.77
C6 FAD BA . -59.09 19.58 -15.20
C7 FAD BA . -59.99 19.98 -14.21
C7M FAD BA . -59.96 21.42 -13.73
C8 FAD BA . -60.95 19.07 -13.74
C8M FAD BA . -61.86 19.43 -12.58
C9 FAD BA . -61.04 17.81 -14.32
C9A FAD BA . -60.16 17.41 -15.34
N10 FAD BA . -60.21 16.11 -15.93
C10 FAD BA . -59.29 15.75 -16.89
C1' FAD BA . -61.17 15.11 -15.45
C2' FAD BA . -60.72 14.42 -14.16
O2' FAD BA . -59.48 13.74 -14.37
C3' FAD BA . -61.75 13.39 -13.70
O3' FAD BA . -63.06 13.97 -13.73
C4' FAD BA . -61.45 12.77 -12.34
O4' FAD BA . -60.29 11.96 -12.47
C5' FAD BA . -62.59 11.99 -11.76
O5' FAD BA . -62.12 11.36 -10.56
P FAD BA . -62.95 11.63 -9.22
O1P FAD BA . -62.21 11.28 -7.99
O2P FAD BA . -63.37 13.11 -9.29
O3P FAD BA . -64.26 10.73 -9.31
O40 E6A CA . -31.31 25.20 -5.51
C23 E6A CA . -31.46 26.37 -5.86
C24 E6A CA . -30.80 27.46 -5.03
C37 E6A CA . -30.29 27.22 -3.76
C36 E6A CA . -29.61 28.23 -3.07
C35 E6A CA . -29.40 29.48 -3.67
C34 E6A CA . -29.91 29.77 -4.94
C25 E6A CA . -30.56 28.78 -5.66
C26 E6A CA . -31.12 29.03 -7.06
O38 E6A CA . -31.12 30.16 -7.53
C27 E6A CA . -31.66 27.89 -7.92
O41 E6A CA . -32.71 28.41 -8.77
C22 E6A CA . -32.24 26.73 -7.12
C6 E6A CA . -32.57 25.39 -7.87
C5 E6A CA . -31.82 24.88 -9.23
BR E6A CA . -30.86 26.26 -10.36
C4 E6A CA . -32.76 24.10 -10.17
O20 E6A CA . -32.44 23.94 -11.34
C18 E6A CA . -34.03 23.44 -9.68
C13 E6A CA . -34.73 24.14 -8.58
C1 E6A CA . -34.07 25.41 -8.11
O19 E6A CA . -34.70 26.41 -7.83
C17 E6A CA . -34.54 22.25 -10.18
C16 E6A CA . -35.69 21.71 -9.62
C15 E6A CA . -36.34 22.35 -8.55
C14 E6A CA . -35.85 23.54 -8.01
PA FAD DA . -34.32 36.78 -10.07
O1A FAD DA . -34.34 35.63 -9.12
O2A FAD DA . -34.75 38.05 -9.38
O5B FAD DA . -32.86 37.07 -10.70
C5B FAD DA . -32.76 37.77 -11.95
C4B FAD DA . -31.63 38.78 -11.90
O4B FAD DA . -31.93 39.87 -12.81
C3B FAD DA . -31.35 39.43 -10.54
O3B FAD DA . -29.96 39.70 -10.39
C2B FAD DA . -32.18 40.71 -10.62
O2B FAD DA . -31.74 41.72 -9.71
C1B FAD DA . -31.98 41.09 -12.08
N9A FAD DA . -33.02 41.93 -12.66
C8A FAD DA . -34.27 42.20 -12.15
N7A FAD DA . -34.94 43.11 -12.83
C5A FAD DA . -34.07 43.46 -13.86
C6A FAD DA . -34.17 44.39 -14.91
N6A FAD DA . -35.16 45.27 -15.01
N1A FAD DA . -33.15 44.44 -15.80
C2A FAD DA . -32.09 43.64 -15.61
N3A FAD DA . -31.87 42.75 -14.64
C4A FAD DA . -32.89 42.71 -13.79
N1 FAD DA . -35.31 26.19 -12.23
C2 FAD DA . -35.19 25.22 -13.21
O2 FAD DA . -34.32 25.29 -14.10
N3 FAD DA . -36.03 24.08 -13.19
C4 FAD DA . -37.01 23.83 -12.24
O4 FAD DA . -37.74 22.84 -12.36
C4X FAD DA . -37.11 24.83 -11.18
N5 FAD DA . -37.98 24.63 -10.22
C5X FAD DA . -38.10 25.61 -9.23
C6 FAD DA . -39.06 25.43 -8.23
C7 FAD DA . -39.29 26.42 -7.28
C7M FAD DA . -40.36 26.20 -6.23
C8 FAD DA . -38.53 27.62 -7.31
C8M FAD DA . -38.83 28.78 -6.40
C9 FAD DA . -37.54 27.77 -8.28
C9A FAD DA . -37.31 26.79 -9.25
N10 FAD DA . -36.35 26.94 -10.30
C10 FAD DA . -36.21 25.99 -11.27
C1' FAD DA . -35.58 28.19 -10.41
C2' FAD DA . -36.36 29.33 -11.07
O2' FAD DA . -36.81 28.95 -12.36
C3' FAD DA . -35.50 30.60 -11.15
O3' FAD DA . -34.95 30.88 -9.86
C4' FAD DA . -36.17 31.85 -11.72
O4' FAD DA . -36.52 31.62 -13.09
C5' FAD DA . -35.33 33.09 -11.59
O5' FAD DA . -35.99 34.15 -12.31
P FAD DA . -36.51 35.43 -11.43
O1P FAD DA . -37.64 36.11 -12.10
O2P FAD DA . -36.92 34.90 -10.03
O3P FAD DA . -35.33 36.48 -11.26
PA FAD EA . 7.80 -52.21 -13.67
O1A FAD EA . 8.20 -50.79 -13.88
O2A FAD EA . 8.40 -53.22 -14.71
O5B FAD EA . 8.09 -52.72 -12.20
C5B FAD EA . 7.94 -51.82 -11.09
C4B FAD EA . 8.85 -52.27 -9.98
O4B FAD EA . 8.35 -53.50 -9.43
C3B FAD EA . 10.30 -52.54 -10.39
O3B FAD EA . 11.24 -51.92 -9.51
C2B FAD EA . 10.39 -54.07 -10.40
O2B FAD EA . 11.72 -54.54 -10.20
C1B FAD EA . 9.42 -54.39 -9.25
N9A FAD EA . 8.92 -55.75 -9.16
C8A FAD EA . 8.77 -56.68 -10.17
N7A FAD EA . 8.36 -57.86 -9.75
C5A FAD EA . 8.24 -57.70 -8.39
C6A FAD EA . 7.87 -58.58 -7.36
N6A FAD EA . 7.60 -59.88 -7.56
N1A FAD EA . 7.82 -58.10 -6.09
C2A FAD EA . 8.13 -56.82 -5.88
N3A FAD EA . 8.52 -55.90 -6.77
C4A FAD EA . 8.55 -56.41 -8.00
N1 FAD EA . 0.92 -44.34 -16.85
C2 FAD EA . -0.19 -43.62 -16.47
O2 FAD EA . -0.41 -43.32 -15.30
N3 FAD EA . -1.09 -43.20 -17.44
C4 FAD EA . -1.00 -43.42 -18.80
O4 FAD EA . -1.91 -43.09 -19.54
C4X FAD EA . 0.21 -44.16 -19.20
N5 FAD EA . 0.36 -44.43 -20.47
C5X FAD EA . 1.44 -45.26 -20.84
C6 FAD EA . 1.55 -45.66 -22.17
C7 FAD EA . 2.54 -46.55 -22.58
C7M FAD EA . 2.69 -46.85 -24.05
C8 FAD EA . 3.44 -47.09 -21.62
C8M FAD EA . 4.48 -48.11 -21.99
C9 FAD EA . 3.33 -46.67 -20.29
C9A FAD EA . 2.34 -45.77 -19.88
N10 FAD EA . 2.16 -45.40 -18.52
C10 FAD EA . 1.11 -44.60 -18.14
C1' FAD EA . 3.03 -45.99 -17.50
C2' FAD EA . 2.63 -47.39 -17.04
O2' FAD EA . 1.30 -47.39 -16.53
C3' FAD EA . 3.57 -47.90 -15.95
O3' FAD EA . 4.93 -47.73 -16.35
C4' FAD EA . 3.32 -49.36 -15.54
O4' FAD EA . 2.02 -49.49 -14.98
C5' FAD EA . 4.39 -49.92 -14.64
O5' FAD EA . 3.98 -51.26 -14.30
P FAD EA . 5.02 -52.45 -14.71
O1P FAD EA . 4.37 -53.79 -14.63
O2P FAD EA . 5.61 -52.15 -16.10
O3P FAD EA . 6.22 -52.36 -13.65
O40 E6A FA . -23.96 -55.96 -33.21
C23 E6A FA . -23.98 -55.28 -34.24
C24 E6A FA . -24.53 -55.90 -35.52
C37 E6A FA . -24.99 -57.22 -35.58
C36 E6A FA . -25.46 -57.75 -36.78
C35 E6A FA . -25.46 -56.99 -37.95
C34 E6A FA . -24.99 -55.67 -37.96
C25 E6A FA . -24.52 -55.09 -36.77
C26 E6A FA . -23.98 -53.68 -36.69
O38 E6A FA . -23.51 -53.13 -37.69
C27 E6A FA . -23.95 -52.94 -35.36
O41 E6A FA . -23.11 -51.79 -35.54
C22 E6A FA . -23.38 -53.87 -34.25
C6 E6A FA . -23.35 -53.51 -32.72
C5 E6A FA . -24.25 -52.34 -32.01
BR E6A FA . -25.48 -51.18 -33.17
C4 E6A FA . -23.38 -51.46 -31.10
O20 E6A FA . -23.62 -50.26 -30.97
C18 E6A FA . -22.27 -52.06 -30.28
C13 E6A FA . -21.45 -53.07 -30.98
C1 E6A FA . -21.88 -53.33 -32.39
O19 E6A FA . -21.03 -53.47 -33.28
C17 E6A FA . -21.99 -51.77 -28.95
C16 E6A FA . -20.93 -52.43 -28.31
C15 E6A FA . -20.15 -53.38 -28.98
C14 E6A FA . -20.41 -53.73 -30.31
PA FAD GA . -19.94 -49.78 -43.16
O1A FAD GA . -20.04 -50.87 -42.14
O2A FAD GA . -19.21 -50.27 -44.41
O5B FAD GA . -21.41 -49.21 -43.55
C5B FAD GA . -21.52 -47.88 -44.10
C4B FAD GA . -22.44 -47.89 -45.29
O4B FAD GA . -22.06 -46.81 -46.17
C3B FAD GA . -22.47 -49.15 -46.17
O3B FAD GA . -23.77 -49.44 -46.67
C2B FAD GA . -21.46 -48.80 -47.26
O2B FAD GA . -21.55 -49.58 -48.45
C1B FAD GA . -21.76 -47.31 -47.46
N9A FAD GA . -20.70 -46.51 -48.05
C8A FAD GA . -19.39 -46.85 -48.22
N7A FAD GA . -18.69 -45.98 -48.92
C5A FAD GA . -19.62 -45.00 -49.24
C6A FAD GA . -19.52 -43.81 -49.99
N6A FAD GA . -18.45 -43.46 -50.71
N1A FAD GA . -20.61 -43.01 -50.05
C2A FAD GA . -21.73 -43.41 -49.44
N3A FAD GA . -21.95 -44.52 -48.74
C4A FAD GA . -20.86 -45.29 -48.68
N1 FAD GA . -20.80 -49.15 -32.35
C2 FAD GA . -21.14 -48.33 -31.26
O2 FAD GA . -22.09 -47.55 -31.33
N3 FAD GA . -20.44 -48.47 -30.04
C4 FAD GA . -19.43 -49.38 -29.77
O4 FAD GA . -18.85 -49.38 -28.69
C4X FAD GA . -19.11 -50.28 -30.89
N5 FAD GA . -18.19 -51.20 -30.71
C5X FAD GA . -17.84 -51.99 -31.80
C6 FAD GA . -16.82 -52.94 -31.65
C7 FAD GA . -16.36 -53.69 -32.71
C7M FAD GA . -15.26 -54.70 -32.48
C8 FAD GA . -16.94 -53.52 -33.99
C8M FAD GA . -16.41 -54.21 -35.22
C9 FAD GA . -17.98 -52.60 -34.15
C9A FAD GA . -18.44 -51.83 -33.07
N10 FAD GA . -19.45 -50.84 -33.22
C10 FAD GA . -19.83 -50.06 -32.16
C1' FAD GA . -20.07 -50.60 -34.53
C2' FAD GA . -19.21 -49.73 -35.45
O2' FAD GA . -18.92 -48.49 -34.80
C3' FAD GA . -19.92 -49.47 -36.77
O3' FAD GA . -20.40 -50.71 -37.29
C4' FAD GA . -19.07 -48.73 -37.80
O4' FAD GA . -18.87 -47.40 -37.31
C5' FAD GA . -19.66 -48.74 -39.19
O5' FAD GA . -18.93 -47.81 -40.02
P FAD GA . -18.14 -48.46 -41.27
O1P FAD GA . -17.00 -47.63 -41.71
O2P FAD GA . -17.71 -49.91 -40.89
O3P FAD GA . -19.12 -48.57 -42.53
#